data_6WJ1
#
_entry.id   6WJ1
#
_cell.length_a   231.538
_cell.length_b   259.211
_cell.length_c   165.113
_cell.angle_alpha   90.000
_cell.angle_beta   90.000
_cell.angle_gamma   90.000
#
_symmetry.space_group_name_H-M   'C 2 2 21'
#
loop_
_entity.id
_entity.type
_entity.pdbx_description
1 polymer 'Hemagglutinin HA1 chain'
2 polymer 'Hemagglutinin HA2 chain'
3 polymer 'Fab 54-4H03 heavy chain'
4 polymer 'Fab 54-4H03 light chain'
5 branched 2-acetamido-2-deoxy-beta-D-glucopyranose-(1-4)-2-acetamido-2-deoxy-beta-D-glucopyranose
6 branched alpha-D-mannopyranose-(1-3)-[alpha-D-mannopyranose-(1-6)]beta-D-mannopyranose-(1-4)-2-acetamido-2-deoxy-beta-D-glucopyranose-(1-4)-2-acetamido-2-deoxy-beta-D-glucopyranose
7 branched alpha-D-mannopyranose-(1-6)-beta-D-mannopyranose-(1-4)-2-acetamido-2-deoxy-beta-D-glucopyranose-(1-4)-2-acetamido-2-deoxy-beta-D-glucopyranose
8 branched alpha-L-fucopyranose-(1-6)-2-acetamido-2-deoxy-beta-D-glucopyranose
9 branched alpha-D-mannopyranose-(1-3)-beta-D-mannopyranose-(1-4)-2-acetamido-2-deoxy-beta-D-glucopyranose-(1-4)-2-acetamido-2-deoxy-beta-D-glucopyranose
10 branched beta-D-mannopyranose-(1-4)-2-acetamido-2-deoxy-beta-D-glucopyranose-(1-4)-2-acetamido-2-deoxy-beta-D-glucopyranose
11 non-polymer 2-acetamido-2-deoxy-beta-D-glucopyranose
#
loop_
_entity_poly.entity_id
_entity_poly.type
_entity_poly.pdbx_seq_one_letter_code
_entity_poly.pdbx_strand_id
1 'polypeptide(L)'
;DPGDTLCIGYHANNSTDTVDTVLEKNVTVTHSVNLLEDKHNGKLCKLRGVAPLHLGKCNIAGWILGNPECESLSTASSWS
YIVETPSSDNGTCYPGDFIDYEELREQLSSVSSFERFEIFPKTSSWPNHDSNKGVTAACPHAGAKSFYKNLIWLVKKGNS
YPKLSKSYINDKGKEVLVLWGIHHPSTSADQQSLYQNADTYVFVGSSRYSKKFKPEIAIRPKVRDQEGRMNYYWTLVEPG
DKITFEATGNLVVPRYAFAMERNAGSGIIISDTPVHDCNTTCQTPKGAINTSLPFQNIHPITIGKCPKYVKSTKLRLATG
LRNIPSIQSR
;
A,C,E
2 'polypeptide(L)'
;GLFGAIAGFIEGGWTGMVDGWYGYHHQNEQGSGYAADLKSTQNAIDGITNKVNSVIEKMNTQFTAVGKEFNHLEKRIENL
NKKVDDGFLDIWTYNAELLVLLENERTLDYHDSNVKNLYEKVRSQLKNNAKEIGNGCFEFYHKCDNTCMESVKNGTYDYP
KYSEEAKLNREEIDS
;
B,D,F
3 'polypeptide(L)'
;QVQLQQSGPGLVKPSQTLSLTCAISGDSVSSNSVAWNWIRQSPSRGLEWLGRTYFRSKWYTDYAESLKSRMTINPDTSKN
EFSLHLKSVTSDDTAVYYCVRGIIFNWPLGGWSFDLWGRGTLVSVSSPSTKGPSVFPLAPSSKSTSGGTAALGCLVKDYF
PEPVTVSWNSGALTSGVHTFPAVLQSSGLYSLSSVVTVPSSSLGTQTYICNVNHKPSNTKVDKRVEPKSC
;
H,J,G
4 'polypeptide(L)'
;EIVLTQSPGTLSLSPGDSATLSCRASQSVASSYLAWYQQKPGQSPRLLIYATINRAADIPDRFSGSGSGTDFALTISRLE
PEDFAVYYCQQFDSSSMYTFGQGTKLEITRTVAAPSVFIFPPSDEQLKSGTASVVCLLNNFYPREAKVQWKVDNALQSGN
SQESVTEQDSKDSTYSLSSTLTLSKADYEKHKLYACEVTHQGLSSPVTKSFNRGEC
;
L,K,I
#
# COMPACT_ATOMS: atom_id res chain seq x y z
N GLY A 3 21.05 29.84 38.50
CA GLY A 3 21.36 30.22 37.14
C GLY A 3 20.15 30.20 36.21
N ASP A 4 20.21 31.00 35.16
CA ASP A 4 19.10 31.10 34.22
C ASP A 4 18.96 29.82 33.40
N THR A 5 17.74 29.57 32.94
CA THR A 5 17.42 28.35 32.19
C THR A 5 16.63 28.68 30.93
N LEU A 6 16.54 27.68 30.06
CA LEU A 6 15.82 27.78 28.79
C LEU A 6 15.44 26.38 28.35
N CYS A 7 14.14 26.14 28.16
CA CYS A 7 13.64 24.81 27.90
C CYS A 7 13.08 24.68 26.49
N ILE A 8 13.02 23.44 26.00
CA ILE A 8 12.44 23.11 24.71
C ILE A 8 11.25 22.19 24.93
N GLY A 9 10.10 22.56 24.38
CA GLY A 9 8.90 21.77 24.56
C GLY A 9 8.02 21.84 23.34
N TYR A 10 6.86 21.19 23.44
CA TYR A 10 5.90 21.15 22.35
C TYR A 10 4.53 21.57 22.85
N HIS A 11 3.59 21.66 21.91
CA HIS A 11 2.27 22.22 22.15
C HIS A 11 1.36 21.23 22.86
N ALA A 12 0.33 21.78 23.51
CA ALA A 12 -0.73 20.99 24.13
C ALA A 12 -1.96 21.87 24.25
N ASN A 13 -3.13 21.25 24.14
CA ASN A 13 -4.39 21.97 24.24
C ASN A 13 -5.41 21.04 24.88
N ASN A 14 -6.68 21.43 24.78
CA ASN A 14 -7.77 20.64 25.34
C ASN A 14 -8.48 19.79 24.29
N SER A 15 -7.81 19.48 23.19
CA SER A 15 -8.41 18.67 22.15
C SER A 15 -8.71 17.27 22.66
N THR A 16 -9.85 16.72 22.23
CA THR A 16 -10.23 15.35 22.56
C THR A 16 -10.40 14.49 21.31
N ASP A 17 -9.90 14.96 20.17
CA ASP A 17 -9.91 14.15 18.95
C ASP A 17 -8.98 12.96 19.12
N THR A 18 -9.45 11.79 18.68
CA THR A 18 -8.71 10.55 18.82
C THR A 18 -8.47 9.94 17.43
N VAL A 19 -7.23 9.60 17.15
CA VAL A 19 -6.86 8.87 15.95
C VAL A 19 -6.29 7.53 16.36
N ASP A 20 -6.29 6.59 15.42
CA ASP A 20 -5.73 5.27 15.64
C ASP A 20 -4.43 5.15 14.85
N THR A 21 -3.42 4.58 15.48
CA THR A 21 -2.15 4.32 14.82
C THR A 21 -1.94 2.81 14.67
N VAL A 22 -0.87 2.45 13.98
CA VAL A 22 -0.59 1.04 13.76
C VAL A 22 -0.09 0.36 15.03
N LEU A 23 0.39 1.13 16.00
CA LEU A 23 0.94 0.59 17.23
C LEU A 23 0.01 0.75 18.44
N GLU A 24 -1.02 1.58 18.33
CA GLU A 24 -1.82 1.92 19.50
C GLU A 24 -3.16 2.49 19.04
N LYS A 25 -4.23 2.06 19.69
CA LYS A 25 -5.57 2.53 19.37
C LYS A 25 -5.95 3.71 20.25
N ASN A 26 -6.91 4.49 19.76
CA ASN A 26 -7.54 5.58 20.53
C ASN A 26 -6.49 6.53 21.10
N VAL A 27 -5.72 7.14 20.19
CA VAL A 27 -4.64 8.06 20.55
C VAL A 27 -5.12 9.49 20.40
N THR A 28 -5.00 10.28 21.46
CA THR A 28 -5.49 11.64 21.48
C THR A 28 -4.41 12.58 20.93
N VAL A 29 -4.76 13.36 19.91
CA VAL A 29 -3.82 14.26 19.27
C VAL A 29 -4.31 15.70 19.45
N THR A 30 -3.40 16.65 19.18
CA THR A 30 -3.72 18.05 19.35
C THR A 30 -4.62 18.56 18.24
N HIS A 31 -4.34 18.18 16.99
CA HIS A 31 -5.13 18.59 15.85
C HIS A 31 -5.25 17.43 14.88
N SER A 32 -6.34 17.42 14.11
CA SER A 32 -6.57 16.36 13.15
C SER A 32 -7.56 16.84 12.09
N VAL A 33 -7.62 16.09 10.98
CA VAL A 33 -8.58 16.32 9.92
C VAL A 33 -9.31 15.00 9.66
N ASN A 34 -10.37 15.08 8.87
CA ASN A 34 -11.19 13.92 8.55
C ASN A 34 -11.03 13.57 7.07
N LEU A 35 -11.01 12.27 6.78
CA LEU A 35 -10.94 11.78 5.41
C LEU A 35 -12.21 11.04 4.99
N LEU A 36 -13.28 11.16 5.76
CA LEU A 36 -14.49 10.36 5.55
C LEU A 36 -15.70 11.27 5.69
N GLU A 37 -16.42 11.48 4.59
CA GLU A 37 -17.63 12.29 4.59
C GLU A 37 -18.81 11.38 4.96
N ASP A 38 -19.38 11.62 6.15
CA ASP A 38 -20.51 10.83 6.62
C ASP A 38 -21.79 11.64 6.75
N LYS A 39 -21.80 12.89 6.27
CA LYS A 39 -22.97 13.74 6.34
C LYS A 39 -23.54 13.94 4.94
N HIS A 40 -24.88 14.08 4.87
CA HIS A 40 -25.56 14.38 3.63
C HIS A 40 -26.72 15.33 3.94
N ASN A 41 -27.12 16.10 2.94
CA ASN A 41 -28.18 17.09 3.15
C ASN A 41 -29.58 16.50 3.06
N GLY A 42 -29.72 15.24 2.63
CA GLY A 42 -31.03 14.63 2.52
C GLY A 42 -31.91 15.25 1.45
N LYS A 43 -31.34 15.58 0.30
CA LYS A 43 -32.08 16.21 -0.78
C LYS A 43 -31.49 15.77 -2.11
N LEU A 44 -32.35 15.63 -3.11
CA LEU A 44 -31.93 15.30 -4.48
C LEU A 44 -31.78 16.61 -5.25
N CYS A 45 -30.54 17.00 -5.53
CA CYS A 45 -30.26 18.30 -6.11
C CYS A 45 -30.06 18.19 -7.62
N LYS A 46 -29.66 19.31 -8.24
CA LYS A 46 -29.42 19.38 -9.67
C LYS A 46 -27.99 18.91 -9.95
N LEU A 47 -27.84 17.66 -10.36
CA LEU A 47 -26.55 17.20 -10.82
C LEU A 47 -26.18 17.90 -12.12
N ARG A 48 -24.91 18.23 -12.29
CA ARG A 48 -24.42 19.06 -13.39
C ARG A 48 -25.10 20.42 -13.44
N GLY A 49 -25.71 20.85 -12.34
CA GLY A 49 -26.53 22.05 -12.37
C GLY A 49 -27.81 21.91 -13.16
N VAL A 50 -28.21 20.68 -13.50
CA VAL A 50 -29.41 20.40 -14.28
C VAL A 50 -30.35 19.56 -13.43
N ALA A 51 -31.59 20.03 -13.28
CA ALA A 51 -32.54 19.34 -12.41
C ALA A 51 -32.79 17.91 -12.90
N PRO A 52 -33.18 17.01 -12.00
CA PRO A 52 -33.47 15.64 -12.40
C PRO A 52 -34.93 15.48 -12.84
N LEU A 53 -35.22 14.31 -13.40
CA LEU A 53 -36.55 13.98 -13.88
C LEU A 53 -37.25 13.10 -12.84
N HIS A 54 -38.26 13.65 -12.18
CA HIS A 54 -39.04 12.92 -11.20
C HIS A 54 -40.33 12.41 -11.83
N LEU A 55 -40.68 11.16 -11.53
CA LEU A 55 -41.81 10.50 -12.18
C LEU A 55 -43.01 10.35 -11.26
N GLY A 56 -42.96 10.94 -10.07
CA GLY A 56 -44.13 10.94 -9.19
C GLY A 56 -44.52 9.54 -8.78
N LYS A 57 -45.72 9.13 -9.20
CA LYS A 57 -46.27 7.82 -8.87
C LYS A 57 -45.99 6.77 -9.94
N CYS A 58 -45.40 7.17 -11.06
CA CYS A 58 -45.15 6.26 -12.18
C CYS A 58 -43.68 5.85 -12.22
N ASN A 59 -43.43 4.72 -12.86
CA ASN A 59 -42.08 4.31 -13.19
C ASN A 59 -41.80 4.72 -14.63
N ILE A 60 -40.68 4.25 -15.19
CA ILE A 60 -40.31 4.67 -16.55
C ILE A 60 -41.26 4.07 -17.58
N ALA A 61 -41.68 2.81 -17.37
CA ALA A 61 -42.58 2.17 -18.33
C ALA A 61 -43.87 2.96 -18.49
N GLY A 62 -44.44 3.44 -17.38
CA GLY A 62 -45.67 4.22 -17.47
C GLY A 62 -45.46 5.65 -17.92
N TRP A 63 -44.29 6.21 -17.63
CA TRP A 63 -44.03 7.59 -18.04
C TRP A 63 -43.80 7.69 -19.55
N ILE A 64 -43.02 6.75 -20.10
CA ILE A 64 -42.70 6.83 -21.52
C ILE A 64 -43.89 6.38 -22.38
N LEU A 65 -44.71 5.46 -21.88
CA LEU A 65 -45.87 5.01 -22.63
C LEU A 65 -47.05 5.97 -22.50
N GLY A 66 -47.03 6.85 -21.50
CA GLY A 66 -48.11 7.80 -21.32
C GLY A 66 -49.30 7.22 -20.59
N ASN A 67 -49.03 6.53 -19.48
CA ASN A 67 -50.11 6.02 -18.64
C ASN A 67 -50.99 7.18 -18.17
N PRO A 68 -52.30 6.99 -18.08
CA PRO A 68 -53.18 8.11 -17.69
C PRO A 68 -52.85 8.72 -16.33
N GLU A 69 -52.07 8.05 -15.49
CA GLU A 69 -51.69 8.63 -14.20
C GLU A 69 -50.50 9.57 -14.33
N CYS A 70 -49.60 9.33 -15.28
CA CYS A 70 -48.39 10.12 -15.44
C CYS A 70 -48.59 11.33 -16.33
N GLU A 71 -49.85 11.72 -16.58
CA GLU A 71 -50.10 12.85 -17.48
C GLU A 71 -49.78 14.17 -16.79
N SER A 72 -50.05 14.27 -15.49
CA SER A 72 -49.78 15.51 -14.76
C SER A 72 -48.29 15.72 -14.48
N LEU A 73 -47.41 14.80 -14.89
CA LEU A 73 -45.99 14.97 -14.69
C LEU A 73 -45.45 16.05 -15.62
N SER A 74 -44.66 16.96 -15.08
CA SER A 74 -44.04 18.03 -15.85
C SER A 74 -42.71 17.52 -16.41
N THR A 75 -42.59 17.49 -17.73
CA THR A 75 -41.41 16.98 -18.42
C THR A 75 -40.64 18.15 -19.02
N ALA A 76 -39.39 18.31 -18.61
CA ALA A 76 -38.52 19.30 -19.20
C ALA A 76 -37.84 18.73 -20.44
N SER A 77 -37.08 19.58 -21.14
CA SER A 77 -36.38 19.14 -22.34
C SER A 77 -35.06 18.43 -22.02
N SER A 78 -34.67 18.35 -20.75
CA SER A 78 -33.44 17.66 -20.39
C SER A 78 -33.48 17.33 -18.90
N TRP A 79 -32.62 16.40 -18.50
CA TRP A 79 -32.50 16.04 -17.10
C TRP A 79 -31.17 15.32 -16.89
N SER A 80 -30.64 15.43 -15.67
CA SER A 80 -29.36 14.81 -15.36
C SER A 80 -29.53 13.35 -14.93
N TYR A 81 -30.62 13.01 -14.25
CA TYR A 81 -30.90 11.65 -13.83
C TYR A 81 -32.38 11.52 -13.56
N ILE A 82 -32.85 10.28 -13.45
CA ILE A 82 -34.26 9.96 -13.27
C ILE A 82 -34.47 9.44 -11.85
N VAL A 83 -35.59 9.83 -11.24
CA VAL A 83 -35.91 9.45 -9.87
C VAL A 83 -37.27 8.77 -9.85
N GLU A 84 -37.29 7.52 -9.41
CA GLU A 84 -38.52 6.81 -9.12
C GLU A 84 -38.76 6.76 -7.62
N THR A 85 -39.93 6.25 -7.24
CA THR A 85 -40.18 5.96 -5.84
C THR A 85 -40.37 4.47 -5.66
N PRO A 86 -40.06 3.93 -4.47
CA PRO A 86 -40.26 2.48 -4.26
C PRO A 86 -41.71 2.04 -4.42
N SER A 87 -42.66 2.90 -4.14
CA SER A 87 -44.08 2.59 -4.31
C SER A 87 -44.58 2.85 -5.74
N SER A 88 -43.76 3.43 -6.60
CA SER A 88 -44.17 3.73 -7.97
C SER A 88 -44.37 2.43 -8.74
N ASP A 89 -45.63 2.12 -9.07
CA ASP A 89 -45.93 0.94 -9.87
C ASP A 89 -46.95 1.24 -10.96
N ASN A 90 -47.13 2.50 -11.33
CA ASN A 90 -48.04 2.88 -12.43
C ASN A 90 -47.26 2.80 -13.74
N GLY A 91 -47.12 1.58 -14.23
CA GLY A 91 -46.42 1.34 -15.48
C GLY A 91 -47.31 0.78 -16.56
N THR A 92 -47.10 -0.49 -16.90
CA THR A 92 -47.91 -1.18 -17.90
C THR A 92 -49.25 -1.56 -17.26
N CYS A 93 -50.26 -0.73 -17.48
CA CYS A 93 -51.58 -1.04 -16.96
C CYS A 93 -52.22 -2.21 -17.69
N TYR A 94 -51.83 -2.44 -18.95
CA TYR A 94 -52.25 -3.63 -19.67
C TYR A 94 -51.13 -4.67 -19.61
N PRO A 95 -51.41 -5.88 -19.13
CA PRO A 95 -50.31 -6.83 -18.90
C PRO A 95 -49.63 -7.24 -20.21
N GLY A 96 -48.31 -7.29 -20.15
CA GLY A 96 -47.53 -7.68 -21.30
C GLY A 96 -46.08 -7.86 -20.94
N ASP A 97 -45.22 -7.75 -21.95
CA ASP A 97 -43.78 -7.89 -21.79
C ASP A 97 -43.09 -6.72 -22.50
N PHE A 98 -42.49 -5.83 -21.72
CA PHE A 98 -41.71 -4.73 -22.27
C PHE A 98 -40.34 -5.26 -22.66
N ILE A 99 -40.07 -5.33 -23.96
CA ILE A 99 -38.86 -5.98 -24.46
C ILE A 99 -37.68 -5.05 -24.26
N ASP A 100 -36.58 -5.59 -23.71
CA ASP A 100 -35.38 -4.81 -23.41
C ASP A 100 -35.71 -3.59 -22.57
N TYR A 101 -36.57 -3.79 -21.57
CA TYR A 101 -37.00 -2.68 -20.72
C TYR A 101 -35.83 -2.08 -19.96
N GLU A 102 -34.89 -2.92 -19.49
CA GLU A 102 -33.75 -2.41 -18.76
C GLU A 102 -32.82 -1.63 -19.67
N GLU A 103 -32.61 -2.11 -20.90
CA GLU A 103 -31.76 -1.39 -21.84
C GLU A 103 -32.33 -0.01 -22.16
N LEU A 104 -33.66 0.07 -22.28
CA LEU A 104 -34.28 1.36 -22.57
C LEU A 104 -34.10 2.35 -21.43
N ARG A 105 -34.10 1.87 -20.19
CA ARG A 105 -33.94 2.76 -19.05
C ARG A 105 -32.54 3.35 -18.98
N GLU A 106 -31.52 2.54 -19.29
CA GLU A 106 -30.15 3.05 -19.28
C GLU A 106 -29.94 4.11 -20.35
N GLN A 107 -30.64 3.98 -21.49
CA GLN A 107 -30.51 4.98 -22.55
C GLN A 107 -31.22 6.27 -22.17
N LEU A 108 -32.39 6.18 -21.56
CA LEU A 108 -33.15 7.33 -21.13
C LEU A 108 -32.65 7.91 -19.80
N SER A 109 -31.64 7.29 -19.19
CA SER A 109 -31.17 7.72 -17.87
C SER A 109 -30.81 9.20 -17.86
N SER A 110 -30.01 9.64 -18.83
CA SER A 110 -29.65 11.03 -18.97
C SER A 110 -29.91 11.48 -20.40
N VAL A 111 -30.49 12.66 -20.55
CA VAL A 111 -30.91 13.18 -21.84
C VAL A 111 -30.63 14.68 -21.88
N SER A 112 -29.89 15.12 -22.88
CA SER A 112 -29.55 16.53 -23.03
C SER A 112 -30.51 17.30 -23.94
N SER A 113 -31.46 16.60 -24.58
CA SER A 113 -32.47 17.25 -25.41
C SER A 113 -33.61 16.26 -25.61
N PHE A 114 -34.83 16.68 -25.28
CA PHE A 114 -35.98 15.77 -25.30
C PHE A 114 -37.21 16.55 -25.73
N GLU A 115 -37.74 16.24 -26.92
CA GLU A 115 -38.89 16.93 -27.47
C GLU A 115 -39.93 15.90 -27.88
N ARG A 116 -41.14 16.02 -27.33
CA ARG A 116 -42.25 15.12 -27.68
C ARG A 116 -43.07 15.73 -28.80
N PHE A 117 -43.22 14.98 -29.89
CA PHE A 117 -43.97 15.45 -31.05
C PHE A 117 -44.84 14.30 -31.57
N GLU A 118 -46.00 14.67 -32.11
CA GLU A 118 -46.92 13.67 -32.65
C GLU A 118 -46.38 13.16 -33.98
N ILE A 119 -46.08 11.86 -34.03
CA ILE A 119 -45.50 11.29 -35.25
C ILE A 119 -46.60 10.92 -36.25
N PHE A 120 -47.73 10.42 -35.76
CA PHE A 120 -48.87 10.04 -36.60
C PHE A 120 -50.11 10.71 -36.05
N PRO A 121 -50.55 11.83 -36.64
CA PRO A 121 -51.66 12.59 -36.07
C PRO A 121 -52.91 11.74 -35.89
N LYS A 122 -53.61 11.98 -34.78
CA LYS A 122 -54.79 11.18 -34.46
C LYS A 122 -55.96 11.49 -35.41
N THR A 123 -55.98 12.69 -35.99
CA THR A 123 -57.10 13.10 -36.82
C THR A 123 -56.93 12.78 -38.30
N SER A 124 -55.69 12.56 -38.76
CA SER A 124 -55.43 12.53 -40.20
C SER A 124 -54.55 11.37 -40.65
N SER A 125 -54.38 10.34 -39.83
CA SER A 125 -53.49 9.24 -40.20
C SER A 125 -54.21 7.94 -40.50
N TRP A 126 -55.31 7.63 -39.80
CA TRP A 126 -55.97 6.34 -39.89
C TRP A 126 -57.42 6.55 -40.30
N PRO A 127 -57.68 6.73 -41.61
CA PRO A 127 -59.06 6.94 -42.06
C PRO A 127 -59.82 5.63 -42.25
N ASN A 128 -59.10 4.55 -42.52
CA ASN A 128 -59.71 3.24 -42.73
C ASN A 128 -59.70 2.37 -41.48
N HIS A 129 -59.24 2.90 -40.35
CA HIS A 129 -59.22 2.16 -39.09
C HIS A 129 -59.75 3.04 -37.97
N ASP A 130 -60.39 2.40 -36.99
CA ASP A 130 -61.04 3.12 -35.90
C ASP A 130 -60.04 3.35 -34.77
N SER A 131 -60.00 4.58 -34.27
CA SER A 131 -59.02 5.00 -33.26
C SER A 131 -59.68 5.68 -32.06
N ASN A 132 -60.94 5.36 -31.80
CA ASN A 132 -61.66 5.91 -30.66
C ASN A 132 -62.07 4.85 -29.65
N LYS A 133 -62.62 3.72 -30.11
CA LYS A 133 -63.11 2.66 -29.25
C LYS A 133 -62.01 1.72 -28.78
N GLY A 134 -60.75 2.05 -29.07
CA GLY A 134 -59.63 1.23 -28.62
C GLY A 134 -59.21 1.58 -27.20
N VAL A 135 -60.15 1.50 -26.27
CA VAL A 135 -59.89 1.75 -24.86
C VAL A 135 -60.33 0.53 -24.06
N THR A 136 -59.74 0.37 -22.88
CA THR A 136 -60.02 -0.77 -22.02
C THR A 136 -60.17 -0.29 -20.59
N ALA A 137 -60.91 -1.07 -19.79
CA ALA A 137 -61.07 -0.77 -18.37
C ALA A 137 -59.82 -1.07 -17.57
N ALA A 138 -58.84 -1.77 -18.16
CA ALA A 138 -57.60 -2.04 -17.46
C ALA A 138 -56.73 -0.80 -17.27
N CYS A 139 -56.99 0.25 -18.04
CA CYS A 139 -56.27 1.53 -17.93
C CYS A 139 -57.29 2.64 -17.74
N PRO A 140 -57.87 2.76 -16.55
CA PRO A 140 -58.91 3.77 -16.33
C PRO A 140 -58.34 5.15 -16.05
N HIS A 141 -59.13 6.16 -16.39
CA HIS A 141 -58.78 7.57 -16.15
C HIS A 141 -60.04 8.28 -15.65
N ALA A 142 -60.07 8.56 -14.34
CA ALA A 142 -61.21 9.20 -13.70
C ALA A 142 -62.48 8.38 -13.88
N GLY A 143 -62.36 7.06 -13.81
CA GLY A 143 -63.50 6.17 -13.85
C GLY A 143 -63.76 5.54 -15.20
N ALA A 144 -63.61 6.32 -16.28
CA ALA A 144 -63.88 5.82 -17.61
C ALA A 144 -62.72 4.98 -18.14
N LYS A 145 -63.00 4.21 -19.18
CA LYS A 145 -61.97 3.43 -19.84
C LYS A 145 -61.11 4.33 -20.72
N SER A 146 -59.80 4.11 -20.69
CA SER A 146 -58.86 4.93 -21.43
C SER A 146 -57.72 4.04 -21.93
N PHE A 147 -56.66 4.68 -22.41
CA PHE A 147 -55.51 3.97 -22.95
C PHE A 147 -54.30 4.88 -22.83
N TYR A 148 -53.16 4.40 -23.33
CA TYR A 148 -51.92 5.17 -23.26
C TYR A 148 -52.03 6.45 -24.09
N LYS A 149 -51.44 7.53 -23.58
CA LYS A 149 -51.49 8.81 -24.27
C LYS A 149 -50.61 8.81 -25.51
N ASN A 150 -49.53 8.02 -25.51
CA ASN A 150 -48.55 8.03 -26.59
C ASN A 150 -48.78 6.92 -27.60
N LEU A 151 -49.82 6.10 -27.44
CA LEU A 151 -50.14 5.03 -28.38
C LEU A 151 -51.60 5.11 -28.78
N ILE A 152 -51.95 4.36 -29.83
CA ILE A 152 -53.32 4.29 -30.32
C ILE A 152 -53.61 2.84 -30.69
N TRP A 153 -54.66 2.27 -30.09
CA TRP A 153 -55.07 0.89 -30.35
C TRP A 153 -56.01 0.89 -31.55
N LEU A 154 -55.48 0.53 -32.72
CA LEU A 154 -56.28 0.55 -33.94
C LEU A 154 -57.17 -0.68 -33.99
N VAL A 155 -58.48 -0.45 -33.97
CA VAL A 155 -59.48 -1.50 -34.08
C VAL A 155 -60.18 -1.36 -35.44
N LYS A 156 -60.80 -2.46 -35.87
CA LYS A 156 -61.49 -2.48 -37.16
C LYS A 156 -62.60 -1.42 -37.21
N LYS A 157 -62.89 -0.96 -38.42
CA LYS A 157 -63.92 0.05 -38.67
C LYS A 157 -65.09 -0.65 -39.35
N GLY A 158 -66.07 -1.05 -38.55
CA GLY A 158 -67.19 -1.83 -39.05
C GLY A 158 -66.86 -3.31 -39.10
N ASN A 159 -66.59 -3.83 -40.29
CA ASN A 159 -66.16 -5.22 -40.46
C ASN A 159 -65.01 -5.28 -41.45
N SER A 160 -64.12 -4.29 -41.42
CA SER A 160 -63.03 -4.20 -42.38
C SER A 160 -61.78 -3.70 -41.66
N TYR A 161 -60.76 -4.55 -41.59
CA TYR A 161 -59.42 -4.14 -41.19
C TYR A 161 -58.52 -4.29 -42.41
N PRO A 162 -58.43 -3.29 -43.27
CA PRO A 162 -57.56 -3.38 -44.44
C PRO A 162 -56.09 -3.40 -44.01
N LYS A 163 -55.24 -3.77 -44.97
CA LYS A 163 -53.80 -3.83 -44.69
C LYS A 163 -53.28 -2.44 -44.38
N LEU A 164 -52.46 -2.33 -43.34
CA LEU A 164 -51.91 -1.07 -42.88
C LEU A 164 -50.50 -0.90 -43.43
N SER A 165 -50.15 0.33 -43.79
CA SER A 165 -48.78 0.64 -44.20
C SER A 165 -48.54 2.13 -43.99
N LYS A 166 -47.58 2.46 -43.12
CA LYS A 166 -47.27 3.84 -42.80
C LYS A 166 -45.77 3.98 -42.58
N SER A 167 -45.21 5.10 -43.05
CA SER A 167 -43.78 5.35 -42.96
C SER A 167 -43.54 6.73 -42.37
N TYR A 168 -42.39 6.87 -41.72
CA TYR A 168 -41.94 8.15 -41.19
C TYR A 168 -40.45 8.31 -41.45
N ILE A 169 -40.07 9.45 -42.01
CA ILE A 169 -38.67 9.80 -42.25
C ILE A 169 -38.21 10.74 -41.15
N ASN A 170 -37.12 10.39 -40.47
CA ASN A 170 -36.59 11.20 -39.38
C ASN A 170 -35.95 12.46 -39.95
N ASP A 171 -36.56 13.61 -39.70
CA ASP A 171 -36.05 14.89 -40.16
C ASP A 171 -35.69 15.82 -39.00
N LYS A 172 -35.66 15.31 -37.77
CA LYS A 172 -35.44 16.13 -36.59
C LYS A 172 -33.96 16.40 -36.32
N GLY A 173 -33.06 15.82 -37.10
CA GLY A 173 -31.64 16.01 -36.87
C GLY A 173 -31.11 15.37 -35.61
N LYS A 174 -31.85 14.45 -35.02
CA LYS A 174 -31.43 13.75 -33.81
C LYS A 174 -32.19 12.44 -33.72
N GLU A 175 -31.75 11.59 -32.79
CA GLU A 175 -32.38 10.30 -32.61
C GLU A 175 -33.84 10.45 -32.23
N VAL A 176 -34.68 9.58 -32.77
CA VAL A 176 -36.12 9.59 -32.52
C VAL A 176 -36.50 8.24 -31.92
N LEU A 177 -37.04 8.27 -30.70
CA LEU A 177 -37.46 7.05 -30.01
C LEU A 177 -38.90 6.73 -30.42
N VAL A 178 -39.11 5.52 -30.92
CA VAL A 178 -40.41 5.06 -31.38
C VAL A 178 -40.81 3.84 -30.56
N LEU A 179 -42.04 3.85 -30.05
CA LEU A 179 -42.55 2.75 -29.24
C LEU A 179 -43.86 2.27 -29.83
N TRP A 180 -44.02 0.96 -29.96
CA TRP A 180 -45.24 0.38 -30.47
C TRP A 180 -45.60 -0.85 -29.62
N GLY A 181 -46.77 -1.41 -29.91
CA GLY A 181 -47.26 -2.55 -29.15
C GLY A 181 -47.84 -3.60 -30.06
N ILE A 182 -47.90 -4.82 -29.53
CA ILE A 182 -48.45 -5.98 -30.23
C ILE A 182 -49.43 -6.67 -29.30
N HIS A 183 -50.69 -6.79 -29.73
CA HIS A 183 -51.74 -7.39 -28.91
C HIS A 183 -51.94 -8.84 -29.28
N HIS A 184 -52.09 -9.68 -28.26
CA HIS A 184 -52.35 -11.12 -28.43
C HIS A 184 -53.68 -11.46 -27.78
N PRO A 185 -54.73 -11.74 -28.54
CA PRO A 185 -56.05 -11.94 -27.95
C PRO A 185 -56.13 -13.22 -27.14
N SER A 186 -57.23 -13.34 -26.38
CA SER A 186 -57.44 -14.52 -25.54
C SER A 186 -58.02 -15.68 -26.35
N THR A 187 -59.06 -15.43 -27.14
CA THR A 187 -59.68 -16.44 -27.98
C THR A 187 -59.70 -15.97 -29.43
N SER A 188 -59.93 -16.91 -30.34
CA SER A 188 -60.14 -16.55 -31.73
C SER A 188 -61.41 -15.71 -31.90
N ALA A 189 -62.35 -15.83 -30.96
CA ALA A 189 -63.52 -14.95 -30.97
C ALA A 189 -63.13 -13.52 -30.65
N ASP A 190 -62.30 -13.33 -29.62
CA ASP A 190 -61.77 -12.00 -29.33
C ASP A 190 -60.88 -11.51 -30.46
N GLN A 191 -60.13 -12.42 -31.10
CA GLN A 191 -59.28 -12.05 -32.23
C GLN A 191 -60.11 -11.43 -33.35
N GLN A 192 -61.13 -12.16 -33.82
CA GLN A 192 -61.96 -11.69 -34.91
C GLN A 192 -62.82 -10.49 -34.53
N SER A 193 -63.11 -10.31 -33.24
CA SER A 193 -63.93 -9.20 -32.79
C SER A 193 -63.18 -7.87 -32.85
N LEU A 194 -61.85 -7.90 -32.80
CA LEU A 194 -61.06 -6.67 -32.82
C LEU A 194 -60.43 -6.37 -34.16
N TYR A 195 -60.07 -7.39 -34.94
CA TYR A 195 -59.32 -7.18 -36.17
C TYR A 195 -59.93 -7.86 -37.38
N GLN A 196 -61.00 -8.65 -37.22
CA GLN A 196 -61.81 -9.16 -38.32
C GLN A 196 -61.07 -10.23 -39.13
N ASN A 197 -59.79 -10.45 -38.84
CA ASN A 197 -58.97 -11.42 -39.56
C ASN A 197 -58.39 -12.41 -38.56
N ALA A 198 -58.78 -13.68 -38.69
CA ALA A 198 -58.36 -14.68 -37.72
C ALA A 198 -56.85 -14.89 -37.73
N ASP A 199 -56.21 -14.72 -38.89
CA ASP A 199 -54.77 -14.87 -39.03
C ASP A 199 -54.19 -13.53 -39.47
N THR A 200 -53.38 -12.92 -38.60
CA THR A 200 -52.78 -11.63 -38.88
C THR A 200 -51.27 -11.71 -38.75
N TYR A 201 -50.61 -10.62 -39.14
CA TYR A 201 -49.18 -10.46 -38.94
C TYR A 201 -48.87 -8.97 -38.85
N VAL A 202 -47.79 -8.64 -38.14
CA VAL A 202 -47.35 -7.27 -37.99
C VAL A 202 -45.87 -7.21 -38.39
N PHE A 203 -45.49 -6.16 -39.10
CA PHE A 203 -44.11 -5.97 -39.54
C PHE A 203 -43.68 -4.54 -39.25
N VAL A 204 -42.47 -4.41 -38.71
CA VAL A 204 -41.80 -3.12 -38.55
C VAL A 204 -40.37 -3.26 -39.05
N GLY A 205 -39.93 -2.27 -39.82
CA GLY A 205 -38.61 -2.34 -40.43
C GLY A 205 -37.95 -0.98 -40.47
N SER A 206 -36.62 -1.01 -40.48
CA SER A 206 -35.78 0.17 -40.67
C SER A 206 -34.48 -0.31 -41.30
N SER A 207 -33.45 0.53 -41.27
CA SER A 207 -32.14 0.10 -41.74
C SER A 207 -31.44 -0.78 -40.73
N ARG A 208 -31.71 -0.58 -39.44
CA ARG A 208 -31.10 -1.38 -38.39
C ARG A 208 -32.03 -2.44 -37.80
N TYR A 209 -33.34 -2.23 -37.89
CA TYR A 209 -34.33 -3.08 -37.24
C TYR A 209 -35.21 -3.75 -38.29
N SER A 210 -35.52 -5.03 -38.06
CA SER A 210 -36.37 -5.80 -38.96
C SER A 210 -36.94 -6.97 -38.18
N LYS A 211 -38.25 -7.08 -38.12
CA LYS A 211 -38.88 -8.14 -37.34
C LYS A 211 -40.34 -8.28 -37.76
N LYS A 212 -40.84 -9.52 -37.70
CA LYS A 212 -42.22 -9.83 -38.03
C LYS A 212 -42.86 -10.51 -36.82
N PHE A 213 -44.07 -10.09 -36.47
CA PHE A 213 -44.79 -10.61 -35.31
C PHE A 213 -46.06 -11.30 -35.78
N LYS A 214 -46.28 -12.52 -35.30
CA LYS A 214 -47.52 -13.25 -35.57
C LYS A 214 -48.21 -13.53 -34.24
N PRO A 215 -49.38 -12.95 -33.98
CA PRO A 215 -49.95 -12.99 -32.63
C PRO A 215 -50.24 -14.42 -32.17
N GLU A 216 -50.01 -14.66 -30.89
CA GLU A 216 -50.26 -15.95 -30.26
C GLU A 216 -51.59 -15.88 -29.53
N ILE A 217 -52.55 -16.70 -29.96
CA ILE A 217 -53.91 -16.66 -29.45
C ILE A 217 -54.08 -17.80 -28.45
N ALA A 218 -54.33 -17.44 -27.18
CA ALA A 218 -54.61 -18.39 -26.12
C ALA A 218 -55.04 -17.59 -24.90
N ILE A 219 -55.59 -18.31 -23.91
CA ILE A 219 -56.15 -17.69 -22.71
C ILE A 219 -55.11 -17.79 -21.59
N ARG A 220 -54.74 -16.64 -21.03
CA ARG A 220 -53.82 -16.55 -19.90
C ARG A 220 -54.58 -16.29 -18.61
N PRO A 221 -53.96 -16.54 -17.45
CA PRO A 221 -54.60 -16.19 -16.18
C PRO A 221 -54.87 -14.70 -16.09
N LYS A 222 -55.97 -14.35 -15.42
CA LYS A 222 -56.43 -12.96 -15.37
C LYS A 222 -55.42 -12.09 -14.63
N VAL A 223 -55.03 -11.00 -15.27
CA VAL A 223 -54.17 -9.97 -14.68
C VAL A 223 -54.86 -8.64 -14.96
N ARG A 224 -55.35 -7.99 -13.90
CA ARG A 224 -56.17 -6.78 -14.03
C ARG A 224 -57.37 -7.03 -14.95
N ASP A 225 -57.99 -8.20 -14.77
CA ASP A 225 -59.19 -8.60 -15.52
C ASP A 225 -58.93 -8.60 -17.03
N GLN A 226 -57.77 -9.10 -17.43
CA GLN A 226 -57.40 -9.20 -18.84
C GLN A 226 -56.84 -10.58 -19.12
N GLU A 227 -57.54 -11.34 -19.96
CA GLU A 227 -57.07 -12.67 -20.35
C GLU A 227 -56.06 -12.63 -21.48
N GLY A 228 -55.94 -11.49 -22.18
CA GLY A 228 -54.94 -11.32 -23.20
C GLY A 228 -53.76 -10.49 -22.72
N ARG A 229 -52.72 -10.46 -23.54
CA ARG A 229 -51.48 -9.76 -23.22
C ARG A 229 -51.16 -8.76 -24.33
N MET A 230 -50.13 -7.95 -24.08
CA MET A 230 -49.73 -6.91 -25.04
C MET A 230 -48.25 -6.62 -24.83
N ASN A 231 -47.41 -7.18 -25.70
CA ASN A 231 -45.99 -6.89 -25.65
C ASN A 231 -45.73 -5.46 -26.12
N TYR A 232 -44.66 -4.86 -25.59
CA TYR A 232 -44.27 -3.51 -25.93
C TYR A 232 -42.85 -3.52 -26.49
N TYR A 233 -42.64 -2.77 -27.57
CA TYR A 233 -41.36 -2.75 -28.25
C TYR A 233 -40.91 -1.31 -28.44
N TRP A 234 -39.61 -1.13 -28.68
CA TRP A 234 -39.03 0.18 -28.89
C TRP A 234 -37.77 0.04 -29.73
N THR A 235 -37.46 1.09 -30.48
CA THR A 235 -36.21 1.17 -31.21
C THR A 235 -35.94 2.63 -31.53
N LEU A 236 -34.71 2.92 -31.92
CA LEU A 236 -34.27 4.27 -32.26
C LEU A 236 -34.19 4.42 -33.77
N VAL A 237 -34.31 5.67 -34.23
CA VAL A 237 -34.28 5.99 -35.64
C VAL A 237 -33.15 6.99 -35.87
N GLU A 238 -32.15 6.58 -36.64
CA GLU A 238 -31.03 7.45 -36.95
C GLU A 238 -31.52 8.65 -37.77
N PRO A 239 -30.84 9.80 -37.68
CA PRO A 239 -31.27 10.97 -38.45
C PRO A 239 -31.22 10.70 -39.94
N GLY A 240 -32.36 10.91 -40.60
CA GLY A 240 -32.46 10.68 -42.03
C GLY A 240 -32.90 9.29 -42.43
N ASP A 241 -33.36 8.47 -41.49
CA ASP A 241 -33.75 7.09 -41.77
C ASP A 241 -35.26 6.94 -41.70
N LYS A 242 -35.79 6.06 -42.53
CA LYS A 242 -37.22 5.76 -42.60
C LYS A 242 -37.53 4.57 -41.70
N ILE A 243 -38.76 4.54 -41.18
CA ILE A 243 -39.27 3.40 -40.43
C ILE A 243 -40.66 3.07 -40.95
N THR A 244 -40.88 1.81 -41.31
CA THR A 244 -42.08 1.38 -42.01
C THR A 244 -42.88 0.43 -41.14
N PHE A 245 -44.19 0.65 -41.08
CA PHE A 245 -45.12 -0.23 -40.39
C PHE A 245 -46.03 -0.92 -41.39
N GLU A 246 -46.39 -2.16 -41.08
CA GLU A 246 -47.13 -3.00 -42.02
C GLU A 246 -47.86 -4.07 -41.21
N ALA A 247 -49.18 -3.95 -41.11
CA ALA A 247 -49.93 -4.84 -40.22
C ALA A 247 -51.30 -5.16 -40.81
N THR A 248 -51.67 -6.44 -40.78
CA THR A 248 -53.03 -6.86 -41.08
C THR A 248 -53.90 -6.95 -39.84
N GLY A 249 -53.46 -6.36 -38.73
CA GLY A 249 -54.19 -6.42 -37.48
C GLY A 249 -53.28 -6.66 -36.29
N ASN A 250 -53.82 -6.49 -35.09
CA ASN A 250 -53.10 -6.76 -33.84
C ASN A 250 -51.88 -5.86 -33.69
N LEU A 251 -52.03 -4.58 -34.05
CA LEU A 251 -50.94 -3.61 -33.91
C LEU A 251 -51.43 -2.40 -33.12
N VAL A 252 -50.68 -2.03 -32.09
CA VAL A 252 -50.91 -0.82 -31.34
C VAL A 252 -49.96 0.23 -31.91
N VAL A 253 -50.47 1.08 -32.81
CA VAL A 253 -49.63 2.01 -33.55
C VAL A 253 -49.16 3.14 -32.65
N PRO A 254 -48.02 3.78 -32.97
CA PRO A 254 -47.59 4.94 -32.19
C PRO A 254 -48.46 6.16 -32.48
N ARG A 255 -48.51 7.07 -31.50
CA ARG A 255 -49.12 8.37 -31.70
C ARG A 255 -48.14 9.51 -31.46
N TYR A 256 -47.33 9.42 -30.42
CA TYR A 256 -46.33 10.44 -30.11
C TYR A 256 -44.95 9.80 -30.10
N ALA A 257 -44.00 10.43 -30.78
CA ALA A 257 -42.61 10.04 -30.80
C ALA A 257 -41.80 11.06 -30.02
N PHE A 258 -40.50 10.78 -29.89
CA PHE A 258 -39.62 11.61 -29.07
C PHE A 258 -38.31 11.82 -29.80
N ALA A 259 -38.01 13.06 -30.15
CA ALA A 259 -36.72 13.43 -30.74
C ALA A 259 -35.78 13.81 -29.61
N MET A 260 -34.82 12.94 -29.32
CA MET A 260 -33.99 13.06 -28.12
C MET A 260 -32.52 13.06 -28.49
N GLU A 261 -31.68 13.22 -27.48
CA GLU A 261 -30.23 13.20 -27.65
C GLU A 261 -29.61 12.82 -26.32
N ARG A 262 -28.92 11.69 -26.28
CA ARG A 262 -28.40 11.13 -25.03
C ARG A 262 -27.01 11.65 -24.75
N ASN A 263 -26.79 12.12 -23.53
CA ASN A 263 -25.46 12.52 -23.08
C ASN A 263 -24.81 11.35 -22.34
N ALA A 264 -23.73 11.64 -21.62
CA ALA A 264 -22.95 10.59 -20.97
C ALA A 264 -23.82 9.71 -20.08
N GLY A 265 -23.36 8.48 -19.88
CA GLY A 265 -24.09 7.49 -19.11
C GLY A 265 -24.34 7.89 -17.67
N SER A 266 -25.61 7.93 -17.30
CA SER A 266 -26.06 8.22 -15.94
C SER A 266 -26.96 7.08 -15.49
N GLY A 267 -27.62 7.28 -14.35
CA GLY A 267 -28.44 6.22 -13.80
C GLY A 267 -29.80 6.66 -13.29
N ILE A 268 -30.47 5.76 -12.59
CA ILE A 268 -31.81 5.98 -12.05
C ILE A 268 -31.77 5.77 -10.55
N ILE A 269 -32.37 6.68 -9.80
CA ILE A 269 -32.41 6.63 -8.36
C ILE A 269 -33.82 6.27 -7.92
N ILE A 270 -33.93 5.28 -7.04
CA ILE A 270 -35.22 4.84 -6.51
C ILE A 270 -35.23 5.18 -5.03
N SER A 271 -35.81 6.34 -4.69
CA SER A 271 -35.78 6.82 -3.32
C SER A 271 -36.97 7.72 -3.06
N ASP A 272 -37.33 7.82 -1.78
CA ASP A 272 -38.40 8.71 -1.33
C ASP A 272 -37.90 10.08 -0.94
N THR A 273 -36.61 10.34 -1.04
CA THR A 273 -36.06 11.64 -0.66
C THR A 273 -36.60 12.72 -1.61
N PRO A 274 -37.14 13.81 -1.08
CA PRO A 274 -37.74 14.83 -1.95
C PRO A 274 -36.67 15.60 -2.72
N VAL A 275 -37.15 16.38 -3.69
CA VAL A 275 -36.30 17.18 -4.55
C VAL A 275 -36.23 18.60 -4.01
N HIS A 276 -35.21 19.34 -4.44
CA HIS A 276 -35.06 20.73 -4.05
C HIS A 276 -34.14 21.42 -5.06
N ASP A 277 -34.05 22.75 -4.94
CA ASP A 277 -33.22 23.56 -5.82
C ASP A 277 -31.84 23.72 -5.19
N CYS A 278 -30.86 23.00 -5.72
CA CYS A 278 -29.50 23.04 -5.21
C CYS A 278 -28.58 22.37 -6.22
N ASN A 279 -27.28 22.61 -6.07
CA ASN A 279 -26.27 22.05 -6.94
C ASN A 279 -25.36 21.12 -6.16
N THR A 280 -25.07 19.95 -6.73
CA THR A 280 -24.16 19.01 -6.11
C THR A 280 -23.37 18.30 -7.20
N THR A 281 -22.09 18.04 -6.92
CA THR A 281 -21.27 17.25 -7.82
C THR A 281 -21.41 15.75 -7.55
N CYS A 282 -22.11 15.36 -6.48
CA CYS A 282 -22.31 13.96 -6.13
C CYS A 282 -23.71 13.81 -5.54
N GLN A 283 -24.37 12.70 -5.87
CA GLN A 283 -25.72 12.44 -5.43
C GLN A 283 -25.87 10.99 -5.00
N THR A 284 -26.57 10.76 -3.90
CA THR A 284 -26.86 9.42 -3.40
C THR A 284 -28.38 9.25 -3.27
N PRO A 285 -28.89 8.04 -3.07
CA PRO A 285 -30.34 7.89 -2.89
C PRO A 285 -30.88 8.60 -1.66
N LYS A 286 -30.10 8.70 -0.59
CA LYS A 286 -30.58 9.32 0.64
C LYS A 286 -30.22 10.79 0.74
N GLY A 287 -29.51 11.34 -0.24
CA GLY A 287 -29.19 12.76 -0.23
C GLY A 287 -27.92 13.03 -1.02
N ALA A 288 -27.58 14.30 -1.09
CA ALA A 288 -26.39 14.76 -1.79
C ALA A 288 -25.24 15.01 -0.81
N ILE A 289 -24.02 14.87 -1.29
CA ILE A 289 -22.82 15.00 -0.46
C ILE A 289 -21.85 15.93 -1.20
N ASN A 290 -21.90 17.22 -0.88
CA ASN A 290 -20.93 18.18 -1.41
C ASN A 290 -19.65 18.04 -0.60
N THR A 291 -18.60 17.50 -1.23
CA THR A 291 -17.37 17.23 -0.50
C THR A 291 -16.21 17.07 -1.48
N SER A 292 -15.01 17.27 -0.95
CA SER A 292 -13.77 17.01 -1.67
C SER A 292 -12.99 15.86 -1.05
N LEU A 293 -13.51 15.23 0.01
CA LEU A 293 -12.86 14.12 0.65
C LEU A 293 -12.78 12.92 -0.28
N PRO A 294 -11.82 12.01 -0.06
CA PRO A 294 -11.68 10.85 -0.94
C PRO A 294 -12.58 9.67 -0.57
N PHE A 295 -13.23 9.68 0.58
CA PHE A 295 -14.05 8.54 1.01
C PHE A 295 -15.37 9.04 1.59
N GLN A 296 -16.31 8.11 1.71
CA GLN A 296 -17.64 8.37 2.25
C GLN A 296 -18.30 7.03 2.56
N ASN A 297 -19.18 7.04 3.56
CA ASN A 297 -19.94 5.85 3.94
C ASN A 297 -21.44 6.06 3.84
N ILE A 298 -21.86 7.06 3.06
CA ILE A 298 -23.29 7.37 2.93
C ILE A 298 -24.01 6.23 2.21
N HIS A 299 -23.61 5.95 0.97
CA HIS A 299 -24.26 4.95 0.15
C HIS A 299 -23.28 4.50 -0.93
N PRO A 300 -23.36 3.25 -1.40
CA PRO A 300 -22.45 2.80 -2.46
C PRO A 300 -22.92 3.17 -3.85
N ILE A 301 -24.22 3.34 -4.02
CA ILE A 301 -24.82 3.63 -5.31
C ILE A 301 -24.85 5.14 -5.46
N THR A 302 -23.94 5.68 -6.28
CA THR A 302 -23.78 7.11 -6.44
C THR A 302 -23.84 7.49 -7.91
N ILE A 303 -24.11 8.77 -8.17
CA ILE A 303 -24.16 9.32 -9.52
C ILE A 303 -23.48 10.68 -9.49
N GLY A 304 -22.29 10.77 -10.09
CA GLY A 304 -21.55 12.01 -10.17
C GLY A 304 -20.08 11.78 -9.89
N LYS A 305 -19.34 12.88 -9.74
CA LYS A 305 -17.92 12.83 -9.39
C LYS A 305 -17.82 12.63 -7.87
N CYS A 306 -17.93 11.38 -7.45
CA CYS A 306 -18.13 11.04 -6.06
C CYS A 306 -16.87 10.45 -5.43
N PRO A 307 -16.76 10.53 -4.09
CA PRO A 307 -15.70 9.81 -3.39
C PRO A 307 -15.95 8.30 -3.42
N LYS A 308 -14.93 7.57 -2.98
CA LYS A 308 -15.03 6.11 -2.91
C LYS A 308 -15.82 5.70 -1.67
N TYR A 309 -16.70 4.72 -1.85
CA TYR A 309 -17.48 4.21 -0.72
C TYR A 309 -16.66 3.20 0.07
N VAL A 310 -16.67 3.34 1.40
CA VAL A 310 -15.92 2.49 2.30
C VAL A 310 -16.82 2.07 3.45
N LYS A 311 -16.54 0.88 3.99
CA LYS A 311 -17.26 0.37 5.15
C LYS A 311 -16.85 1.05 6.45
N SER A 312 -15.79 1.85 6.43
CA SER A 312 -15.29 2.46 7.65
C SER A 312 -16.30 3.42 8.26
N THR A 313 -16.28 3.52 9.58
CA THR A 313 -17.09 4.49 10.31
C THR A 313 -16.29 5.73 10.71
N LYS A 314 -14.97 5.67 10.63
CA LYS A 314 -14.11 6.74 11.13
C LYS A 314 -12.75 6.62 10.47
N LEU A 315 -12.35 7.67 9.73
CA LEU A 315 -11.03 7.74 9.11
C LEU A 315 -10.45 9.11 9.48
N ARG A 316 -9.81 9.17 10.64
CA ARG A 316 -9.32 10.43 11.20
C ARG A 316 -7.81 10.50 11.04
N LEU A 317 -7.35 11.49 10.27
CA LEU A 317 -5.94 11.64 9.93
C LEU A 317 -5.33 12.65 10.88
N ALA A 318 -4.38 12.18 11.71
CA ALA A 318 -3.75 13.05 12.69
C ALA A 318 -2.81 14.02 11.99
N THR A 319 -2.95 15.30 12.31
CA THR A 319 -2.09 16.35 11.78
C THR A 319 -1.13 16.92 12.81
N GLY A 320 -1.52 16.95 14.08
CA GLY A 320 -0.68 17.47 15.14
C GLY A 320 0.11 16.39 15.84
N LEU A 321 0.42 16.64 17.10
CA LEU A 321 1.23 15.75 17.93
C LEU A 321 0.37 15.21 19.07
N ARG A 322 0.98 14.33 19.87
CA ARG A 322 0.28 13.74 21.01
C ARG A 322 -0.02 14.81 22.05
N ASN A 323 -1.29 14.97 22.39
CA ASN A 323 -1.69 15.97 23.37
C ASN A 323 -1.45 15.42 24.76
N ILE A 324 -0.49 16.01 25.48
CA ILE A 324 -0.13 15.58 26.83
C ILE A 324 -0.11 16.78 27.76
N PRO A 325 -1.25 17.25 28.26
CA PRO A 325 -1.25 18.43 29.14
C PRO A 325 -0.95 18.03 30.58
N SER A 326 0.19 18.49 31.10
CA SER A 326 0.60 18.27 32.48
C SER A 326 0.42 16.83 32.95
N PRO B 2 44.60 25.49 15.08
CA PRO B 2 45.29 25.25 13.81
C PRO B 2 45.81 23.81 13.68
N GLY B 3 44.98 22.85 14.08
CA GLY B 3 45.36 21.45 14.07
C GLY B 3 44.68 20.66 12.97
N ASP B 4 44.94 19.35 12.99
CA ASP B 4 44.39 18.46 11.98
C ASP B 4 42.90 18.28 12.16
N THR B 5 42.20 18.00 11.06
CA THR B 5 40.76 17.86 11.07
C THR B 5 40.34 16.60 10.30
N LEU B 6 39.08 16.23 10.48
CA LEU B 6 38.48 15.12 9.74
C LEU B 6 36.97 15.32 9.73
N CYS B 7 36.39 15.50 8.55
CA CYS B 7 34.98 15.80 8.39
C CYS B 7 34.24 14.61 7.79
N ILE B 8 32.98 14.45 8.19
CA ILE B 8 32.08 13.47 7.62
C ILE B 8 31.14 14.17 6.66
N GLY B 9 30.91 13.57 5.50
CA GLY B 9 30.06 14.19 4.50
C GLY B 9 29.39 13.23 3.55
N TYR B 10 28.76 13.77 2.51
CA TYR B 10 28.03 12.94 1.57
C TYR B 10 28.16 13.54 0.17
N HIS B 11 27.48 12.91 -0.78
CA HIS B 11 27.69 13.14 -2.21
C HIS B 11 26.82 14.28 -2.72
N ALA B 12 27.24 14.85 -3.86
CA ALA B 12 26.49 15.90 -4.54
C ALA B 12 27.03 16.02 -5.96
N ASN B 13 26.16 16.40 -6.90
CA ASN B 13 26.54 16.42 -8.30
C ASN B 13 25.67 17.42 -9.05
N ASN B 14 25.83 17.45 -10.38
CA ASN B 14 25.10 18.31 -11.30
C ASN B 14 23.66 17.85 -11.54
N SER B 15 23.20 16.84 -10.80
CA SER B 15 21.91 16.23 -11.09
C SER B 15 20.78 17.24 -10.96
N THR B 16 19.83 17.16 -11.90
CA THR B 16 18.68 18.04 -11.94
C THR B 16 17.36 17.31 -11.80
N ASP B 17 17.40 15.99 -11.58
CA ASP B 17 16.18 15.22 -11.42
C ASP B 17 15.47 15.58 -10.12
N THR B 18 14.14 15.63 -10.18
CA THR B 18 13.33 15.92 -9.01
C THR B 18 12.35 14.79 -8.78
N VAL B 19 12.08 14.50 -7.50
CA VAL B 19 11.06 13.53 -7.12
C VAL B 19 10.09 14.21 -6.17
N ASP B 20 8.93 13.57 -6.00
CA ASP B 20 7.91 14.05 -5.07
C ASP B 20 7.89 13.16 -3.85
N THR B 21 7.91 13.77 -2.68
CA THR B 21 7.81 13.07 -1.40
C THR B 21 6.49 13.43 -0.72
N VAL B 22 6.15 12.68 0.33
CA VAL B 22 4.90 12.92 1.01
C VAL B 22 4.89 14.27 1.73
N LEU B 23 6.07 14.83 2.02
CA LEU B 23 6.16 16.11 2.70
C LEU B 23 6.56 17.26 1.79
N GLU B 24 7.17 16.98 0.64
CA GLU B 24 7.72 18.03 -0.19
C GLU B 24 7.66 17.62 -1.65
N LYS B 25 7.34 18.58 -2.51
CA LYS B 25 7.34 18.39 -3.96
C LYS B 25 8.62 18.95 -4.56
N ASN B 26 8.98 18.45 -5.73
CA ASN B 26 10.15 18.93 -6.48
C ASN B 26 11.41 18.86 -5.62
N VAL B 27 11.72 17.66 -5.14
CA VAL B 27 12.90 17.42 -4.30
C VAL B 27 14.03 16.93 -5.20
N THR B 28 15.11 17.69 -5.25
CA THR B 28 16.23 17.36 -6.13
C THR B 28 17.10 16.28 -5.51
N VAL B 29 17.32 15.20 -6.25
CA VAL B 29 18.09 14.05 -5.77
C VAL B 29 19.27 13.81 -6.70
N THR B 30 20.29 13.14 -6.17
CA THR B 30 21.49 12.87 -6.96
C THR B 30 21.29 11.73 -7.95
N HIS B 31 20.44 10.76 -7.61
CA HIS B 31 20.16 9.64 -8.48
C HIS B 31 18.71 9.24 -8.32
N SER B 32 18.10 8.78 -9.41
CA SER B 32 16.72 8.33 -9.38
C SER B 32 16.48 7.38 -10.54
N VAL B 33 15.32 6.72 -10.51
CA VAL B 33 14.90 5.81 -11.57
C VAL B 33 13.42 6.03 -11.84
N ASN B 34 13.01 5.69 -13.06
CA ASN B 34 11.62 5.88 -13.49
C ASN B 34 10.89 4.55 -13.37
N LEU B 35 9.69 4.59 -12.78
CA LEU B 35 8.81 3.43 -12.71
C LEU B 35 7.72 3.44 -13.76
N LEU B 36 7.57 4.54 -14.49
CA LEU B 36 6.48 4.72 -15.44
C LEU B 36 7.03 4.76 -16.86
N GLU B 37 6.50 3.89 -17.72
CA GLU B 37 6.90 3.87 -19.12
C GLU B 37 5.96 4.77 -19.91
N ASP B 38 6.53 5.81 -20.55
CA ASP B 38 5.76 6.79 -21.30
C ASP B 38 6.25 6.90 -22.74
N LYS B 39 6.85 5.83 -23.25
CA LYS B 39 7.42 5.82 -24.59
C LYS B 39 6.92 4.60 -25.33
N HIS B 40 6.67 4.75 -26.63
CA HIS B 40 6.25 3.67 -27.50
C HIS B 40 6.87 3.86 -28.88
N ASN B 41 7.03 2.75 -29.60
CA ASN B 41 7.66 2.78 -30.92
C ASN B 41 6.70 3.09 -32.05
N GLY B 42 5.41 3.22 -31.76
CA GLY B 42 4.43 3.59 -32.78
C GLY B 42 4.25 2.57 -33.88
N LYS B 43 4.45 1.29 -33.59
CA LYS B 43 4.32 0.24 -34.59
C LYS B 43 3.58 -0.94 -33.97
N LEU B 44 2.59 -1.47 -34.68
CA LEU B 44 1.93 -2.71 -34.28
C LEU B 44 2.87 -3.86 -34.61
N CYS B 45 3.40 -4.51 -33.57
CA CYS B 45 4.47 -5.48 -33.76
C CYS B 45 3.92 -6.91 -33.71
N LYS B 46 4.83 -7.87 -33.72
CA LYS B 46 4.49 -9.28 -33.60
C LYS B 46 4.37 -9.63 -32.12
N LEU B 47 3.16 -9.97 -31.68
CA LEU B 47 2.92 -10.36 -30.30
C LEU B 47 3.17 -11.85 -30.13
N ARG B 48 4.02 -12.19 -29.15
CA ARG B 48 4.45 -13.57 -28.92
C ARG B 48 5.21 -14.14 -30.12
N GLY B 49 5.92 -13.29 -30.85
CA GLY B 49 6.66 -13.69 -32.03
C GLY B 49 5.81 -14.03 -33.22
N VAL B 50 4.48 -13.96 -33.10
CA VAL B 50 3.55 -14.29 -34.18
C VAL B 50 2.94 -13.00 -34.69
N ALA B 51 3.11 -12.74 -35.98
CA ALA B 51 2.60 -11.51 -36.57
C ALA B 51 1.08 -11.46 -36.46
N PRO B 52 0.50 -10.28 -36.38
CA PRO B 52 -0.96 -10.15 -36.31
C PRO B 52 -1.59 -10.29 -37.69
N LEU B 53 -2.90 -10.11 -37.72
CA LEU B 53 -3.68 -10.16 -38.95
C LEU B 53 -4.24 -8.77 -39.23
N HIS B 54 -3.83 -8.19 -40.35
CA HIS B 54 -4.27 -6.86 -40.74
C HIS B 54 -5.36 -6.97 -41.81
N LEU B 55 -6.51 -6.36 -41.55
CA LEU B 55 -7.65 -6.46 -42.44
C LEU B 55 -7.75 -5.31 -43.44
N GLY B 56 -6.94 -4.27 -43.29
CA GLY B 56 -6.92 -3.20 -44.27
C GLY B 56 -8.24 -2.44 -44.32
N LYS B 57 -8.87 -2.42 -45.49
CA LYS B 57 -10.13 -1.72 -45.67
C LYS B 57 -11.33 -2.52 -45.19
N CYS B 58 -11.15 -3.79 -44.81
CA CYS B 58 -12.24 -4.65 -44.41
C CYS B 58 -12.33 -4.74 -42.89
N ASN B 59 -13.46 -5.26 -42.43
CA ASN B 59 -13.62 -5.70 -41.05
C ASN B 59 -13.78 -7.23 -41.05
N ILE B 60 -13.98 -7.78 -39.85
CA ILE B 60 -13.99 -9.24 -39.71
C ILE B 60 -15.16 -9.85 -40.47
N ALA B 61 -16.33 -9.20 -40.43
CA ALA B 61 -17.49 -9.72 -41.15
C ALA B 61 -17.17 -9.88 -42.63
N GLY B 62 -16.58 -8.86 -43.24
CA GLY B 62 -16.22 -8.95 -44.65
C GLY B 62 -15.09 -9.93 -44.91
N TRP B 63 -14.14 -10.03 -43.98
CA TRP B 63 -13.03 -10.96 -44.16
C TRP B 63 -13.48 -12.41 -44.04
N ILE B 64 -14.34 -12.70 -43.05
CA ILE B 64 -14.74 -14.08 -42.82
C ILE B 64 -15.75 -14.56 -43.85
N LEU B 65 -16.61 -13.66 -44.36
CA LEU B 65 -17.59 -14.02 -45.36
C LEU B 65 -17.03 -13.98 -46.78
N GLY B 66 -15.98 -13.19 -47.00
CA GLY B 66 -15.38 -13.11 -48.32
C GLY B 66 -15.93 -12.00 -49.17
N ASN B 67 -16.03 -10.79 -48.60
CA ASN B 67 -16.43 -9.63 -49.37
C ASN B 67 -15.49 -9.46 -50.56
N PRO B 68 -16.00 -9.01 -51.72
CA PRO B 68 -15.14 -8.88 -52.90
C PRO B 68 -13.95 -7.94 -52.72
N GLU B 69 -13.94 -7.10 -51.68
CA GLU B 69 -12.81 -6.23 -51.45
C GLU B 69 -11.69 -6.93 -50.67
N CYS B 70 -12.03 -7.94 -49.87
CA CYS B 70 -11.07 -8.62 -49.02
C CYS B 70 -10.52 -9.90 -49.64
N GLU B 71 -10.82 -10.16 -50.90
CA GLU B 71 -10.26 -11.35 -51.54
C GLU B 71 -8.75 -11.26 -51.64
N SER B 72 -8.20 -10.05 -51.65
CA SER B 72 -6.77 -9.84 -51.69
C SER B 72 -6.09 -10.18 -50.36
N LEU B 73 -6.85 -10.31 -49.28
CA LEU B 73 -6.28 -10.65 -47.98
C LEU B 73 -5.76 -12.08 -48.00
N SER B 74 -4.44 -12.23 -48.05
CA SER B 74 -3.83 -13.55 -48.01
C SER B 74 -3.91 -14.10 -46.59
N THR B 75 -4.77 -15.09 -46.39
CA THR B 75 -5.03 -15.64 -45.07
C THR B 75 -3.90 -16.58 -44.68
N ALA B 76 -3.20 -16.25 -43.61
CA ALA B 76 -2.14 -17.11 -43.09
C ALA B 76 -2.76 -18.25 -42.27
N SER B 77 -1.92 -19.02 -41.60
CA SER B 77 -2.40 -20.15 -40.80
C SER B 77 -2.55 -19.81 -39.33
N SER B 78 -1.97 -18.71 -38.86
CA SER B 78 -2.07 -18.35 -37.45
C SER B 78 -1.77 -16.86 -37.28
N TRP B 79 -2.32 -16.29 -36.21
CA TRP B 79 -2.04 -14.90 -35.86
C TRP B 79 -2.31 -14.73 -34.37
N SER B 80 -1.73 -13.67 -33.81
CA SER B 80 -1.85 -13.39 -32.38
C SER B 80 -3.04 -12.49 -32.06
N TYR B 81 -3.27 -11.47 -32.87
CA TYR B 81 -4.39 -10.56 -32.68
C TYR B 81 -4.81 -10.02 -34.04
N ILE B 82 -6.00 -9.44 -34.09
CA ILE B 82 -6.59 -8.93 -35.32
C ILE B 82 -6.54 -7.41 -35.31
N VAL B 83 -6.27 -6.81 -36.47
CA VAL B 83 -6.16 -5.37 -36.62
C VAL B 83 -7.20 -4.90 -37.61
N GLU B 84 -8.08 -4.01 -37.17
CA GLU B 84 -8.95 -3.25 -38.04
C GLU B 84 -8.56 -1.78 -38.00
N THR B 85 -9.15 -1.00 -38.88
CA THR B 85 -8.94 0.43 -38.86
C THR B 85 -10.23 1.15 -38.48
N PRO B 86 -10.13 2.40 -38.02
CA PRO B 86 -11.36 3.17 -37.73
C PRO B 86 -12.19 3.44 -38.97
N SER B 87 -11.64 3.26 -40.16
CA SER B 87 -12.35 3.48 -41.42
C SER B 87 -12.74 2.19 -42.11
N SER B 88 -12.55 1.04 -41.47
CA SER B 88 -12.89 -0.25 -42.07
C SER B 88 -14.41 -0.42 -42.08
N ASP B 89 -15.00 -0.43 -43.27
CA ASP B 89 -16.44 -0.57 -43.38
C ASP B 89 -16.88 -1.55 -44.46
N ASN B 90 -15.98 -2.36 -45.00
CA ASN B 90 -16.34 -3.38 -45.99
C ASN B 90 -16.68 -4.66 -45.25
N GLY B 91 -17.92 -4.76 -44.81
CA GLY B 91 -18.40 -5.95 -44.13
C GLY B 91 -19.53 -6.62 -44.88
N THR B 92 -20.72 -6.64 -44.29
CA THR B 92 -21.90 -7.24 -44.92
C THR B 92 -22.41 -6.28 -45.98
N CYS B 93 -22.03 -6.52 -47.24
CA CYS B 93 -22.44 -5.61 -48.32
C CYS B 93 -23.93 -5.71 -48.60
N TYR B 94 -24.50 -6.91 -48.48
CA TYR B 94 -25.95 -7.07 -48.56
C TYR B 94 -26.54 -6.88 -47.17
N PRO B 95 -27.41 -5.89 -46.96
CA PRO B 95 -27.81 -5.54 -45.59
C PRO B 95 -28.53 -6.69 -44.90
N GLY B 96 -28.33 -6.77 -43.59
CA GLY B 96 -28.94 -7.81 -42.80
C GLY B 96 -28.38 -7.80 -41.39
N ASP B 97 -28.55 -8.92 -40.70
CA ASP B 97 -28.10 -9.08 -39.32
C ASP B 97 -27.09 -10.21 -39.24
N PHE B 98 -25.85 -9.89 -38.89
CA PHE B 98 -24.84 -10.89 -38.58
C PHE B 98 -25.07 -11.36 -37.15
N ILE B 99 -25.53 -12.60 -37.01
CA ILE B 99 -25.96 -13.10 -35.71
C ILE B 99 -24.75 -13.50 -34.87
N ASP B 100 -24.73 -13.05 -33.62
CA ASP B 100 -23.64 -13.33 -32.68
C ASP B 100 -22.30 -12.84 -33.22
N TYR B 101 -22.32 -11.64 -33.83
CA TYR B 101 -21.13 -11.12 -34.46
C TYR B 101 -20.03 -10.83 -33.44
N GLU B 102 -20.41 -10.29 -32.27
CA GLU B 102 -19.41 -9.96 -31.26
C GLU B 102 -18.77 -11.21 -30.68
N GLU B 103 -19.56 -12.28 -30.51
CA GLU B 103 -18.99 -13.52 -29.99
C GLU B 103 -18.04 -14.16 -30.98
N LEU B 104 -18.38 -14.11 -32.28
CA LEU B 104 -17.50 -14.68 -33.29
C LEU B 104 -16.15 -13.95 -33.32
N ARG B 105 -16.18 -12.63 -33.12
CA ARG B 105 -14.93 -11.88 -33.08
C ARG B 105 -14.07 -12.33 -31.90
N GLU B 106 -14.67 -12.50 -30.73
CA GLU B 106 -13.93 -12.98 -29.56
C GLU B 106 -13.41 -14.40 -29.76
N GLN B 107 -13.97 -15.16 -30.71
CA GLN B 107 -13.46 -16.50 -30.99
C GLN B 107 -12.31 -16.45 -31.98
N LEU B 108 -12.37 -15.55 -32.95
CA LEU B 108 -11.34 -15.44 -33.98
C LEU B 108 -10.18 -14.55 -33.57
N SER B 109 -10.25 -13.94 -32.38
CA SER B 109 -9.26 -12.93 -31.99
C SER B 109 -7.84 -13.48 -32.06
N SER B 110 -7.67 -14.77 -31.75
CA SER B 110 -6.36 -15.39 -31.86
C SER B 110 -6.57 -16.85 -32.25
N VAL B 111 -5.83 -17.30 -33.26
CA VAL B 111 -5.97 -18.64 -33.80
C VAL B 111 -4.59 -19.19 -34.09
N SER B 112 -4.33 -20.41 -33.65
CA SER B 112 -3.03 -21.05 -33.84
C SER B 112 -2.96 -21.95 -35.08
N SER B 113 -4.10 -22.34 -35.63
CA SER B 113 -4.12 -23.09 -36.89
C SER B 113 -5.39 -22.71 -37.63
N PHE B 114 -5.24 -22.23 -38.87
CA PHE B 114 -6.36 -21.71 -39.63
C PHE B 114 -6.18 -22.09 -41.09
N GLU B 115 -7.17 -22.79 -41.65
CA GLU B 115 -7.05 -23.32 -43.00
C GLU B 115 -8.40 -23.26 -43.69
N ARG B 116 -8.49 -22.49 -44.78
CA ARG B 116 -9.70 -22.41 -45.57
C ARG B 116 -9.75 -23.55 -46.58
N PHE B 117 -10.87 -24.27 -46.62
CA PHE B 117 -11.06 -25.35 -47.57
C PHE B 117 -12.45 -25.23 -48.18
N GLU B 118 -12.68 -25.99 -49.25
CA GLU B 118 -13.96 -25.95 -49.97
C GLU B 118 -14.84 -27.07 -49.44
N ILE B 119 -15.78 -26.72 -48.56
CA ILE B 119 -16.63 -27.72 -47.93
C ILE B 119 -17.69 -28.23 -48.91
N PHE B 120 -18.28 -27.33 -49.69
CA PHE B 120 -19.26 -27.68 -50.73
C PHE B 120 -18.78 -27.11 -52.06
N PRO B 121 -18.11 -27.92 -52.89
CA PRO B 121 -17.57 -27.40 -54.14
C PRO B 121 -18.64 -26.75 -55.01
N LYS B 122 -18.28 -25.60 -55.59
CA LYS B 122 -19.23 -24.81 -56.37
C LYS B 122 -19.71 -25.55 -57.60
N THR B 123 -18.86 -26.39 -58.19
CA THR B 123 -19.19 -27.01 -59.47
C THR B 123 -20.07 -28.24 -59.32
N SER B 124 -19.81 -29.06 -58.30
CA SER B 124 -20.40 -30.39 -58.23
C SER B 124 -21.53 -30.53 -57.22
N SER B 125 -21.53 -29.75 -56.13
CA SER B 125 -22.45 -30.01 -55.03
C SER B 125 -23.87 -29.56 -55.30
N TRP B 126 -24.10 -28.67 -56.27
CA TRP B 126 -25.42 -28.12 -56.54
C TRP B 126 -25.81 -28.36 -57.99
N PRO B 127 -26.17 -29.61 -58.34
CA PRO B 127 -26.52 -29.89 -59.72
C PRO B 127 -27.91 -29.41 -60.10
N ASN B 128 -28.85 -29.50 -59.15
CA ASN B 128 -30.25 -29.15 -59.40
C ASN B 128 -30.55 -27.68 -59.16
N HIS B 129 -29.53 -26.86 -58.90
CA HIS B 129 -29.74 -25.46 -58.58
C HIS B 129 -28.71 -24.61 -59.32
N ASP B 130 -29.07 -23.35 -59.55
CA ASP B 130 -28.20 -22.41 -60.25
C ASP B 130 -27.31 -21.69 -59.25
N SER B 131 -26.01 -21.70 -59.51
CA SER B 131 -25.02 -21.11 -58.61
C SER B 131 -24.21 -20.01 -59.30
N ASN B 132 -24.82 -19.32 -60.26
CA ASN B 132 -24.14 -18.25 -60.98
C ASN B 132 -24.94 -16.95 -60.98
N LYS B 133 -26.26 -17.07 -61.03
CA LYS B 133 -27.13 -15.89 -61.00
C LYS B 133 -27.19 -15.23 -59.63
N GLY B 134 -26.57 -15.82 -58.61
CA GLY B 134 -26.65 -15.27 -57.26
C GLY B 134 -25.65 -14.16 -56.99
N VAL B 135 -25.69 -13.10 -57.79
CA VAL B 135 -24.86 -11.93 -57.57
C VAL B 135 -25.77 -10.70 -57.54
N THR B 136 -25.29 -9.64 -56.91
CA THR B 136 -26.06 -8.42 -56.76
C THR B 136 -25.16 -7.21 -56.93
N ALA B 137 -25.77 -6.09 -57.31
CA ALA B 137 -25.06 -4.82 -57.38
C ALA B 137 -24.77 -4.25 -56.00
N ALA B 138 -25.38 -4.81 -54.96
CA ALA B 138 -25.04 -4.39 -53.60
C ALA B 138 -23.61 -4.74 -53.25
N CYS B 139 -23.05 -5.78 -53.88
CA CYS B 139 -21.67 -6.21 -53.65
C CYS B 139 -20.90 -6.11 -54.95
N PRO B 140 -20.51 -4.91 -55.36
CA PRO B 140 -19.80 -4.72 -56.62
C PRO B 140 -18.30 -4.97 -56.49
N HIS B 141 -17.70 -5.33 -57.62
CA HIS B 141 -16.25 -5.52 -57.69
C HIS B 141 -15.81 -5.25 -59.13
N ALA B 142 -14.99 -4.22 -59.31
CA ALA B 142 -14.52 -3.82 -60.64
C ALA B 142 -15.70 -3.59 -61.59
N GLY B 143 -16.76 -2.97 -61.05
CA GLY B 143 -17.93 -2.66 -61.84
C GLY B 143 -19.02 -3.70 -61.79
N ALA B 144 -18.73 -4.91 -62.27
CA ALA B 144 -19.76 -5.93 -62.41
C ALA B 144 -20.24 -6.42 -61.04
N LYS B 145 -21.47 -6.92 -61.01
CA LYS B 145 -22.06 -7.43 -59.79
C LYS B 145 -21.30 -8.66 -59.31
N SER B 146 -21.18 -8.80 -57.99
CA SER B 146 -20.45 -9.91 -57.38
C SER B 146 -21.13 -10.28 -56.07
N PHE B 147 -20.50 -11.18 -55.33
CA PHE B 147 -21.08 -11.71 -54.09
C PHE B 147 -19.92 -12.16 -53.20
N TYR B 148 -20.26 -12.72 -52.04
CA TYR B 148 -19.24 -13.22 -51.13
C TYR B 148 -18.54 -14.42 -51.74
N LYS B 149 -17.23 -14.52 -51.48
CA LYS B 149 -16.46 -15.63 -52.03
C LYS B 149 -16.66 -16.92 -51.25
N ASN B 150 -16.94 -16.83 -49.96
CA ASN B 150 -17.14 -18.01 -49.13
C ASN B 150 -18.57 -18.51 -49.11
N LEU B 151 -19.49 -17.81 -49.78
CA LEU B 151 -20.90 -18.20 -49.80
C LEU B 151 -21.39 -18.24 -51.25
N ILE B 152 -22.45 -19.03 -51.47
CA ILE B 152 -23.06 -19.18 -52.78
C ILE B 152 -24.55 -18.93 -52.65
N TRP B 153 -25.07 -18.01 -53.46
CA TRP B 153 -26.49 -17.67 -53.47
C TRP B 153 -27.17 -18.58 -54.48
N LEU B 154 -27.67 -19.72 -54.00
CA LEU B 154 -28.32 -20.68 -54.87
C LEU B 154 -29.66 -20.11 -55.34
N VAL B 155 -29.82 -20.04 -56.66
CA VAL B 155 -31.06 -19.60 -57.28
C VAL B 155 -31.65 -20.79 -58.03
N LYS B 156 -32.95 -20.68 -58.35
CA LYS B 156 -33.63 -21.75 -59.08
C LYS B 156 -33.03 -21.91 -60.48
N LYS B 157 -33.03 -23.15 -60.95
CA LYS B 157 -32.55 -23.49 -62.29
C LYS B 157 -33.79 -23.62 -63.18
N GLY B 158 -34.03 -22.60 -63.99
CA GLY B 158 -35.30 -22.48 -64.68
C GLY B 158 -36.36 -21.94 -63.76
N ASN B 159 -37.38 -22.76 -63.45
CA ASN B 159 -38.34 -22.45 -62.40
C ASN B 159 -38.59 -23.69 -61.56
N SER B 160 -37.50 -24.34 -61.14
CA SER B 160 -37.57 -25.56 -60.34
C SER B 160 -36.55 -25.45 -59.20
N TYR B 161 -37.04 -25.42 -57.96
CA TYR B 161 -36.20 -25.44 -56.77
C TYR B 161 -36.55 -26.67 -55.96
N PRO B 162 -35.90 -27.81 -56.23
CA PRO B 162 -36.17 -29.01 -55.45
C PRO B 162 -35.62 -28.90 -54.03
N LYS B 163 -35.96 -29.91 -53.22
CA LYS B 163 -35.56 -29.89 -51.82
C LYS B 163 -34.04 -30.06 -51.71
N LEU B 164 -33.40 -29.10 -51.05
CA LEU B 164 -31.95 -29.09 -50.89
C LEU B 164 -31.58 -29.92 -49.66
N SER B 165 -30.60 -30.80 -49.81
CA SER B 165 -30.13 -31.61 -48.69
C SER B 165 -28.66 -31.95 -48.92
N LYS B 166 -27.79 -31.37 -48.11
CA LYS B 166 -26.36 -31.59 -48.21
C LYS B 166 -25.79 -31.73 -46.80
N SER B 167 -24.75 -32.54 -46.67
CA SER B 167 -24.15 -32.81 -45.37
C SER B 167 -22.63 -32.76 -45.49
N TYR B 168 -21.96 -32.61 -44.35
CA TYR B 168 -20.51 -32.62 -44.29
C TYR B 168 -20.08 -33.16 -42.93
N ILE B 169 -19.28 -34.21 -42.94
CA ILE B 169 -18.75 -34.81 -41.73
C ILE B 169 -17.35 -34.24 -41.51
N ASN B 170 -17.12 -33.66 -40.34
CA ASN B 170 -15.82 -33.04 -40.04
C ASN B 170 -14.76 -34.12 -39.86
N ASP B 171 -13.76 -34.10 -40.73
CA ASP B 171 -12.67 -35.08 -40.73
C ASP B 171 -11.32 -34.38 -40.74
N LYS B 172 -11.19 -33.30 -39.97
CA LYS B 172 -9.99 -32.48 -39.96
C LYS B 172 -9.18 -32.60 -38.67
N GLY B 173 -9.64 -33.40 -37.71
CA GLY B 173 -8.97 -33.49 -36.42
C GLY B 173 -9.03 -32.23 -35.60
N LYS B 174 -9.67 -31.18 -36.10
CA LYS B 174 -9.81 -29.92 -35.40
C LYS B 174 -11.20 -29.35 -35.70
N GLU B 175 -11.49 -28.19 -35.13
CA GLU B 175 -12.79 -27.57 -35.29
C GLU B 175 -12.91 -26.88 -36.65
N VAL B 176 -14.11 -26.86 -37.19
CA VAL B 176 -14.39 -26.27 -38.49
C VAL B 176 -15.48 -25.21 -38.32
N LEU B 177 -15.18 -23.99 -38.74
CA LEU B 177 -16.14 -22.88 -38.69
C LEU B 177 -16.93 -22.86 -39.99
N VAL B 178 -18.26 -22.90 -39.86
CA VAL B 178 -19.17 -22.92 -41.02
C VAL B 178 -20.07 -21.70 -40.94
N LEU B 179 -20.13 -20.95 -42.03
CA LEU B 179 -20.97 -19.76 -42.11
C LEU B 179 -21.96 -19.91 -43.27
N TRP B 180 -23.15 -19.35 -43.10
CA TRP B 180 -24.17 -19.37 -44.13
C TRP B 180 -25.08 -18.16 -43.96
N GLY B 181 -26.07 -18.05 -44.83
CA GLY B 181 -26.97 -16.91 -44.81
C GLY B 181 -28.37 -17.29 -45.22
N ILE B 182 -29.33 -16.53 -44.71
CA ILE B 182 -30.75 -16.70 -45.03
C ILE B 182 -31.24 -15.42 -45.68
N HIS B 183 -31.89 -15.53 -46.85
CA HIS B 183 -32.34 -14.39 -47.61
C HIS B 183 -33.80 -14.09 -47.31
N HIS B 184 -34.11 -12.81 -47.13
CA HIS B 184 -35.47 -12.34 -46.84
C HIS B 184 -35.85 -11.31 -47.89
N PRO B 185 -36.59 -11.70 -48.93
CA PRO B 185 -36.89 -10.76 -50.02
C PRO B 185 -37.85 -9.67 -49.59
N SER B 186 -38.03 -8.69 -50.49
CA SER B 186 -38.90 -7.55 -50.21
C SER B 186 -40.35 -7.81 -50.61
N THR B 187 -40.59 -8.38 -51.79
CA THR B 187 -41.92 -8.70 -52.24
C THR B 187 -41.98 -10.18 -52.60
N SER B 188 -43.20 -10.73 -52.58
CA SER B 188 -43.38 -12.12 -53.01
C SER B 188 -43.08 -12.29 -54.50
N ALA B 189 -43.08 -11.21 -55.27
CA ALA B 189 -42.61 -11.27 -56.65
C ALA B 189 -41.12 -11.57 -56.71
N ASP B 190 -40.33 -10.87 -55.88
CA ASP B 190 -38.91 -11.19 -55.77
C ASP B 190 -38.71 -12.58 -55.19
N GLN B 191 -39.62 -13.04 -54.34
CA GLN B 191 -39.53 -14.38 -53.78
C GLN B 191 -39.63 -15.44 -54.88
N GLN B 192 -40.65 -15.35 -55.72
CA GLN B 192 -40.84 -16.34 -56.76
C GLN B 192 -39.76 -16.22 -57.85
N SER B 193 -39.23 -15.02 -58.06
CA SER B 193 -38.22 -14.82 -59.10
C SER B 193 -36.91 -15.53 -58.79
N LEU B 194 -36.65 -15.86 -57.53
CA LEU B 194 -35.40 -16.48 -57.14
C LEU B 194 -35.54 -17.92 -56.68
N TYR B 195 -36.67 -18.29 -56.09
CA TYR B 195 -36.82 -19.62 -55.49
C TYR B 195 -38.07 -20.37 -55.94
N GLN B 196 -39.03 -19.70 -56.58
CA GLN B 196 -40.17 -20.34 -57.24
C GLN B 196 -41.18 -20.90 -56.25
N ASN B 197 -40.84 -20.94 -54.97
CA ASN B 197 -41.73 -21.43 -53.93
C ASN B 197 -42.08 -20.26 -53.02
N ALA B 198 -43.36 -19.88 -53.01
CA ALA B 198 -43.78 -18.74 -52.20
C ALA B 198 -43.75 -19.03 -50.71
N ASP B 199 -43.74 -20.31 -50.32
CA ASP B 199 -43.67 -20.70 -48.92
C ASP B 199 -42.47 -21.63 -48.76
N THR B 200 -41.41 -21.13 -48.13
CA THR B 200 -40.17 -21.86 -47.99
C THR B 200 -39.80 -22.04 -46.53
N TYR B 201 -38.73 -22.81 -46.30
CA TYR B 201 -38.20 -23.03 -44.97
C TYR B 201 -36.76 -23.50 -45.12
N VAL B 202 -35.90 -23.07 -44.20
CA VAL B 202 -34.50 -23.47 -44.17
C VAL B 202 -34.23 -24.16 -42.84
N PHE B 203 -33.40 -25.19 -42.87
CA PHE B 203 -33.05 -25.90 -41.64
C PHE B 203 -31.57 -26.23 -41.63
N VAL B 204 -30.91 -25.89 -40.52
CA VAL B 204 -29.52 -26.27 -40.27
C VAL B 204 -29.50 -27.05 -38.97
N GLY B 205 -28.73 -28.13 -38.94
CA GLY B 205 -28.70 -28.99 -37.77
C GLY B 205 -27.35 -29.67 -37.60
N SER B 206 -27.00 -29.92 -36.34
CA SER B 206 -25.83 -30.72 -36.00
C SER B 206 -26.10 -31.34 -34.63
N SER B 207 -25.07 -31.97 -34.06
CA SER B 207 -25.21 -32.49 -32.71
C SER B 207 -25.38 -31.37 -31.70
N ARG B 208 -24.85 -30.18 -32.01
CA ARG B 208 -24.90 -29.02 -31.13
C ARG B 208 -25.98 -28.02 -31.54
N TYR B 209 -26.10 -27.72 -32.83
CA TYR B 209 -26.94 -26.65 -33.34
C TYR B 209 -28.21 -27.23 -33.97
N SER B 210 -29.30 -26.49 -33.86
CA SER B 210 -30.57 -26.89 -34.44
C SER B 210 -31.46 -25.67 -34.56
N LYS B 211 -31.93 -25.37 -35.77
CA LYS B 211 -32.77 -24.20 -36.00
C LYS B 211 -33.45 -24.31 -37.35
N LYS B 212 -34.71 -23.87 -37.42
CA LYS B 212 -35.47 -23.84 -38.65
C LYS B 212 -35.79 -22.38 -39.00
N PHE B 213 -35.48 -21.99 -40.24
CA PHE B 213 -35.62 -20.61 -40.68
C PHE B 213 -36.83 -20.47 -41.59
N LYS B 214 -37.76 -19.61 -41.21
CA LYS B 214 -38.89 -19.24 -42.05
C LYS B 214 -38.69 -17.80 -42.50
N PRO B 215 -38.45 -17.54 -43.78
CA PRO B 215 -38.15 -16.16 -44.21
C PRO B 215 -39.32 -15.21 -43.99
N GLU B 216 -38.98 -13.96 -43.72
CA GLU B 216 -39.95 -12.89 -43.49
C GLU B 216 -39.85 -11.90 -44.65
N ILE B 217 -40.91 -11.80 -45.44
CA ILE B 217 -40.92 -11.04 -46.68
C ILE B 217 -41.73 -9.77 -46.48
N ALA B 218 -41.07 -8.63 -46.64
CA ALA B 218 -41.70 -7.31 -46.60
C ALA B 218 -40.67 -6.30 -47.08
N ILE B 219 -41.16 -5.11 -47.45
CA ILE B 219 -40.31 -4.07 -48.02
C ILE B 219 -39.73 -3.24 -46.89
N ARG B 220 -38.42 -3.36 -46.69
CA ARG B 220 -37.68 -2.53 -45.75
C ARG B 220 -37.14 -1.30 -46.48
N PRO B 221 -36.70 -0.28 -45.75
CA PRO B 221 -36.05 0.86 -46.40
C PRO B 221 -34.80 0.42 -47.16
N LYS B 222 -34.56 1.08 -48.29
CA LYS B 222 -33.44 0.71 -49.15
C LYS B 222 -32.12 0.98 -48.45
N VAL B 223 -31.29 -0.06 -48.38
CA VAL B 223 -29.94 0.03 -47.83
C VAL B 223 -29.00 -0.57 -48.87
N ARG B 224 -28.20 0.28 -49.52
CA ARG B 224 -27.39 -0.13 -50.66
C ARG B 224 -28.27 -0.71 -51.78
N ASP B 225 -29.38 0.00 -52.05
CA ASP B 225 -30.30 -0.34 -53.13
C ASP B 225 -30.89 -1.75 -52.96
N GLN B 226 -31.17 -2.12 -51.72
CA GLN B 226 -31.76 -3.43 -51.41
C GLN B 226 -32.96 -3.22 -50.49
N GLU B 227 -34.16 -3.41 -51.04
CA GLU B 227 -35.37 -3.39 -50.22
C GLU B 227 -35.48 -4.63 -49.33
N GLY B 228 -34.67 -5.66 -49.58
CA GLY B 228 -34.68 -6.86 -48.78
C GLY B 228 -33.52 -6.88 -47.78
N ARG B 229 -33.42 -8.00 -47.06
CA ARG B 229 -32.38 -8.20 -46.07
C ARG B 229 -31.79 -9.60 -46.21
N MET B 230 -30.73 -9.85 -45.45
CA MET B 230 -30.09 -11.17 -45.45
C MET B 230 -29.32 -11.33 -44.15
N ASN B 231 -29.81 -12.22 -43.28
CA ASN B 231 -29.12 -12.51 -42.04
C ASN B 231 -28.02 -13.54 -42.27
N TYR B 232 -26.95 -13.44 -41.47
CA TYR B 232 -25.81 -14.33 -41.59
C TYR B 232 -25.66 -15.13 -40.30
N TYR B 233 -25.31 -16.40 -40.44
CA TYR B 233 -25.22 -17.31 -39.30
C TYR B 233 -23.91 -18.08 -39.35
N TRP B 234 -23.52 -18.62 -38.20
CA TRP B 234 -22.27 -19.35 -38.08
C TRP B 234 -22.35 -20.30 -36.90
N THR B 235 -21.58 -21.39 -36.98
CA THR B 235 -21.52 -22.37 -35.92
C THR B 235 -20.24 -23.17 -36.07
N LEU B 236 -19.88 -23.90 -35.01
CA LEU B 236 -18.69 -24.73 -34.97
C LEU B 236 -19.07 -26.20 -35.10
N VAL B 237 -18.15 -26.98 -35.68
CA VAL B 237 -18.36 -28.40 -35.90
C VAL B 237 -17.22 -29.15 -35.23
N GLU B 238 -17.57 -30.00 -34.26
CA GLU B 238 -16.56 -30.74 -33.51
C GLU B 238 -15.85 -31.75 -34.41
N PRO B 239 -14.62 -32.14 -34.05
CA PRO B 239 -13.92 -33.17 -34.83
C PRO B 239 -14.65 -34.49 -34.81
N GLY B 240 -15.14 -34.92 -35.97
CA GLY B 240 -15.91 -36.14 -36.06
C GLY B 240 -17.40 -35.98 -35.91
N ASP B 241 -17.93 -34.81 -36.25
CA ASP B 241 -19.37 -34.54 -36.18
C ASP B 241 -19.89 -34.25 -37.58
N LYS B 242 -21.22 -34.22 -37.69
CA LYS B 242 -21.90 -33.98 -38.95
C LYS B 242 -22.78 -32.74 -38.83
N ILE B 243 -22.93 -32.02 -39.95
CA ILE B 243 -23.83 -30.89 -40.06
C ILE B 243 -24.72 -31.10 -41.28
N THR B 244 -26.01 -30.83 -41.12
CA THR B 244 -27.01 -31.10 -42.15
C THR B 244 -27.72 -29.83 -42.56
N PHE B 245 -27.66 -29.50 -43.85
CA PHE B 245 -28.43 -28.41 -44.42
C PHE B 245 -29.66 -28.97 -45.12
N GLU B 246 -30.75 -28.20 -45.07
CA GLU B 246 -32.01 -28.62 -45.69
C GLU B 246 -32.88 -27.40 -45.89
N ALA B 247 -33.30 -27.17 -47.13
CA ALA B 247 -34.07 -25.97 -47.44
C ALA B 247 -34.81 -26.16 -48.76
N THR B 248 -35.95 -25.50 -48.87
CA THR B 248 -36.69 -25.39 -50.12
C THR B 248 -36.48 -24.03 -50.80
N GLY B 249 -35.47 -23.27 -50.37
CA GLY B 249 -35.20 -21.96 -50.90
C GLY B 249 -34.69 -20.99 -49.85
N ASN B 250 -34.25 -19.81 -50.29
CA ASN B 250 -33.81 -18.72 -49.41
C ASN B 250 -32.57 -19.06 -48.59
N LEU B 251 -31.79 -20.05 -49.01
CA LEU B 251 -30.58 -20.45 -48.30
C LEU B 251 -29.35 -20.00 -49.07
N VAL B 252 -28.49 -19.24 -48.41
CA VAL B 252 -27.17 -18.89 -48.96
C VAL B 252 -26.22 -19.96 -48.44
N VAL B 253 -26.02 -21.01 -49.24
CA VAL B 253 -25.23 -22.16 -48.84
C VAL B 253 -23.77 -21.76 -48.66
N PRO B 254 -23.01 -22.46 -47.82
CA PRO B 254 -21.58 -22.19 -47.72
C PRO B 254 -20.85 -22.70 -48.95
N ARG B 255 -19.73 -22.03 -49.26
CA ARG B 255 -18.79 -22.51 -50.26
C ARG B 255 -17.44 -22.86 -49.67
N TYR B 256 -16.92 -22.01 -48.77
CA TYR B 256 -15.67 -22.27 -48.07
C TYR B 256 -15.90 -22.29 -46.57
N ALA B 257 -15.28 -23.25 -45.90
CA ALA B 257 -15.25 -23.34 -44.45
C ALA B 257 -13.82 -23.09 -43.99
N PHE B 258 -13.61 -23.24 -42.68
CA PHE B 258 -12.30 -22.98 -42.10
C PHE B 258 -12.04 -24.01 -41.00
N ALA B 259 -11.01 -24.84 -41.21
CA ALA B 259 -10.55 -25.77 -40.18
C ALA B 259 -9.61 -25.02 -39.25
N MET B 260 -10.08 -24.70 -38.05
CA MET B 260 -9.36 -23.81 -37.15
C MET B 260 -9.09 -24.49 -35.81
N GLU B 261 -8.27 -23.83 -35.00
CA GLU B 261 -7.94 -24.27 -33.65
C GLU B 261 -7.59 -23.03 -32.84
N ARG B 262 -8.53 -22.56 -32.03
CA ARG B 262 -8.38 -21.30 -31.32
C ARG B 262 -7.55 -21.50 -30.06
N ASN B 263 -6.50 -20.70 -29.91
CA ASN B 263 -5.62 -20.72 -28.76
C ASN B 263 -6.13 -19.71 -27.72
N ALA B 264 -5.31 -19.39 -26.71
CA ALA B 264 -5.74 -18.55 -25.60
C ALA B 264 -6.43 -17.28 -26.07
N GLY B 265 -7.37 -16.80 -25.25
CA GLY B 265 -8.14 -15.61 -25.57
C GLY B 265 -7.31 -14.36 -25.77
N SER B 266 -7.61 -13.63 -26.85
CA SER B 266 -6.92 -12.40 -27.17
C SER B 266 -7.93 -11.30 -27.49
N GLY B 267 -7.45 -10.18 -28.03
CA GLY B 267 -8.33 -9.09 -28.38
C GLY B 267 -8.24 -8.64 -29.83
N ILE B 268 -8.86 -7.51 -30.12
CA ILE B 268 -8.86 -6.90 -31.45
C ILE B 268 -8.46 -5.45 -31.29
N ILE B 269 -7.50 -5.00 -32.09
CA ILE B 269 -7.00 -3.63 -32.06
C ILE B 269 -7.56 -2.88 -33.26
N ILE B 270 -8.08 -1.68 -33.02
CA ILE B 270 -8.60 -0.80 -34.06
C ILE B 270 -7.75 0.45 -34.04
N SER B 271 -6.92 0.62 -35.07
CA SER B 271 -5.99 1.73 -35.10
C SER B 271 -5.47 1.94 -36.51
N ASP B 272 -5.22 3.21 -36.85
CA ASP B 272 -4.58 3.58 -38.10
C ASP B 272 -3.07 3.38 -38.06
N THR B 273 -2.51 2.99 -36.91
CA THR B 273 -1.09 2.77 -36.80
C THR B 273 -0.66 1.67 -37.76
N PRO B 274 0.38 1.88 -38.56
CA PRO B 274 0.80 0.86 -39.51
C PRO B 274 1.45 -0.33 -38.81
N VAL B 275 1.58 -1.41 -39.56
CA VAL B 275 2.22 -2.64 -39.08
C VAL B 275 3.70 -2.58 -39.41
N HIS B 276 4.50 -3.31 -38.64
CA HIS B 276 5.94 -3.33 -38.86
C HIS B 276 6.50 -4.61 -38.25
N ASP B 277 7.70 -4.97 -38.69
CA ASP B 277 8.36 -6.20 -38.25
C ASP B 277 9.14 -5.93 -36.98
N CYS B 278 8.67 -6.47 -35.87
CA CYS B 278 9.33 -6.37 -34.57
C CYS B 278 8.61 -7.30 -33.60
N ASN B 279 9.34 -7.76 -32.59
CA ASN B 279 8.78 -8.60 -31.55
C ASN B 279 8.51 -7.75 -30.30
N THR B 280 7.39 -8.04 -29.64
CA THR B 280 7.06 -7.38 -28.38
C THR B 280 6.16 -8.29 -27.55
N THR B 281 6.25 -8.14 -26.23
CA THR B 281 5.36 -8.87 -25.34
C THR B 281 4.12 -8.07 -24.97
N CYS B 282 4.13 -6.76 -25.21
CA CYS B 282 3.00 -5.89 -24.94
C CYS B 282 2.74 -5.04 -26.16
N GLN B 283 1.46 -4.92 -26.54
CA GLN B 283 1.04 -4.17 -27.71
C GLN B 283 -0.16 -3.30 -27.35
N THR B 284 -0.11 -2.03 -27.74
CA THR B 284 -1.20 -1.09 -27.54
C THR B 284 -1.63 -0.52 -28.89
N PRO B 285 -2.85 0.01 -28.99
CA PRO B 285 -3.34 0.48 -30.30
C PRO B 285 -2.46 1.54 -30.95
N LYS B 286 -1.80 2.39 -30.16
CA LYS B 286 -0.96 3.44 -30.73
C LYS B 286 0.50 3.03 -30.83
N GLY B 287 0.83 1.78 -30.55
CA GLY B 287 2.19 1.31 -30.67
C GLY B 287 2.50 0.26 -29.62
N ALA B 288 3.73 -0.24 -29.68
CA ALA B 288 4.20 -1.29 -28.79
C ALA B 288 5.03 -0.72 -27.66
N ILE B 289 5.07 -1.46 -26.56
CA ILE B 289 5.79 -1.07 -25.35
C ILE B 289 6.83 -2.14 -25.06
N ASN B 290 8.10 -1.78 -25.19
CA ASN B 290 9.22 -2.64 -24.78
C ASN B 290 9.71 -2.06 -23.45
N THR B 291 9.37 -2.75 -22.36
CA THR B 291 9.60 -2.22 -21.02
C THR B 291 9.53 -3.34 -20.00
N SER B 292 9.98 -3.01 -18.78
CA SER B 292 9.88 -3.91 -17.64
C SER B 292 9.36 -3.19 -16.40
N LEU B 293 9.02 -1.91 -16.51
CA LEU B 293 8.49 -1.16 -15.37
C LEU B 293 7.07 -1.60 -15.06
N PRO B 294 6.62 -1.43 -13.80
CA PRO B 294 5.28 -1.91 -13.43
C PRO B 294 4.14 -1.01 -13.88
N PHE B 295 4.39 0.19 -14.37
CA PHE B 295 3.32 1.12 -14.70
C PHE B 295 3.56 1.75 -16.06
N GLN B 296 2.45 2.09 -16.74
CA GLN B 296 2.50 2.72 -18.05
C GLN B 296 1.29 3.64 -18.18
N ASN B 297 1.40 4.62 -19.08
CA ASN B 297 0.31 5.55 -19.34
C ASN B 297 0.10 5.76 -20.83
N ILE B 298 0.40 4.74 -21.63
CA ILE B 298 0.27 4.86 -23.08
C ILE B 298 -1.18 4.71 -23.51
N HIS B 299 -1.82 3.60 -23.11
CA HIS B 299 -3.20 3.33 -23.48
C HIS B 299 -3.77 2.31 -22.52
N PRO B 300 -5.02 2.46 -22.07
CA PRO B 300 -5.58 1.45 -21.15
C PRO B 300 -5.92 0.14 -21.85
N ILE B 301 -6.25 0.17 -23.13
CA ILE B 301 -6.55 -1.05 -23.86
C ILE B 301 -5.22 -1.66 -24.31
N THR B 302 -4.88 -2.81 -23.75
CA THR B 302 -3.64 -3.49 -24.06
C THR B 302 -3.91 -4.95 -24.37
N ILE B 303 -2.97 -5.59 -25.07
CA ILE B 303 -3.03 -7.02 -25.38
C ILE B 303 -1.65 -7.60 -25.09
N GLY B 304 -1.56 -8.42 -24.05
CA GLY B 304 -0.33 -9.09 -23.69
C GLY B 304 -0.02 -8.97 -22.22
N LYS B 305 1.15 -9.50 -21.86
CA LYS B 305 1.67 -9.41 -20.49
C LYS B 305 2.19 -7.99 -20.29
N CYS B 306 1.28 -7.07 -20.01
CA CYS B 306 1.52 -5.64 -20.04
C CYS B 306 1.58 -5.04 -18.64
N PRO B 307 2.19 -3.87 -18.49
CA PRO B 307 2.14 -3.15 -17.21
C PRO B 307 0.74 -2.59 -16.97
N LYS B 308 0.52 -2.17 -15.72
CA LYS B 308 -0.77 -1.63 -15.31
C LYS B 308 -0.90 -0.19 -15.76
N TYR B 309 -1.98 0.10 -16.50
CA TYR B 309 -2.22 1.47 -16.97
C TYR B 309 -2.60 2.36 -15.80
N VAL B 310 -1.97 3.53 -15.71
CA VAL B 310 -2.25 4.50 -14.67
C VAL B 310 -2.37 5.89 -15.29
N LYS B 311 -3.14 6.76 -14.64
CA LYS B 311 -3.32 8.13 -15.08
C LYS B 311 -2.13 9.03 -14.73
N SER B 312 -1.11 8.49 -14.06
CA SER B 312 0.03 9.31 -13.68
C SER B 312 0.89 9.64 -14.90
N THR B 313 1.62 10.75 -14.79
CA THR B 313 2.51 11.20 -15.84
C THR B 313 3.98 11.13 -15.46
N LYS B 314 4.31 11.16 -14.16
CA LYS B 314 5.68 11.02 -13.69
C LYS B 314 5.66 10.24 -12.39
N LEU B 315 6.16 9.01 -12.43
CA LEU B 315 6.36 8.18 -11.24
C LEU B 315 7.87 7.98 -11.10
N ARG B 316 8.52 8.93 -10.44
CA ARG B 316 9.97 8.94 -10.34
C ARG B 316 10.36 8.52 -8.93
N LEU B 317 11.11 7.42 -8.84
CA LEU B 317 11.52 6.83 -7.58
C LEU B 317 12.96 7.22 -7.30
N ALA B 318 13.18 7.97 -6.23
CA ALA B 318 14.52 8.40 -5.88
C ALA B 318 15.34 7.22 -5.36
N THR B 319 16.62 7.17 -5.74
CA THR B 319 17.54 6.15 -5.27
C THR B 319 18.72 6.71 -4.49
N GLY B 320 19.12 7.94 -4.75
CA GLY B 320 20.25 8.56 -4.07
C GLY B 320 19.81 9.53 -3.00
N LEU B 321 20.72 10.45 -2.67
CA LEU B 321 20.54 11.41 -1.59
C LEU B 321 19.87 12.68 -2.12
N ARG B 322 19.53 13.56 -1.19
CA ARG B 322 19.06 14.89 -1.56
C ARG B 322 20.26 15.71 -2.01
N ASN B 323 20.23 16.16 -3.27
CA ASN B 323 21.40 16.81 -3.86
C ASN B 323 21.49 18.25 -3.36
N ILE B 324 22.60 18.56 -2.67
CA ILE B 324 22.83 19.91 -2.14
C ILE B 324 24.28 20.30 -2.40
N PRO B 325 24.61 20.86 -3.56
CA PRO B 325 25.98 21.34 -3.81
C PRO B 325 26.31 22.62 -3.03
N ASP C 1 40.59 -3.47 39.99
CA ASP C 1 40.16 -2.09 39.79
C ASP C 1 39.12 -1.90 38.68
N PRO C 2 39.13 -2.76 37.62
CA PRO C 2 37.98 -2.78 36.71
C PRO C 2 36.66 -2.86 37.44
N GLY C 3 35.86 -1.80 37.36
CA GLY C 3 34.74 -1.62 38.24
C GLY C 3 33.48 -2.36 37.78
N ASP C 4 32.40 -2.10 38.52
CA ASP C 4 31.12 -2.71 38.23
C ASP C 4 30.59 -2.22 36.89
N THR C 5 29.95 -3.11 36.14
CA THR C 5 29.47 -2.82 34.80
C THR C 5 27.98 -3.09 34.68
N LEU C 6 27.35 -2.40 33.72
CA LEU C 6 25.93 -2.57 33.40
C LEU C 6 25.77 -2.40 31.91
N CYS C 7 25.36 -3.46 31.23
CA CYS C 7 25.22 -3.47 29.78
C CYS C 7 23.75 -3.49 29.37
N ILE C 8 23.49 -3.03 28.15
CA ILE C 8 22.17 -3.08 27.53
C ILE C 8 22.27 -3.95 26.28
N GLY C 9 21.29 -4.83 26.09
CA GLY C 9 21.31 -5.73 24.95
C GLY C 9 19.92 -6.18 24.58
N TYR C 10 19.87 -7.08 23.59
CA TYR C 10 18.61 -7.59 23.05
C TYR C 10 18.69 -9.11 22.97
N HIS C 11 17.59 -9.71 22.49
CA HIS C 11 17.35 -11.14 22.56
C HIS C 11 18.00 -11.87 21.38
N ALA C 12 18.10 -13.19 21.49
CA ALA C 12 18.59 -14.06 20.43
C ALA C 12 18.26 -15.50 20.80
N ASN C 13 18.17 -16.35 19.77
CA ASN C 13 17.79 -17.75 19.96
C ASN C 13 18.16 -18.53 18.71
N ASN C 14 17.90 -19.85 18.73
CA ASN C 14 18.13 -20.73 17.59
C ASN C 14 17.01 -20.64 16.56
N SER C 15 16.19 -19.59 16.62
CA SER C 15 15.13 -19.42 15.65
C SER C 15 15.72 -19.24 14.25
N THR C 16 15.26 -20.08 13.32
CA THR C 16 15.67 -19.99 11.92
C THR C 16 14.59 -19.40 11.04
N ASP C 17 13.54 -18.82 11.63
CA ASP C 17 12.49 -18.18 10.86
C ASP C 17 13.06 -16.98 10.11
N THR C 18 12.85 -16.94 8.80
CA THR C 18 13.33 -15.85 7.96
C THR C 18 12.14 -15.04 7.46
N VAL C 19 12.39 -13.75 7.23
CA VAL C 19 11.41 -12.85 6.63
C VAL C 19 12.11 -11.99 5.59
N ASP C 20 11.32 -11.34 4.75
CA ASP C 20 11.82 -10.44 3.71
C ASP C 20 11.46 -9.00 4.05
N THR C 21 12.39 -8.09 3.78
CA THR C 21 12.19 -6.67 4.02
C THR C 21 12.41 -5.89 2.73
N VAL C 22 12.11 -4.59 2.79
CA VAL C 22 12.26 -3.75 1.62
C VAL C 22 13.72 -3.53 1.27
N LEU C 23 14.64 -3.70 2.23
CA LEU C 23 16.06 -3.48 2.00
C LEU C 23 16.87 -4.77 1.94
N GLU C 24 16.37 -5.86 2.50
CA GLU C 24 17.15 -7.09 2.58
C GLU C 24 16.21 -8.29 2.49
N LYS C 25 16.64 -9.31 1.76
CA LYS C 25 15.90 -10.56 1.64
C LYS C 25 16.48 -11.60 2.60
N ASN C 26 15.62 -12.53 3.03
CA ASN C 26 16.03 -13.67 3.83
C ASN C 26 16.73 -13.21 5.12
N VAL C 27 15.99 -12.45 5.93
CA VAL C 27 16.49 -11.94 7.20
C VAL C 27 15.98 -12.83 8.33
N THR C 28 16.89 -13.28 9.18
CA THR C 28 16.54 -14.21 10.25
C THR C 28 16.08 -13.42 11.47
N VAL C 29 14.84 -13.66 11.90
CA VAL C 29 14.26 -12.95 13.03
C VAL C 29 13.96 -13.92 14.15
N THR C 30 13.75 -13.37 15.34
CA THR C 30 13.56 -14.19 16.54
C THR C 30 12.13 -14.73 16.62
N HIS C 31 11.15 -13.94 16.21
CA HIS C 31 9.75 -14.34 16.25
C HIS C 31 9.02 -13.76 15.04
N SER C 32 7.95 -14.43 14.64
CA SER C 32 7.24 -14.08 13.41
C SER C 32 5.89 -14.77 13.41
N VAL C 33 5.03 -14.35 12.49
CA VAL C 33 3.73 -14.97 12.26
C VAL C 33 3.56 -15.19 10.77
N ASN C 34 2.54 -15.98 10.43
CA ASN C 34 2.19 -16.25 9.05
C ASN C 34 0.88 -15.54 8.73
N LEU C 35 0.90 -14.67 7.72
CA LEU C 35 -0.30 -13.99 7.26
C LEU C 35 -1.00 -14.71 6.12
N LEU C 36 -0.51 -15.90 5.75
CA LEU C 36 -0.97 -16.59 4.56
C LEU C 36 -1.37 -18.01 4.92
N GLU C 37 -2.59 -18.39 4.58
CA GLU C 37 -3.08 -19.74 4.84
C GLU C 37 -2.78 -20.61 3.61
N ASP C 38 -1.99 -21.66 3.81
CA ASP C 38 -1.65 -22.60 2.75
C ASP C 38 -2.10 -24.02 3.08
N LYS C 39 -2.97 -24.19 4.07
CA LYS C 39 -3.43 -25.50 4.52
C LYS C 39 -4.92 -25.66 4.25
N HIS C 40 -5.31 -26.84 3.79
CA HIS C 40 -6.71 -27.18 3.60
C HIS C 40 -6.92 -28.64 4.00
N ASN C 41 -8.09 -28.92 4.54
CA ASN C 41 -8.40 -30.24 5.07
C ASN C 41 -8.81 -31.24 3.99
N GLY C 42 -8.90 -30.83 2.74
CA GLY C 42 -9.27 -31.74 1.66
C GLY C 42 -10.65 -32.35 1.82
N LYS C 43 -11.60 -31.58 2.32
CA LYS C 43 -12.96 -32.07 2.54
C LYS C 43 -13.95 -30.98 2.16
N LEU C 44 -15.16 -31.41 1.82
CA LEU C 44 -16.28 -30.50 1.55
C LEU C 44 -17.20 -30.53 2.78
N CYS C 45 -17.15 -29.46 3.57
CA CYS C 45 -17.86 -29.41 4.85
C CYS C 45 -19.20 -28.70 4.70
N LYS C 46 -19.89 -28.57 5.83
CA LYS C 46 -21.19 -27.90 5.88
C LYS C 46 -20.99 -26.40 6.03
N LEU C 47 -21.44 -25.63 5.04
CA LEU C 47 -21.41 -24.18 5.12
C LEU C 47 -22.67 -23.68 5.81
N ARG C 48 -22.52 -22.60 6.59
CA ARG C 48 -23.59 -22.05 7.41
C ARG C 48 -24.23 -23.11 8.31
N GLY C 49 -23.49 -24.16 8.67
CA GLY C 49 -24.04 -25.25 9.44
C GLY C 49 -24.99 -26.15 8.69
N VAL C 50 -25.16 -25.94 7.38
CA VAL C 50 -26.09 -26.71 6.56
C VAL C 50 -25.30 -27.58 5.60
N ALA C 51 -25.65 -28.86 5.54
CA ALA C 51 -24.97 -29.79 4.65
C ALA C 51 -25.22 -29.41 3.19
N PRO C 52 -24.26 -29.68 2.31
CA PRO C 52 -24.43 -29.34 0.90
C PRO C 52 -25.22 -30.41 0.16
N LEU C 53 -25.47 -30.15 -1.11
CA LEU C 53 -26.20 -31.08 -1.98
C LEU C 53 -25.21 -31.75 -2.92
N HIS C 54 -25.04 -33.06 -2.76
CA HIS C 54 -24.17 -33.84 -3.62
C HIS C 54 -25.00 -34.59 -4.65
N LEU C 55 -24.53 -34.59 -5.89
CA LEU C 55 -25.26 -35.21 -6.99
C LEU C 55 -24.62 -36.48 -7.51
N GLY C 56 -23.53 -36.93 -6.90
CA GLY C 56 -22.93 -38.19 -7.29
C GLY C 56 -22.41 -38.14 -8.72
N LYS C 57 -22.99 -38.97 -9.58
CA LYS C 57 -22.60 -39.06 -10.99
C LYS C 57 -23.54 -38.30 -11.91
N CYS C 58 -24.45 -37.49 -11.35
CA CYS C 58 -25.38 -36.68 -12.11
C CYS C 58 -25.00 -35.21 -12.04
N ASN C 59 -25.51 -34.44 -12.98
CA ASN C 59 -25.40 -32.99 -12.94
C ASN C 59 -26.72 -32.40 -12.46
N ILE C 60 -26.83 -31.07 -12.52
CA ILE C 60 -28.04 -30.41 -12.02
C ILE C 60 -29.22 -30.71 -12.93
N ALA C 61 -28.98 -30.79 -14.25
CA ALA C 61 -30.08 -31.03 -15.19
C ALA C 61 -30.77 -32.36 -14.92
N GLY C 62 -30.00 -33.44 -14.82
CA GLY C 62 -30.60 -34.73 -14.56
C GLY C 62 -31.27 -34.82 -13.21
N TRP C 63 -30.71 -34.14 -12.20
CA TRP C 63 -31.26 -34.21 -10.85
C TRP C 63 -32.61 -33.51 -10.76
N ILE C 64 -32.78 -32.38 -11.46
CA ILE C 64 -34.04 -31.65 -11.38
C ILE C 64 -35.11 -32.32 -12.23
N LEU C 65 -34.72 -32.89 -13.38
CA LEU C 65 -35.69 -33.50 -14.27
C LEU C 65 -36.01 -34.94 -13.90
N GLY C 66 -35.12 -35.62 -13.20
CA GLY C 66 -35.38 -36.98 -12.76
C GLY C 66 -34.85 -38.04 -13.72
N ASN C 67 -33.59 -37.93 -14.10
CA ASN C 67 -32.96 -38.97 -14.89
C ASN C 67 -32.94 -40.28 -14.10
N PRO C 68 -33.08 -41.43 -14.77
CA PRO C 68 -33.15 -42.71 -14.05
C PRO C 68 -31.94 -43.01 -13.17
N GLU C 69 -30.80 -42.33 -13.38
CA GLU C 69 -29.63 -42.59 -12.56
C GLU C 69 -29.64 -41.81 -11.25
N CYS C 70 -30.29 -40.65 -11.22
CA CYS C 70 -30.29 -39.77 -10.07
C CYS C 70 -31.47 -39.99 -9.13
N GLU C 71 -32.24 -41.05 -9.36
CA GLU C 71 -33.37 -41.34 -8.47
C GLU C 71 -32.89 -41.75 -7.09
N SER C 72 -31.81 -42.52 -7.02
CA SER C 72 -31.25 -42.99 -5.75
C SER C 72 -30.66 -41.85 -4.91
N LEU C 73 -30.64 -40.62 -5.41
CA LEU C 73 -30.15 -39.48 -4.65
C LEU C 73 -31.28 -38.96 -3.77
N SER C 74 -31.09 -39.04 -2.45
CA SER C 74 -32.07 -38.56 -1.49
C SER C 74 -31.86 -37.06 -1.27
N THR C 75 -32.90 -36.27 -1.56
CA THR C 75 -32.83 -34.82 -1.49
C THR C 75 -33.33 -34.32 -0.14
N ALA C 76 -32.54 -33.50 0.52
CA ALA C 76 -32.95 -32.88 1.76
C ALA C 76 -33.87 -31.69 1.49
N SER C 77 -34.48 -31.16 2.54
CA SER C 77 -35.36 -30.01 2.42
C SER C 77 -34.61 -28.70 2.28
N SER C 78 -33.29 -28.70 2.48
CA SER C 78 -32.51 -27.49 2.33
C SER C 78 -31.04 -27.88 2.14
N TRP C 79 -30.29 -26.95 1.56
CA TRP C 79 -28.86 -27.14 1.37
C TRP C 79 -28.20 -25.77 1.28
N SER C 80 -26.88 -25.77 1.44
CA SER C 80 -26.08 -24.55 1.41
C SER C 80 -25.42 -24.31 0.06
N TYR C 81 -25.06 -25.38 -0.65
CA TYR C 81 -24.51 -25.27 -2.00
C TYR C 81 -24.58 -26.65 -2.65
N ILE C 82 -24.27 -26.69 -3.95
CA ILE C 82 -24.39 -27.90 -4.74
C ILE C 82 -23.00 -28.37 -5.17
N VAL C 83 -22.85 -29.68 -5.29
CA VAL C 83 -21.58 -30.29 -5.65
C VAL C 83 -21.79 -31.21 -6.84
N GLU C 84 -21.04 -30.98 -7.91
CA GLU C 84 -20.91 -31.91 -9.02
C GLU C 84 -19.50 -32.48 -9.06
N THR C 85 -19.30 -33.45 -9.94
CA THR C 85 -17.98 -33.99 -10.19
C THR C 85 -17.54 -33.66 -11.61
N PRO C 86 -16.23 -33.65 -11.89
CA PRO C 86 -15.79 -33.29 -13.24
C PRO C 86 -16.32 -34.21 -14.33
N SER C 87 -16.57 -35.48 -14.03
CA SER C 87 -17.00 -36.45 -15.02
C SER C 87 -18.49 -36.75 -14.97
N SER C 88 -19.25 -36.05 -14.12
CA SER C 88 -20.69 -36.28 -14.03
C SER C 88 -21.38 -35.71 -15.27
N ASP C 89 -21.98 -36.58 -16.08
CA ASP C 89 -22.62 -36.16 -17.32
C ASP C 89 -23.94 -36.89 -17.56
N ASN C 90 -24.66 -37.26 -16.50
CA ASN C 90 -25.96 -37.92 -16.63
C ASN C 90 -27.05 -36.88 -16.43
N GLY C 91 -27.26 -36.06 -17.46
CA GLY C 91 -28.27 -35.03 -17.43
C GLY C 91 -29.41 -35.29 -18.39
N THR C 92 -29.41 -34.58 -19.52
CA THR C 92 -30.45 -34.72 -20.53
C THR C 92 -30.11 -35.89 -21.43
N CYS C 93 -30.75 -37.04 -21.19
CA CYS C 93 -30.49 -38.23 -21.99
C CYS C 93 -31.12 -38.12 -23.38
N TYR C 94 -32.24 -37.42 -23.50
CA TYR C 94 -32.81 -37.14 -24.81
C TYR C 94 -32.23 -35.83 -25.32
N PRO C 95 -31.56 -35.82 -26.47
CA PRO C 95 -30.83 -34.61 -26.89
C PRO C 95 -31.74 -33.42 -27.13
N GLY C 96 -31.21 -32.24 -26.84
CA GLY C 96 -31.99 -31.02 -26.95
C GLY C 96 -31.25 -29.87 -26.29
N ASP C 97 -31.99 -28.82 -25.98
CA ASP C 97 -31.45 -27.64 -25.31
C ASP C 97 -32.23 -27.34 -24.06
N PHE C 98 -31.51 -26.98 -22.99
CA PHE C 98 -32.10 -26.59 -21.71
C PHE C 98 -32.08 -25.07 -21.64
N ILE C 99 -33.26 -24.45 -21.76
CA ILE C 99 -33.35 -23.01 -21.88
C ILE C 99 -32.95 -22.35 -20.57
N ASP C 100 -32.04 -21.37 -20.67
CA ASP C 100 -31.53 -20.64 -19.52
C ASP C 100 -31.05 -21.59 -18.43
N TYR C 101 -30.33 -22.63 -18.85
CA TYR C 101 -29.88 -23.67 -17.93
C TYR C 101 -28.90 -23.11 -16.89
N GLU C 102 -28.00 -22.23 -17.33
CA GLU C 102 -27.06 -21.63 -16.39
C GLU C 102 -27.78 -20.77 -15.37
N GLU C 103 -28.84 -20.07 -15.78
CA GLU C 103 -29.60 -19.24 -14.84
C GLU C 103 -30.37 -20.09 -13.85
N LEU C 104 -30.77 -21.30 -14.22
CA LEU C 104 -31.47 -22.17 -13.28
C LEU C 104 -30.53 -22.65 -12.19
N ARG C 105 -29.28 -22.97 -12.55
CA ARG C 105 -28.32 -23.42 -11.56
C ARG C 105 -28.03 -22.34 -10.52
N GLU C 106 -27.93 -21.08 -10.97
CA GLU C 106 -27.69 -19.98 -10.04
C GLU C 106 -28.87 -19.76 -9.10
N GLN C 107 -30.07 -20.17 -9.49
CA GLN C 107 -31.22 -20.05 -8.60
C GLN C 107 -31.32 -21.24 -7.63
N LEU C 108 -30.91 -22.42 -8.09
CA LEU C 108 -30.92 -23.61 -7.23
C LEU C 108 -29.70 -23.71 -6.33
N SER C 109 -28.76 -22.79 -6.45
CA SER C 109 -27.48 -22.90 -5.73
C SER C 109 -27.70 -23.08 -4.23
N SER C 110 -28.55 -22.26 -3.64
CA SER C 110 -28.88 -22.36 -2.22
C SER C 110 -30.38 -22.26 -2.04
N VAL C 111 -30.92 -23.09 -1.16
CA VAL C 111 -32.36 -23.20 -0.93
C VAL C 111 -32.61 -23.44 0.55
N SER C 112 -33.47 -22.62 1.15
CA SER C 112 -33.83 -22.76 2.56
C SER C 112 -35.14 -23.52 2.75
N SER C 113 -35.79 -23.94 1.67
CA SER C 113 -37.01 -24.74 1.77
C SER C 113 -37.22 -25.41 0.42
N PHE C 114 -37.18 -26.74 0.39
CA PHE C 114 -37.30 -27.50 -0.86
C PHE C 114 -38.23 -28.67 -0.62
N GLU C 115 -39.34 -28.72 -1.36
CA GLU C 115 -40.36 -29.73 -1.16
C GLU C 115 -40.87 -30.17 -2.52
N ARG C 116 -40.63 -31.43 -2.88
CA ARG C 116 -41.12 -31.99 -4.12
C ARG C 116 -42.52 -32.56 -3.93
N PHE C 117 -43.43 -32.21 -4.82
CA PHE C 117 -44.81 -32.69 -4.78
C PHE C 117 -45.28 -32.93 -6.20
N GLU C 118 -46.39 -33.66 -6.32
CA GLU C 118 -46.96 -34.02 -7.61
C GLU C 118 -47.99 -32.98 -8.00
N ILE C 119 -47.65 -32.14 -8.97
CA ILE C 119 -48.56 -31.08 -9.39
C ILE C 119 -49.67 -31.64 -10.28
N PHE C 120 -49.34 -32.53 -11.20
CA PHE C 120 -50.30 -33.18 -12.08
C PHE C 120 -50.19 -34.69 -11.91
N PRO C 121 -51.03 -35.30 -11.08
CA PRO C 121 -50.90 -36.75 -10.83
C PRO C 121 -50.97 -37.56 -12.10
N LYS C 122 -50.07 -38.54 -12.22
CA LYS C 122 -49.95 -39.33 -13.44
C LYS C 122 -51.25 -40.09 -13.74
N THR C 123 -51.89 -40.62 -12.70
CA THR C 123 -52.99 -41.56 -12.90
C THR C 123 -54.27 -40.86 -13.36
N SER C 124 -54.64 -39.75 -12.72
CA SER C 124 -55.97 -39.18 -12.86
C SER C 124 -56.01 -37.87 -13.64
N SER C 125 -54.89 -37.36 -14.13
CA SER C 125 -54.89 -36.06 -14.80
C SER C 125 -54.97 -36.16 -16.32
N TRP C 126 -54.59 -37.28 -16.92
CA TRP C 126 -54.55 -37.42 -18.38
C TRP C 126 -55.41 -38.62 -18.79
N PRO C 127 -56.73 -38.46 -18.76
CA PRO C 127 -57.61 -39.61 -19.08
C PRO C 127 -57.71 -39.86 -20.58
N ASN C 128 -57.65 -38.78 -21.37
CA ASN C 128 -57.76 -38.87 -22.82
C ASN C 128 -56.42 -39.07 -23.51
N HIS C 129 -55.32 -39.06 -22.76
CA HIS C 129 -53.98 -39.22 -23.32
C HIS C 129 -53.26 -40.39 -22.65
N ASP C 130 -52.44 -41.07 -23.43
CA ASP C 130 -51.68 -42.21 -22.94
C ASP C 130 -50.41 -41.70 -22.24
N SER C 131 -50.14 -42.25 -21.07
CA SER C 131 -48.99 -41.85 -20.26
C SER C 131 -48.24 -43.07 -19.76
N ASN C 132 -48.10 -44.09 -20.59
CA ASN C 132 -47.35 -45.28 -20.24
C ASN C 132 -46.29 -45.67 -21.27
N LYS C 133 -46.57 -45.46 -22.56
CA LYS C 133 -45.66 -45.80 -23.64
C LYS C 133 -44.81 -44.62 -24.07
N GLY C 134 -44.64 -43.62 -23.21
CA GLY C 134 -43.76 -42.51 -23.50
C GLY C 134 -42.36 -42.72 -22.98
N VAL C 135 -41.81 -43.91 -23.23
CA VAL C 135 -40.47 -44.27 -22.82
C VAL C 135 -39.64 -44.57 -24.06
N THR C 136 -38.33 -44.41 -23.93
CA THR C 136 -37.42 -44.56 -25.06
C THR C 136 -36.18 -45.34 -24.62
N ALA C 137 -35.43 -45.81 -25.62
CA ALA C 137 -34.16 -46.46 -25.38
C ALA C 137 -33.03 -45.47 -25.13
N ALA C 138 -33.28 -44.17 -25.28
CA ALA C 138 -32.27 -43.17 -25.02
C ALA C 138 -32.03 -42.95 -23.53
N CYS C 139 -33.04 -43.24 -22.70
CA CYS C 139 -32.96 -43.08 -21.25
C CYS C 139 -33.23 -44.44 -20.59
N PRO C 140 -32.29 -45.39 -20.69
CA PRO C 140 -32.55 -46.73 -20.18
C PRO C 140 -32.34 -46.82 -18.67
N HIS C 141 -33.25 -47.54 -18.01
CA HIS C 141 -33.17 -47.82 -16.58
C HIS C 141 -33.07 -49.33 -16.40
N ALA C 142 -31.87 -49.81 -16.10
CA ALA C 142 -31.59 -51.23 -15.95
C ALA C 142 -32.00 -52.01 -17.20
N GLY C 143 -31.64 -51.47 -18.36
CA GLY C 143 -31.90 -52.10 -19.64
C GLY C 143 -33.20 -51.72 -20.32
N ALA C 144 -34.29 -51.66 -19.55
CA ALA C 144 -35.60 -51.36 -20.11
C ALA C 144 -35.67 -49.91 -20.57
N LYS C 145 -36.63 -49.64 -21.45
CA LYS C 145 -36.87 -48.28 -21.92
C LYS C 145 -37.61 -47.50 -20.85
N SER C 146 -37.07 -46.34 -20.48
CA SER C 146 -37.63 -45.52 -19.41
C SER C 146 -37.64 -44.06 -19.86
N PHE C 147 -37.91 -43.17 -18.90
CA PHE C 147 -38.02 -41.74 -19.17
C PHE C 147 -37.69 -41.00 -17.88
N TYR C 148 -37.88 -39.67 -17.88
CA TYR C 148 -37.67 -38.89 -16.68
C TYR C 148 -38.75 -39.17 -15.65
N LYS C 149 -38.40 -39.00 -14.37
CA LYS C 149 -39.35 -39.24 -13.30
C LYS C 149 -40.30 -38.06 -13.11
N ASN C 150 -39.79 -36.83 -13.20
CA ASN C 150 -40.57 -35.64 -12.93
C ASN C 150 -41.34 -35.13 -14.13
N LEU C 151 -41.32 -35.85 -15.26
CA LEU C 151 -42.05 -35.46 -16.45
C LEU C 151 -42.86 -36.65 -16.96
N ILE C 152 -43.76 -36.37 -17.90
CA ILE C 152 -44.61 -37.38 -18.53
C ILE C 152 -44.66 -37.11 -20.02
N TRP C 153 -44.32 -38.12 -20.82
CA TRP C 153 -44.37 -38.00 -22.27
C TRP C 153 -45.74 -38.47 -22.75
N LEU C 154 -46.63 -37.51 -23.00
CA LEU C 154 -47.99 -37.82 -23.39
C LEU C 154 -48.06 -38.14 -24.88
N VAL C 155 -48.48 -39.37 -25.19
CA VAL C 155 -48.61 -39.85 -26.56
C VAL C 155 -50.09 -40.09 -26.84
N LYS C 156 -50.43 -40.12 -28.12
CA LYS C 156 -51.82 -40.29 -28.54
C LYS C 156 -52.40 -41.60 -28.03
N LYS C 157 -53.72 -41.62 -27.89
CA LYS C 157 -54.47 -42.78 -27.41
C LYS C 157 -55.27 -43.33 -28.58
N GLY C 158 -54.73 -44.35 -29.24
CA GLY C 158 -55.36 -44.89 -30.43
C GLY C 158 -55.03 -44.08 -31.67
N ASN C 159 -56.00 -43.28 -32.13
CA ASN C 159 -55.82 -42.36 -33.24
C ASN C 159 -56.43 -41.01 -32.89
N SER C 160 -56.14 -40.51 -31.69
CA SER C 160 -56.76 -39.28 -31.21
C SER C 160 -55.83 -38.57 -30.25
N TYR C 161 -55.74 -37.25 -30.41
CA TYR C 161 -55.03 -36.38 -29.48
C TYR C 161 -55.83 -35.09 -29.34
N PRO C 162 -56.73 -35.02 -28.36
CA PRO C 162 -57.56 -33.83 -28.21
C PRO C 162 -56.77 -32.65 -27.64
N LYS C 163 -57.42 -31.49 -27.62
CA LYS C 163 -56.80 -30.30 -27.07
C LYS C 163 -56.57 -30.46 -25.58
N LEU C 164 -55.31 -30.36 -25.17
CA LEU C 164 -54.95 -30.47 -23.76
C LEU C 164 -55.08 -29.10 -23.11
N SER C 165 -55.62 -29.09 -21.89
CA SER C 165 -55.78 -27.85 -21.14
C SER C 165 -55.82 -28.19 -19.66
N LYS C 166 -54.80 -27.74 -18.92
CA LYS C 166 -54.68 -28.04 -17.50
C LYS C 166 -54.14 -26.81 -16.80
N SER C 167 -54.49 -26.65 -15.52
CA SER C 167 -54.07 -25.50 -14.74
C SER C 167 -53.69 -25.95 -13.34
N TYR C 168 -52.89 -25.11 -12.68
CA TYR C 168 -52.51 -25.34 -11.29
C TYR C 168 -52.39 -23.98 -10.60
N ILE C 169 -52.95 -23.88 -9.41
CA ILE C 169 -52.91 -22.66 -8.60
C ILE C 169 -51.93 -22.88 -7.47
N ASN C 170 -50.89 -22.05 -7.42
CA ASN C 170 -49.87 -22.15 -6.39
C ASN C 170 -50.48 -21.87 -5.02
N ASP C 171 -50.49 -22.88 -4.16
CA ASP C 171 -51.09 -22.78 -2.82
C ASP C 171 -50.11 -23.26 -1.76
N LYS C 172 -48.84 -22.89 -1.90
CA LYS C 172 -47.80 -23.35 -1.01
C LYS C 172 -47.26 -22.25 -0.10
N GLY C 173 -47.70 -21.00 -0.29
CA GLY C 173 -47.12 -19.89 0.44
C GLY C 173 -45.69 -19.57 0.07
N LYS C 174 -45.11 -20.31 -0.86
CA LYS C 174 -43.77 -20.06 -1.35
C LYS C 174 -43.71 -20.44 -2.82
N GLU C 175 -42.63 -20.04 -3.49
CA GLU C 175 -42.52 -20.26 -4.92
C GLU C 175 -42.52 -21.75 -5.25
N VAL C 176 -42.92 -22.06 -6.48
CA VAL C 176 -43.01 -23.44 -6.97
C VAL C 176 -42.31 -23.50 -8.32
N LEU C 177 -41.25 -24.30 -8.40
CA LEU C 177 -40.51 -24.47 -9.64
C LEU C 177 -41.20 -25.55 -10.49
N VAL C 178 -41.56 -25.20 -11.72
CA VAL C 178 -42.23 -26.10 -12.64
C VAL C 178 -41.41 -26.20 -13.91
N LEU C 179 -41.23 -27.42 -14.41
CA LEU C 179 -40.46 -27.66 -15.62
C LEU C 179 -41.26 -28.56 -16.56
N TRP C 180 -41.11 -28.32 -17.86
CA TRP C 180 -41.81 -29.09 -18.88
C TRP C 180 -40.88 -29.25 -20.08
N GLY C 181 -41.41 -29.83 -21.16
CA GLY C 181 -40.61 -30.09 -22.34
C GLY C 181 -41.41 -29.94 -23.61
N ILE C 182 -40.68 -29.75 -24.72
CA ILE C 182 -41.25 -29.61 -26.05
C ILE C 182 -40.50 -30.54 -26.98
N HIS C 183 -41.21 -31.52 -27.54
CA HIS C 183 -40.59 -32.51 -28.41
C HIS C 183 -40.64 -32.06 -29.86
N HIS C 184 -39.52 -32.21 -30.57
CA HIS C 184 -39.42 -31.88 -31.99
C HIS C 184 -39.05 -33.13 -32.77
N PRO C 185 -40.01 -33.77 -33.43
CA PRO C 185 -39.74 -35.08 -34.05
C PRO C 185 -38.84 -34.94 -35.27
N SER C 186 -38.39 -36.10 -35.75
CA SER C 186 -37.47 -36.16 -36.89
C SER C 186 -38.21 -36.15 -38.23
N THR C 187 -39.27 -36.93 -38.36
CA THR C 187 -40.05 -37.00 -39.58
C THR C 187 -41.52 -36.77 -39.27
N SER C 188 -42.29 -36.45 -40.32
CA SER C 188 -43.73 -36.31 -40.16
C SER C 188 -44.40 -37.65 -39.91
N ALA C 189 -43.80 -38.74 -40.39
CA ALA C 189 -44.32 -40.06 -40.07
C ALA C 189 -44.17 -40.37 -38.59
N ASP C 190 -43.07 -39.91 -37.98
CA ASP C 190 -42.90 -40.02 -36.54
C ASP C 190 -43.87 -39.09 -35.81
N GLN C 191 -44.14 -37.91 -36.38
CA GLN C 191 -45.11 -37.00 -35.80
C GLN C 191 -46.51 -37.62 -35.79
N GLN C 192 -46.93 -38.18 -36.93
CA GLN C 192 -48.26 -38.77 -37.02
C GLN C 192 -48.39 -40.01 -36.14
N SER C 193 -47.30 -40.76 -35.97
CA SER C 193 -47.36 -41.97 -35.15
C SER C 193 -47.44 -41.67 -33.66
N LEU C 194 -47.10 -40.45 -33.25
CA LEU C 194 -47.09 -40.08 -31.84
C LEU C 194 -48.24 -39.16 -31.44
N TYR C 195 -48.65 -38.23 -32.31
CA TYR C 195 -49.64 -37.24 -31.93
C TYR C 195 -50.83 -37.14 -32.88
N GLN C 196 -50.81 -37.82 -34.02
CA GLN C 196 -51.97 -38.01 -34.88
C GLN C 196 -52.39 -36.71 -35.59
N ASN C 197 -51.75 -35.60 -35.26
CA ASN C 197 -52.07 -34.30 -35.85
C ASN C 197 -50.83 -33.76 -36.54
N ALA C 198 -50.95 -33.43 -37.83
CA ALA C 198 -49.80 -32.97 -38.60
C ALA C 198 -49.35 -31.58 -38.18
N ASP C 199 -50.27 -30.76 -37.68
CA ASP C 199 -49.97 -29.40 -37.24
C ASP C 199 -50.37 -29.25 -35.78
N THR C 200 -49.44 -28.82 -34.94
CA THR C 200 -49.66 -28.71 -33.51
C THR C 200 -49.20 -27.33 -33.02
N TYR C 201 -49.54 -27.04 -31.76
CA TYR C 201 -49.06 -25.86 -31.08
C TYR C 201 -49.19 -26.08 -29.58
N VAL C 202 -48.20 -25.60 -28.82
CA VAL C 202 -48.18 -25.72 -27.37
C VAL C 202 -48.16 -24.32 -26.77
N PHE C 203 -48.92 -24.12 -25.71
CA PHE C 203 -49.01 -22.82 -25.05
C PHE C 203 -48.90 -23.01 -23.54
N VAL C 204 -47.94 -22.31 -22.95
CA VAL C 204 -47.79 -22.22 -21.49
C VAL C 204 -47.91 -20.76 -21.10
N GLY C 205 -48.68 -20.49 -20.04
CA GLY C 205 -48.91 -19.12 -19.64
C GLY C 205 -49.24 -18.94 -18.17
N SER C 206 -48.72 -17.87 -17.58
CA SER C 206 -49.04 -17.47 -16.22
C SER C 206 -49.04 -15.95 -16.15
N SER C 207 -49.08 -15.42 -14.92
CA SER C 207 -49.04 -13.97 -14.77
C SER C 207 -47.66 -13.39 -15.05
N ARG C 208 -46.62 -14.21 -15.05
CA ARG C 208 -45.27 -13.79 -15.40
C ARG C 208 -44.81 -14.30 -16.76
N TYR C 209 -45.27 -15.49 -17.16
CA TYR C 209 -44.77 -16.18 -18.35
C TYR C 209 -45.92 -16.38 -19.34
N SER C 210 -45.61 -16.28 -20.63
CA SER C 210 -46.60 -16.50 -21.68
C SER C 210 -45.86 -16.72 -22.99
N LYS C 211 -46.07 -17.88 -23.62
CA LYS C 211 -45.35 -18.21 -24.84
C LYS C 211 -46.08 -19.32 -25.57
N LYS C 212 -46.13 -19.21 -26.90
CA LYS C 212 -46.69 -20.24 -27.77
C LYS C 212 -45.57 -20.93 -28.52
N PHE C 213 -45.64 -22.25 -28.63
CA PHE C 213 -44.60 -23.07 -29.22
C PHE C 213 -45.10 -23.74 -30.49
N LYS C 214 -44.26 -23.73 -31.52
CA LYS C 214 -44.53 -24.45 -32.76
C LYS C 214 -43.40 -25.45 -32.99
N PRO C 215 -43.66 -26.75 -32.95
CA PRO C 215 -42.58 -27.73 -33.11
C PRO C 215 -41.93 -27.65 -34.48
N GLU C 216 -40.66 -28.03 -34.54
CA GLU C 216 -39.87 -28.02 -35.76
C GLU C 216 -39.54 -29.45 -36.13
N ILE C 217 -40.07 -29.92 -37.26
CA ILE C 217 -39.91 -31.29 -37.72
C ILE C 217 -38.77 -31.32 -38.73
N ALA C 218 -37.65 -31.94 -38.36
CA ALA C 218 -36.51 -32.06 -39.25
C ALA C 218 -35.61 -33.18 -38.75
N ILE C 219 -34.73 -33.64 -39.65
CA ILE C 219 -33.85 -34.78 -39.38
C ILE C 219 -32.46 -34.25 -39.04
N ARG C 220 -32.09 -34.34 -37.77
CA ARG C 220 -30.77 -33.97 -37.28
C ARG C 220 -29.85 -35.19 -37.25
N PRO C 221 -28.54 -34.98 -37.15
CA PRO C 221 -27.62 -36.11 -36.98
C PRO C 221 -27.92 -36.87 -35.70
N LYS C 222 -27.53 -38.14 -35.69
CA LYS C 222 -27.86 -39.03 -34.58
C LYS C 222 -27.05 -38.66 -33.33
N VAL C 223 -27.77 -38.46 -32.23
CA VAL C 223 -27.17 -38.26 -30.91
C VAL C 223 -27.88 -39.20 -29.95
N ARG C 224 -27.17 -40.22 -29.48
CA ARG C 224 -27.77 -41.32 -28.71
C ARG C 224 -28.89 -41.99 -29.49
N ASP C 225 -28.65 -42.18 -30.79
CA ASP C 225 -29.59 -42.84 -31.70
C ASP C 225 -30.95 -42.14 -31.70
N GLN C 226 -30.91 -40.82 -31.82
CA GLN C 226 -32.13 -40.01 -31.91
C GLN C 226 -31.93 -38.95 -32.97
N GLU C 227 -32.70 -39.05 -34.06
CA GLU C 227 -32.68 -38.02 -35.09
C GLU C 227 -33.52 -36.80 -34.73
N GLY C 228 -34.33 -36.90 -33.67
CA GLY C 228 -35.12 -35.76 -33.20
C GLY C 228 -34.52 -35.15 -31.94
N ARG C 229 -35.11 -34.04 -31.52
CA ARG C 229 -34.66 -33.31 -30.35
C ARG C 229 -35.84 -33.04 -29.43
N MET C 230 -35.52 -32.49 -28.25
CA MET C 230 -36.54 -32.17 -27.26
C MET C 230 -36.00 -31.06 -26.36
N ASN C 231 -36.67 -29.92 -26.34
CA ASN C 231 -36.24 -28.79 -25.53
C ASN C 231 -36.86 -28.86 -24.14
N TYR C 232 -36.19 -28.23 -23.18
CA TYR C 232 -36.62 -28.23 -21.78
C TYR C 232 -36.71 -26.78 -21.29
N TYR C 233 -37.78 -26.48 -20.57
CA TYR C 233 -38.03 -25.13 -20.08
C TYR C 233 -38.37 -25.17 -18.60
N TRP C 234 -38.35 -24.01 -17.97
CA TRP C 234 -38.61 -23.91 -16.54
C TRP C 234 -39.08 -22.50 -16.21
N THR C 235 -39.92 -22.42 -15.18
CA THR C 235 -40.35 -21.12 -14.67
C THR C 235 -40.83 -21.30 -13.24
N LEU C 236 -40.81 -20.19 -12.50
CA LEU C 236 -41.25 -20.17 -11.10
C LEU C 236 -42.60 -19.50 -11.00
N VAL C 237 -43.50 -20.08 -10.22
CA VAL C 237 -44.86 -19.59 -10.07
C VAL C 237 -44.99 -18.88 -8.73
N GLU C 238 -45.53 -17.66 -8.75
CA GLU C 238 -45.65 -16.86 -7.54
C GLU C 238 -46.67 -17.48 -6.59
N PRO C 239 -46.52 -17.24 -5.28
CA PRO C 239 -47.52 -17.75 -4.32
C PRO C 239 -48.89 -17.15 -4.59
N GLY C 240 -49.84 -18.02 -4.90
CA GLY C 240 -51.20 -17.59 -5.19
C GLY C 240 -51.51 -17.40 -6.66
N ASP C 241 -50.58 -17.75 -7.55
CA ASP C 241 -50.74 -17.54 -8.98
C ASP C 241 -51.20 -18.83 -9.67
N LYS C 242 -51.68 -18.68 -10.89
CA LYS C 242 -52.13 -19.78 -11.73
C LYS C 242 -51.19 -19.93 -12.91
N ILE C 243 -51.00 -21.18 -13.35
CA ILE C 243 -50.23 -21.48 -14.56
C ILE C 243 -51.03 -22.46 -15.40
N THR C 244 -51.25 -22.11 -16.67
CA THR C 244 -52.08 -22.88 -17.57
C THR C 244 -51.23 -23.53 -18.66
N PHE C 245 -51.66 -24.71 -19.09
CA PHE C 245 -51.04 -25.43 -20.19
C PHE C 245 -52.08 -25.67 -21.27
N GLU C 246 -51.65 -25.59 -22.53
CA GLU C 246 -52.56 -25.76 -23.67
C GLU C 246 -51.73 -26.29 -24.83
N ALA C 247 -51.97 -27.54 -25.21
CA ALA C 247 -51.16 -28.19 -26.24
C ALA C 247 -52.01 -29.12 -27.07
N THR C 248 -51.89 -28.99 -28.40
CA THR C 248 -52.49 -29.93 -29.33
C THR C 248 -51.54 -31.06 -29.70
N GLY C 249 -50.55 -31.34 -28.85
CA GLY C 249 -49.55 -32.36 -29.12
C GLY C 249 -48.15 -31.83 -28.84
N ASN C 250 -47.20 -32.78 -28.83
CA ASN C 250 -45.78 -32.51 -28.69
C ASN C 250 -45.40 -31.91 -27.34
N LEU C 251 -46.20 -32.12 -26.30
CA LEU C 251 -45.93 -31.56 -24.99
C LEU C 251 -45.49 -32.69 -24.04
N VAL C 252 -44.29 -32.57 -23.51
CA VAL C 252 -43.83 -33.40 -22.41
C VAL C 252 -44.33 -32.74 -21.13
N VAL C 253 -45.41 -33.28 -20.57
CA VAL C 253 -46.14 -32.62 -19.50
C VAL C 253 -45.40 -32.79 -18.17
N PRO C 254 -45.53 -31.84 -17.25
CA PRO C 254 -44.91 -32.00 -15.93
C PRO C 254 -45.66 -33.00 -15.06
N ARG C 255 -44.91 -33.66 -14.18
CA ARG C 255 -45.48 -34.57 -13.20
C ARG C 255 -45.21 -34.15 -11.77
N TYR C 256 -44.00 -33.68 -11.47
CA TYR C 256 -43.64 -33.23 -10.13
C TYR C 256 -43.15 -31.80 -10.19
N ALA C 257 -43.57 -31.00 -9.22
CA ALA C 257 -43.12 -29.64 -9.04
C ALA C 257 -42.28 -29.55 -7.78
N PHE C 258 -41.87 -28.33 -7.43
CA PHE C 258 -40.99 -28.14 -6.28
C PHE C 258 -41.36 -26.82 -5.60
N ALA C 259 -42.05 -26.91 -4.47
CA ALA C 259 -42.34 -25.74 -3.64
C ALA C 259 -41.07 -25.33 -2.92
N MET C 260 -40.49 -24.20 -3.32
CA MET C 260 -39.17 -23.81 -2.84
C MET C 260 -39.17 -22.39 -2.29
N GLU C 261 -38.13 -22.09 -1.53
CA GLU C 261 -37.87 -20.75 -1.02
C GLU C 261 -36.37 -20.55 -1.11
N ARG C 262 -35.92 -19.87 -2.16
CA ARG C 262 -34.50 -19.81 -2.49
C ARG C 262 -33.73 -19.05 -1.43
N ASN C 263 -32.83 -19.74 -0.73
CA ASN C 263 -31.88 -19.08 0.15
C ASN C 263 -31.00 -18.14 -0.69
N ALA C 264 -30.39 -17.17 0.00
CA ALA C 264 -29.62 -16.14 -0.68
C ALA C 264 -28.47 -16.75 -1.47
N GLY C 265 -27.87 -15.92 -2.34
CA GLY C 265 -26.88 -16.35 -3.31
C GLY C 265 -25.76 -17.23 -2.80
N SER C 266 -25.53 -18.34 -3.49
CA SER C 266 -24.43 -19.25 -3.20
C SER C 266 -23.87 -19.74 -4.54
N GLY C 267 -23.05 -20.77 -4.49
CA GLY C 267 -22.42 -21.28 -5.70
C GLY C 267 -22.47 -22.79 -5.87
N ILE C 268 -21.72 -23.30 -6.84
CA ILE C 268 -21.68 -24.71 -7.17
C ILE C 268 -20.23 -25.12 -7.35
N ILE C 269 -19.81 -26.18 -6.65
CA ILE C 269 -18.42 -26.64 -6.67
C ILE C 269 -18.34 -27.93 -7.45
N ILE C 270 -17.43 -27.99 -8.42
CA ILE C 270 -17.22 -29.17 -9.23
C ILE C 270 -15.84 -29.72 -8.86
N SER C 271 -15.82 -30.79 -8.07
CA SER C 271 -14.57 -31.39 -7.65
C SER C 271 -14.82 -32.82 -7.18
N ASP C 272 -13.79 -33.65 -7.33
CA ASP C 272 -13.81 -35.02 -6.83
C ASP C 272 -13.61 -35.11 -5.32
N THR C 273 -13.42 -33.98 -4.65
CA THR C 273 -13.15 -34.00 -3.22
C THR C 273 -14.36 -34.56 -2.47
N PRO C 274 -14.16 -35.52 -1.56
CA PRO C 274 -15.30 -36.15 -0.89
C PRO C 274 -15.95 -35.21 0.11
N VAL C 275 -17.16 -35.59 0.52
CA VAL C 275 -17.92 -34.85 1.51
C VAL C 275 -17.59 -35.37 2.90
N HIS C 276 -17.94 -34.60 3.92
CA HIS C 276 -17.70 -35.01 5.29
C HIS C 276 -18.62 -34.22 6.22
N ASP C 277 -18.61 -34.61 7.49
CA ASP C 277 -19.40 -33.95 8.52
C ASP C 277 -18.47 -33.03 9.30
N CYS C 278 -18.51 -31.74 8.97
CA CYS C 278 -17.68 -30.74 9.63
C CYS C 278 -18.32 -29.37 9.43
N ASN C 279 -17.70 -28.35 10.00
CA ASN C 279 -18.17 -26.98 9.92
C ASN C 279 -17.04 -26.09 9.45
N THR C 280 -17.31 -25.25 8.46
CA THR C 280 -16.32 -24.29 8.00
C THR C 280 -17.04 -23.04 7.48
N THR C 281 -16.37 -21.91 7.60
CA THR C 281 -16.87 -20.64 7.10
C THR C 281 -16.38 -20.34 5.69
N CYS C 282 -15.66 -21.27 5.06
CA CYS C 282 -15.12 -21.07 3.73
C CYS C 282 -14.85 -22.42 3.09
N GLN C 283 -15.27 -22.59 1.84
CA GLN C 283 -15.16 -23.86 1.14
C GLN C 283 -14.57 -23.64 -0.25
N THR C 284 -13.61 -24.47 -0.63
CA THR C 284 -12.98 -24.46 -1.94
C THR C 284 -13.15 -25.83 -2.60
N PRO C 285 -12.97 -25.91 -3.93
CA PRO C 285 -13.06 -27.21 -4.59
C PRO C 285 -12.15 -28.28 -4.00
N LYS C 286 -10.91 -27.94 -3.66
CA LYS C 286 -9.96 -28.94 -3.19
C LYS C 286 -10.00 -29.16 -1.69
N GLY C 287 -10.74 -28.35 -0.94
CA GLY C 287 -10.84 -28.55 0.49
C GLY C 287 -11.48 -27.34 1.15
N ALA C 288 -11.50 -27.38 2.48
CA ALA C 288 -12.03 -26.29 3.29
C ALA C 288 -10.88 -25.58 3.99
N ILE C 289 -11.12 -24.31 4.33
CA ILE C 289 -10.09 -23.45 4.92
C ILE C 289 -10.64 -22.90 6.22
N ASN C 290 -10.34 -23.58 7.33
CA ASN C 290 -10.63 -23.06 8.66
C ASN C 290 -9.48 -22.12 9.03
N THR C 291 -9.77 -20.82 9.03
CA THR C 291 -8.70 -19.82 9.11
C THR C 291 -9.29 -18.48 9.52
N SER C 292 -8.38 -17.57 9.93
CA SER C 292 -8.72 -16.19 10.21
C SER C 292 -7.70 -15.23 9.62
N LEU C 293 -6.74 -15.72 8.84
CA LEU C 293 -5.78 -14.84 8.18
C LEU C 293 -6.45 -14.07 7.05
N PRO C 294 -5.92 -12.91 6.68
CA PRO C 294 -6.54 -12.12 5.60
C PRO C 294 -6.22 -12.61 4.19
N PHE C 295 -5.30 -13.56 4.01
CA PHE C 295 -4.91 -13.99 2.68
C PHE C 295 -4.81 -15.51 2.64
N GLN C 296 -5.01 -16.08 1.45
CA GLN C 296 -4.91 -17.52 1.25
C GLN C 296 -4.43 -17.78 -0.17
N ASN C 297 -3.98 -19.02 -0.43
CA ASN C 297 -3.52 -19.38 -1.76
C ASN C 297 -3.97 -20.78 -2.17
N ILE C 298 -5.07 -21.29 -1.62
CA ILE C 298 -5.49 -22.65 -1.91
C ILE C 298 -6.17 -22.73 -3.27
N HIS C 299 -7.20 -21.92 -3.49
CA HIS C 299 -7.97 -21.92 -4.72
C HIS C 299 -8.62 -20.55 -4.88
N PRO C 300 -8.71 -20.02 -6.09
CA PRO C 300 -9.32 -18.70 -6.28
C PRO C 300 -10.84 -18.71 -6.25
N ILE C 301 -11.46 -19.86 -6.50
CA ILE C 301 -12.93 -19.97 -6.52
C ILE C 301 -13.37 -20.46 -5.15
N THR C 302 -14.04 -19.59 -4.40
CA THR C 302 -14.45 -19.87 -3.02
C THR C 302 -15.95 -19.62 -2.87
N ILE C 303 -16.50 -20.10 -1.76
CA ILE C 303 -17.91 -19.86 -1.41
C ILE C 303 -17.96 -19.53 0.08
N GLY C 304 -18.41 -18.32 0.40
CA GLY C 304 -18.58 -17.89 1.78
C GLY C 304 -17.63 -16.76 2.14
N LYS C 305 -17.62 -16.46 3.43
CA LYS C 305 -16.73 -15.43 3.98
C LYS C 305 -15.32 -16.01 4.04
N CYS C 306 -14.48 -15.57 3.11
CA CYS C 306 -13.19 -16.19 2.84
C CYS C 306 -12.08 -15.14 2.82
N PRO C 307 -10.83 -15.58 2.93
CA PRO C 307 -9.69 -14.68 2.69
C PRO C 307 -9.51 -14.42 1.20
N LYS C 308 -8.69 -13.41 0.91
CA LYS C 308 -8.43 -13.04 -0.49
C LYS C 308 -7.38 -13.98 -1.09
N TYR C 309 -7.66 -14.48 -2.29
CA TYR C 309 -6.73 -15.36 -2.97
C TYR C 309 -5.59 -14.54 -3.56
N VAL C 310 -4.36 -14.91 -3.19
CA VAL C 310 -3.17 -14.24 -3.68
C VAL C 310 -2.22 -15.27 -4.28
N LYS C 311 -1.49 -14.87 -5.32
CA LYS C 311 -0.51 -15.73 -5.95
C LYS C 311 0.71 -15.97 -5.07
N SER C 312 0.77 -15.37 -3.89
CA SER C 312 1.93 -15.47 -3.04
C SER C 312 2.09 -16.88 -2.47
N THR C 313 3.34 -17.23 -2.15
CA THR C 313 3.65 -18.51 -1.53
C THR C 313 4.11 -18.39 -0.09
N LYS C 314 4.58 -17.22 0.33
CA LYS C 314 5.11 -17.02 1.68
C LYS C 314 4.85 -15.58 2.07
N LEU C 315 4.03 -15.38 3.09
CA LEU C 315 3.76 -14.07 3.68
C LEU C 315 4.09 -14.17 5.16
N ARG C 316 5.35 -13.90 5.51
CA ARG C 316 5.81 -14.02 6.88
C ARG C 316 6.02 -12.63 7.45
N LEU C 317 5.28 -12.33 8.51
CA LEU C 317 5.29 -11.01 9.14
C LEU C 317 6.11 -11.08 10.41
N ALA C 318 7.16 -10.26 10.49
CA ALA C 318 8.06 -10.31 11.64
C ALA C 318 7.43 -9.63 12.84
N THR C 319 7.45 -10.33 13.98
CA THR C 319 7.04 -9.75 15.26
C THR C 319 8.22 -9.45 16.17
N GLY C 320 9.23 -10.32 16.20
CA GLY C 320 10.41 -10.12 17.00
C GLY C 320 11.39 -9.17 16.37
N LEU C 321 12.66 -9.37 16.66
CA LEU C 321 13.74 -8.53 16.15
C LEU C 321 14.77 -9.38 15.42
N ARG C 322 15.73 -8.70 14.80
CA ARG C 322 16.77 -9.38 14.05
C ARG C 322 17.59 -10.28 14.97
N ASN C 323 17.74 -11.54 14.58
CA ASN C 323 18.39 -12.54 15.42
C ASN C 323 19.89 -12.52 15.20
N ILE C 324 20.64 -12.15 16.23
CA ILE C 324 22.10 -12.07 16.17
C ILE C 324 22.70 -12.73 17.40
N PRO C 325 22.91 -14.04 17.40
CA PRO C 325 23.50 -14.71 18.57
C PRO C 325 25.01 -14.53 18.61
N SER C 326 25.50 -13.90 19.68
CA SER C 326 26.93 -13.63 19.87
C SER C 326 27.51 -12.83 18.69
N GLY D 1 8.00 7.79 21.71
CA GLY D 1 7.89 7.38 20.32
C GLY D 1 9.13 6.66 19.81
N LEU D 2 9.46 6.89 18.54
CA LEU D 2 10.68 6.32 17.97
C LEU D 2 11.91 7.15 18.30
N PHE D 3 11.75 8.47 18.37
CA PHE D 3 12.86 9.37 18.65
C PHE D 3 12.97 9.72 20.12
N GLY D 4 12.03 9.28 20.95
CA GLY D 4 12.18 9.40 22.39
C GLY D 4 12.19 10.81 22.93
N ALA D 5 11.54 11.74 22.23
CA ALA D 5 11.41 13.11 22.71
C ALA D 5 9.98 13.43 23.13
N ILE D 6 9.02 13.27 22.22
CA ILE D 6 7.61 13.42 22.59
C ILE D 6 7.24 12.25 23.51
N ALA D 7 6.78 12.59 24.72
CA ALA D 7 6.54 11.60 25.77
C ALA D 7 7.79 10.78 26.09
N GLY D 8 8.96 11.26 25.66
CA GLY D 8 10.22 10.59 25.89
C GLY D 8 10.98 11.20 27.03
N PHE D 9 12.13 11.84 26.75
CA PHE D 9 12.80 12.56 27.82
C PHE D 9 12.07 13.86 28.16
N ILE D 10 11.45 14.50 27.17
CA ILE D 10 10.51 15.58 27.44
C ILE D 10 9.18 14.93 27.82
N GLU D 11 8.83 14.99 29.11
CA GLU D 11 7.74 14.17 29.61
C GLU D 11 6.38 14.67 29.13
N GLY D 12 6.16 15.98 29.15
CA GLY D 12 4.87 16.54 28.82
C GLY D 12 4.98 17.69 27.83
N GLY D 13 3.82 18.23 27.47
CA GLY D 13 3.71 19.39 26.63
C GLY D 13 3.12 20.56 27.39
N TRP D 14 3.18 21.73 26.74
CA TRP D 14 2.78 22.99 27.36
C TRP D 14 1.47 23.48 26.75
N THR D 15 0.52 23.85 27.61
CA THR D 15 -0.71 24.46 27.13
C THR D 15 -0.56 25.96 26.94
N GLY D 16 0.31 26.61 27.72
CA GLY D 16 0.47 28.05 27.64
C GLY D 16 1.11 28.54 26.36
N MET D 17 1.86 27.69 25.67
CA MET D 17 2.49 28.07 24.41
C MET D 17 1.52 27.76 23.29
N VAL D 18 0.71 28.75 22.92
CA VAL D 18 -0.27 28.60 21.86
C VAL D 18 0.21 29.20 20.54
N ASP D 19 1.47 29.63 20.47
CA ASP D 19 1.97 30.27 19.27
C ASP D 19 2.21 29.26 18.15
N GLY D 20 2.57 28.03 18.50
CA GLY D 20 2.85 27.04 17.49
C GLY D 20 3.04 25.68 18.10
N TRP D 21 3.59 24.76 17.30
CA TRP D 21 3.79 23.40 17.76
C TRP D 21 4.97 23.28 18.69
N TYR D 22 6.15 23.75 18.26
CA TYR D 22 7.36 23.65 19.04
C TYR D 22 7.85 25.04 19.43
N GLY D 23 8.51 25.14 20.59
CA GLY D 23 8.97 26.42 21.04
C GLY D 23 9.84 26.33 22.28
N TYR D 24 10.01 27.48 22.93
CA TYR D 24 10.89 27.62 24.07
C TYR D 24 10.14 28.20 25.26
N HIS D 25 10.69 27.96 26.45
CA HIS D 25 10.21 28.54 27.70
C HIS D 25 11.44 28.99 28.48
N HIS D 26 11.69 30.29 28.50
CA HIS D 26 12.89 30.84 29.12
C HIS D 26 12.59 31.31 30.54
N GLN D 27 13.66 31.52 31.30
CA GLN D 27 13.57 31.97 32.69
C GLN D 27 14.87 32.68 33.03
N ASN D 28 14.81 34.00 33.22
CA ASN D 28 16.01 34.78 33.50
C ASN D 28 15.62 35.94 34.41
N GLU D 29 16.51 36.93 34.50
CA GLU D 29 16.28 38.04 35.42
C GLU D 29 15.16 38.96 34.92
N GLN D 30 15.10 39.17 33.60
CA GLN D 30 14.18 40.14 33.02
C GLN D 30 12.75 39.63 32.90
N GLY D 31 12.51 38.34 33.07
CA GLY D 31 11.16 37.82 33.01
C GLY D 31 11.16 36.36 32.59
N SER D 32 9.99 35.91 32.16
CA SER D 32 9.81 34.54 31.70
C SER D 32 8.61 34.50 30.78
N GLY D 33 8.29 33.31 30.29
CA GLY D 33 7.15 33.14 29.39
C GLY D 33 7.46 32.22 28.23
N TYR D 34 6.46 31.93 27.42
CA TYR D 34 6.61 31.04 26.28
C TYR D 34 6.80 31.83 24.99
N ALA D 35 7.34 31.13 23.99
CA ALA D 35 7.52 31.65 22.64
C ALA D 35 7.85 30.47 21.73
N ALA D 36 7.24 30.43 20.56
CA ALA D 36 7.37 29.30 19.66
C ALA D 36 8.48 29.54 18.64
N ASP D 37 9.18 28.45 18.29
CA ASP D 37 10.18 28.47 17.23
C ASP D 37 9.45 28.35 15.90
N LEU D 38 9.19 29.49 15.26
CA LEU D 38 8.38 29.49 14.05
C LEU D 38 9.04 28.74 12.91
N LYS D 39 10.37 28.75 12.85
CA LYS D 39 11.06 28.08 11.75
C LYS D 39 10.80 26.58 11.75
N SER D 40 10.94 25.94 12.93
CA SER D 40 10.66 24.51 13.01
C SER D 40 9.16 24.23 12.93
N THR D 41 8.33 25.18 13.34
CA THR D 41 6.88 25.00 13.26
C THR D 41 6.39 25.15 11.82
N GLN D 42 6.87 26.17 11.12
CA GLN D 42 6.45 26.37 9.73
C GLN D 42 6.83 25.19 8.86
N ASN D 43 7.95 24.53 9.18
CA ASN D 43 8.35 23.34 8.41
C ASN D 43 7.39 22.18 8.65
N ALA D 44 7.06 21.91 9.91
CA ALA D 44 6.09 20.87 10.20
C ALA D 44 4.74 21.20 9.58
N ILE D 45 4.35 22.47 9.61
CA ILE D 45 3.09 22.88 8.98
C ILE D 45 3.12 22.61 7.49
N ASP D 46 4.14 23.13 6.79
CA ASP D 46 4.21 22.97 5.34
C ASP D 46 4.29 21.50 4.96
N GLY D 47 5.02 20.69 5.74
CA GLY D 47 5.11 19.28 5.42
C GLY D 47 3.81 18.54 5.65
N ILE D 48 3.20 18.73 6.83
CA ILE D 48 1.93 18.07 7.14
C ILE D 48 0.85 18.50 6.17
N THR D 49 0.81 19.79 5.83
CA THR D 49 -0.12 20.25 4.81
C THR D 49 0.08 19.52 3.51
N ASN D 50 1.34 19.40 3.07
CA ASN D 50 1.64 18.67 1.84
C ASN D 50 1.33 17.18 1.98
N LYS D 51 1.37 16.64 3.19
CA LYS D 51 1.03 15.25 3.39
C LYS D 51 -0.47 15.04 3.23
N VAL D 52 -1.28 15.86 3.91
CA VAL D 52 -2.73 15.71 3.86
C VAL D 52 -3.24 15.96 2.45
N ASN D 53 -2.71 16.99 1.79
CA ASN D 53 -3.14 17.29 0.43
C ASN D 53 -2.80 16.16 -0.53
N SER D 54 -1.58 15.62 -0.44
CA SER D 54 -1.18 14.53 -1.32
C SER D 54 -2.02 13.27 -1.09
N VAL D 55 -2.66 13.12 0.06
CA VAL D 55 -3.53 11.97 0.25
C VAL D 55 -4.92 12.25 -0.31
N ILE D 56 -5.36 13.51 -0.28
CA ILE D 56 -6.66 13.87 -0.84
C ILE D 56 -6.57 14.15 -2.35
N GLU D 57 -5.51 14.84 -2.79
CA GLU D 57 -5.44 15.26 -4.19
C GLU D 57 -5.21 14.07 -5.12
N LYS D 58 -4.36 13.12 -4.73
CA LYS D 58 -4.07 11.99 -5.61
C LYS D 58 -5.27 11.08 -5.81
N MET D 59 -6.41 11.38 -5.18
CA MET D 59 -7.66 10.68 -5.44
C MET D 59 -8.47 11.53 -6.40
N ASN D 60 -8.53 11.09 -7.67
CA ASN D 60 -9.32 11.77 -8.68
C ASN D 60 -10.25 10.77 -9.33
N THR D 61 -11.53 11.13 -9.41
CA THR D 61 -12.56 10.28 -9.96
C THR D 61 -13.26 10.99 -11.12
N GLN D 62 -14.01 10.22 -11.90
CA GLN D 62 -14.75 10.70 -13.05
C GLN D 62 -16.24 10.58 -12.80
N PHE D 63 -17.03 11.11 -13.72
CA PHE D 63 -18.48 11.00 -13.64
C PHE D 63 -18.88 9.56 -13.90
N THR D 64 -19.43 8.90 -12.89
CA THR D 64 -19.83 7.50 -13.02
C THR D 64 -21.18 7.29 -12.34
N ALA D 65 -21.99 6.42 -12.93
CA ALA D 65 -23.23 5.95 -12.32
C ALA D 65 -23.06 4.47 -12.00
N VAL D 66 -23.18 4.12 -10.73
CA VAL D 66 -23.00 2.73 -10.32
C VAL D 66 -24.29 1.92 -10.48
N GLY D 67 -25.44 2.58 -10.51
CA GLY D 67 -26.71 1.89 -10.57
C GLY D 67 -26.91 1.05 -11.82
N LYS D 68 -26.87 -0.27 -11.66
CA LYS D 68 -27.12 -1.21 -12.75
C LYS D 68 -28.36 -2.02 -12.40
N GLU D 69 -29.30 -2.08 -13.35
CA GLU D 69 -30.58 -2.76 -13.15
C GLU D 69 -30.65 -3.96 -14.08
N PHE D 70 -30.97 -5.12 -13.51
CA PHE D 70 -31.09 -6.36 -14.27
C PHE D 70 -32.43 -7.02 -13.96
N ASN D 71 -32.92 -7.80 -14.92
CA ASN D 71 -34.20 -8.48 -14.77
C ASN D 71 -33.98 -9.87 -14.16
N HIS D 72 -35.09 -10.60 -13.99
CA HIS D 72 -35.06 -11.86 -13.24
C HIS D 72 -34.34 -12.99 -13.98
N LEU D 73 -34.00 -12.81 -15.25
CA LEU D 73 -33.25 -13.81 -16.00
C LEU D 73 -31.79 -13.43 -16.21
N GLU D 74 -31.34 -12.37 -15.55
CA GLU D 74 -29.94 -11.96 -15.61
C GLU D 74 -29.28 -12.02 -14.23
N LYS D 75 -29.76 -12.93 -13.38
CA LYS D 75 -29.23 -13.06 -12.03
C LYS D 75 -27.73 -13.31 -12.03
N ARG D 76 -27.22 -13.99 -13.06
CA ARG D 76 -25.79 -14.27 -13.12
C ARG D 76 -24.97 -12.99 -13.16
N ILE D 77 -25.13 -12.20 -14.22
CA ILE D 77 -24.36 -10.96 -14.32
C ILE D 77 -24.77 -9.96 -13.25
N GLU D 78 -25.98 -10.11 -12.69
CA GLU D 78 -26.35 -9.30 -11.53
C GLU D 78 -25.43 -9.60 -10.35
N ASN D 79 -25.08 -10.88 -10.17
CA ASN D 79 -24.10 -11.23 -9.14
C ASN D 79 -22.70 -10.80 -9.55
N LEU D 80 -22.40 -10.77 -10.84
CA LEU D 80 -21.08 -10.30 -11.29
C LEU D 80 -20.93 -8.80 -11.02
N ASN D 81 -21.99 -8.02 -11.25
CA ASN D 81 -21.93 -6.60 -10.91
C ASN D 81 -21.82 -6.41 -9.40
N LYS D 82 -22.47 -7.27 -8.62
CA LYS D 82 -22.28 -7.23 -7.17
C LYS D 82 -20.85 -7.56 -6.78
N LYS D 83 -20.28 -8.60 -7.41
CA LYS D 83 -18.90 -8.96 -7.11
C LYS D 83 -17.93 -7.83 -7.44
N VAL D 84 -18.24 -7.04 -8.47
CA VAL D 84 -17.37 -5.93 -8.85
C VAL D 84 -17.45 -4.81 -7.82
N ASP D 85 -18.68 -4.45 -7.41
CA ASP D 85 -18.83 -3.43 -6.39
C ASP D 85 -18.32 -3.91 -5.03
N ASP D 86 -18.63 -5.15 -4.67
CA ASP D 86 -18.15 -5.68 -3.40
C ASP D 86 -16.63 -5.82 -3.39
N GLY D 87 -16.03 -6.16 -4.53
CA GLY D 87 -14.58 -6.27 -4.59
C GLY D 87 -13.89 -4.94 -4.39
N PHE D 88 -14.40 -3.88 -5.01
CA PHE D 88 -13.81 -2.55 -4.82
C PHE D 88 -14.01 -2.06 -3.39
N LEU D 89 -15.16 -2.39 -2.79
CA LEU D 89 -15.42 -1.98 -1.41
C LEU D 89 -14.41 -2.57 -0.45
N ASP D 90 -14.13 -3.86 -0.57
CA ASP D 90 -13.14 -4.50 0.29
C ASP D 90 -11.76 -3.88 0.09
N ILE D 91 -11.43 -3.51 -1.15
CA ILE D 91 -10.11 -2.97 -1.42
C ILE D 91 -9.98 -1.55 -0.86
N TRP D 92 -10.91 -0.67 -1.23
CA TRP D 92 -10.80 0.71 -0.79
C TRP D 92 -10.94 0.85 0.73
N THR D 93 -11.67 -0.06 1.37
CA THR D 93 -11.78 0.01 2.83
C THR D 93 -10.49 -0.45 3.49
N TYR D 94 -9.95 -1.59 3.07
CA TYR D 94 -8.71 -2.07 3.65
C TYR D 94 -7.55 -1.13 3.37
N ASN D 95 -7.56 -0.49 2.20
CA ASN D 95 -6.49 0.45 1.89
C ASN D 95 -6.61 1.73 2.71
N ALA D 96 -7.83 2.28 2.80
CA ALA D 96 -8.01 3.52 3.54
C ALA D 96 -7.70 3.33 5.02
N GLU D 97 -8.20 2.26 5.62
CA GLU D 97 -7.92 1.99 7.03
C GLU D 97 -6.42 1.86 7.28
N LEU D 98 -5.73 1.03 6.48
CA LEU D 98 -4.31 0.83 6.67
C LEU D 98 -3.51 2.09 6.36
N LEU D 99 -4.00 2.94 5.46
CA LEU D 99 -3.28 4.17 5.14
C LEU D 99 -3.31 5.15 6.31
N VAL D 100 -4.47 5.31 6.94
CA VAL D 100 -4.58 6.24 8.07
C VAL D 100 -3.82 5.71 9.27
N LEU D 101 -3.93 4.41 9.55
CA LEU D 101 -3.15 3.82 10.63
C LEU D 101 -1.66 4.07 10.42
N LEU D 102 -1.13 3.66 9.28
CA LEU D 102 0.31 3.72 9.05
C LEU D 102 0.82 5.16 9.01
N GLU D 103 0.05 6.08 8.41
CA GLU D 103 0.53 7.44 8.30
C GLU D 103 0.28 8.27 9.55
N ASN D 104 -0.70 7.89 10.37
CA ASN D 104 -0.81 8.54 11.68
C ASN D 104 0.39 8.19 12.55
N GLU D 105 0.82 6.94 12.52
CA GLU D 105 2.06 6.58 13.22
C GLU D 105 3.22 7.39 12.68
N ARG D 106 3.30 7.57 11.36
CA ARG D 106 4.38 8.36 10.79
C ARG D 106 4.26 9.83 11.17
N THR D 107 3.04 10.38 11.13
CA THR D 107 2.86 11.79 11.48
C THR D 107 3.30 12.07 12.90
N LEU D 108 2.94 11.18 13.83
CA LEU D 108 3.33 11.39 15.23
C LEU D 108 4.83 11.20 15.41
N ASP D 109 5.43 10.23 14.70
CA ASP D 109 6.88 10.11 14.73
C ASP D 109 7.56 11.31 14.09
N TYR D 110 6.89 11.96 13.13
CA TYR D 110 7.47 13.12 12.46
C TYR D 110 7.60 14.30 13.41
N HIS D 111 6.60 14.52 14.27
CA HIS D 111 6.74 15.53 15.31
C HIS D 111 7.82 15.16 16.31
N ASP D 112 7.84 13.89 16.74
CA ASP D 112 8.87 13.42 17.66
C ASP D 112 10.26 13.70 17.11
N SER D 113 10.45 13.49 15.80
CA SER D 113 11.73 13.80 15.18
C SER D 113 12.05 15.29 15.26
N ASN D 114 11.05 16.15 15.05
CA ASN D 114 11.31 17.58 15.01
C ASN D 114 11.64 18.13 16.39
N VAL D 115 10.95 17.64 17.44
CA VAL D 115 11.26 18.07 18.79
C VAL D 115 12.67 17.64 19.18
N LYS D 116 13.00 16.37 18.94
CA LYS D 116 14.36 15.90 19.20
C LYS D 116 15.38 16.72 18.43
N ASN D 117 15.12 17.01 17.15
CA ASN D 117 16.09 17.75 16.35
C ASN D 117 16.25 19.19 16.85
N LEU D 118 15.20 19.78 17.41
CA LEU D 118 15.32 21.12 17.96
C LEU D 118 16.22 21.12 19.19
N TYR D 119 16.08 20.10 20.04
CA TYR D 119 16.90 20.03 21.25
C TYR D 119 18.38 19.85 20.90
N GLU D 120 18.67 19.01 19.90
CA GLU D 120 20.06 18.79 19.51
C GLU D 120 20.70 20.07 18.99
N LYS D 121 19.93 20.95 18.35
CA LYS D 121 20.48 22.22 17.88
C LYS D 121 20.85 23.12 19.05
N VAL D 122 19.98 23.20 20.07
CA VAL D 122 20.29 24.02 21.23
C VAL D 122 21.46 23.44 22.01
N ARG D 123 21.56 22.11 22.07
CA ARG D 123 22.66 21.49 22.77
C ARG D 123 23.98 21.70 22.02
N SER D 124 23.95 21.57 20.69
CA SER D 124 25.15 21.76 19.88
C SER D 124 25.56 23.23 19.77
N GLN D 125 24.76 24.14 20.31
CA GLN D 125 25.13 25.56 20.41
C GLN D 125 25.68 25.94 21.77
N LEU D 126 25.16 25.34 22.84
CA LEU D 126 25.55 25.64 24.21
C LEU D 126 26.53 24.61 24.77
N LYS D 127 27.45 24.12 23.92
CA LYS D 127 28.27 22.95 24.22
C LYS D 127 28.77 22.90 25.66
N ASN D 128 29.48 23.94 26.09
CA ASN D 128 30.10 23.96 27.40
C ASN D 128 29.55 25.05 28.32
N ASN D 129 28.76 25.98 27.82
CA ASN D 129 28.26 27.09 28.61
C ASN D 129 26.93 26.81 29.29
N ALA D 130 26.40 25.59 29.18
CA ALA D 130 25.14 25.25 29.79
C ALA D 130 25.21 23.81 30.30
N LYS D 131 24.26 23.48 31.18
CA LYS D 131 24.22 22.17 31.83
C LYS D 131 22.92 21.48 31.46
N GLU D 132 23.02 20.34 30.78
CA GLU D 132 21.84 19.53 30.46
C GLU D 132 21.26 18.97 31.74
N ILE D 133 20.14 19.55 32.19
CA ILE D 133 19.48 19.07 33.41
C ILE D 133 18.41 18.03 33.12
N GLY D 134 18.25 17.63 31.87
CA GLY D 134 17.27 16.65 31.49
C GLY D 134 15.93 17.27 31.13
N ASN D 135 15.03 16.41 30.64
CA ASN D 135 13.69 16.75 30.22
C ASN D 135 13.63 18.05 29.40
N GLY D 136 14.65 18.28 28.58
CA GLY D 136 14.61 19.31 27.57
C GLY D 136 15.06 20.69 27.99
N CYS D 137 15.52 20.86 29.22
CA CYS D 137 15.95 22.17 29.69
C CYS D 137 17.47 22.25 29.76
N PHE D 138 17.97 23.47 29.68
CA PHE D 138 19.37 23.78 29.86
C PHE D 138 19.52 24.81 30.97
N GLU D 139 20.37 24.53 31.94
CA GLU D 139 20.75 25.53 32.93
C GLU D 139 22.00 26.24 32.44
N PHE D 140 21.96 27.56 32.41
CA PHE D 140 23.09 28.36 31.93
C PHE D 140 24.12 28.54 33.04
N TYR D 141 25.40 28.54 32.65
CA TYR D 141 26.50 28.83 33.55
C TYR D 141 26.91 30.30 33.54
N HIS D 142 26.04 31.18 33.04
CA HIS D 142 26.38 32.59 32.94
C HIS D 142 25.11 33.42 32.87
N LYS D 143 25.29 34.73 32.87
CA LYS D 143 24.17 35.65 32.68
C LYS D 143 23.67 35.57 31.25
N CYS D 144 22.36 35.37 31.08
CA CYS D 144 21.73 35.30 29.77
C CYS D 144 20.48 36.17 29.79
N ASP D 145 20.63 37.43 29.38
CA ASP D 145 19.53 38.37 29.37
C ASP D 145 18.63 38.08 28.17
N ASN D 146 17.69 38.99 27.88
CA ASN D 146 16.79 38.79 26.74
C ASN D 146 17.53 38.87 25.42
N THR D 147 18.65 39.61 25.38
CA THR D 147 19.46 39.65 24.16
C THR D 147 20.14 38.30 23.92
N CYS D 148 20.52 37.60 24.98
CA CYS D 148 21.13 36.28 24.82
C CYS D 148 20.09 35.23 24.44
N MET D 149 18.87 35.34 24.98
CA MET D 149 17.82 34.37 24.66
C MET D 149 17.43 34.44 23.19
N GLU D 150 17.09 35.64 22.71
CA GLU D 150 16.67 35.82 21.33
C GLU D 150 17.80 35.56 20.33
N SER D 151 19.03 35.36 20.80
CA SER D 151 20.11 34.89 19.95
C SER D 151 20.22 33.37 19.92
N VAL D 152 19.74 32.69 20.97
CA VAL D 152 19.71 31.24 20.96
C VAL D 152 18.53 30.73 20.17
N LYS D 153 17.35 31.35 20.35
CA LYS D 153 16.18 30.96 19.58
C LYS D 153 16.34 31.24 18.09
N ASN D 154 17.23 32.17 17.73
CA ASN D 154 17.39 32.61 16.35
C ASN D 154 18.59 31.95 15.67
N GLY D 155 19.55 31.44 16.44
CA GLY D 155 20.65 30.66 15.89
C GLY D 155 22.00 31.35 15.88
N THR D 156 22.14 32.51 16.50
CA THR D 156 23.39 33.27 16.50
C THR D 156 23.95 33.40 17.91
N TYR D 157 23.95 32.31 18.67
CA TYR D 157 24.54 32.33 20.00
C TYR D 157 26.06 32.46 19.89
N ASP D 158 26.60 33.49 20.54
CA ASP D 158 28.04 33.78 20.49
C ASP D 158 28.72 33.01 21.61
N TYR D 159 29.30 31.85 21.27
CA TYR D 159 29.96 31.03 22.29
C TYR D 159 31.18 31.70 22.90
N PRO D 160 32.13 32.24 22.12
CA PRO D 160 33.30 32.87 22.75
C PRO D 160 32.96 34.09 23.60
N LYS D 161 31.78 34.70 23.40
CA LYS D 161 31.41 35.86 24.20
C LYS D 161 31.21 35.49 25.66
N TYR D 162 30.60 34.34 25.93
CA TYR D 162 30.33 33.87 27.28
C TYR D 162 31.19 32.69 27.69
N SER D 163 32.19 32.32 26.88
CA SER D 163 32.98 31.13 27.17
C SER D 163 33.79 31.29 28.44
N GLU D 164 34.30 32.50 28.70
CA GLU D 164 35.10 32.73 29.90
C GLU D 164 34.23 32.79 31.15
N GLU D 165 33.09 33.48 31.09
CA GLU D 165 32.22 33.59 32.25
C GLU D 165 31.66 32.23 32.65
N ALA D 166 31.30 31.40 31.67
CA ALA D 166 30.77 30.08 31.97
C ALA D 166 31.86 29.13 32.45
N LYS D 167 33.10 29.35 32.02
CA LYS D 167 34.20 28.50 32.49
C LYS D 167 34.43 28.67 33.98
N LEU D 168 34.35 29.90 34.48
CA LEU D 168 34.64 30.14 35.90
C LEU D 168 33.52 29.62 36.78
N ASN D 169 32.26 29.83 36.39
CA ASN D 169 31.14 29.32 37.18
C ASN D 169 30.99 27.81 37.12
N ARG D 170 31.75 27.14 36.24
CA ARG D 170 31.67 25.69 36.11
C ARG D 170 32.59 24.99 37.10
N GLU D 171 33.86 25.38 37.16
CA GLU D 171 34.77 24.81 38.15
C GLU D 171 34.50 25.33 39.55
N GLU D 172 33.67 26.36 39.70
CA GLU D 172 33.27 26.80 41.03
C GLU D 172 32.32 25.81 41.67
N ILE D 173 31.45 25.18 40.87
CA ILE D 173 30.52 24.19 41.40
C ILE D 173 31.18 22.84 41.58
N ASP D 174 32.16 22.50 40.73
CA ASP D 174 32.88 21.24 40.86
C ASP D 174 33.68 21.16 42.16
N SER D 175 34.03 22.31 42.74
CA SER D 175 34.76 22.38 44.01
C SER D 175 36.06 21.57 43.98
N GLY E 1 16.21 16.40 7.72
CA GLY E 1 15.25 15.32 7.62
C GLY E 1 14.75 14.85 8.97
N LEU E 2 14.43 13.56 9.07
CA LEU E 2 14.04 13.00 10.35
C LEU E 2 15.24 12.85 11.28
N PHE E 3 16.35 12.36 10.75
CA PHE E 3 17.56 12.17 11.55
C PHE E 3 18.39 13.44 11.66
N GLY E 4 18.10 14.45 10.88
CA GLY E 4 18.68 15.77 11.08
C GLY E 4 20.16 15.87 10.81
N ALA E 5 20.68 15.11 9.85
CA ALA E 5 22.07 15.21 9.44
C ALA E 5 22.19 15.82 8.04
N ILE E 6 21.55 15.23 7.04
CA ILE E 6 21.54 15.79 5.70
C ILE E 6 20.58 16.98 5.68
N ALA E 7 21.05 18.11 5.15
CA ALA E 7 20.36 19.39 5.24
C ALA E 7 20.08 19.78 6.69
N GLY E 8 20.85 19.21 7.62
CA GLY E 8 20.71 19.49 9.04
C GLY E 8 21.96 20.09 9.62
N PHE E 9 22.64 19.37 10.52
CA PHE E 9 23.88 19.88 11.08
C PHE E 9 25.05 19.76 10.12
N ILE E 10 24.91 18.98 9.05
CA ILE E 10 25.86 18.98 7.95
C ILE E 10 25.20 19.76 6.82
N GLU E 11 25.65 20.99 6.59
CA GLU E 11 24.91 21.93 5.75
C GLU E 11 24.70 21.39 4.35
N GLY E 12 25.80 21.10 3.64
CA GLY E 12 25.72 20.69 2.25
C GLY E 12 26.53 19.43 1.99
N GLY E 13 26.53 19.03 0.72
CA GLY E 13 27.25 17.86 0.26
C GLY E 13 28.48 18.22 -0.56
N TRP E 14 29.28 17.19 -0.84
CA TRP E 14 30.58 17.35 -1.47
C TRP E 14 30.50 16.86 -2.91
N THR E 15 30.68 17.79 -3.86
CA THR E 15 30.77 17.37 -5.25
C THR E 15 32.10 16.72 -5.59
N GLY E 16 33.08 16.82 -4.70
CA GLY E 16 34.40 16.24 -4.93
C GLY E 16 34.47 14.76 -4.63
N MET E 17 33.83 14.34 -3.55
CA MET E 17 33.88 12.94 -3.15
C MET E 17 33.07 12.13 -4.15
N VAL E 18 33.77 11.50 -5.10
CA VAL E 18 33.12 10.79 -6.20
C VAL E 18 33.18 9.28 -6.04
N ASP E 19 33.75 8.78 -4.95
CA ASP E 19 33.89 7.33 -4.78
C ASP E 19 32.60 6.68 -4.30
N GLY E 20 31.77 7.40 -3.56
CA GLY E 20 30.56 6.80 -3.04
C GLY E 20 29.59 7.84 -2.53
N TRP E 21 28.62 7.36 -1.77
CA TRP E 21 27.57 8.24 -1.23
C TRP E 21 28.00 8.91 0.07
N TYR E 22 28.67 8.17 0.96
CA TYR E 22 29.13 8.71 2.23
C TYR E 22 30.64 8.53 2.36
N GLY E 23 31.29 9.51 2.96
CA GLY E 23 32.72 9.43 3.14
C GLY E 23 33.25 10.54 4.00
N TYR E 24 34.57 10.73 3.91
CA TYR E 24 35.27 11.67 4.77
C TYR E 24 36.08 12.64 3.93
N HIS E 25 36.42 13.78 4.55
CA HIS E 25 37.39 14.71 4.01
C HIS E 25 38.34 15.09 5.13
N HIS E 26 39.63 14.80 4.95
CA HIS E 26 40.63 15.06 5.96
C HIS E 26 41.65 16.06 5.44
N GLN E 27 42.37 16.68 6.37
CA GLN E 27 43.58 17.43 6.03
C GLN E 27 44.51 17.37 7.22
N ASN E 28 45.79 17.12 6.93
CA ASN E 28 46.81 17.03 7.96
C ASN E 28 48.11 17.59 7.37
N GLU E 29 49.22 17.34 8.07
CA GLU E 29 50.49 17.89 7.64
C GLU E 29 50.90 17.39 6.26
N GLN E 30 50.55 16.15 5.93
CA GLN E 30 51.06 15.51 4.73
C GLN E 30 50.01 15.40 3.61
N GLY E 31 49.02 16.28 3.59
CA GLY E 31 48.12 16.36 2.47
C GLY E 31 46.68 16.45 2.91
N SER E 32 45.78 16.30 1.93
CA SER E 32 44.34 16.38 2.16
C SER E 32 43.64 15.75 0.96
N GLY E 33 42.34 15.56 1.09
CA GLY E 33 41.55 14.99 0.01
C GLY E 33 40.34 14.26 0.54
N TYR E 34 39.50 13.84 -0.40
CA TYR E 34 38.28 13.11 -0.09
C TYR E 34 38.54 11.61 -0.15
N ALA E 35 37.64 10.87 0.49
CA ALA E 35 37.67 9.41 0.48
C ALA E 35 36.33 8.90 0.99
N ALA E 36 35.69 8.05 0.21
CA ALA E 36 34.38 7.53 0.57
C ALA E 36 34.50 6.31 1.47
N ASP E 37 33.55 6.18 2.40
CA ASP E 37 33.42 4.98 3.20
C ASP E 37 32.61 3.96 2.41
N LEU E 38 33.29 2.92 1.93
CA LEU E 38 32.62 1.94 1.08
C LEU E 38 31.76 0.98 1.88
N LYS E 39 32.08 0.76 3.16
CA LYS E 39 31.29 -0.15 3.98
C LYS E 39 29.83 0.32 4.06
N SER E 40 29.62 1.60 4.37
CA SER E 40 28.27 2.13 4.44
C SER E 40 27.71 2.40 3.05
N THR E 41 28.55 2.76 2.09
CA THR E 41 28.08 3.00 0.74
C THR E 41 27.52 1.72 0.12
N GLN E 42 28.26 0.62 0.28
CA GLN E 42 27.82 -0.65 -0.30
C GLN E 42 26.52 -1.12 0.34
N ASN E 43 26.39 -0.94 1.66
CA ASN E 43 25.15 -1.34 2.32
C ASN E 43 23.96 -0.55 1.79
N ALA E 44 24.13 0.76 1.58
CA ALA E 44 23.06 1.54 0.98
C ALA E 44 22.80 1.10 -0.45
N ILE E 45 23.87 0.87 -1.22
CA ILE E 45 23.70 0.40 -2.60
C ILE E 45 22.96 -0.93 -2.61
N ASP E 46 23.45 -1.90 -1.84
CA ASP E 46 22.79 -3.21 -1.80
C ASP E 46 21.36 -3.10 -1.29
N GLY E 47 21.09 -2.16 -0.39
CA GLY E 47 19.76 -1.99 0.15
C GLY E 47 18.81 -1.29 -0.79
N ILE E 48 19.27 -0.20 -1.41
CA ILE E 48 18.43 0.51 -2.38
C ILE E 48 18.18 -0.36 -3.61
N THR E 49 19.20 -1.08 -4.08
CA THR E 49 19.03 -1.96 -5.23
C THR E 49 17.95 -3.00 -4.95
N ASN E 50 17.94 -3.55 -3.74
CA ASN E 50 16.91 -4.52 -3.37
C ASN E 50 15.54 -3.86 -3.26
N LYS E 51 15.50 -2.57 -2.94
CA LYS E 51 14.23 -1.88 -2.78
C LYS E 51 13.56 -1.59 -4.12
N VAL E 52 14.33 -1.11 -5.10
CA VAL E 52 13.77 -0.85 -6.42
C VAL E 52 13.29 -2.14 -7.05
N ASN E 53 14.08 -3.22 -6.93
CA ASN E 53 13.67 -4.50 -7.48
C ASN E 53 12.40 -5.03 -6.82
N SER E 54 12.24 -4.80 -5.52
CA SER E 54 11.06 -5.31 -4.83
C SER E 54 9.79 -4.63 -5.31
N VAL E 55 9.87 -3.37 -5.75
CA VAL E 55 8.68 -2.71 -6.27
C VAL E 55 8.40 -3.15 -7.70
N ILE E 56 9.46 -3.26 -8.51
CA ILE E 56 9.30 -3.64 -9.91
C ILE E 56 8.80 -5.08 -10.02
N GLU E 57 9.45 -6.00 -9.31
CA GLU E 57 9.28 -7.43 -9.57
C GLU E 57 8.21 -8.08 -8.72
N LYS E 58 7.71 -7.41 -7.68
CA LYS E 58 6.51 -7.90 -7.01
C LYS E 58 5.25 -7.60 -7.81
N MET E 59 5.41 -6.96 -8.97
CA MET E 59 4.35 -6.77 -9.94
C MET E 59 4.50 -7.84 -11.02
N ASN E 60 3.64 -8.85 -10.99
CA ASN E 60 3.61 -9.87 -12.02
C ASN E 60 2.20 -9.99 -12.56
N THR E 61 2.07 -9.90 -13.88
CA THR E 61 0.78 -10.00 -14.55
C THR E 61 0.80 -11.20 -15.49
N GLN E 62 -0.40 -11.66 -15.84
CA GLN E 62 -0.58 -12.72 -16.82
C GLN E 62 -1.10 -12.12 -18.12
N PHE E 63 -1.10 -12.94 -19.17
CA PHE E 63 -1.59 -12.49 -20.46
C PHE E 63 -3.09 -12.21 -20.38
N THR E 64 -3.48 -11.01 -20.82
CA THR E 64 -4.88 -10.63 -20.83
C THR E 64 -5.12 -9.60 -21.92
N ALA E 65 -6.31 -9.63 -22.51
CA ALA E 65 -6.78 -8.61 -23.42
C ALA E 65 -7.90 -7.83 -22.75
N VAL E 66 -7.75 -6.50 -22.70
CA VAL E 66 -8.76 -5.66 -22.08
C VAL E 66 -9.91 -5.35 -23.03
N GLY E 67 -9.67 -5.42 -24.34
CA GLY E 67 -10.69 -5.06 -25.30
C GLY E 67 -11.89 -5.99 -25.35
N LYS E 68 -13.03 -5.50 -24.88
CA LYS E 68 -14.31 -6.18 -25.01
C LYS E 68 -15.22 -5.36 -25.92
N GLU E 69 -15.99 -6.05 -26.76
CA GLU E 69 -16.83 -5.41 -27.76
C GLU E 69 -18.29 -5.71 -27.49
N PHE E 70 -19.10 -4.64 -27.37
CA PHE E 70 -20.52 -4.76 -27.07
C PHE E 70 -21.31 -3.93 -28.06
N ASN E 71 -22.44 -4.48 -28.52
CA ASN E 71 -23.26 -3.81 -29.53
C ASN E 71 -24.18 -2.78 -28.85
N HIS E 72 -25.15 -2.27 -29.60
CA HIS E 72 -25.98 -1.17 -29.14
C HIS E 72 -27.07 -1.61 -28.17
N LEU E 73 -27.40 -2.89 -28.11
CA LEU E 73 -28.36 -3.41 -27.16
C LEU E 73 -27.70 -4.06 -25.94
N GLU E 74 -26.44 -3.71 -25.69
CA GLU E 74 -25.69 -4.22 -24.55
C GLU E 74 -25.05 -3.08 -23.77
N LYS E 75 -25.67 -1.89 -23.79
CA LYS E 75 -25.10 -0.73 -23.12
C LYS E 75 -24.94 -0.98 -21.63
N ARG E 76 -25.77 -1.84 -21.05
CA ARG E 76 -25.65 -2.14 -19.62
C ARG E 76 -24.31 -2.79 -19.30
N ILE E 77 -24.04 -3.96 -19.92
CA ILE E 77 -22.78 -4.65 -19.64
C ILE E 77 -21.59 -3.93 -20.28
N GLU E 78 -21.82 -3.03 -21.22
CA GLU E 78 -20.73 -2.18 -21.69
C GLU E 78 -20.34 -1.15 -20.63
N ASN E 79 -21.33 -0.61 -19.93
CA ASN E 79 -21.03 0.29 -18.82
C ASN E 79 -20.48 -0.48 -17.61
N LEU E 80 -20.87 -1.73 -17.44
CA LEU E 80 -20.26 -2.57 -16.41
C LEU E 80 -18.78 -2.78 -16.70
N ASN E 81 -18.46 -3.17 -17.93
CA ASN E 81 -17.06 -3.31 -18.33
C ASN E 81 -16.30 -2.01 -18.14
N LYS E 82 -16.94 -0.87 -18.44
CA LYS E 82 -16.30 0.41 -18.22
C LYS E 82 -16.06 0.65 -16.73
N LYS E 83 -17.00 0.22 -15.89
CA LYS E 83 -16.83 0.38 -14.45
C LYS E 83 -15.68 -0.47 -13.92
N VAL E 84 -15.45 -1.64 -14.52
CA VAL E 84 -14.32 -2.47 -14.11
C VAL E 84 -13.00 -1.85 -14.55
N ASP E 85 -12.91 -1.44 -15.81
CA ASP E 85 -11.67 -0.83 -16.31
C ASP E 85 -11.39 0.48 -15.59
N ASP E 86 -12.41 1.34 -15.46
CA ASP E 86 -12.22 2.58 -14.73
C ASP E 86 -11.98 2.33 -13.25
N GLY E 87 -12.49 1.21 -12.73
CA GLY E 87 -12.24 0.87 -11.34
C GLY E 87 -10.79 0.48 -11.08
N PHE E 88 -10.21 -0.33 -11.97
CA PHE E 88 -8.81 -0.69 -11.82
C PHE E 88 -7.89 0.50 -12.07
N LEU E 89 -8.30 1.41 -12.97
CA LEU E 89 -7.50 2.59 -13.24
C LEU E 89 -7.39 3.48 -12.00
N ASP E 90 -8.49 3.65 -11.27
CA ASP E 90 -8.46 4.50 -10.08
C ASP E 90 -7.59 3.89 -9.00
N ILE E 91 -7.65 2.58 -8.82
CA ILE E 91 -6.88 1.93 -7.75
C ILE E 91 -5.39 1.99 -8.07
N TRP E 92 -5.00 1.51 -9.25
CA TRP E 92 -3.58 1.46 -9.59
C TRP E 92 -2.95 2.85 -9.71
N THR E 93 -3.74 3.89 -9.97
CA THR E 93 -3.18 5.24 -9.99
C THR E 93 -2.96 5.76 -8.57
N TYR E 94 -3.94 5.56 -7.69
CA TYR E 94 -3.80 6.00 -6.32
C TYR E 94 -2.71 5.22 -5.58
N ASN E 95 -2.57 3.93 -5.88
CA ASN E 95 -1.55 3.14 -5.21
C ASN E 95 -0.16 3.54 -5.67
N ALA E 96 0.04 3.67 -6.99
CA ALA E 96 1.37 4.02 -7.49
C ALA E 96 1.76 5.44 -7.07
N GLU E 97 0.82 6.37 -7.10
CA GLU E 97 1.11 7.74 -6.67
C GLU E 97 1.53 7.77 -5.20
N LEU E 98 0.72 7.16 -4.32
CA LEU E 98 1.03 7.19 -2.90
C LEU E 98 2.28 6.42 -2.57
N LEU E 99 2.52 5.30 -3.28
CA LEU E 99 3.71 4.49 -3.01
C LEU E 99 4.98 5.30 -3.25
N VAL E 100 5.09 5.92 -4.44
CA VAL E 100 6.27 6.69 -4.75
C VAL E 100 6.38 7.92 -3.84
N LEU E 101 5.25 8.51 -3.45
CA LEU E 101 5.30 9.60 -2.48
C LEU E 101 5.87 9.13 -1.16
N LEU E 102 5.36 8.00 -0.64
CA LEU E 102 5.77 7.56 0.68
C LEU E 102 7.19 7.01 0.69
N GLU E 103 7.55 6.22 -0.31
CA GLU E 103 8.88 5.60 -0.30
C GLU E 103 9.98 6.56 -0.69
N ASN E 104 9.67 7.64 -1.40
CA ASN E 104 10.69 8.67 -1.61
C ASN E 104 11.04 9.34 -0.29
N GLU E 105 10.05 9.56 0.57
CA GLU E 105 10.33 10.07 1.91
C GLU E 105 11.18 9.08 2.69
N ARG E 106 10.81 7.80 2.66
CA ARG E 106 11.57 6.79 3.40
C ARG E 106 12.99 6.66 2.90
N THR E 107 13.20 6.75 1.58
CA THR E 107 14.55 6.58 1.06
C THR E 107 15.43 7.76 1.44
N LEU E 108 14.89 8.97 1.38
CA LEU E 108 15.68 10.13 1.79
C LEU E 108 16.02 10.08 3.28
N ASP E 109 15.12 9.51 4.10
CA ASP E 109 15.45 9.30 5.51
C ASP E 109 16.53 8.23 5.67
N TYR E 110 16.47 7.18 4.84
CA TYR E 110 17.45 6.11 4.94
C TYR E 110 18.86 6.63 4.68
N HIS E 111 19.01 7.56 3.73
CA HIS E 111 20.32 8.17 3.51
C HIS E 111 20.69 9.11 4.66
N ASP E 112 19.70 9.76 5.27
CA ASP E 112 19.96 10.59 6.44
C ASP E 112 20.42 9.73 7.61
N SER E 113 19.80 8.56 7.77
CA SER E 113 20.20 7.66 8.86
C SER E 113 21.64 7.19 8.69
N ASN E 114 22.05 6.85 7.47
CA ASN E 114 23.40 6.35 7.24
C ASN E 114 24.46 7.40 7.52
N VAL E 115 24.17 8.66 7.23
CA VAL E 115 25.13 9.72 7.52
C VAL E 115 25.22 9.95 9.02
N LYS E 116 24.07 9.96 9.70
CA LYS E 116 24.06 10.08 11.16
C LYS E 116 24.89 8.96 11.79
N ASN E 117 24.58 7.71 11.44
CA ASN E 117 25.27 6.58 12.05
C ASN E 117 26.76 6.59 11.71
N LEU E 118 27.11 6.96 10.48
CA LEU E 118 28.52 7.07 10.13
C LEU E 118 29.21 8.14 10.97
N TYR E 119 28.47 9.18 11.37
CA TYR E 119 29.06 10.22 12.21
C TYR E 119 29.27 9.72 13.63
N GLU E 120 28.33 8.94 14.16
CA GLU E 120 28.45 8.45 15.53
C GLU E 120 29.57 7.42 15.67
N LYS E 121 29.83 6.64 14.62
CA LYS E 121 30.95 5.70 14.68
C LYS E 121 32.28 6.43 14.83
N VAL E 122 32.38 7.64 14.31
CA VAL E 122 33.61 8.41 14.46
C VAL E 122 33.64 9.11 15.82
N ARG E 123 32.50 9.63 16.25
CA ARG E 123 32.46 10.35 17.53
C ARG E 123 32.78 9.42 18.70
N SER E 124 32.17 8.23 18.71
CA SER E 124 32.39 7.28 19.79
C SER E 124 33.79 6.67 19.77
N GLN E 125 34.62 6.98 18.78
CA GLN E 125 36.02 6.56 18.80
C GLN E 125 36.96 7.65 19.29
N LEU E 126 36.68 8.92 19.01
CA LEU E 126 37.55 10.03 19.33
C LEU E 126 37.09 10.78 20.59
N LYS E 127 36.70 10.03 21.62
CA LYS E 127 35.81 10.53 22.67
C LYS E 127 36.13 11.96 23.09
N ASN E 128 37.39 12.22 23.45
CA ASN E 128 37.83 13.58 23.73
C ASN E 128 39.21 13.86 23.15
N ASN E 129 39.75 12.98 22.32
CA ASN E 129 40.98 13.29 21.60
C ASN E 129 40.73 14.26 20.45
N ALA E 130 39.48 14.50 20.09
CA ALA E 130 39.13 15.40 19.02
C ALA E 130 37.97 16.28 19.46
N LYS E 131 37.83 17.42 18.79
CA LYS E 131 36.86 18.44 19.16
C LYS E 131 35.73 18.43 18.15
N GLU E 132 34.50 18.24 18.63
CA GLU E 132 33.32 18.37 17.77
C GLU E 132 33.11 19.84 17.46
N ILE E 133 33.66 20.30 16.34
CA ILE E 133 33.63 21.72 16.00
C ILE E 133 32.33 22.05 15.29
N GLY E 134 31.42 21.07 15.25
CA GLY E 134 30.16 21.25 14.54
C GLY E 134 30.33 21.04 13.05
N ASN E 135 29.21 21.15 12.34
CA ASN E 135 29.17 20.96 10.89
C ASN E 135 29.74 19.60 10.50
N GLY E 136 29.59 18.62 11.38
CA GLY E 136 30.05 17.27 11.11
C GLY E 136 31.54 17.15 10.88
N CYS E 137 32.34 17.94 11.60
CA CYS E 137 33.78 17.89 11.50
C CYS E 137 34.39 17.65 12.87
N PHE E 138 35.55 17.02 12.87
CA PHE E 138 36.32 16.78 14.08
C PHE E 138 37.69 17.43 13.93
N GLU E 139 38.08 18.23 14.92
CA GLU E 139 39.44 18.77 15.00
C GLU E 139 40.19 17.99 16.06
N PHE E 140 41.27 17.33 15.65
CA PHE E 140 42.04 16.49 16.57
C PHE E 140 42.88 17.33 17.50
N TYR E 141 43.01 16.86 18.75
CA TYR E 141 43.91 17.44 19.73
C TYR E 141 45.31 16.86 19.63
N HIS E 142 45.68 16.27 18.50
CA HIS E 142 46.99 15.66 18.32
C HIS E 142 47.30 15.58 16.84
N LYS E 143 48.57 15.30 16.53
CA LYS E 143 49.00 15.15 15.15
C LYS E 143 48.60 13.76 14.64
N CYS E 144 47.73 13.73 13.62
CA CYS E 144 47.15 12.51 13.09
C CYS E 144 47.60 12.35 11.65
N ASP E 145 48.61 11.51 11.43
CA ASP E 145 49.17 11.32 10.09
C ASP E 145 48.22 10.45 9.25
N ASN E 146 48.63 10.19 8.01
CA ASN E 146 47.79 9.40 7.11
C ASN E 146 47.58 7.98 7.63
N THR E 147 48.54 7.46 8.41
CA THR E 147 48.32 6.18 9.06
C THR E 147 47.20 6.27 10.11
N CYS E 148 47.18 7.37 10.86
CA CYS E 148 46.14 7.56 11.87
C CYS E 148 44.77 7.80 11.22
N MET E 149 44.75 8.51 10.08
CA MET E 149 43.48 8.76 9.41
C MET E 149 42.83 7.47 8.95
N GLU E 150 43.60 6.61 8.27
CA GLU E 150 43.06 5.35 7.78
C GLU E 150 42.58 4.44 8.88
N SER E 151 42.93 4.72 10.14
CA SER E 151 42.46 3.91 11.26
C SER E 151 41.13 4.42 11.82
N VAL E 152 40.87 5.72 11.75
CA VAL E 152 39.57 6.23 12.14
C VAL E 152 38.50 5.77 11.15
N LYS E 153 38.81 5.80 9.86
CA LYS E 153 37.88 5.32 8.85
C LYS E 153 37.68 3.82 8.97
N ASN E 154 38.76 3.07 9.21
CA ASN E 154 38.69 1.63 9.37
C ASN E 154 37.90 1.21 10.60
N GLY E 155 37.76 2.10 11.58
CA GLY E 155 37.14 1.76 12.84
C GLY E 155 38.08 1.16 13.86
N THR E 156 39.40 1.38 13.71
CA THR E 156 40.40 0.81 14.60
C THR E 156 41.29 1.90 15.19
N TYR E 157 40.73 3.09 15.44
CA TYR E 157 41.49 4.17 16.05
C TYR E 157 41.89 3.79 17.47
N ASP E 158 43.17 3.94 17.78
CA ASP E 158 43.72 3.53 19.07
C ASP E 158 43.60 4.72 20.02
N TYR E 159 42.56 4.71 20.85
CA TYR E 159 42.38 5.81 21.80
C TYR E 159 43.50 5.88 22.83
N PRO E 160 43.85 4.79 23.54
CA PRO E 160 44.92 4.91 24.55
C PRO E 160 46.26 5.33 23.98
N LYS E 161 46.48 5.18 22.66
CA LYS E 161 47.73 5.61 22.07
C LYS E 161 47.86 7.13 22.07
N TYR E 162 46.85 7.83 21.57
CA TYR E 162 46.87 9.27 21.43
C TYR E 162 46.26 10.00 22.61
N SER E 163 45.79 9.28 23.63
CA SER E 163 45.24 9.94 24.82
C SER E 163 46.31 10.73 25.56
N GLU E 164 47.56 10.24 25.54
CA GLU E 164 48.65 10.95 26.19
C GLU E 164 48.85 12.34 25.59
N GLU E 165 48.92 12.41 24.25
CA GLU E 165 49.19 13.68 23.59
C GLU E 165 47.99 14.62 23.66
N ALA E 166 46.77 14.07 23.54
CA ALA E 166 45.57 14.91 23.54
C ALA E 166 45.26 15.47 24.91
N LYS E 167 45.74 14.84 25.98
CA LYS E 167 45.47 15.34 27.34
C LYS E 167 46.13 16.70 27.55
N LEU E 168 47.38 16.85 27.13
CA LEU E 168 48.11 18.08 27.39
C LEU E 168 47.71 19.20 26.43
N ASN E 169 47.32 18.87 25.20
CA ASN E 169 46.87 19.89 24.26
C ASN E 169 45.52 20.48 24.64
N ARG E 170 44.75 19.79 25.48
CA ARG E 170 43.44 20.32 25.87
C ARG E 170 43.57 21.49 26.84
N GLU E 171 44.63 21.49 27.66
CA GLU E 171 44.95 22.54 28.64
C GLU E 171 43.73 23.25 29.24
N GLY F 1 19.99 -1.42 12.11
CA GLY F 1 18.88 -0.72 11.52
C GLY F 1 19.11 0.78 11.36
N LEU F 2 18.02 1.54 11.30
CA LEU F 2 18.12 2.99 11.14
C LEU F 2 18.76 3.63 12.36
N PHE F 3 18.18 3.39 13.54
CA PHE F 3 18.66 4.01 14.77
C PHE F 3 20.01 3.46 15.21
N GLY F 4 20.50 2.40 14.56
CA GLY F 4 21.89 2.02 14.66
C GLY F 4 22.33 1.44 15.98
N ALA F 5 21.51 0.61 16.60
CA ALA F 5 21.91 -0.11 17.80
C ALA F 5 21.98 -1.61 17.55
N ILE F 6 20.87 -2.24 17.14
CA ILE F 6 20.91 -3.66 16.81
C ILE F 6 21.70 -3.84 15.52
N ALA F 7 22.66 -4.75 15.55
CA ALA F 7 23.71 -4.86 14.55
C ALA F 7 24.53 -3.57 14.42
N GLY F 8 24.34 -2.63 15.34
CA GLY F 8 25.05 -1.37 15.33
C GLY F 8 26.12 -1.30 16.39
N PHE F 9 26.01 -0.36 17.32
CA PHE F 9 27.03 -0.26 18.36
C PHE F 9 26.89 -1.37 19.40
N ILE F 10 25.70 -1.95 19.55
CA ILE F 10 25.52 -3.20 20.28
C ILE F 10 25.70 -4.31 19.25
N GLU F 11 26.88 -4.93 19.23
CA GLU F 11 27.28 -5.75 18.11
C GLU F 11 26.36 -6.96 17.93
N GLY F 12 25.98 -7.59 19.03
CA GLY F 12 25.16 -8.80 18.97
C GLY F 12 24.12 -8.82 20.07
N GLY F 13 23.30 -9.88 20.03
CA GLY F 13 22.31 -10.12 21.05
C GLY F 13 22.71 -11.27 21.95
N TRP F 14 21.94 -11.44 23.02
CA TRP F 14 22.23 -12.41 24.06
C TRP F 14 21.25 -13.56 23.95
N THR F 15 21.78 -14.77 23.72
CA THR F 15 20.96 -15.97 23.87
C THR F 15 20.58 -16.22 25.32
N GLY F 16 21.34 -15.67 26.26
CA GLY F 16 21.10 -15.96 27.67
C GLY F 16 19.86 -15.25 28.21
N MET F 17 19.60 -14.03 27.75
CA MET F 17 18.45 -13.28 28.24
C MET F 17 17.18 -13.87 27.66
N VAL F 18 16.46 -14.64 28.47
CA VAL F 18 15.27 -15.36 28.00
C VAL F 18 13.99 -14.76 28.52
N ASP F 19 14.04 -13.64 29.24
CA ASP F 19 12.85 -13.08 29.86
C ASP F 19 12.09 -12.12 28.97
N GLY F 20 12.77 -11.43 28.07
CA GLY F 20 12.10 -10.47 27.22
C GLY F 20 12.93 -10.11 26.01
N TRP F 21 12.42 -9.14 25.24
CA TRP F 21 13.13 -8.70 24.05
C TRP F 21 14.34 -7.84 24.40
N TYR F 22 14.18 -6.91 25.35
CA TYR F 22 15.25 -6.01 25.75
C TYR F 22 15.54 -6.17 27.23
N GLY F 23 16.78 -5.91 27.62
CA GLY F 23 17.13 -6.00 29.02
C GLY F 23 18.60 -5.68 29.25
N TYR F 24 19.03 -5.96 30.48
CA TYR F 24 20.35 -5.61 30.95
C TYR F 24 21.16 -6.85 31.32
N HIS F 25 22.45 -6.63 31.52
CA HIS F 25 23.34 -7.64 32.09
C HIS F 25 24.37 -6.91 32.94
N HIS F 26 24.20 -7.00 34.26
CA HIS F 26 25.04 -6.30 35.21
C HIS F 26 26.21 -7.19 35.64
N GLN F 27 27.20 -6.56 36.26
CA GLN F 27 28.34 -7.27 36.84
C GLN F 27 28.82 -6.39 37.99
N ASN F 28 28.49 -6.77 39.22
CA ASN F 28 28.94 -6.03 40.38
C ASN F 28 29.59 -6.95 41.39
N GLU F 29 29.87 -6.43 42.59
CA GLU F 29 30.62 -7.20 43.57
C GLU F 29 29.88 -8.45 44.00
N GLN F 30 28.56 -8.34 44.20
CA GLN F 30 27.80 -9.43 44.80
C GLN F 30 27.10 -10.32 43.78
N GLY F 31 27.17 -10.03 42.50
CA GLY F 31 26.53 -10.89 41.52
C GLY F 31 26.76 -10.40 40.11
N SER F 32 26.15 -11.12 39.17
CA SER F 32 26.15 -10.78 37.76
C SER F 32 25.18 -11.71 37.05
N GLY F 33 24.42 -11.17 36.10
CA GLY F 33 23.48 -11.99 35.37
C GLY F 33 22.55 -11.15 34.53
N TYR F 34 21.82 -11.85 33.66
CA TYR F 34 20.88 -11.20 32.76
C TYR F 34 19.58 -10.87 33.49
N ALA F 35 18.89 -9.86 32.96
CA ALA F 35 17.57 -9.47 33.45
C ALA F 35 16.89 -8.58 32.43
N ALA F 36 15.64 -8.90 32.08
CA ALA F 36 14.95 -8.15 31.04
C ALA F 36 14.25 -6.93 31.61
N ASP F 37 14.19 -5.87 30.80
CA ASP F 37 13.41 -4.69 31.13
C ASP F 37 11.99 -4.91 30.60
N LEU F 38 11.06 -5.15 31.51
CA LEU F 38 9.71 -5.51 31.10
C LEU F 38 8.88 -4.30 30.68
N LYS F 39 9.19 -3.12 31.21
CA LYS F 39 8.40 -1.95 30.81
C LYS F 39 8.61 -1.62 29.34
N SER F 40 9.83 -1.86 28.82
CA SER F 40 10.07 -1.63 27.41
C SER F 40 9.65 -2.83 26.55
N THR F 41 9.67 -4.04 27.12
CA THR F 41 9.19 -5.21 26.39
C THR F 41 7.67 -5.22 26.30
N GLN F 42 6.98 -4.92 27.40
CA GLN F 42 5.53 -4.90 27.38
C GLN F 42 4.99 -3.90 26.38
N ASN F 43 5.65 -2.74 26.26
CA ASN F 43 5.24 -1.76 25.26
C ASN F 43 5.48 -2.29 23.86
N ALA F 44 6.63 -2.93 23.63
CA ALA F 44 6.90 -3.50 22.32
C ALA F 44 5.89 -4.58 21.96
N ILE F 45 5.55 -5.42 22.94
CA ILE F 45 4.57 -6.48 22.70
C ILE F 45 3.21 -5.88 22.38
N ASP F 46 2.73 -4.96 23.21
CA ASP F 46 1.43 -4.34 22.95
C ASP F 46 1.41 -3.63 21.61
N GLY F 47 2.51 -2.94 21.27
CA GLY F 47 2.58 -2.29 19.97
C GLY F 47 2.51 -3.28 18.82
N ILE F 48 3.37 -4.29 18.84
CA ILE F 48 3.41 -5.26 17.75
C ILE F 48 2.11 -6.04 17.67
N THR F 49 1.55 -6.44 18.82
CA THR F 49 0.30 -7.18 18.79
C THR F 49 -0.83 -6.34 18.17
N ASN F 50 -0.84 -5.05 18.48
CA ASN F 50 -1.83 -4.17 17.86
C ASN F 50 -1.59 -4.01 16.37
N LYS F 51 -0.33 -4.10 15.93
CA LYS F 51 -0.02 -3.95 14.51
C LYS F 51 -0.44 -5.19 13.73
N VAL F 52 -0.09 -6.37 14.25
CA VAL F 52 -0.50 -7.61 13.58
C VAL F 52 -2.01 -7.73 13.55
N ASN F 53 -2.67 -7.35 14.65
CA ASN F 53 -4.13 -7.40 14.65
C ASN F 53 -4.73 -6.38 13.69
N SER F 54 -4.14 -5.18 13.61
CA SER F 54 -4.68 -4.17 12.70
C SER F 54 -4.51 -4.55 11.24
N VAL F 55 -3.55 -5.42 10.92
CA VAL F 55 -3.44 -5.90 9.55
C VAL F 55 -4.53 -6.93 9.27
N ILE F 56 -4.78 -7.84 10.23
CA ILE F 56 -5.74 -8.91 10.01
C ILE F 56 -7.17 -8.40 10.17
N GLU F 57 -7.44 -7.63 11.23
CA GLU F 57 -8.83 -7.32 11.57
C GLU F 57 -9.45 -6.33 10.60
N LYS F 58 -8.67 -5.46 9.96
CA LYS F 58 -9.26 -4.55 8.98
C LYS F 58 -9.76 -5.29 7.75
N MET F 59 -9.40 -6.56 7.57
CA MET F 59 -9.89 -7.37 6.46
C MET F 59 -11.23 -7.98 6.85
N ASN F 60 -12.28 -7.18 6.73
CA ASN F 60 -13.64 -7.63 6.99
C ASN F 60 -14.33 -7.90 5.66
N THR F 61 -14.69 -9.17 5.43
CA THR F 61 -15.26 -9.61 4.17
C THR F 61 -16.71 -10.04 4.35
N GLN F 62 -17.38 -10.26 3.22
CA GLN F 62 -18.79 -10.63 3.19
C GLN F 62 -18.94 -12.00 2.57
N PHE F 63 -20.11 -12.61 2.81
CA PHE F 63 -20.44 -13.90 2.19
C PHE F 63 -20.56 -13.71 0.69
N THR F 64 -19.80 -14.47 -0.08
CA THR F 64 -19.75 -14.30 -1.52
C THR F 64 -19.36 -15.61 -2.18
N ALA F 65 -19.90 -15.84 -3.38
CA ALA F 65 -19.57 -16.99 -4.20
C ALA F 65 -18.97 -16.49 -5.50
N VAL F 66 -17.80 -17.01 -5.86
CA VAL F 66 -17.10 -16.53 -7.05
C VAL F 66 -17.46 -17.33 -8.29
N GLY F 67 -17.75 -18.62 -8.15
CA GLY F 67 -18.02 -19.48 -9.28
C GLY F 67 -19.17 -19.04 -10.15
N LYS F 68 -18.86 -18.58 -11.37
CA LYS F 68 -19.86 -18.22 -12.37
C LYS F 68 -19.78 -19.18 -13.54
N GLU F 69 -20.92 -19.52 -14.11
CA GLU F 69 -21.00 -20.47 -15.22
C GLU F 69 -21.53 -19.76 -16.46
N PHE F 70 -20.87 -19.97 -17.59
CA PHE F 70 -21.26 -19.37 -18.85
C PHE F 70 -21.20 -20.41 -19.96
N ASN F 71 -22.22 -20.41 -20.82
CA ASN F 71 -22.28 -21.33 -21.93
C ASN F 71 -21.34 -20.86 -23.05
N HIS F 72 -21.29 -21.63 -24.14
CA HIS F 72 -20.33 -21.39 -25.20
C HIS F 72 -20.66 -20.16 -26.05
N LEU F 73 -21.79 -19.50 -25.81
CA LEU F 73 -22.13 -18.26 -26.49
C LEU F 73 -21.94 -17.04 -25.60
N GLU F 74 -21.27 -17.20 -24.46
CA GLU F 74 -21.05 -16.10 -23.53
C GLU F 74 -19.56 -15.96 -23.19
N LYS F 75 -18.69 -16.31 -24.13
CA LYS F 75 -17.26 -16.19 -23.88
C LYS F 75 -16.80 -14.74 -23.78
N ARG F 76 -17.66 -13.78 -24.14
CA ARG F 76 -17.30 -12.37 -23.96
C ARG F 76 -17.43 -11.94 -22.51
N ILE F 77 -18.59 -12.21 -21.89
CA ILE F 77 -18.74 -11.91 -20.46
C ILE F 77 -17.96 -12.90 -19.61
N GLU F 78 -17.68 -14.09 -20.12
CA GLU F 78 -16.80 -15.00 -19.40
C GLU F 78 -15.40 -14.41 -19.26
N ASN F 79 -14.84 -13.90 -20.37
CA ASN F 79 -13.54 -13.24 -20.30
C ASN F 79 -13.61 -11.94 -19.51
N LEU F 80 -14.79 -11.31 -19.43
CA LEU F 80 -14.96 -10.20 -18.49
C LEU F 80 -14.88 -10.69 -17.06
N ASN F 81 -15.55 -11.80 -16.76
CA ASN F 81 -15.51 -12.36 -15.41
C ASN F 81 -14.09 -12.74 -15.02
N LYS F 82 -13.34 -13.34 -15.94
CA LYS F 82 -11.95 -13.69 -15.64
C LYS F 82 -11.09 -12.44 -15.51
N LYS F 83 -11.39 -11.38 -16.26
CA LYS F 83 -10.63 -10.15 -16.09
C LYS F 83 -10.88 -9.50 -14.73
N VAL F 84 -12.07 -9.73 -14.16
CA VAL F 84 -12.33 -9.24 -12.82
C VAL F 84 -11.58 -10.07 -11.79
N ASP F 85 -11.59 -11.40 -11.94
CA ASP F 85 -10.88 -12.26 -11.00
C ASP F 85 -9.37 -12.07 -11.11
N ASP F 86 -8.82 -12.19 -12.32
CA ASP F 86 -7.39 -11.98 -12.51
C ASP F 86 -6.97 -10.56 -12.18
N GLY F 87 -7.91 -9.61 -12.19
CA GLY F 87 -7.61 -8.24 -11.82
C GLY F 87 -7.53 -8.04 -10.32
N PHE F 88 -8.51 -8.60 -9.60
CA PHE F 88 -8.44 -8.58 -8.14
C PHE F 88 -7.26 -9.40 -7.63
N LEU F 89 -6.91 -10.47 -8.33
CA LEU F 89 -5.75 -11.27 -7.95
C LEU F 89 -4.47 -10.45 -8.01
N ASP F 90 -4.31 -9.64 -9.05
CA ASP F 90 -3.09 -8.85 -9.19
C ASP F 90 -3.02 -7.72 -8.17
N ILE F 91 -4.17 -7.20 -7.73
CA ILE F 91 -4.15 -6.11 -6.76
C ILE F 91 -3.81 -6.63 -5.38
N TRP F 92 -4.49 -7.67 -4.92
CA TRP F 92 -4.27 -8.15 -3.56
C TRP F 92 -2.89 -8.77 -3.40
N THR F 93 -2.39 -9.46 -4.43
CA THR F 93 -1.06 -10.04 -4.34
C THR F 93 0.01 -8.97 -4.22
N TYR F 94 -0.11 -7.91 -5.03
CA TYR F 94 0.86 -6.82 -4.95
C TYR F 94 0.78 -6.09 -3.62
N ASN F 95 -0.43 -5.76 -3.19
CA ASN F 95 -0.59 -5.04 -1.93
C ASN F 95 -0.07 -5.85 -0.75
N ALA F 96 -0.42 -7.14 -0.70
CA ALA F 96 0.01 -7.97 0.43
C ALA F 96 1.53 -8.12 0.46
N GLU F 97 2.13 -8.45 -0.68
CA GLU F 97 3.58 -8.58 -0.73
C GLU F 97 4.28 -7.29 -0.34
N LEU F 98 3.80 -6.16 -0.86
CA LEU F 98 4.42 -4.88 -0.51
C LEU F 98 4.12 -4.47 0.93
N LEU F 99 2.96 -4.87 1.46
CA LEU F 99 2.66 -4.57 2.86
C LEU F 99 3.62 -5.31 3.78
N VAL F 100 3.81 -6.60 3.54
CA VAL F 100 4.71 -7.39 4.38
C VAL F 100 6.14 -6.87 4.25
N LEU F 101 6.58 -6.54 3.04
CA LEU F 101 7.92 -6.00 2.85
C LEU F 101 8.10 -4.69 3.62
N LEU F 102 7.23 -3.72 3.38
CA LEU F 102 7.43 -2.39 3.96
C LEU F 102 7.23 -2.40 5.46
N GLU F 103 6.27 -3.17 5.97
CA GLU F 103 6.00 -3.16 7.40
C GLU F 103 7.00 -3.99 8.20
N ASN F 104 7.64 -4.98 7.58
CA ASN F 104 8.73 -5.67 8.26
C ASN F 104 9.91 -4.72 8.48
N GLU F 105 10.15 -3.83 7.53
CA GLU F 105 11.22 -2.84 7.72
C GLU F 105 10.89 -1.91 8.88
N ARG F 106 9.62 -1.55 9.04
CA ARG F 106 9.23 -0.68 10.15
C ARG F 106 9.28 -1.45 11.47
N THR F 107 8.92 -2.73 11.46
CA THR F 107 8.95 -3.52 12.69
C THR F 107 10.37 -3.63 13.22
N LEU F 108 11.32 -3.99 12.35
CA LEU F 108 12.70 -4.11 12.79
C LEU F 108 13.28 -2.76 13.20
N ASP F 109 12.86 -1.67 12.55
CA ASP F 109 13.29 -0.34 12.98
C ASP F 109 12.68 0.02 14.32
N TYR F 110 11.50 -0.53 14.64
CA TYR F 110 10.85 -0.25 15.92
C TYR F 110 11.62 -0.89 17.07
N HIS F 111 12.13 -2.11 16.87
CA HIS F 111 12.94 -2.74 17.90
C HIS F 111 14.26 -2.01 18.08
N ASP F 112 14.92 -1.66 16.97
CA ASP F 112 16.16 -0.90 17.06
C ASP F 112 15.94 0.42 17.77
N SER F 113 14.79 1.05 17.55
CA SER F 113 14.46 2.28 18.25
C SER F 113 14.35 2.05 19.75
N ASN F 114 13.60 1.01 20.14
CA ASN F 114 13.39 0.76 21.57
C ASN F 114 14.69 0.43 22.29
N VAL F 115 15.62 -0.24 21.60
CA VAL F 115 16.91 -0.55 22.23
C VAL F 115 17.73 0.71 22.43
N LYS F 116 17.82 1.55 21.38
CA LYS F 116 18.57 2.80 21.51
C LYS F 116 17.91 3.73 22.51
N ASN F 117 16.57 3.75 22.55
CA ASN F 117 15.87 4.61 23.50
C ASN F 117 16.11 4.17 24.94
N LEU F 118 16.19 2.86 25.17
CA LEU F 118 16.50 2.36 26.51
C LEU F 118 17.91 2.73 26.92
N TYR F 119 18.86 2.67 25.98
CA TYR F 119 20.23 3.06 26.28
C TYR F 119 20.33 4.54 26.60
N GLU F 120 19.66 5.39 25.82
CA GLU F 120 19.67 6.82 26.08
C GLU F 120 18.97 7.20 27.37
N LYS F 121 18.24 6.29 28.00
CA LYS F 121 17.65 6.56 29.30
C LYS F 121 18.60 6.22 30.44
N VAL F 122 19.38 5.14 30.29
CA VAL F 122 20.39 4.82 31.29
C VAL F 122 21.53 5.83 31.23
N ARG F 123 21.85 6.34 30.04
CA ARG F 123 22.93 7.30 29.93
C ARG F 123 22.57 8.63 30.59
N SER F 124 21.31 9.04 30.50
CA SER F 124 20.91 10.31 31.11
C SER F 124 20.84 10.24 32.63
N GLN F 125 20.93 9.06 33.22
CA GLN F 125 20.99 8.95 34.68
C GLN F 125 22.41 8.93 35.21
N LEU F 126 23.29 8.15 34.57
CA LEU F 126 24.69 8.07 34.98
C LEU F 126 25.53 9.09 34.20
N LYS F 127 25.18 10.36 34.39
CA LYS F 127 25.72 11.44 33.56
C LYS F 127 27.23 11.36 33.43
N ASN F 128 27.94 11.44 34.56
CA ASN F 128 29.39 11.24 34.58
C ASN F 128 29.82 10.31 35.70
N ASN F 129 28.88 9.65 36.38
CA ASN F 129 29.20 8.66 37.39
C ASN F 129 29.61 7.32 36.79
N ALA F 130 29.58 7.19 35.46
CA ALA F 130 29.97 5.96 34.81
C ALA F 130 30.64 6.28 33.48
N LYS F 131 31.44 5.33 33.00
CA LYS F 131 32.21 5.49 31.78
C LYS F 131 31.52 4.73 30.64
N GLU F 132 31.15 5.45 29.59
CA GLU F 132 30.58 4.85 28.39
C GLU F 132 31.69 4.09 27.66
N ILE F 133 31.73 2.78 27.82
CA ILE F 133 32.84 1.98 27.31
C ILE F 133 32.49 1.42 25.94
N GLY F 134 31.45 1.95 25.32
CA GLY F 134 31.00 1.44 24.04
C GLY F 134 30.36 0.08 24.20
N ASN F 135 29.93 -0.47 23.06
CA ASN F 135 29.23 -1.76 23.02
C ASN F 135 28.05 -1.76 23.99
N GLY F 136 27.46 -0.59 24.21
CA GLY F 136 26.26 -0.48 25.01
C GLY F 136 26.42 -0.83 26.47
N CYS F 137 27.64 -0.87 26.97
CA CYS F 137 27.91 -1.16 28.37
C CYS F 137 28.30 0.11 29.10
N PHE F 138 28.02 0.13 30.40
CA PHE F 138 28.50 1.17 31.30
C PHE F 138 29.45 0.54 32.31
N GLU F 139 30.56 1.23 32.58
CA GLU F 139 31.46 0.86 33.67
C GLU F 139 31.32 1.93 34.75
N PHE F 140 30.96 1.50 35.95
CA PHE F 140 30.72 2.44 37.03
C PHE F 140 32.02 2.95 37.63
N TYR F 141 32.00 4.22 38.03
CA TYR F 141 33.10 4.82 38.77
C TYR F 141 32.89 4.73 40.28
N HIS F 142 32.00 3.86 40.75
CA HIS F 142 31.72 3.76 42.17
C HIS F 142 31.11 2.40 42.46
N LYS F 143 30.99 2.11 43.76
CA LYS F 143 30.37 0.86 44.20
C LYS F 143 28.87 0.92 43.92
N CYS F 144 28.37 -0.04 43.15
CA CYS F 144 26.96 -0.10 42.78
C CYS F 144 26.43 -1.48 43.13
N ASP F 145 25.81 -1.60 44.30
CA ASP F 145 25.26 -2.87 44.76
C ASP F 145 23.92 -3.12 44.06
N ASN F 146 23.20 -4.15 44.49
CA ASN F 146 21.94 -4.49 43.84
C ASN F 146 20.87 -3.42 44.09
N THR F 147 20.96 -2.70 45.21
CA THR F 147 20.06 -1.57 45.42
C THR F 147 20.32 -0.47 44.40
N CYS F 148 21.59 -0.26 44.04
CA CYS F 148 21.93 0.71 43.01
C CYS F 148 21.54 0.20 41.62
N MET F 149 21.84 -1.07 41.33
CA MET F 149 21.47 -1.64 40.03
C MET F 149 19.97 -1.57 39.80
N GLU F 150 19.19 -2.07 40.76
CA GLU F 150 17.74 -2.03 40.63
C GLU F 150 17.20 -0.62 40.51
N SER F 151 17.93 0.38 41.03
CA SER F 151 17.51 1.77 40.91
C SER F 151 17.71 2.31 39.51
N VAL F 152 18.72 1.83 38.79
CA VAL F 152 18.91 2.25 37.41
C VAL F 152 17.90 1.56 36.49
N LYS F 153 17.71 0.25 36.68
CA LYS F 153 16.81 -0.51 35.82
C LYS F 153 15.38 0.03 35.90
N ASN F 154 14.94 0.42 37.10
CA ASN F 154 13.60 0.94 37.29
C ASN F 154 13.56 2.47 37.22
N GLY F 155 14.71 3.12 37.05
CA GLY F 155 14.75 4.53 36.68
C GLY F 155 14.71 5.50 37.83
N THR F 156 15.43 5.21 38.91
CA THR F 156 15.48 6.10 40.07
C THR F 156 16.90 6.23 40.61
N TYR F 157 17.91 6.18 39.75
CA TYR F 157 19.29 6.28 40.19
C TYR F 157 19.57 7.66 40.78
N ASP F 158 19.96 7.67 42.06
CA ASP F 158 20.17 8.91 42.80
C ASP F 158 21.58 9.42 42.48
N TYR F 159 21.67 10.41 41.60
CA TYR F 159 22.96 10.96 41.20
C TYR F 159 23.70 11.63 42.36
N PRO F 160 23.09 12.52 43.15
CA PRO F 160 23.87 13.18 44.23
C PRO F 160 24.43 12.23 45.27
N LYS F 161 23.82 11.05 45.44
CA LYS F 161 24.31 10.10 46.44
C LYS F 161 25.69 9.56 46.06
N TYR F 162 25.87 9.19 44.80
CA TYR F 162 27.11 8.61 44.33
C TYR F 162 27.97 9.62 43.56
N SER F 163 27.55 10.89 43.51
CA SER F 163 28.33 11.89 42.79
C SER F 163 29.64 12.19 43.51
N GLU F 164 29.59 12.30 44.84
CA GLU F 164 30.81 12.54 45.61
C GLU F 164 31.80 11.41 45.46
N GLU F 165 31.31 10.17 45.57
CA GLU F 165 32.20 9.02 45.45
C GLU F 165 32.79 8.93 44.04
N ALA F 166 31.98 9.16 43.02
CA ALA F 166 32.46 9.09 41.65
C ALA F 166 33.37 10.26 41.30
N LYS F 167 33.28 11.38 42.02
CA LYS F 167 34.15 12.52 41.76
C LYS F 167 35.62 12.15 41.96
N LEU F 168 35.92 11.37 43.01
CA LEU F 168 37.29 11.05 43.35
C LEU F 168 37.83 9.90 42.51
N ASN F 169 36.99 8.94 42.12
CA ASN F 169 37.42 7.80 41.33
C ASN F 169 37.68 8.14 39.88
N ARG F 170 37.41 9.38 39.45
CA ARG F 170 37.72 9.77 38.08
C ARG F 170 39.21 9.99 37.89
N GLU F 171 39.90 10.49 38.92
CA GLU F 171 41.36 10.59 38.98
C GLU F 171 42.00 11.15 37.71
N GLN G 1 2.12 -36.39 22.98
CA GLN G 1 2.34 -35.25 23.85
C GLN G 1 3.57 -35.45 24.74
N VAL G 2 3.99 -34.37 25.40
CA VAL G 2 5.12 -34.43 26.31
C VAL G 2 4.67 -35.00 27.65
N GLN G 3 5.56 -35.73 28.31
CA GLN G 3 5.27 -36.33 29.61
C GLN G 3 6.42 -36.06 30.57
N LEU G 4 6.07 -35.82 31.84
CA LEU G 4 7.05 -35.56 32.89
C LEU G 4 6.80 -36.54 34.03
N GLN G 5 7.76 -37.45 34.26
CA GLN G 5 7.64 -38.48 35.27
C GLN G 5 8.53 -38.10 36.46
N GLN G 6 7.90 -37.71 37.56
CA GLN G 6 8.66 -37.41 38.77
C GLN G 6 8.94 -38.69 39.56
N SER G 7 9.92 -38.60 40.45
CA SER G 7 10.28 -39.70 41.32
C SER G 7 11.19 -39.16 42.42
N GLY G 8 11.26 -39.90 43.52
CA GLY G 8 12.11 -39.51 44.62
C GLY G 8 11.56 -39.92 45.96
N PRO G 9 12.39 -39.82 47.00
CA PRO G 9 11.95 -40.22 48.35
C PRO G 9 10.84 -39.31 48.85
N GLY G 10 9.70 -39.93 49.19
CA GLY G 10 8.60 -39.22 49.83
C GLY G 10 8.76 -39.00 51.31
N LEU G 11 9.82 -39.54 51.91
CA LEU G 11 10.11 -39.38 53.33
C LEU G 11 11.55 -38.93 53.48
N VAL G 12 11.77 -37.89 54.27
CA VAL G 12 13.08 -37.28 54.43
C VAL G 12 13.34 -37.05 55.92
N LYS G 13 14.50 -37.50 56.40
CA LYS G 13 14.91 -37.17 57.75
C LYS G 13 15.20 -35.67 57.86
N PRO G 14 14.75 -35.02 58.93
CA PRO G 14 14.72 -33.55 59.03
C PRO G 14 16.06 -32.88 59.31
N SER G 15 17.13 -33.40 58.70
CA SER G 15 18.34 -32.61 58.63
C SER G 15 19.03 -32.81 57.28
N GLN G 16 18.50 -33.70 56.45
CA GLN G 16 19.25 -34.15 55.29
C GLN G 16 18.90 -33.33 54.05
N THR G 17 19.32 -33.81 52.88
CA THR G 17 19.10 -33.13 51.61
C THR G 17 17.98 -33.82 50.83
N LEU G 18 17.02 -33.04 50.36
CA LEU G 18 15.93 -33.56 49.54
C LEU G 18 16.40 -33.71 48.09
N SER G 19 16.15 -34.87 47.50
CA SER G 19 16.56 -35.17 46.13
C SER G 19 15.38 -35.70 45.35
N LEU G 20 14.94 -34.94 44.35
CA LEU G 20 13.90 -35.36 43.42
C LEU G 20 14.44 -35.28 41.99
N THR G 21 13.88 -36.09 41.11
CA THR G 21 14.25 -36.09 39.70
C THR G 21 13.00 -36.03 38.84
N CYS G 22 13.15 -35.43 37.67
CA CYS G 22 12.04 -35.23 36.73
C CYS G 22 12.51 -35.71 35.36
N ALA G 23 11.94 -36.81 34.87
CA ALA G 23 12.29 -37.36 33.58
C ALA G 23 11.33 -36.85 32.51
N ILE G 24 11.85 -36.61 31.32
CA ILE G 24 11.10 -35.95 30.25
C ILE G 24 11.00 -36.88 29.04
N SER G 25 9.85 -36.85 28.38
CA SER G 25 9.60 -37.68 27.20
C SER G 25 8.87 -36.83 26.17
N GLY G 26 9.56 -36.46 25.10
CA GLY G 26 8.95 -35.66 24.06
C GLY G 26 9.67 -34.35 23.82
N ASP G 27 10.11 -33.72 24.89
CA ASP G 27 10.95 -32.53 24.82
C ASP G 27 12.36 -32.87 25.26
N SER G 28 13.25 -31.90 25.14
CA SER G 28 14.65 -32.05 25.53
C SER G 28 14.96 -31.08 26.66
N VAL G 29 15.68 -31.58 27.67
CA VAL G 29 16.08 -30.70 28.76
C VAL G 29 17.07 -29.65 28.27
N SER G 30 17.91 -30.00 27.30
CA SER G 30 18.86 -29.09 26.69
C SER G 30 18.23 -28.22 25.60
N SER G 31 16.91 -28.19 25.51
CA SER G 31 16.24 -27.38 24.51
C SER G 31 16.20 -25.92 24.94
N ASN G 32 16.08 -25.04 23.95
CA ASN G 32 15.76 -23.64 24.19
C ASN G 32 14.29 -23.40 23.86
N SER G 33 13.86 -22.15 24.00
CA SER G 33 12.47 -21.69 23.91
C SER G 33 11.61 -22.22 25.05
N VAL G 34 12.16 -23.07 25.92
CA VAL G 34 11.47 -23.57 27.09
C VAL G 34 12.42 -23.48 28.28
N ALA G 35 11.87 -23.66 29.48
CA ALA G 35 12.64 -23.65 30.70
C ALA G 35 12.00 -24.62 31.68
N TRP G 36 12.82 -25.31 32.45
CA TRP G 36 12.35 -26.31 33.39
C TRP G 36 12.44 -25.76 34.80
N ASN G 37 11.32 -25.78 35.51
CA ASN G 37 11.21 -25.19 36.84
C ASN G 37 10.85 -26.26 37.86
N TRP G 38 11.01 -25.90 39.13
CA TRP G 38 10.50 -26.66 40.26
C TRP G 38 9.59 -25.76 41.07
N ILE G 39 8.38 -26.23 41.35
CA ILE G 39 7.41 -25.46 42.13
C ILE G 39 6.80 -26.39 43.17
N ARG G 40 6.76 -25.94 44.42
CA ARG G 40 6.16 -26.71 45.50
C ARG G 40 4.92 -26.01 46.03
N GLN G 41 4.12 -26.77 46.79
CA GLN G 41 2.82 -26.30 47.23
C GLN G 41 2.51 -26.91 48.58
N SER G 42 2.33 -26.05 49.59
CA SER G 42 1.99 -26.48 50.93
C SER G 42 0.75 -25.73 51.42
N PRO G 43 -0.17 -26.43 52.09
CA PRO G 43 -1.37 -25.74 52.63
C PRO G 43 -1.09 -24.46 53.39
N SER G 44 0.07 -24.36 54.03
CA SER G 44 0.38 -23.20 54.86
C SER G 44 0.99 -22.04 54.08
N ARG G 45 1.64 -22.31 52.95
CA ARG G 45 2.40 -21.30 52.24
C ARG G 45 1.97 -21.11 50.78
N GLY G 46 1.01 -21.89 50.30
CA GLY G 46 0.52 -21.72 48.95
C GLY G 46 1.45 -22.31 47.91
N LEU G 47 1.37 -21.77 46.70
CA LEU G 47 2.22 -22.18 45.59
C LEU G 47 3.50 -21.37 45.62
N GLU G 48 4.64 -22.04 45.74
CA GLU G 48 5.93 -21.39 45.84
C GLU G 48 6.80 -21.81 44.66
N TRP G 49 7.19 -20.85 43.84
CA TRP G 49 8.23 -21.13 42.85
C TRP G 49 9.57 -21.30 43.54
N LEU G 50 10.34 -22.29 43.10
CA LEU G 50 11.63 -22.59 43.71
C LEU G 50 12.80 -22.19 42.81
N GLY G 51 12.86 -22.72 41.60
CA GLY G 51 13.99 -22.42 40.73
C GLY G 51 13.70 -22.85 39.31
N ARG G 52 14.70 -22.64 38.45
CA ARG G 52 14.57 -22.99 37.04
C ARG G 52 15.93 -23.24 36.44
N THR G 53 15.94 -23.97 35.32
CA THR G 53 17.16 -24.29 34.60
C THR G 53 16.87 -24.28 33.11
N TYR G 54 17.83 -23.78 32.33
CA TYR G 54 17.68 -23.73 30.88
C TYR G 54 19.06 -23.73 30.27
N PHE G 55 19.13 -24.13 29.00
CA PHE G 55 20.38 -24.27 28.27
C PHE G 55 20.38 -23.32 27.08
N ARG G 56 21.32 -22.36 27.06
CA ARG G 56 21.55 -21.48 25.91
C ARG G 56 23.05 -21.51 25.60
N SER G 57 23.46 -22.49 24.81
CA SER G 57 24.87 -22.80 24.55
C SER G 57 25.70 -22.94 25.85
N LYS G 58 25.03 -22.97 27.00
CA LYS G 58 25.63 -22.93 28.33
C LYS G 58 24.51 -23.15 29.33
N TRP G 59 24.80 -23.64 30.53
CA TRP G 59 23.74 -23.93 31.49
C TRP G 59 23.50 -22.73 32.40
N TYR G 60 22.24 -22.41 32.62
CA TYR G 60 21.82 -21.33 33.51
C TYR G 60 20.90 -21.89 34.59
N THR G 61 21.01 -21.33 35.80
CA THR G 61 20.12 -21.71 36.90
C THR G 61 19.77 -20.47 37.71
N ASP G 62 18.48 -20.33 38.04
CA ASP G 62 17.99 -19.22 38.84
C ASP G 62 17.16 -19.77 39.99
N TYR G 63 17.41 -19.29 41.20
CA TYR G 63 16.74 -19.79 42.39
C TYR G 63 16.02 -18.65 43.10
N ALA G 64 15.00 -19.02 43.87
CA ALA G 64 14.29 -18.04 44.68
C ALA G 64 15.22 -17.46 45.74
N GLU G 65 15.00 -16.18 46.06
CA GLU G 65 15.89 -15.50 47.00
C GLU G 65 15.80 -16.12 48.39
N SER G 66 14.64 -16.66 48.76
CA SER G 66 14.48 -17.28 50.07
C SER G 66 15.25 -18.59 50.20
N LEU G 67 15.62 -19.21 49.08
CA LEU G 67 16.35 -20.48 49.08
C LEU G 67 17.69 -20.38 48.37
N LYS G 68 18.19 -19.15 48.15
CA LYS G 68 19.45 -18.97 47.43
C LYS G 68 20.61 -19.70 48.10
N SER G 69 20.47 -20.04 49.38
CA SER G 69 21.50 -20.81 50.06
C SER G 69 21.39 -22.29 49.76
N ARG G 70 20.20 -22.87 49.92
CA ARG G 70 20.04 -24.32 50.07
C ARG G 70 19.92 -25.06 48.74
N MET G 71 19.18 -24.51 47.77
CA MET G 71 18.72 -25.29 46.63
C MET G 71 19.79 -25.44 45.57
N THR G 72 19.61 -26.47 44.73
CA THR G 72 20.51 -26.77 43.62
C THR G 72 19.77 -27.63 42.62
N ILE G 73 19.83 -27.26 41.34
CA ILE G 73 19.14 -27.98 40.27
C ILE G 73 20.18 -28.44 39.26
N ASN G 74 20.41 -29.76 39.19
CA ASN G 74 21.40 -30.34 38.30
C ASN G 74 20.72 -31.04 37.13
N PRO G 75 21.14 -30.77 35.90
CA PRO G 75 20.60 -31.53 34.75
C PRO G 75 21.42 -32.77 34.46
N ASP G 76 20.98 -33.58 33.51
CA ASP G 76 21.75 -34.74 33.05
C ASP G 76 21.35 -35.02 31.61
N THR G 77 22.27 -34.71 30.68
CA THR G 77 21.94 -34.85 29.26
C THR G 77 21.88 -36.31 28.84
N SER G 78 22.67 -37.18 29.46
CA SER G 78 22.72 -38.58 29.06
C SER G 78 21.43 -39.33 29.37
N LYS G 79 20.56 -38.77 30.24
CA LYS G 79 19.31 -39.41 30.59
C LYS G 79 18.10 -38.50 30.42
N ASN G 80 18.29 -37.27 29.95
CA ASN G 80 17.21 -36.32 29.67
C ASN G 80 16.32 -36.13 30.91
N GLU G 81 16.93 -35.64 31.97
CA GLU G 81 16.23 -35.37 33.21
C GLU G 81 16.87 -34.14 33.86
N PHE G 82 16.23 -33.67 34.93
CA PHE G 82 16.81 -32.64 35.77
C PHE G 82 16.32 -32.85 37.19
N SER G 83 17.23 -32.69 38.14
CA SER G 83 16.99 -33.08 39.52
C SER G 83 16.95 -31.86 40.44
N LEU G 84 16.41 -32.08 41.63
CA LEU G 84 16.31 -31.07 42.68
C LEU G 84 17.14 -31.51 43.89
N HIS G 85 17.84 -30.56 44.49
CA HIS G 85 18.66 -30.85 45.68
C HIS G 85 18.45 -29.71 46.68
N LEU G 86 17.64 -29.97 47.69
CA LEU G 86 17.31 -29.00 48.74
C LEU G 86 17.97 -29.46 50.03
N LYS G 87 18.97 -28.73 50.50
CA LYS G 87 19.73 -29.13 51.67
C LYS G 87 19.12 -28.54 52.94
N SER G 88 19.49 -29.14 54.07
CA SER G 88 19.07 -28.70 55.41
C SER G 88 17.55 -28.55 55.50
N VAL G 89 16.88 -29.69 55.31
CA VAL G 89 15.42 -29.71 55.23
C VAL G 89 14.82 -29.58 56.62
N THR G 90 13.76 -28.78 56.71
CA THR G 90 12.99 -28.59 57.94
C THR G 90 11.54 -29.01 57.69
N SER G 91 10.72 -28.94 58.74
CA SER G 91 9.31 -29.26 58.61
C SER G 91 8.57 -28.26 57.74
N ASP G 92 9.13 -27.07 57.54
CA ASP G 92 8.54 -26.09 56.63
C ASP G 92 8.63 -26.54 55.18
N ASP G 93 9.57 -27.43 54.86
CA ASP G 93 9.76 -27.88 53.48
C ASP G 93 8.85 -29.04 53.10
N THR G 94 8.01 -29.52 54.01
CA THR G 94 7.04 -30.55 53.67
C THR G 94 5.99 -29.96 52.75
N ALA G 95 6.00 -30.37 51.49
CA ALA G 95 5.05 -29.86 50.51
C ALA G 95 4.95 -30.87 49.37
N VAL G 96 4.08 -30.58 48.43
CA VAL G 96 4.01 -31.31 47.18
C VAL G 96 4.88 -30.59 46.16
N TYR G 97 5.86 -31.31 45.60
CA TYR G 97 6.83 -30.71 44.69
C TYR G 97 6.50 -31.11 43.25
N TYR G 98 6.22 -30.10 42.43
CA TYR G 98 5.98 -30.30 41.01
C TYR G 98 7.19 -29.86 40.20
N CYS G 99 7.53 -30.64 39.17
CA CYS G 99 8.39 -30.16 38.10
C CYS G 99 7.50 -29.72 36.95
N VAL G 100 7.76 -28.52 36.45
CA VAL G 100 6.83 -27.85 35.55
C VAL G 100 7.62 -27.11 34.48
N ARG G 101 7.14 -27.14 33.25
CA ARG G 101 7.80 -26.48 32.14
C ARG G 101 7.30 -25.06 32.00
N GLY G 102 8.21 -24.15 31.65
CA GLY G 102 7.87 -22.76 31.37
C GLY G 102 8.18 -22.43 29.92
N ILE G 103 7.20 -21.86 29.24
CA ILE G 103 7.31 -21.53 27.83
C ILE G 103 6.93 -20.07 27.66
N ILE G 104 7.73 -19.33 26.87
CA ILE G 104 7.54 -17.90 26.70
C ILE G 104 7.56 -17.58 25.22
N PHE G 105 6.98 -16.44 24.88
CA PHE G 105 6.95 -15.88 23.52
C PHE G 105 6.23 -16.76 22.52
N ASN G 106 5.61 -17.85 22.97
CA ASN G 106 4.73 -18.61 22.08
C ASN G 106 3.60 -17.71 21.62
N TRP G 107 3.54 -17.48 20.30
CA TRP G 107 2.48 -16.63 19.77
C TRP G 107 1.12 -17.17 20.18
N PRO G 108 0.16 -16.30 20.57
CA PRO G 108 0.08 -14.83 20.50
C PRO G 108 0.84 -14.00 21.53
N LEU G 109 2.17 -13.96 21.45
CA LEU G 109 3.00 -12.93 22.07
C LEU G 109 2.67 -12.74 23.54
N GLY G 110 2.96 -13.78 24.32
CA GLY G 110 2.75 -13.75 25.75
C GLY G 110 4.05 -13.67 26.53
N GLY G 111 3.89 -13.54 27.85
CA GLY G 111 4.99 -13.67 28.78
C GLY G 111 5.20 -15.13 29.14
N TRP G 112 5.79 -15.35 30.31
CA TRP G 112 6.06 -16.71 30.76
C TRP G 112 4.78 -17.34 31.29
N SER G 113 4.61 -18.63 30.99
CA SER G 113 3.50 -19.41 31.49
C SER G 113 3.99 -20.82 31.81
N PHE G 114 3.33 -21.46 32.76
CA PHE G 114 3.63 -22.84 33.14
C PHE G 114 2.57 -23.71 32.49
N ASP G 115 2.89 -24.25 31.31
CA ASP G 115 1.90 -25.03 30.56
C ASP G 115 1.89 -26.50 30.96
N LEU G 116 3.06 -27.12 31.10
CA LEU G 116 3.17 -28.55 31.37
C LEU G 116 3.55 -28.76 32.82
N TRP G 117 2.65 -29.37 33.59
CA TRP G 117 2.88 -29.66 35.00
C TRP G 117 3.04 -31.16 35.20
N GLY G 118 3.91 -31.53 36.15
CA GLY G 118 4.09 -32.92 36.51
C GLY G 118 3.00 -33.41 37.44
N ARG G 119 3.02 -34.73 37.68
CA ARG G 119 2.01 -35.31 38.55
C ARG G 119 2.17 -34.83 39.99
N GLY G 120 3.41 -34.59 40.42
CA GLY G 120 3.66 -34.08 41.76
C GLY G 120 4.06 -35.16 42.74
N THR G 121 5.10 -34.89 43.52
CA THR G 121 5.56 -35.80 44.57
C THR G 121 5.39 -35.13 45.92
N LEU G 122 4.75 -35.83 46.85
CA LEU G 122 4.56 -35.32 48.21
C LEU G 122 5.72 -35.80 49.07
N VAL G 123 6.44 -34.86 49.67
CA VAL G 123 7.64 -35.15 50.45
C VAL G 123 7.35 -34.73 51.89
N SER G 124 7.10 -35.72 52.75
CA SER G 124 6.98 -35.47 54.18
C SER G 124 8.34 -35.64 54.83
N VAL G 125 8.68 -34.72 55.73
CA VAL G 125 9.91 -34.81 56.51
C VAL G 125 9.52 -35.04 57.97
N SER G 126 10.13 -36.06 58.57
CA SER G 126 9.75 -36.52 59.89
C SER G 126 10.77 -37.53 60.38
N SER G 127 10.90 -37.62 61.69
CA SER G 127 11.80 -38.58 62.33
C SER G 127 11.30 -40.03 62.24
N PRO G 128 9.99 -40.29 62.30
CA PRO G 128 9.54 -41.70 62.16
C PRO G 128 9.94 -42.29 60.83
N SER G 129 10.06 -43.62 60.82
CA SER G 129 10.40 -44.37 59.63
C SER G 129 9.15 -44.82 58.90
N THR G 130 9.34 -45.38 57.71
CA THR G 130 8.23 -45.75 56.84
C THR G 130 7.63 -47.08 57.28
N LYS G 131 6.32 -47.23 57.00
CA LYS G 131 5.59 -48.45 57.32
C LYS G 131 4.48 -48.66 56.31
N GLY G 132 4.37 -49.88 55.79
CA GLY G 132 3.39 -50.19 54.78
C GLY G 132 1.98 -50.26 55.33
N PRO G 133 1.01 -50.35 54.42
CA PRO G 133 -0.40 -50.35 54.83
C PRO G 133 -0.95 -51.77 55.01
N SER G 134 -2.10 -51.83 55.67
CA SER G 134 -2.93 -53.03 55.73
C SER G 134 -4.22 -52.75 54.97
N VAL G 135 -4.68 -53.73 54.21
CA VAL G 135 -5.83 -53.58 53.33
C VAL G 135 -6.88 -54.60 53.73
N PHE G 136 -8.06 -54.12 54.13
CA PHE G 136 -9.16 -54.97 54.52
C PHE G 136 -10.37 -54.72 53.64
N PRO G 137 -11.12 -55.76 53.27
CA PRO G 137 -12.28 -55.56 52.40
C PRO G 137 -13.51 -55.12 53.17
N LEU G 138 -14.28 -54.22 52.56
CA LEU G 138 -15.57 -53.80 53.09
C LEU G 138 -16.63 -54.52 52.25
N ALA G 139 -17.15 -55.63 52.79
CA ALA G 139 -18.02 -56.52 52.02
C ALA G 139 -19.47 -56.05 52.05
N PRO G 140 -20.15 -56.11 50.90
CA PRO G 140 -21.58 -55.86 50.86
C PRO G 140 -22.37 -57.09 51.30
N SER G 141 -23.66 -56.88 51.58
CA SER G 141 -24.51 -57.98 52.04
C SER G 141 -25.97 -57.61 51.84
N SER G 142 -26.69 -58.42 51.07
CA SER G 142 -28.15 -58.36 50.95
C SER G 142 -28.64 -56.95 50.63
N LYS G 143 -28.25 -56.47 49.44
CA LYS G 143 -28.59 -55.13 48.99
C LYS G 143 -29.27 -55.16 47.62
N SER G 144 -30.02 -56.22 47.33
CA SER G 144 -30.70 -56.33 46.04
C SER G 144 -31.85 -55.34 45.88
N THR G 145 -32.22 -54.62 46.94
CA THR G 145 -33.34 -53.70 46.90
C THR G 145 -32.96 -52.24 47.12
N SER G 146 -31.80 -51.96 47.70
CA SER G 146 -31.42 -50.60 48.08
C SER G 146 -31.01 -49.84 46.82
N GLY G 147 -32.01 -49.28 46.13
CA GLY G 147 -31.78 -48.51 44.93
C GLY G 147 -31.24 -49.28 43.75
N GLY G 148 -31.33 -50.60 43.79
CA GLY G 148 -30.77 -51.44 42.74
C GLY G 148 -29.26 -51.44 42.66
N THR G 149 -28.58 -50.67 43.51
CA THR G 149 -27.13 -50.59 43.52
C THR G 149 -26.61 -50.82 44.93
N ALA G 150 -25.55 -51.61 45.04
CA ALA G 150 -24.90 -51.91 46.30
C ALA G 150 -23.55 -51.21 46.39
N ALA G 151 -23.01 -51.17 47.61
CA ALA G 151 -21.73 -50.52 47.87
C ALA G 151 -20.75 -51.53 48.44
N LEU G 152 -19.54 -51.53 47.89
CA LEU G 152 -18.43 -52.31 48.43
C LEU G 152 -17.20 -51.41 48.50
N GLY G 153 -16.29 -51.74 49.41
CA GLY G 153 -15.19 -50.83 49.67
C GLY G 153 -13.90 -51.54 50.00
N CYS G 154 -12.91 -50.73 50.35
CA CYS G 154 -11.57 -51.18 50.69
C CYS G 154 -11.03 -50.27 51.78
N LEU G 155 -10.63 -50.86 52.90
CA LEU G 155 -10.10 -50.10 54.03
C LEU G 155 -8.58 -50.24 54.07
N VAL G 156 -7.89 -49.11 53.88
CA VAL G 156 -6.43 -49.05 53.91
C VAL G 156 -6.03 -48.34 55.20
N LYS G 157 -5.45 -49.09 56.13
CA LYS G 157 -5.29 -48.62 57.50
C LYS G 157 -3.83 -48.77 57.94
N ASP G 158 -3.40 -47.81 58.77
CA ASP G 158 -2.11 -47.86 59.48
C ASP G 158 -0.92 -47.90 58.51
N TYR G 159 -0.78 -46.80 57.77
CA TYR G 159 0.36 -46.60 56.89
C TYR G 159 0.99 -45.24 57.15
N PHE G 160 2.22 -45.07 56.65
CA PHE G 160 2.98 -43.84 56.82
C PHE G 160 4.16 -43.81 55.87
N PRO G 161 4.44 -42.67 55.21
CA PRO G 161 3.65 -41.44 55.23
C PRO G 161 2.66 -41.34 54.08
N GLU G 162 2.11 -40.15 53.89
CA GLU G 162 1.26 -39.89 52.74
C GLU G 162 2.07 -39.94 51.45
N PRO G 163 1.44 -40.24 50.32
CA PRO G 163 0.06 -40.71 50.17
C PRO G 163 -0.04 -42.15 49.69
N VAL G 164 -1.27 -42.66 49.60
CA VAL G 164 -1.58 -43.92 48.94
C VAL G 164 -2.53 -43.63 47.79
N THR G 165 -2.49 -44.50 46.78
CA THR G 165 -3.37 -44.40 45.62
C THR G 165 -4.14 -45.70 45.47
N VAL G 166 -5.45 -45.59 45.29
CA VAL G 166 -6.34 -46.74 45.22
C VAL G 166 -7.05 -46.71 43.87
N SER G 167 -6.90 -47.79 43.11
CA SER G 167 -7.61 -48.00 41.86
C SER G 167 -8.43 -49.28 41.96
N TRP G 168 -9.46 -49.38 41.13
CA TRP G 168 -10.35 -50.54 41.11
C TRP G 168 -10.27 -51.24 39.78
N ASN G 169 -10.01 -52.56 39.82
CA ASN G 169 -9.89 -53.39 38.62
C ASN G 169 -8.83 -52.83 37.67
N SER G 170 -7.72 -52.36 38.24
CA SER G 170 -6.57 -51.86 37.49
C SER G 170 -6.95 -50.67 36.61
N GLY G 171 -7.84 -49.81 37.13
CA GLY G 171 -8.26 -48.63 36.41
C GLY G 171 -9.46 -48.80 35.52
N ALA G 172 -9.98 -50.02 35.37
CA ALA G 172 -11.16 -50.24 34.54
C ALA G 172 -12.42 -49.68 35.18
N LEU G 173 -12.49 -49.69 36.51
CA LEU G 173 -13.66 -49.21 37.24
C LEU G 173 -13.33 -47.85 37.84
N THR G 174 -13.93 -46.81 37.27
CA THR G 174 -13.71 -45.43 37.73
C THR G 174 -14.98 -44.73 38.17
N SER G 175 -16.11 -45.00 37.53
N SER G 175 -16.11 -45.00 37.53
CA SER G 175 -17.35 -44.33 37.87
CA SER G 175 -17.34 -44.31 37.86
C SER G 175 -17.87 -44.81 39.22
C SER G 175 -17.91 -44.80 39.19
N GLY G 176 -18.32 -43.88 40.04
CA GLY G 176 -18.87 -44.20 41.33
C GLY G 176 -17.86 -44.52 42.41
N VAL G 177 -16.57 -44.38 42.13
CA VAL G 177 -15.52 -44.65 43.10
C VAL G 177 -15.27 -43.40 43.93
N HIS G 178 -15.16 -43.57 45.25
CA HIS G 178 -14.81 -42.49 46.15
C HIS G 178 -13.68 -42.95 47.04
N THR G 179 -12.49 -42.37 46.85
CA THR G 179 -11.36 -42.58 47.76
C THR G 179 -11.29 -41.39 48.70
N PHE G 180 -11.62 -41.62 49.96
CA PHE G 180 -11.71 -40.54 50.92
C PHE G 180 -10.30 -40.04 51.27
N PRO G 181 -10.20 -38.81 51.77
CA PRO G 181 -8.90 -38.33 52.23
C PRO G 181 -8.42 -39.11 53.44
N ALA G 182 -7.11 -39.10 53.63
CA ALA G 182 -6.54 -39.78 54.78
C ALA G 182 -6.93 -39.05 56.06
N VAL G 183 -6.99 -39.80 57.16
CA VAL G 183 -7.17 -39.25 58.49
C VAL G 183 -5.99 -39.68 59.34
N LEU G 184 -5.56 -38.81 60.24
CA LEU G 184 -4.40 -39.08 61.09
C LEU G 184 -4.90 -39.60 62.43
N GLN G 185 -4.68 -40.89 62.67
CA GLN G 185 -5.15 -41.51 63.90
C GLN G 185 -4.23 -41.15 65.07
N SER G 186 -4.71 -41.42 66.28
CA SER G 186 -3.96 -41.09 67.49
C SER G 186 -2.60 -41.78 67.52
N SER G 187 -2.46 -42.92 66.82
CA SER G 187 -1.21 -43.66 66.77
C SER G 187 -0.16 -42.99 65.89
N GLY G 188 -0.53 -41.96 65.14
CA GLY G 188 0.38 -41.31 64.22
C GLY G 188 0.40 -41.86 62.82
N LEU G 189 -0.23 -43.00 62.59
CA LEU G 189 -0.37 -43.56 61.26
C LEU G 189 -1.65 -43.07 60.61
N TYR G 190 -1.70 -43.18 59.28
CA TYR G 190 -2.86 -42.74 58.52
C TYR G 190 -3.77 -43.92 58.19
N SER G 191 -5.04 -43.62 57.97
CA SER G 191 -6.02 -44.61 57.58
C SER G 191 -6.93 -44.01 56.52
N LEU G 192 -7.42 -44.88 55.63
CA LEU G 192 -8.11 -44.42 54.45
C LEU G 192 -9.09 -45.47 53.98
N SER G 193 -10.24 -45.03 53.47
CA SER G 193 -11.25 -45.90 52.90
C SER G 193 -11.45 -45.53 51.43
N SER G 194 -11.85 -46.52 50.64
CA SER G 194 -12.13 -46.30 49.22
C SER G 194 -13.31 -47.18 48.83
N VAL G 195 -14.45 -46.56 48.54
CA VAL G 195 -15.68 -47.29 48.24
C VAL G 195 -16.05 -47.10 46.78
N VAL G 196 -17.03 -47.87 46.34
CA VAL G 196 -17.55 -47.79 44.98
C VAL G 196 -18.95 -48.40 44.99
N THR G 197 -19.86 -47.75 44.27
CA THR G 197 -21.25 -48.20 44.18
C THR G 197 -21.47 -48.90 42.86
N VAL G 198 -21.97 -50.13 42.91
CA VAL G 198 -22.21 -50.94 41.72
C VAL G 198 -23.61 -51.52 41.81
N PRO G 199 -24.23 -51.86 40.67
CA PRO G 199 -25.56 -52.47 40.70
C PRO G 199 -25.56 -53.78 41.45
N SER G 200 -26.65 -54.03 42.19
CA SER G 200 -26.73 -55.22 43.04
C SER G 200 -26.67 -56.51 42.22
N SER G 201 -27.14 -56.47 40.97
CA SER G 201 -27.12 -57.63 40.10
C SER G 201 -25.71 -58.06 39.70
N SER G 202 -24.68 -57.34 40.15
CA SER G 202 -23.30 -57.64 39.78
C SER G 202 -22.51 -58.30 40.89
N LEU G 203 -23.01 -58.31 42.13
CA LEU G 203 -22.21 -58.78 43.25
C LEU G 203 -21.81 -60.25 43.10
N GLY G 204 -22.76 -61.10 42.71
CA GLY G 204 -22.49 -62.52 42.61
C GLY G 204 -21.81 -62.95 41.33
N THR G 205 -21.93 -62.15 40.26
CA THR G 205 -21.43 -62.55 38.95
C THR G 205 -20.16 -61.82 38.52
N GLN G 206 -19.86 -60.67 39.09
CA GLN G 206 -18.70 -59.88 38.70
C GLN G 206 -17.53 -60.15 39.66
N THR G 207 -16.41 -59.45 39.42
CA THR G 207 -15.20 -59.62 40.21
C THR G 207 -14.59 -58.24 40.44
N TYR G 208 -14.58 -57.80 41.70
CA TYR G 208 -14.12 -56.46 42.06
C TYR G 208 -12.81 -56.59 42.83
N ILE G 209 -11.73 -56.07 42.24
CA ILE G 209 -10.41 -56.09 42.83
C ILE G 209 -10.02 -54.66 43.20
N CYS G 210 -9.58 -54.47 44.43
CA CYS G 210 -9.14 -53.16 44.91
C CYS G 210 -7.62 -53.16 44.94
N ASN G 211 -7.01 -52.19 44.26
CA ASN G 211 -5.56 -52.11 44.09
C ASN G 211 -5.03 -50.94 44.90
N VAL G 212 -4.17 -51.24 45.87
CA VAL G 212 -3.57 -50.25 46.74
C VAL G 212 -2.08 -50.15 46.43
N ASN G 213 -1.56 -48.94 46.42
CA ASN G 213 -0.16 -48.70 46.06
C ASN G 213 0.40 -47.65 47.02
N HIS G 214 1.36 -48.05 47.85
CA HIS G 214 2.05 -47.16 48.79
C HIS G 214 3.50 -47.11 48.36
N LYS G 215 3.84 -46.11 47.56
CA LYS G 215 5.18 -45.97 46.99
C LYS G 215 6.28 -45.73 48.04
N PRO G 216 6.04 -44.94 49.09
CA PRO G 216 7.12 -44.73 50.08
C PRO G 216 7.66 -46.00 50.71
N SER G 217 6.89 -47.10 50.69
CA SER G 217 7.36 -48.38 51.19
C SER G 217 7.47 -49.44 50.10
N ASN G 218 7.20 -49.08 48.84
CA ASN G 218 7.22 -50.01 47.72
C ASN G 218 6.24 -51.16 47.95
N THR G 219 5.07 -50.84 48.48
CA THR G 219 4.06 -51.82 48.84
C THR G 219 2.92 -51.80 47.83
N LYS G 220 2.50 -52.99 47.39
CA LYS G 220 1.35 -53.14 46.50
C LYS G 220 0.48 -54.25 47.03
N VAL G 221 -0.82 -54.00 47.10
CA VAL G 221 -1.79 -54.96 47.62
C VAL G 221 -2.98 -55.02 46.67
N ASP G 222 -3.37 -56.23 46.28
CA ASP G 222 -4.55 -56.47 45.45
C ASP G 222 -5.50 -57.36 46.24
N LYS G 223 -6.61 -56.79 46.70
CA LYS G 223 -7.57 -57.50 47.53
C LYS G 223 -8.89 -57.64 46.78
N ARG G 224 -9.39 -58.87 46.71
CA ARG G 224 -10.69 -59.15 46.09
C ARG G 224 -11.78 -58.96 47.12
N VAL G 225 -12.84 -58.26 46.73
CA VAL G 225 -13.98 -58.00 47.61
C VAL G 225 -15.12 -58.93 47.21
N GLU G 226 -15.65 -59.67 48.17
CA GLU G 226 -16.74 -60.60 47.95
C GLU G 226 -17.70 -60.56 49.13
N PRO G 227 -18.96 -60.91 48.92
CA PRO G 227 -19.90 -60.97 50.04
C PRO G 227 -19.57 -62.09 51.01
N LYS G 228 -20.13 -62.00 52.20
CA LYS G 228 -19.92 -63.01 53.23
C LYS G 228 -20.63 -64.32 52.87
N GLU H 1 8.34 -9.24 46.53
CA GLU H 1 8.13 -7.81 46.39
C GLU H 1 6.78 -7.49 45.75
N ILE H 2 6.37 -8.31 44.78
CA ILE H 2 5.08 -8.18 44.13
C ILE H 2 4.18 -9.31 44.65
N VAL H 3 3.19 -8.95 45.46
CA VAL H 3 2.32 -9.90 46.11
C VAL H 3 0.94 -9.80 45.48
N LEU H 4 0.35 -10.96 45.16
CA LEU H 4 -0.96 -11.04 44.53
C LEU H 4 -2.00 -11.47 45.56
N THR H 5 -2.96 -10.60 45.83
CA THR H 5 -4.04 -10.89 46.77
C THR H 5 -5.31 -11.16 45.97
N GLN H 6 -5.73 -12.41 45.93
CA GLN H 6 -6.95 -12.76 45.22
C GLN H 6 -8.16 -12.56 46.13
N SER H 7 -9.33 -12.50 45.50
CA SER H 7 -10.59 -12.36 46.20
C SER H 7 -11.69 -12.86 45.29
N PRO H 8 -12.82 -13.35 45.84
CA PRO H 8 -13.03 -13.58 47.27
C PRO H 8 -12.27 -14.81 47.74
N GLY H 9 -12.23 -15.05 49.05
CA GLY H 9 -11.52 -16.22 49.55
C GLY H 9 -12.14 -17.50 49.04
N THR H 10 -13.46 -17.59 49.10
CA THR H 10 -14.20 -18.74 48.60
C THR H 10 -15.34 -18.23 47.72
N LEU H 11 -15.40 -18.73 46.49
CA LEU H 11 -16.33 -18.24 45.48
C LEU H 11 -17.55 -19.15 45.44
N SER H 12 -18.61 -18.75 46.15
CA SER H 12 -19.87 -19.48 46.11
C SER H 12 -20.60 -19.14 44.82
N LEU H 13 -20.83 -20.15 43.99
CA LEU H 13 -21.39 -19.94 42.66
C LEU H 13 -22.34 -21.07 42.31
N SER H 14 -23.52 -20.72 41.83
CA SER H 14 -24.56 -21.68 41.49
C SER H 14 -24.28 -22.30 40.11
N PRO H 15 -24.77 -23.52 39.87
CA PRO H 15 -24.57 -24.12 38.55
C PRO H 15 -25.25 -23.31 37.47
N GLY H 16 -24.51 -23.03 36.40
CA GLY H 16 -25.00 -22.20 35.33
C GLY H 16 -24.96 -20.71 35.60
N ASP H 17 -24.60 -20.30 36.81
CA ASP H 17 -24.50 -18.90 37.15
C ASP H 17 -23.17 -18.33 36.64
N SER H 18 -22.99 -17.03 36.79
CA SER H 18 -21.83 -16.32 36.26
C SER H 18 -21.24 -15.44 37.35
N ALA H 19 -19.93 -15.55 37.57
CA ALA H 19 -19.25 -14.73 38.56
C ALA H 19 -17.78 -14.58 38.17
N THR H 20 -17.18 -13.47 38.60
CA THR H 20 -15.82 -13.14 38.23
C THR H 20 -14.92 -13.02 39.46
N LEU H 21 -13.65 -13.39 39.28
CA LEU H 21 -12.65 -13.37 40.34
C LEU H 21 -11.76 -12.14 40.20
N SER H 22 -10.94 -11.90 41.23
CA SER H 22 -10.08 -10.73 41.30
C SER H 22 -8.67 -11.13 41.71
N CYS H 23 -7.68 -10.37 41.24
CA CYS H 23 -6.27 -10.62 41.55
C CYS H 23 -5.54 -9.27 41.53
N ARG H 24 -5.47 -8.63 42.70
CA ARG H 24 -4.83 -7.33 42.83
C ARG H 24 -3.37 -7.50 43.18
N ALA H 25 -2.53 -6.64 42.60
CA ALA H 25 -1.09 -6.71 42.79
C ALA H 25 -0.59 -5.50 43.58
N SER H 26 0.49 -5.72 44.34
CA SER H 26 1.04 -4.64 45.14
C SER H 26 1.71 -3.58 44.27
N GLN H 27 2.21 -3.97 43.10
CA GLN H 27 2.82 -3.04 42.17
C GLN H 27 2.31 -3.35 40.77
N SER H 28 2.68 -2.49 39.82
CA SER H 28 2.25 -2.68 38.44
C SER H 28 2.85 -3.96 37.86
N VAL H 29 2.09 -4.63 37.01
CA VAL H 29 2.46 -5.92 36.45
C VAL H 29 2.38 -5.85 34.93
N ALA H 30 3.39 -6.41 34.27
CA ALA H 30 3.38 -6.52 32.81
C ALA H 30 2.27 -7.46 32.39
N SER H 31 1.24 -6.92 31.73
CA SER H 31 0.02 -7.68 31.50
C SER H 31 0.27 -8.96 30.70
N SER H 32 1.29 -8.96 29.85
CA SER H 32 1.59 -10.19 29.10
C SER H 32 2.08 -11.31 30.01
N TYR H 33 2.58 -10.98 31.20
CA TYR H 33 3.21 -11.96 32.08
C TYR H 33 2.28 -12.47 33.17
N LEU H 34 1.03 -12.04 33.19
CA LEU H 34 0.04 -12.53 34.15
C LEU H 34 -0.67 -13.76 33.60
N ALA H 35 -0.91 -14.74 34.47
CA ALA H 35 -1.52 -16.00 34.05
C ALA H 35 -2.58 -16.39 35.07
N TRP H 36 -3.24 -17.51 34.80
CA TRP H 36 -4.22 -18.10 35.72
C TRP H 36 -4.13 -19.60 35.63
N TYR H 37 -4.29 -20.28 36.76
CA TYR H 37 -4.14 -21.72 36.80
C TYR H 37 -5.35 -22.34 37.49
N GLN H 38 -5.75 -23.51 37.01
CA GLN H 38 -6.89 -24.23 37.55
C GLN H 38 -6.40 -25.54 38.12
N GLN H 39 -6.75 -25.81 39.38
CA GLN H 39 -6.31 -27.03 40.06
C GLN H 39 -7.55 -27.81 40.49
N LYS H 40 -7.92 -28.82 39.69
CA LYS H 40 -9.03 -29.69 40.04
C LYS H 40 -8.67 -30.55 41.24
N PRO H 41 -9.68 -31.05 41.96
CA PRO H 41 -9.39 -31.88 43.15
C PRO H 41 -8.55 -33.09 42.81
N GLY H 42 -7.50 -33.31 43.60
CA GLY H 42 -6.66 -34.47 43.42
C GLY H 42 -5.73 -34.42 42.24
N GLN H 43 -5.64 -33.29 41.54
CA GLN H 43 -4.78 -33.15 40.37
C GLN H 43 -3.81 -32.00 40.55
N SER H 44 -2.75 -32.01 39.75
CA SER H 44 -1.81 -30.91 39.73
C SER H 44 -2.44 -29.72 39.00
N PRO H 45 -1.90 -28.52 39.20
CA PRO H 45 -2.41 -27.35 38.48
C PRO H 45 -2.32 -27.52 36.97
N ARG H 46 -3.02 -26.64 36.27
CA ARG H 46 -3.18 -26.71 34.83
C ARG H 46 -3.35 -25.30 34.30
N LEU H 47 -2.64 -24.97 33.22
CA LEU H 47 -2.68 -23.61 32.68
C LEU H 47 -4.06 -23.32 32.14
N LEU H 48 -4.67 -22.25 32.65
CA LEU H 48 -6.00 -21.82 32.24
C LEU H 48 -5.97 -20.61 31.32
N ILE H 49 -5.22 -19.58 31.68
CA ILE H 49 -5.12 -18.35 30.91
C ILE H 49 -3.68 -17.83 30.97
N TYR H 50 -3.20 -17.31 29.85
CA TYR H 50 -1.89 -16.70 29.78
C TYR H 50 -1.99 -15.37 29.04
N ALA H 51 -1.07 -14.47 29.35
CA ALA H 51 -1.02 -13.13 28.78
C ALA H 51 -2.30 -12.32 29.08
N THR H 52 -3.02 -12.68 30.15
CA THR H 52 -4.17 -12.02 30.75
C THR H 52 -5.46 -12.19 29.93
N ILE H 53 -5.40 -12.65 28.69
CA ILE H 53 -6.60 -12.70 27.87
C ILE H 53 -6.74 -14.05 27.18
N ASN H 54 -5.62 -14.73 26.95
CA ASN H 54 -5.58 -15.86 26.03
C ASN H 54 -5.89 -17.15 26.78
N ARG H 55 -6.90 -17.86 26.33
CA ARG H 55 -7.20 -19.17 26.88
C ARG H 55 -6.12 -20.17 26.47
N ALA H 56 -5.78 -21.07 27.38
CA ALA H 56 -4.84 -22.13 27.06
C ALA H 56 -5.53 -23.21 26.24
N ALA H 57 -4.79 -24.24 25.87
CA ALA H 57 -5.34 -25.30 25.03
C ALA H 57 -6.41 -26.09 25.78
N ASP H 58 -7.48 -26.41 25.07
CA ASP H 58 -8.57 -27.24 25.58
C ASP H 58 -9.26 -26.59 26.78
N ILE H 59 -9.40 -25.27 26.73
CA ILE H 59 -10.08 -24.50 27.77
C ILE H 59 -11.40 -24.00 27.20
N PRO H 60 -12.52 -24.23 27.86
CA PRO H 60 -13.83 -23.86 27.29
C PRO H 60 -14.04 -22.36 27.23
N ASP H 61 -15.10 -21.97 26.52
CA ASP H 61 -15.43 -20.56 26.32
C ASP H 61 -15.83 -19.85 27.60
N ARG H 62 -16.14 -20.59 28.67
CA ARG H 62 -16.63 -19.95 29.89
C ARG H 62 -15.56 -19.09 30.54
N PHE H 63 -14.29 -19.50 30.45
CA PHE H 63 -13.21 -18.81 31.14
C PHE H 63 -12.67 -17.70 30.25
N SER H 64 -12.62 -16.49 30.81
CA SER H 64 -12.18 -15.31 30.09
C SER H 64 -11.43 -14.40 31.05
N GLY H 65 -10.39 -13.73 30.55
CA GLY H 65 -9.57 -12.87 31.38
C GLY H 65 -9.56 -11.44 30.85
N SER H 66 -9.36 -10.50 31.76
CA SER H 66 -9.27 -9.08 31.43
C SER H 66 -8.46 -8.38 32.50
N GLY H 67 -8.25 -7.09 32.32
CA GLY H 67 -7.56 -6.26 33.29
C GLY H 67 -6.20 -5.79 32.80
N SER H 68 -5.65 -4.82 33.52
CA SER H 68 -4.37 -4.24 33.19
C SER H 68 -3.84 -3.51 34.42
N GLY H 69 -2.51 -3.39 34.47
CA GLY H 69 -1.86 -2.63 35.51
C GLY H 69 -1.85 -3.31 36.87
N THR H 70 -2.67 -2.80 37.79
CA THR H 70 -2.71 -3.29 39.16
C THR H 70 -3.77 -4.38 39.37
N ASP H 71 -4.95 -4.21 38.78
CA ASP H 71 -6.08 -5.11 39.00
C ASP H 71 -6.31 -6.00 37.79
N PHE H 72 -6.45 -7.30 38.03
CA PHE H 72 -6.74 -8.29 37.00
C PHE H 72 -7.93 -9.13 37.44
N ALA H 73 -8.53 -9.84 36.48
CA ALA H 73 -9.77 -10.55 36.77
C ALA H 73 -9.92 -11.76 35.86
N LEU H 74 -10.62 -12.76 36.37
CA LEU H 74 -11.01 -13.96 35.64
C LEU H 74 -12.51 -14.14 35.83
N THR H 75 -13.21 -14.53 34.77
CA THR H 75 -14.66 -14.66 34.79
C THR H 75 -15.07 -16.07 34.42
N ILE H 76 -15.92 -16.68 35.25
CA ILE H 76 -16.50 -17.99 35.00
C ILE H 76 -17.97 -17.79 34.65
N SER H 77 -18.34 -18.10 33.41
CA SER H 77 -19.56 -17.54 32.83
C SER H 77 -20.77 -18.46 32.92
N ARG H 78 -20.63 -19.75 32.60
CA ARG H 78 -21.76 -20.69 32.66
C ARG H 78 -21.26 -21.91 33.42
N LEU H 79 -21.49 -21.91 34.74
CA LEU H 79 -20.83 -22.85 35.64
C LEU H 79 -21.21 -24.30 35.38
N GLU H 80 -20.26 -25.09 34.91
CA GLU H 80 -20.43 -26.52 34.81
C GLU H 80 -19.91 -27.20 36.06
N PRO H 81 -20.41 -28.39 36.39
CA PRO H 81 -19.88 -29.11 37.56
C PRO H 81 -18.41 -29.44 37.42
N GLU H 82 -17.92 -29.68 36.20
CA GLU H 82 -16.52 -30.00 35.97
C GLU H 82 -15.60 -28.82 36.26
N ASP H 83 -16.14 -27.64 36.51
CA ASP H 83 -15.33 -26.45 36.75
C ASP H 83 -14.91 -26.30 38.20
N PHE H 84 -15.39 -27.15 39.10
CA PHE H 84 -15.02 -27.08 40.50
C PHE H 84 -13.54 -27.33 40.66
N ALA H 85 -12.82 -26.32 41.16
CA ALA H 85 -11.36 -26.37 41.32
C ALA H 85 -10.94 -25.15 42.12
N VAL H 86 -9.63 -24.97 42.27
CA VAL H 86 -9.06 -23.77 42.88
C VAL H 86 -8.36 -22.98 41.78
N TYR H 87 -8.48 -21.66 41.84
CA TYR H 87 -7.99 -20.79 40.79
C TYR H 87 -6.92 -19.84 41.35
N TYR H 88 -5.70 -19.98 40.85
CA TYR H 88 -4.56 -19.17 41.25
C TYR H 88 -4.18 -18.23 40.10
N CYS H 89 -3.86 -16.98 40.44
CA CYS H 89 -3.26 -16.08 39.48
C CYS H 89 -1.76 -16.00 39.73
N GLN H 90 -1.00 -15.74 38.67
CA GLN H 90 0.46 -15.79 38.76
C GLN H 90 1.05 -14.70 37.88
N GLN H 91 2.11 -14.07 38.37
CA GLN H 91 2.75 -12.95 37.68
C GLN H 91 4.25 -13.16 37.65
N PHE H 92 4.95 -12.23 37.00
CA PHE H 92 6.40 -12.29 36.87
C PHE H 92 6.95 -10.88 36.78
N ASP H 93 8.06 -10.65 37.49
CA ASP H 93 8.84 -9.44 37.31
C ASP H 93 10.31 -9.78 37.41
N SER H 94 11.17 -8.81 37.07
CA SER H 94 12.60 -9.09 37.02
C SER H 94 13.20 -9.30 38.41
N SER H 95 12.70 -8.58 39.41
CA SER H 95 13.31 -8.56 40.74
C SER H 95 12.80 -9.67 41.65
N SER H 96 11.51 -9.99 41.54
CA SER H 96 10.80 -10.83 42.51
C SER H 96 10.06 -11.93 41.76
N MET H 97 10.81 -12.76 41.04
CA MET H 97 10.30 -13.66 40.01
C MET H 97 9.22 -14.61 40.52
N TYR H 98 8.69 -15.46 39.63
CA TYR H 98 7.31 -15.91 39.64
C TYR H 98 6.69 -16.02 41.03
N THR H 99 5.57 -15.33 41.22
CA THR H 99 4.84 -15.36 42.48
C THR H 99 3.37 -15.64 42.20
N PHE H 100 2.74 -16.38 43.10
CA PHE H 100 1.35 -16.78 42.96
C PHE H 100 0.49 -16.02 43.97
N GLY H 101 -0.81 -16.24 43.89
CA GLY H 101 -1.72 -15.79 44.92
C GLY H 101 -2.06 -16.93 45.85
N GLN H 102 -2.82 -16.60 46.90
CA GLN H 102 -3.25 -17.64 47.83
C GLN H 102 -4.27 -18.58 47.20
N GLY H 103 -4.86 -18.19 46.06
CA GLY H 103 -5.85 -19.03 45.40
C GLY H 103 -7.26 -18.74 45.87
N THR H 104 -8.21 -18.79 44.96
CA THR H 104 -9.63 -18.64 45.28
C THR H 104 -10.30 -20.00 45.20
N LYS H 105 -10.88 -20.44 46.32
CA LYS H 105 -11.55 -21.74 46.37
C LYS H 105 -12.99 -21.59 45.86
N LEU H 106 -13.50 -22.67 45.26
CA LEU H 106 -14.82 -22.66 44.66
C LEU H 106 -15.80 -23.45 45.51
N GLU H 107 -17.08 -23.12 45.37
CA GLU H 107 -18.15 -23.82 46.08
C GLU H 107 -19.40 -23.81 45.22
N ILE H 108 -19.77 -24.98 44.70
CA ILE H 108 -20.96 -25.08 43.84
C ILE H 108 -22.18 -25.24 44.74
N THR H 109 -23.16 -24.35 44.59
CA THR H 109 -24.38 -24.38 45.38
C THR H 109 -25.50 -25.03 44.55
N ARG H 110 -25.46 -26.36 44.49
CA ARG H 110 -26.46 -27.11 43.75
C ARG H 110 -27.70 -27.32 44.63
N THR H 111 -28.58 -28.23 44.21
CA THR H 111 -29.85 -28.45 44.90
C THR H 111 -29.72 -29.58 45.92
N VAL H 112 -30.77 -29.80 46.70
CA VAL H 112 -30.71 -30.79 47.77
C VAL H 112 -30.63 -32.19 47.16
N ALA H 113 -29.72 -33.01 47.70
CA ALA H 113 -29.58 -34.40 47.28
C ALA H 113 -29.41 -35.26 48.52
N ALA H 114 -30.29 -36.24 48.69
CA ALA H 114 -30.23 -37.09 49.86
C ALA H 114 -29.11 -38.12 49.72
N PRO H 115 -28.54 -38.58 50.83
CA PRO H 115 -27.46 -39.58 50.75
C PRO H 115 -27.99 -41.00 50.72
N SER H 116 -27.20 -41.88 50.12
CA SER H 116 -27.39 -43.31 50.24
C SER H 116 -26.43 -43.82 51.32
N VAL H 117 -26.97 -44.57 52.28
CA VAL H 117 -26.23 -44.95 53.48
C VAL H 117 -25.95 -46.44 53.45
N PHE H 118 -24.71 -46.81 53.77
CA PHE H 118 -24.29 -48.20 53.85
C PHE H 118 -23.42 -48.38 55.09
N ILE H 119 -23.52 -49.55 55.70
CA ILE H 119 -22.71 -49.88 56.86
C ILE H 119 -21.91 -51.14 56.55
N PHE H 120 -20.65 -51.16 56.99
CA PHE H 120 -19.73 -52.25 56.68
C PHE H 120 -19.18 -52.86 57.97
N PRO H 121 -19.49 -54.12 58.26
CA PRO H 121 -18.91 -54.76 59.45
C PRO H 121 -17.42 -54.97 59.25
N PRO H 122 -16.66 -55.13 60.34
CA PRO H 122 -15.21 -55.34 60.20
C PRO H 122 -14.92 -56.69 59.56
N SER H 123 -13.92 -56.71 58.67
CA SER H 123 -13.56 -57.92 57.96
C SER H 123 -13.03 -58.98 58.92
N ASP H 124 -13.20 -60.24 58.52
CA ASP H 124 -12.62 -61.33 59.30
C ASP H 124 -11.10 -61.27 59.29
N GLU H 125 -10.51 -60.65 58.26
CA GLU H 125 -9.06 -60.51 58.18
C GLU H 125 -8.56 -59.49 59.20
N GLN H 126 -9.33 -58.42 59.43
CA GLN H 126 -8.89 -57.38 60.35
C GLN H 126 -9.03 -57.84 61.80
N LEU H 127 -10.07 -58.62 62.12
CA LEU H 127 -10.25 -59.07 63.49
C LEU H 127 -9.10 -59.95 63.96
N LYS H 128 -8.36 -60.57 63.03
CA LYS H 128 -7.19 -61.35 63.42
C LYS H 128 -6.11 -60.46 64.02
N SER H 129 -6.01 -59.21 63.57
CA SER H 129 -5.01 -58.28 64.07
C SER H 129 -5.47 -57.52 65.31
N GLY H 130 -6.52 -57.99 65.97
CA GLY H 130 -6.91 -57.45 67.27
C GLY H 130 -7.69 -56.17 67.24
N THR H 131 -7.80 -55.49 66.11
CA THR H 131 -8.55 -54.26 65.99
C THR H 131 -9.80 -54.47 65.14
N ALA H 132 -10.80 -53.62 65.36
CA ALA H 132 -12.05 -53.69 64.62
C ALA H 132 -12.45 -52.29 64.16
N SER H 133 -12.82 -52.18 62.90
CA SER H 133 -13.24 -50.91 62.31
C SER H 133 -14.60 -51.10 61.67
N VAL H 134 -15.57 -50.28 62.07
CA VAL H 134 -16.90 -50.25 61.48
C VAL H 134 -17.03 -48.97 60.70
N VAL H 135 -17.34 -49.08 59.41
CA VAL H 135 -17.37 -47.95 58.49
C VAL H 135 -18.82 -47.65 58.13
N CYS H 136 -19.19 -46.38 58.18
CA CYS H 136 -20.49 -45.91 57.72
C CYS H 136 -20.29 -44.98 56.54
N LEU H 137 -20.97 -45.26 55.44
CA LEU H 137 -20.78 -44.54 54.19
C LEU H 137 -21.99 -43.69 53.87
N LEU H 138 -21.75 -42.44 53.49
CA LEU H 138 -22.78 -41.53 52.99
C LEU H 138 -22.38 -41.14 51.58
N ASN H 139 -23.19 -41.51 50.60
CA ASN H 139 -22.81 -41.40 49.19
C ASN H 139 -23.63 -40.30 48.51
N ASN H 140 -22.93 -39.28 47.99
CA ASN H 140 -23.48 -38.30 47.06
C ASN H 140 -24.68 -37.55 47.64
N PHE H 141 -24.38 -36.75 48.66
CA PHE H 141 -25.38 -35.88 49.28
C PHE H 141 -25.00 -34.41 49.09
N TYR H 142 -25.95 -33.53 49.42
CA TYR H 142 -25.75 -32.09 49.42
C TYR H 142 -26.88 -31.42 50.19
N PRO H 143 -26.60 -30.37 51.00
CA PRO H 143 -25.30 -29.80 51.37
C PRO H 143 -24.55 -30.62 52.43
N ARG H 144 -23.56 -30.01 53.09
CA ARG H 144 -22.66 -30.82 53.91
C ARG H 144 -23.25 -31.18 55.27
N GLU H 145 -24.04 -30.29 55.88
CA GLU H 145 -24.49 -30.51 57.26
C GLU H 145 -25.20 -31.85 57.39
N ALA H 146 -24.57 -32.79 58.08
CA ALA H 146 -25.11 -34.13 58.25
C ALA H 146 -24.61 -34.68 59.58
N LYS H 147 -25.56 -35.12 60.42
CA LYS H 147 -25.25 -35.62 61.75
C LYS H 147 -25.14 -37.15 61.69
N VAL H 148 -23.95 -37.67 61.96
CA VAL H 148 -23.72 -39.10 62.03
C VAL H 148 -23.46 -39.47 63.48
N GLN H 149 -24.23 -40.44 64.00
CA GLN H 149 -24.07 -40.91 65.36
C GLN H 149 -24.02 -42.44 65.36
N TRP H 150 -23.13 -42.98 66.18
CA TRP H 150 -23.03 -44.43 66.34
C TRP H 150 -23.73 -44.86 67.62
N LYS H 151 -24.37 -46.03 67.57
CA LYS H 151 -25.03 -46.59 68.75
C LYS H 151 -24.72 -48.08 68.80
N VAL H 152 -23.99 -48.49 69.83
CA VAL H 152 -23.58 -49.88 70.02
C VAL H 152 -24.42 -50.45 71.15
N ASP H 153 -25.33 -51.36 70.81
CA ASP H 153 -26.33 -51.88 71.75
C ASP H 153 -27.15 -50.74 72.34
N ASN H 154 -27.56 -49.82 71.47
CA ASN H 154 -28.34 -48.64 71.86
C ASN H 154 -27.60 -47.76 72.85
N ALA H 155 -26.27 -47.74 72.76
CA ALA H 155 -25.43 -46.88 73.58
C ALA H 155 -24.62 -45.98 72.66
N LEU H 156 -24.73 -44.66 72.87
CA LEU H 156 -24.12 -43.70 71.97
C LEU H 156 -22.60 -43.69 72.13
N GLN H 157 -21.90 -43.73 71.01
CA GLN H 157 -20.44 -43.70 70.98
C GLN H 157 -19.94 -42.31 70.62
N SER H 158 -18.95 -41.82 71.38
CA SER H 158 -18.35 -40.53 71.09
C SER H 158 -16.89 -40.54 71.50
N GLY H 159 -16.07 -39.81 70.75
CA GLY H 159 -14.65 -39.73 71.02
C GLY H 159 -13.83 -40.86 70.45
N ASN H 160 -14.46 -41.91 69.91
CA ASN H 160 -13.75 -43.02 69.29
C ASN H 160 -14.10 -43.18 67.82
N SER H 161 -14.55 -42.11 67.18
CA SER H 161 -14.92 -42.14 65.77
C SER H 161 -14.34 -40.92 65.07
N GLN H 162 -14.16 -41.04 63.75
CA GLN H 162 -13.63 -39.97 62.93
C GLN H 162 -14.38 -39.93 61.61
N GLU H 163 -14.51 -38.73 61.06
CA GLU H 163 -15.20 -38.54 59.78
C GLU H 163 -14.20 -38.08 58.73
N SER H 164 -14.59 -38.28 57.47
CA SER H 164 -13.78 -37.87 56.33
C SER H 164 -14.70 -37.55 55.17
N VAL H 165 -14.58 -36.33 54.65
CA VAL H 165 -15.46 -35.83 53.60
C VAL H 165 -14.64 -35.61 52.33
N THR H 166 -15.13 -36.14 51.22
CA THR H 166 -14.47 -35.93 49.93
C THR H 166 -14.71 -34.51 49.44
N GLU H 167 -14.01 -34.14 48.37
CA GLU H 167 -14.30 -32.86 47.76
C GLU H 167 -15.61 -32.95 46.97
N GLN H 168 -16.11 -31.79 46.55
CA GLN H 168 -17.29 -31.78 45.70
C GLN H 168 -17.02 -32.55 44.41
N ASP H 169 -17.97 -33.38 44.03
CA ASP H 169 -17.76 -34.28 42.90
C ASP H 169 -17.65 -33.51 41.59
N SER H 170 -16.92 -34.09 40.64
CA SER H 170 -16.70 -33.47 39.34
C SER H 170 -17.89 -33.64 38.40
N LYS H 171 -18.86 -34.49 38.74
CA LYS H 171 -20.00 -34.75 37.88
C LYS H 171 -21.29 -34.16 38.42
N ASP H 172 -21.65 -34.46 39.68
CA ASP H 172 -22.88 -33.94 40.26
C ASP H 172 -22.64 -32.99 41.44
N SER H 173 -21.38 -32.67 41.76
CA SER H 173 -21.05 -31.68 42.78
C SER H 173 -21.69 -32.03 44.13
N THR H 174 -21.45 -33.26 44.58
CA THR H 174 -22.02 -33.76 45.81
C THR H 174 -20.92 -34.26 46.74
N TYR H 175 -21.22 -34.24 48.04
CA TYR H 175 -20.29 -34.69 49.06
C TYR H 175 -20.43 -36.18 49.31
N SER H 176 -19.40 -36.76 49.93
CA SER H 176 -19.41 -38.16 50.33
C SER H 176 -18.59 -38.28 51.61
N LEU H 177 -19.20 -38.86 52.64
CA LEU H 177 -18.61 -38.89 53.98
C LEU H 177 -18.42 -40.33 54.42
N SER H 178 -17.31 -40.59 55.11
CA SER H 178 -17.02 -41.88 55.71
C SER H 178 -16.77 -41.69 57.20
N SER H 179 -17.62 -42.32 58.01
CA SER H 179 -17.48 -42.31 59.47
C SER H 179 -16.99 -43.67 59.91
N THR H 180 -15.81 -43.71 60.52
CA THR H 180 -15.18 -44.96 60.94
C THR H 180 -15.16 -45.05 62.45
N LEU H 181 -15.68 -46.16 62.98
CA LEU H 181 -15.74 -46.41 64.42
C LEU H 181 -14.68 -47.45 64.77
N THR H 182 -13.66 -47.03 65.51
CA THR H 182 -12.54 -47.88 65.87
C THR H 182 -12.67 -48.36 67.30
N LEU H 183 -12.60 -49.68 67.50
CA LEU H 183 -12.54 -50.24 68.83
C LEU H 183 -11.87 -51.60 68.76
N SER H 184 -11.41 -52.07 69.93
CA SER H 184 -10.61 -53.28 70.01
C SER H 184 -11.46 -54.53 69.77
N LYS H 185 -10.77 -55.64 69.51
CA LYS H 185 -11.47 -56.90 69.32
C LYS H 185 -12.22 -57.33 70.58
N ALA H 186 -11.67 -56.99 71.75
CA ALA H 186 -12.36 -57.32 72.99
C ALA H 186 -13.66 -56.53 73.12
N ASP H 187 -13.62 -55.23 72.83
CA ASP H 187 -14.82 -54.42 72.90
C ASP H 187 -15.80 -54.76 71.79
N TYR H 188 -15.31 -55.23 70.64
CA TYR H 188 -16.20 -55.50 69.52
C TYR H 188 -17.08 -56.71 69.79
N GLU H 189 -16.52 -57.75 70.40
CA GLU H 189 -17.25 -58.98 70.67
C GLU H 189 -18.01 -58.94 71.98
N LYS H 190 -17.90 -57.84 72.74
CA LYS H 190 -18.64 -57.67 73.98
C LYS H 190 -20.04 -57.11 73.74
N HIS H 191 -20.37 -56.77 72.50
CA HIS H 191 -21.68 -56.21 72.15
C HIS H 191 -22.16 -56.86 70.87
N LYS H 192 -23.45 -56.70 70.59
CA LYS H 192 -24.09 -57.39 69.47
C LYS H 192 -24.49 -56.43 68.34
N LEU H 193 -25.31 -55.42 68.65
CA LEU H 193 -25.90 -54.57 67.63
C LEU H 193 -25.04 -53.34 67.36
N TYR H 194 -24.70 -53.12 66.10
CA TYR H 194 -23.93 -51.96 65.67
C TYR H 194 -24.76 -51.18 64.67
N ALA H 195 -25.04 -49.91 64.97
CA ALA H 195 -25.93 -49.10 64.17
C ALA H 195 -25.30 -47.75 63.85
N CYS H 196 -25.62 -47.23 62.67
CA CYS H 196 -25.19 -45.92 62.20
C CYS H 196 -26.41 -45.11 61.83
N GLU H 197 -26.63 -44.00 62.52
CA GLU H 197 -27.81 -43.16 62.34
C GLU H 197 -27.40 -41.85 61.70
N VAL H 198 -28.03 -41.51 60.57
CA VAL H 198 -27.66 -40.34 59.77
C VAL H 198 -28.85 -39.42 59.69
N THR H 199 -28.65 -38.16 60.11
CA THR H 199 -29.67 -37.13 60.05
C THR H 199 -29.25 -36.10 59.00
N HIS H 200 -30.01 -36.00 57.93
CA HIS H 200 -29.72 -35.06 56.86
C HIS H 200 -30.97 -34.28 56.50
N GLN H 201 -30.76 -33.12 55.89
CA GLN H 201 -31.89 -32.27 55.50
C GLN H 201 -32.57 -32.76 54.23
N GLY H 202 -31.96 -33.71 53.52
CA GLY H 202 -32.56 -34.28 52.33
C GLY H 202 -33.44 -35.48 52.55
N LEU H 203 -33.46 -36.04 53.75
CA LEU H 203 -34.25 -37.21 54.08
C LEU H 203 -35.51 -36.80 54.84
N SER H 204 -36.53 -37.66 54.76
CA SER H 204 -37.79 -37.37 55.43
C SER H 204 -37.68 -37.55 56.94
N SER H 205 -36.75 -38.39 57.39
CA SER H 205 -36.57 -38.65 58.81
C SER H 205 -35.15 -39.21 58.98
N PRO H 206 -34.66 -39.27 60.22
CA PRO H 206 -33.34 -39.88 60.43
C PRO H 206 -33.31 -41.33 59.97
N VAL H 207 -32.27 -41.67 59.22
CA VAL H 207 -32.08 -43.00 58.64
C VAL H 207 -31.10 -43.78 59.50
N THR H 208 -31.36 -45.07 59.69
CA THR H 208 -30.51 -45.93 60.51
C THR H 208 -30.18 -47.20 59.73
N LYS H 209 -28.91 -47.58 59.76
CA LYS H 209 -28.43 -48.82 59.15
C LYS H 209 -27.68 -49.61 60.21
N SER H 210 -27.99 -50.90 60.34
CA SER H 210 -27.41 -51.67 61.42
C SER H 210 -27.20 -53.12 60.98
N PHE H 211 -26.39 -53.83 61.78
CA PHE H 211 -26.17 -55.26 61.58
C PHE H 211 -25.95 -55.90 62.95
N ASN H 212 -26.40 -57.14 63.09
CA ASN H 212 -26.09 -57.94 64.26
C ASN H 212 -24.74 -58.62 64.04
N ARG H 213 -23.93 -58.65 65.09
CA ARG H 213 -22.59 -59.22 64.98
C ARG H 213 -22.66 -60.68 64.60
N GLY H 214 -22.12 -61.00 63.43
CA GLY H 214 -22.13 -62.37 62.94
C GLY H 214 -23.37 -62.76 62.19
N GLU H 215 -23.71 -61.99 61.15
CA GLU H 215 -24.85 -62.29 60.30
C GLU H 215 -24.64 -61.75 58.89
N GLN I 1 31.53 6.42 -31.46
CA GLN I 1 31.03 7.39 -30.50
C GLN I 1 32.18 8.10 -29.78
N VAL I 2 32.69 7.47 -28.71
CA VAL I 2 33.79 8.02 -27.93
C VAL I 2 35.06 7.28 -28.29
N GLN I 3 36.16 8.02 -28.46
CA GLN I 3 37.43 7.46 -28.88
C GLN I 3 38.56 8.16 -28.13
N LEU I 4 39.67 7.44 -27.95
CA LEU I 4 40.84 7.95 -27.26
C LEU I 4 42.07 7.76 -28.13
N GLN I 5 42.78 8.85 -28.41
CA GLN I 5 43.97 8.83 -29.25
C GLN I 5 45.18 9.18 -28.41
N GLN I 6 46.13 8.25 -28.33
CA GLN I 6 47.34 8.43 -27.54
C GLN I 6 48.51 8.86 -28.41
N SER I 7 49.47 9.55 -27.80
CA SER I 7 50.69 9.96 -28.49
C SER I 7 51.74 10.28 -27.46
N GLY I 8 53.00 10.11 -27.84
CA GLY I 8 54.11 10.38 -26.96
C GLY I 8 55.36 9.64 -27.36
N PRO I 9 56.51 10.05 -26.82
CA PRO I 9 57.78 9.40 -27.18
C PRO I 9 57.79 7.95 -26.76
N GLY I 10 58.24 7.08 -27.68
CA GLY I 10 58.32 5.66 -27.41
C GLY I 10 59.59 5.21 -26.73
N LEU I 11 60.57 6.10 -26.59
CA LEU I 11 61.84 5.79 -25.94
C LEU I 11 62.19 6.94 -25.00
N VAL I 12 62.68 6.59 -23.80
CA VAL I 12 63.00 7.57 -22.78
C VAL I 12 64.40 7.30 -22.23
N LYS I 13 65.25 8.32 -22.23
CA LYS I 13 66.56 8.20 -21.58
C LYS I 13 66.34 7.93 -20.10
N PRO I 14 67.03 6.94 -19.50
CA PRO I 14 66.60 6.47 -18.18
C PRO I 14 66.96 7.40 -17.03
N SER I 15 66.70 8.70 -17.19
CA SER I 15 66.73 9.65 -16.08
C SER I 15 65.68 10.74 -16.19
N GLN I 16 65.07 10.93 -17.36
CA GLN I 16 64.27 12.10 -17.67
C GLN I 16 62.79 11.84 -17.39
N THR I 17 61.95 12.77 -17.81
CA THR I 17 60.53 12.72 -17.52
C THR I 17 59.77 12.08 -18.68
N LEU I 18 59.02 11.03 -18.39
CA LEU I 18 58.16 10.39 -19.38
C LEU I 18 56.90 11.23 -19.56
N SER I 19 56.56 11.52 -20.82
CA SER I 19 55.41 12.35 -21.14
C SER I 19 54.54 11.63 -22.15
N LEU I 20 53.23 11.65 -21.92
CA LEU I 20 52.25 11.04 -22.81
C LEU I 20 50.97 11.87 -22.77
N THR I 21 50.29 11.97 -23.92
CA THR I 21 49.05 12.72 -24.00
C THR I 21 47.94 11.83 -24.57
N CYS I 22 46.71 12.21 -24.25
CA CYS I 22 45.52 11.43 -24.60
C CYS I 22 44.42 12.43 -24.97
N ALA I 23 44.12 12.53 -26.26
CA ALA I 23 43.08 13.42 -26.74
C ALA I 23 41.75 12.67 -26.86
N ILE I 24 40.67 13.32 -26.45
CA ILE I 24 39.37 12.68 -26.34
C ILE I 24 38.47 13.16 -27.47
N SER I 25 37.64 12.25 -27.98
CA SER I 25 36.64 12.57 -28.99
C SER I 25 35.29 12.03 -28.52
N GLY I 26 34.26 12.85 -28.59
CA GLY I 26 32.93 12.42 -28.24
C GLY I 26 32.51 12.77 -26.84
N ASP I 27 33.42 12.62 -25.88
CA ASP I 27 33.18 13.02 -24.50
C ASP I 27 34.04 14.25 -24.19
N SER I 28 33.93 14.72 -22.96
CA SER I 28 34.61 15.93 -22.50
C SER I 28 35.59 15.58 -21.39
N VAL I 29 36.80 16.16 -21.46
CA VAL I 29 37.76 15.93 -20.38
C VAL I 29 37.29 16.60 -19.10
N SER I 30 36.66 17.77 -19.22
CA SER I 30 36.11 18.49 -18.09
C SER I 30 34.71 18.03 -17.73
N SER I 31 34.33 16.83 -18.15
CA SER I 31 33.01 16.30 -17.88
C SER I 31 32.94 15.72 -16.47
N ASN I 32 31.78 15.86 -15.85
CA ASN I 32 31.48 15.20 -14.60
C ASN I 32 30.89 13.82 -14.88
N SER I 33 30.61 13.06 -13.83
CA SER I 33 30.11 11.69 -13.87
C SER I 33 31.11 10.71 -14.46
N VAL I 34 32.27 11.18 -14.91
CA VAL I 34 33.33 10.32 -15.44
C VAL I 34 34.64 10.73 -14.79
N ALA I 35 35.67 9.93 -15.02
CA ALA I 35 37.01 10.21 -14.54
C ALA I 35 38.01 9.60 -15.50
N TRP I 36 39.10 10.33 -15.75
CA TRP I 36 40.10 9.93 -16.73
C TRP I 36 41.35 9.44 -16.02
N ASN I 37 41.81 8.24 -16.38
CA ASN I 37 42.85 7.53 -15.68
C ASN I 37 44.02 7.21 -16.60
N TRP I 38 45.12 6.80 -15.99
CA TRP I 38 46.27 6.23 -16.69
C TRP I 38 46.59 4.90 -16.03
N ILE I 39 46.79 3.86 -16.84
CA ILE I 39 47.12 2.53 -16.35
C ILE I 39 48.19 1.94 -17.24
N ARG I 40 49.23 1.38 -16.65
CA ARG I 40 50.30 0.74 -17.40
C ARG I 40 50.23 -0.77 -17.23
N GLN I 41 50.91 -1.48 -18.12
CA GLN I 41 50.92 -2.93 -18.10
C GLN I 41 52.33 -3.42 -18.44
N SER I 42 53.04 -3.89 -17.43
CA SER I 42 54.35 -4.46 -17.60
C SER I 42 54.31 -5.95 -17.30
N PRO I 43 54.93 -6.79 -18.15
CA PRO I 43 54.97 -8.23 -17.87
C PRO I 43 55.62 -8.59 -16.54
N SER I 44 56.34 -7.66 -15.91
CA SER I 44 56.94 -7.90 -14.60
C SER I 44 56.01 -7.52 -13.46
N ARG I 45 55.16 -6.51 -13.64
CA ARG I 45 54.37 -5.95 -12.55
C ARG I 45 52.87 -5.95 -12.83
N GLY I 46 52.41 -6.70 -13.83
CA GLY I 46 51.00 -6.86 -14.08
C GLY I 46 50.33 -5.57 -14.56
N LEU I 47 49.08 -5.39 -14.14
CA LEU I 47 48.34 -4.17 -14.43
C LEU I 47 48.41 -3.22 -13.25
N GLU I 48 48.98 -2.04 -13.48
CA GLU I 48 49.20 -1.03 -12.45
C GLU I 48 48.39 0.21 -12.78
N TRP I 49 47.46 0.57 -11.90
CA TRP I 49 46.79 1.86 -12.01
C TRP I 49 47.73 2.95 -11.51
N LEU I 50 47.86 4.03 -12.28
CA LEU I 50 48.78 5.11 -11.95
C LEU I 50 48.08 6.28 -11.29
N GLY I 51 47.12 6.90 -11.97
CA GLY I 51 46.50 8.10 -11.43
C GLY I 51 45.25 8.44 -12.19
N ARG I 52 44.54 9.44 -11.68
CA ARG I 52 43.28 9.86 -12.27
C ARG I 52 43.11 11.36 -12.12
N THR I 53 42.28 11.91 -13.01
CA THR I 53 41.94 13.32 -12.98
C THR I 53 40.46 13.46 -13.28
N TYR I 54 39.80 14.34 -12.53
CA TYR I 54 38.38 14.60 -12.75
C TYR I 54 38.11 16.05 -12.39
N PHE I 55 37.09 16.62 -13.01
CA PHE I 55 36.72 18.01 -12.80
C PHE I 55 35.32 18.08 -12.21
N ARG I 56 35.20 18.62 -10.99
CA ARG I 56 33.92 18.89 -10.35
C ARG I 56 33.94 20.35 -9.92
N SER I 57 33.59 21.25 -10.84
CA SER I 57 33.78 22.70 -10.69
C SER I 57 35.20 23.06 -10.23
N LYS I 58 36.15 22.12 -10.27
CA LYS I 58 37.49 22.27 -9.75
C LYS I 58 38.30 21.05 -10.18
N TRP I 59 39.61 21.19 -10.38
CA TRP I 59 40.41 20.07 -10.88
C TRP I 59 40.98 19.26 -9.72
N TYR I 60 40.72 17.96 -9.73
CA TYR I 60 41.26 17.05 -8.74
C TYR I 60 42.23 16.07 -9.39
N THR I 61 43.09 15.50 -8.55
CA THR I 61 44.03 14.47 -8.98
C THR I 61 44.23 13.49 -7.84
N ASP I 62 44.39 12.22 -8.20
CA ASP I 62 44.70 11.16 -7.23
C ASP I 62 45.75 10.25 -7.84
N TYR I 63 46.86 10.06 -7.12
CA TYR I 63 47.98 9.29 -7.63
C TYR I 63 48.21 8.05 -6.78
N ALA I 64 48.82 7.03 -7.40
CA ALA I 64 49.13 5.81 -6.68
C ALA I 64 50.21 6.08 -5.63
N GLU I 65 50.00 5.52 -4.43
CA GLU I 65 50.95 5.72 -3.36
C GLU I 65 52.30 5.06 -3.63
N SER I 66 52.41 4.20 -4.64
CA SER I 66 53.69 3.60 -4.96
C SER I 66 54.63 4.62 -5.60
N LEU I 67 54.11 5.51 -6.44
CA LEU I 67 54.93 6.58 -6.97
C LEU I 67 54.72 7.85 -6.13
N LYS I 68 53.51 8.41 -6.21
CA LYS I 68 52.99 9.45 -5.31
C LYS I 68 53.88 10.69 -5.27
N SER I 69 54.99 10.66 -5.97
CA SER I 69 55.99 11.72 -5.91
C SER I 69 56.42 12.19 -7.29
N ARG I 70 56.50 11.28 -8.25
CA ARG I 70 57.10 11.58 -9.55
C ARG I 70 56.08 11.64 -10.67
N MET I 71 54.78 11.55 -10.36
CA MET I 71 53.76 11.54 -11.39
C MET I 71 52.86 12.76 -11.25
N THR I 72 52.39 13.26 -12.39
CA THR I 72 51.53 14.43 -12.48
C THR I 72 50.65 14.26 -13.70
N ILE I 73 49.37 14.62 -13.58
CA ILE I 73 48.45 14.59 -14.70
C ILE I 73 47.86 15.99 -14.86
N ASN I 74 48.14 16.62 -15.98
CA ASN I 74 47.67 17.97 -16.27
C ASN I 74 46.60 17.92 -17.34
N PRO I 75 45.44 18.55 -17.15
CA PRO I 75 44.45 18.65 -18.21
C PRO I 75 44.65 19.89 -19.06
N ASP I 76 43.87 19.97 -20.14
CA ASP I 76 43.91 21.14 -21.03
C ASP I 76 42.53 21.22 -21.69
N THR I 77 41.72 22.18 -21.24
CA THR I 77 40.34 22.26 -21.71
C THR I 77 40.25 22.78 -23.13
N SER I 78 41.20 23.63 -23.55
CA SER I 78 41.13 24.22 -24.88
C SER I 78 41.28 23.18 -25.97
N LYS I 79 41.97 22.07 -25.70
CA LYS I 79 42.16 21.01 -26.66
C LYS I 79 41.42 19.73 -26.29
N ASN I 80 40.76 19.70 -25.13
CA ASN I 80 40.01 18.53 -24.65
C ASN I 80 40.89 17.29 -24.62
N GLU I 81 42.00 17.40 -23.88
CA GLU I 81 42.95 16.30 -23.72
C GLU I 81 43.51 16.35 -22.31
N PHE I 82 44.23 15.30 -21.93
CA PHE I 82 44.93 15.27 -20.66
C PHE I 82 46.19 14.43 -20.83
N SER I 83 47.26 14.86 -20.18
CA SER I 83 48.57 14.28 -20.40
C SER I 83 49.14 13.68 -19.12
N LEU I 84 50.21 12.89 -19.29
CA LEU I 84 50.92 12.23 -18.20
C LEU I 84 52.34 12.77 -18.11
N HIS I 85 52.86 12.82 -16.88
CA HIS I 85 54.22 13.30 -16.63
C HIS I 85 54.81 12.49 -15.49
N LEU I 86 55.70 11.56 -15.83
CA LEU I 86 56.33 10.65 -14.87
C LEU I 86 57.81 10.99 -14.78
N LYS I 87 58.20 11.68 -13.72
CA LYS I 87 59.58 12.14 -13.59
C LYS I 87 60.47 11.03 -13.04
N SER I 88 61.79 11.23 -13.17
CA SER I 88 62.81 10.35 -12.63
C SER I 88 62.58 8.90 -13.06
N VAL I 89 62.52 8.72 -14.37
CA VAL I 89 62.11 7.44 -14.95
C VAL I 89 63.24 6.43 -14.84
N THR I 90 62.89 5.20 -14.48
CA THR I 90 63.80 4.07 -14.40
C THR I 90 63.32 2.97 -15.35
N SER I 91 64.04 1.84 -15.36
CA SER I 91 63.63 0.71 -16.17
C SER I 91 62.42 -0.01 -15.61
N ASP I 92 62.06 0.24 -14.35
CA ASP I 92 60.79 -0.26 -13.83
C ASP I 92 59.62 0.35 -14.58
N ASP I 93 59.78 1.56 -15.10
CA ASP I 93 58.70 2.28 -15.76
C ASP I 93 58.50 1.87 -17.21
N THR I 94 59.32 0.97 -17.74
CA THR I 94 59.09 0.46 -19.09
C THR I 94 57.85 -0.44 -19.08
N ALA I 95 56.83 -0.03 -19.81
CA ALA I 95 55.57 -0.77 -19.85
C ALA I 95 54.72 -0.19 -20.98
N VAL I 96 53.58 -0.83 -21.20
CA VAL I 96 52.57 -0.33 -22.13
C VAL I 96 51.59 0.52 -21.32
N TYR I 97 51.41 1.77 -21.74
CA TYR I 97 50.57 2.72 -21.01
C TYR I 97 49.24 2.91 -21.75
N TYR I 98 48.15 2.86 -20.98
CA TYR I 98 46.81 3.10 -21.49
C TYR I 98 46.21 4.30 -20.78
N CYS I 99 45.46 5.13 -21.52
CA CYS I 99 44.54 6.06 -20.90
C CYS I 99 43.14 5.45 -20.94
N VAL I 100 42.37 5.63 -19.87
CA VAL I 100 41.17 4.85 -19.66
C VAL I 100 40.18 5.66 -18.83
N ARG I 101 38.89 5.41 -19.05
CA ARG I 101 37.81 6.19 -18.44
C ARG I 101 37.08 5.39 -17.37
N GLY I 102 36.64 6.08 -16.32
CA GLY I 102 35.87 5.50 -15.23
C GLY I 102 34.43 6.00 -15.26
N ILE I 103 33.49 5.11 -14.95
CA ILE I 103 32.08 5.34 -15.27
C ILE I 103 31.16 5.06 -14.08
N ILE I 104 31.67 5.24 -12.86
CA ILE I 104 30.92 4.84 -11.66
C ILE I 104 29.53 5.50 -11.58
N PHE I 105 28.64 4.83 -10.84
CA PHE I 105 27.33 5.36 -10.43
C PHE I 105 26.34 5.46 -11.58
N ASN I 106 26.29 4.43 -12.42
CA ASN I 106 25.23 4.23 -13.39
C ASN I 106 24.29 3.13 -12.89
N TRP I 107 23.08 3.11 -13.44
CA TRP I 107 22.20 1.98 -13.17
C TRP I 107 22.80 0.72 -13.80
N PRO I 108 22.79 -0.43 -13.10
CA PRO I 108 21.99 -0.81 -11.93
C PRO I 108 22.33 -0.15 -10.59
N LEU I 109 23.60 -0.02 -10.21
CA LEU I 109 24.01 0.96 -9.20
C LEU I 109 25.52 0.92 -8.99
N GLY I 110 26.12 2.10 -8.80
CA GLY I 110 27.48 2.23 -8.34
C GLY I 110 28.53 1.39 -9.06
N GLY I 111 29.72 1.29 -8.47
CA GLY I 111 30.73 0.41 -8.99
C GLY I 111 31.66 1.11 -9.96
N TRP I 112 32.90 1.33 -9.56
CA TRP I 112 33.86 1.98 -10.45
C TRP I 112 34.40 0.94 -11.42
N SER I 113 34.13 1.15 -12.71
CA SER I 113 34.61 0.26 -13.75
C SER I 113 35.25 1.07 -14.88
N PHE I 114 36.25 0.47 -15.51
CA PHE I 114 36.90 1.06 -16.68
C PHE I 114 36.26 0.49 -17.94
N ASP I 115 35.72 1.37 -18.79
CA ASP I 115 35.01 0.92 -19.98
C ASP I 115 35.69 1.27 -21.29
N LEU I 116 36.35 2.42 -21.38
CA LEU I 116 37.02 2.87 -22.59
C LEU I 116 38.52 2.78 -22.41
N TRP I 117 39.18 1.92 -23.18
CA TRP I 117 40.62 1.70 -23.09
C TRP I 117 41.30 2.15 -24.37
N GLY I 118 42.32 2.98 -24.23
CA GLY I 118 43.09 3.43 -25.38
C GLY I 118 43.84 2.29 -26.04
N ARG I 119 44.37 2.58 -27.23
CA ARG I 119 45.05 1.55 -28.01
C ARG I 119 46.28 1.04 -27.29
N GLY I 120 47.03 1.93 -26.65
CA GLY I 120 48.18 1.54 -25.86
C GLY I 120 49.51 1.96 -26.47
N THR I 121 50.30 2.72 -25.71
CA THR I 121 51.59 3.24 -26.16
C THR I 121 52.69 2.56 -25.37
N LEU I 122 53.47 1.70 -26.02
CA LEU I 122 54.59 1.04 -25.37
C LEU I 122 55.75 2.02 -25.26
N VAL I 123 56.22 2.25 -24.03
CA VAL I 123 57.28 3.21 -23.76
C VAL I 123 58.44 2.43 -23.13
N SER I 124 59.49 2.19 -23.90
CA SER I 124 60.70 1.58 -23.38
C SER I 124 61.67 2.67 -22.95
N VAL I 125 62.37 2.44 -21.85
CA VAL I 125 63.44 3.32 -21.41
C VAL I 125 64.74 2.53 -21.49
N SER I 126 65.76 3.15 -22.08
CA SER I 126 67.02 2.46 -22.35
C SER I 126 68.11 3.48 -22.59
N SER I 127 69.30 3.16 -22.12
CA SER I 127 70.51 3.97 -22.32
C SER I 127 71.12 3.85 -23.72
N PRO I 128 71.18 2.65 -24.34
CA PRO I 128 71.95 2.54 -25.58
C PRO I 128 71.36 3.36 -26.71
N SER I 129 72.24 3.84 -27.59
CA SER I 129 71.83 4.53 -28.79
C SER I 129 71.51 3.52 -29.90
N THR I 130 70.92 4.02 -30.98
CA THR I 130 70.50 3.16 -32.07
C THR I 130 71.69 2.41 -32.67
N LYS I 131 71.55 1.09 -32.78
CA LYS I 131 72.64 0.22 -33.22
C LYS I 131 72.08 -0.89 -34.10
N GLY I 132 72.82 -1.20 -35.18
CA GLY I 132 72.39 -2.21 -36.11
C GLY I 132 72.68 -3.61 -35.60
N PRO I 133 72.11 -4.60 -36.30
CA PRO I 133 72.24 -5.99 -35.85
C PRO I 133 73.42 -6.72 -36.48
N SER I 134 73.91 -7.70 -35.72
CA SER I 134 74.84 -8.70 -36.23
C SER I 134 74.08 -9.99 -36.48
N VAL I 135 74.38 -10.65 -37.60
CA VAL I 135 73.67 -11.85 -38.02
C VAL I 135 74.67 -12.98 -38.17
N PHE I 136 74.44 -14.07 -37.43
CA PHE I 136 75.26 -15.27 -37.51
C PHE I 136 74.39 -16.46 -37.93
N PRO I 137 74.97 -17.45 -38.60
CA PRO I 137 74.20 -18.62 -39.01
C PRO I 137 74.15 -19.71 -37.95
N LEU I 138 73.02 -20.39 -37.91
CA LEU I 138 72.83 -21.58 -37.08
C LEU I 138 72.83 -22.77 -38.03
N ALA I 139 74.01 -23.34 -38.23
CA ALA I 139 74.21 -24.32 -39.30
C ALA I 139 73.74 -25.70 -38.85
N PRO I 140 72.97 -26.42 -39.67
CA PRO I 140 72.64 -27.81 -39.35
C PRO I 140 73.73 -28.76 -39.79
N SER I 141 73.49 -30.07 -39.65
CA SER I 141 74.45 -31.09 -40.05
C SER I 141 73.77 -32.44 -39.86
N SER I 142 74.51 -33.51 -40.16
CA SER I 142 74.18 -34.79 -39.58
C SER I 142 74.46 -34.73 -38.08
N LYS I 143 73.68 -35.50 -37.31
CA LYS I 143 73.48 -35.41 -35.87
C LYS I 143 72.48 -34.27 -35.54
N SER I 144 72.11 -33.44 -36.51
CA SER I 144 70.93 -32.60 -36.35
C SER I 144 69.66 -33.29 -36.82
N THR I 145 69.76 -34.56 -37.22
CA THR I 145 68.60 -35.33 -37.65
C THR I 145 67.77 -35.74 -36.45
N SER I 146 66.52 -35.29 -36.43
CA SER I 146 65.54 -35.69 -35.41
C SER I 146 64.36 -36.30 -36.17
N GLY I 147 64.48 -37.59 -36.48
CA GLY I 147 63.50 -38.26 -37.32
C GLY I 147 63.94 -38.34 -38.77
N GLY I 148 63.39 -37.45 -39.60
CA GLY I 148 63.75 -37.41 -41.01
C GLY I 148 63.95 -36.00 -41.54
N THR I 149 63.76 -35.00 -40.68
CA THR I 149 63.93 -33.61 -41.04
C THR I 149 64.96 -32.95 -40.13
N ALA I 150 65.58 -31.88 -40.64
CA ALA I 150 66.60 -31.14 -39.92
C ALA I 150 66.09 -29.74 -39.60
N ALA I 151 66.92 -28.97 -38.88
CA ALA I 151 66.58 -27.62 -38.48
C ALA I 151 67.78 -26.71 -38.68
N LEU I 152 67.53 -25.52 -39.23
CA LEU I 152 68.55 -24.50 -39.38
C LEU I 152 67.93 -23.16 -39.00
N GLY I 153 68.79 -22.15 -38.84
CA GLY I 153 68.26 -20.85 -38.43
C GLY I 153 69.31 -19.76 -38.49
N CYS I 154 68.88 -18.58 -38.03
CA CYS I 154 69.70 -17.37 -37.99
C CYS I 154 69.63 -16.75 -36.60
N LEU I 155 70.75 -16.23 -36.14
CA LEU I 155 70.82 -15.51 -34.88
C LEU I 155 71.05 -14.03 -35.16
N VAL I 156 70.10 -13.21 -34.74
CA VAL I 156 70.18 -11.76 -34.90
C VAL I 156 70.50 -11.18 -33.53
N LYS I 157 71.77 -10.85 -33.30
CA LYS I 157 72.26 -10.49 -31.96
C LYS I 157 72.66 -9.03 -31.90
N ASP I 158 72.40 -8.41 -30.75
CA ASP I 158 72.94 -7.09 -30.38
C ASP I 158 72.48 -5.98 -31.33
N TYR I 159 71.17 -5.77 -31.37
CA TYR I 159 70.60 -4.66 -32.12
C TYR I 159 69.72 -3.83 -31.20
N PHE I 160 69.45 -2.59 -31.61
CA PHE I 160 68.63 -1.68 -30.84
C PHE I 160 68.17 -0.54 -31.72
N PRO I 161 66.91 -0.12 -31.65
CA PRO I 161 65.86 -0.71 -30.82
C PRO I 161 65.00 -1.72 -31.58
N GLU I 162 63.90 -2.13 -30.98
CA GLU I 162 62.93 -2.98 -31.67
C GLU I 162 62.34 -2.24 -32.87
N PRO I 163 61.88 -2.96 -33.90
CA PRO I 163 61.99 -4.41 -34.11
C PRO I 163 62.90 -4.77 -35.28
N VAL I 164 63.08 -6.07 -35.48
CA VAL I 164 63.66 -6.60 -36.72
C VAL I 164 62.63 -7.52 -37.36
N THR I 165 62.68 -7.60 -38.69
CA THR I 165 61.80 -8.48 -39.46
C THR I 165 62.67 -9.51 -40.16
N VAL I 166 62.39 -10.78 -39.93
CA VAL I 166 63.18 -11.88 -40.47
C VAL I 166 62.31 -12.68 -41.42
N SER I 167 62.75 -12.77 -42.69
CA SER I 167 62.08 -13.55 -43.71
C SER I 167 63.06 -14.56 -44.29
N TRP I 168 62.53 -15.68 -44.78
CA TRP I 168 63.35 -16.78 -45.29
C TRP I 168 63.18 -16.88 -46.80
N ASN I 169 64.29 -16.79 -47.53
CA ASN I 169 64.30 -16.85 -49.00
C ASN I 169 63.35 -15.81 -49.59
N SER I 170 63.36 -14.61 -49.01
CA SER I 170 62.52 -13.50 -49.45
C SER I 170 61.03 -13.86 -49.40
N GLY I 171 60.63 -14.65 -48.41
CA GLY I 171 59.25 -15.03 -48.24
C GLY I 171 58.83 -16.28 -48.99
N ALA I 172 59.73 -16.91 -49.73
CA ALA I 172 59.36 -18.13 -50.47
C ALA I 172 59.08 -19.29 -49.53
N LEU I 173 59.78 -19.35 -48.39
CA LEU I 173 59.62 -20.42 -47.41
C LEU I 173 58.97 -19.83 -46.18
N THR I 174 57.72 -20.23 -45.91
CA THR I 174 57.02 -19.83 -44.71
C THR I 174 56.59 -21.00 -43.84
N SER I 175 56.51 -22.22 -44.39
N SER I 175 56.50 -22.22 -44.39
CA SER I 175 56.07 -23.36 -43.61
CA SER I 175 56.08 -23.37 -43.61
C SER I 175 57.18 -23.82 -42.67
C SER I 175 57.19 -23.79 -42.66
N GLY I 176 56.85 -23.90 -41.37
CA GLY I 176 57.80 -24.34 -40.38
C GLY I 176 58.74 -23.28 -39.86
N VAL I 177 58.50 -22.01 -40.18
CA VAL I 177 59.36 -20.92 -39.74
C VAL I 177 58.90 -20.44 -38.36
N HIS I 178 59.82 -20.40 -37.42
CA HIS I 178 59.56 -19.86 -36.07
C HIS I 178 60.54 -18.72 -35.83
N THR I 179 60.02 -17.49 -35.77
CA THR I 179 60.80 -16.31 -35.46
C THR I 179 60.52 -15.93 -34.01
N PHE I 180 61.41 -16.32 -33.11
CA PHE I 180 61.19 -16.12 -31.69
C PHE I 180 61.10 -14.64 -31.34
N PRO I 181 60.36 -14.28 -30.31
CA PRO I 181 60.37 -12.89 -29.84
C PRO I 181 61.74 -12.50 -29.31
N ALA I 182 62.05 -11.22 -29.44
CA ALA I 182 63.36 -10.73 -29.02
C ALA I 182 63.49 -10.74 -27.51
N VAL I 183 64.69 -11.04 -27.03
CA VAL I 183 64.99 -11.01 -25.60
C VAL I 183 65.91 -9.83 -25.34
N LEU I 184 65.80 -9.27 -24.13
CA LEU I 184 66.59 -8.10 -23.75
C LEU I 184 67.83 -8.60 -23.01
N GLN I 185 68.97 -8.54 -23.68
CA GLN I 185 70.22 -8.99 -23.07
C GLN I 185 70.68 -7.99 -22.01
N SER I 186 71.58 -8.45 -21.16
CA SER I 186 72.09 -7.62 -20.07
C SER I 186 72.79 -6.36 -20.58
N SER I 187 73.30 -6.39 -21.82
CA SER I 187 73.98 -5.23 -22.39
C SER I 187 73.05 -4.08 -22.72
N GLY I 188 71.74 -4.29 -22.66
CA GLY I 188 70.76 -3.31 -23.09
C GLY I 188 70.28 -3.49 -24.52
N LEU I 189 71.02 -4.26 -25.32
CA LEU I 189 70.64 -4.56 -26.69
C LEU I 189 69.77 -5.83 -26.73
N TYR I 190 69.09 -6.02 -27.85
CA TYR I 190 68.19 -7.14 -28.02
C TYR I 190 68.84 -8.26 -28.82
N SER I 191 68.24 -9.45 -28.74
CA SER I 191 68.71 -10.62 -29.45
C SER I 191 67.50 -11.42 -29.90
N LEU I 192 67.60 -12.03 -31.08
CA LEU I 192 66.46 -12.71 -31.69
C LEU I 192 66.95 -13.89 -32.51
N SER I 193 66.27 -15.03 -32.35
CA SER I 193 66.58 -16.25 -33.08
C SER I 193 65.39 -16.62 -33.95
N SER I 194 65.67 -17.02 -35.19
CA SER I 194 64.64 -17.46 -36.13
C SER I 194 65.08 -18.77 -36.78
N VAL I 195 64.22 -19.78 -36.72
CA VAL I 195 64.56 -21.12 -37.17
C VAL I 195 63.53 -21.58 -38.20
N VAL I 196 63.81 -22.72 -38.81
CA VAL I 196 62.94 -23.32 -39.82
C VAL I 196 63.33 -24.78 -39.97
N THR I 197 62.35 -25.63 -40.26
CA THR I 197 62.56 -27.06 -40.40
C THR I 197 62.35 -27.47 -41.86
N VAL I 198 63.30 -28.23 -42.39
CA VAL I 198 63.25 -28.73 -43.76
C VAL I 198 63.71 -30.17 -43.79
N PRO I 199 63.28 -30.93 -44.80
CA PRO I 199 63.73 -32.33 -44.92
C PRO I 199 65.24 -32.42 -45.07
N SER I 200 65.80 -33.54 -44.56
CA SER I 200 67.24 -33.73 -44.58
C SER I 200 67.78 -33.87 -45.99
N SER I 201 66.95 -34.34 -46.93
CA SER I 201 67.39 -34.52 -48.31
C SER I 201 67.73 -33.19 -48.99
N SER I 202 67.17 -32.09 -48.50
CA SER I 202 67.30 -30.79 -49.16
C SER I 202 68.57 -30.05 -48.77
N LEU I 203 69.29 -30.50 -47.74
CA LEU I 203 70.42 -29.73 -47.22
C LEU I 203 71.48 -29.49 -48.29
N GLY I 204 72.05 -30.57 -48.82
CA GLY I 204 73.12 -30.42 -49.79
C GLY I 204 72.71 -29.99 -51.18
N THR I 205 71.42 -29.97 -51.48
CA THR I 205 70.94 -29.68 -52.82
C THR I 205 70.16 -28.38 -52.94
N GLN I 206 69.52 -27.92 -51.87
CA GLN I 206 68.71 -26.72 -51.91
C GLN I 206 69.55 -25.49 -51.57
N THR I 207 68.89 -24.36 -51.35
CA THR I 207 69.56 -23.12 -50.98
C THR I 207 68.67 -22.36 -50.00
N TYR I 208 69.20 -22.03 -48.83
CA TYR I 208 68.43 -21.41 -47.77
C TYR I 208 69.11 -20.13 -47.30
N ILE I 209 68.41 -19.01 -47.41
CA ILE I 209 68.92 -17.69 -47.04
C ILE I 209 67.89 -17.00 -46.17
N CYS I 210 68.33 -16.46 -45.04
CA CYS I 210 67.48 -15.66 -44.18
C CYS I 210 67.77 -14.18 -44.42
N ASN I 211 66.72 -13.36 -44.32
CA ASN I 211 66.82 -11.92 -44.60
C ASN I 211 66.42 -11.15 -43.34
N VAL I 212 67.25 -10.19 -42.96
CA VAL I 212 67.05 -9.42 -41.74
C VAL I 212 66.94 -7.94 -42.11
N ASN I 213 65.89 -7.29 -41.62
CA ASN I 213 65.67 -5.86 -41.84
C ASN I 213 65.63 -5.16 -40.49
N HIS I 214 66.54 -4.21 -40.30
CA HIS I 214 66.54 -3.32 -39.14
C HIS I 214 66.49 -1.90 -39.70
N LYS I 215 65.28 -1.43 -39.97
CA LYS I 215 65.05 -0.14 -40.62
C LYS I 215 65.41 1.06 -39.75
N PRO I 216 65.24 1.00 -38.39
CA PRO I 216 65.71 2.11 -37.56
C PRO I 216 67.16 2.48 -37.76
N SER I 217 67.96 1.57 -38.32
CA SER I 217 69.35 1.86 -38.65
C SER I 217 69.61 1.73 -40.16
N ASN I 218 68.57 1.53 -40.96
CA ASN I 218 68.70 1.34 -42.41
C ASN I 218 69.66 0.19 -42.72
N THR I 219 69.53 -0.90 -41.98
CA THR I 219 70.39 -2.06 -42.10
C THR I 219 69.60 -3.23 -42.68
N LYS I 220 70.12 -3.83 -43.75
CA LYS I 220 69.53 -5.00 -44.37
C LYS I 220 70.65 -6.01 -44.63
N VAL I 221 70.52 -7.21 -44.05
CA VAL I 221 71.53 -8.24 -44.16
C VAL I 221 70.89 -9.50 -44.74
N ASP I 222 71.60 -10.15 -45.65
CA ASP I 222 71.18 -11.42 -46.24
C ASP I 222 72.29 -12.43 -46.06
N LYS I 223 72.02 -13.50 -45.31
CA LYS I 223 73.03 -14.47 -44.93
C LYS I 223 72.59 -15.87 -45.36
N ARG I 224 73.52 -16.60 -45.97
CA ARG I 224 73.28 -17.97 -46.38
C ARG I 224 73.73 -18.93 -45.29
N VAL I 225 73.00 -20.03 -45.13
CA VAL I 225 73.28 -21.04 -44.12
C VAL I 225 73.69 -22.31 -44.84
N GLU I 226 74.87 -22.83 -44.49
CA GLU I 226 75.42 -24.03 -45.09
C GLU I 226 75.80 -25.04 -44.01
N PRO I 227 75.63 -26.33 -44.27
CA PRO I 227 75.95 -27.34 -43.25
C PRO I 227 77.44 -27.46 -42.98
N LYS I 228 77.81 -28.36 -42.08
CA LYS I 228 79.21 -28.59 -41.74
C LYS I 228 79.83 -29.66 -42.64
N GLU J 1 47.35 -2.51 -0.72
CA GLU J 1 46.74 -3.03 0.50
C GLU J 1 45.90 -4.28 0.21
N ILE J 2 44.92 -4.17 -0.68
CA ILE J 2 44.08 -5.30 -1.07
C ILE J 2 44.70 -5.98 -2.28
N VAL J 3 45.04 -7.26 -2.13
CA VAL J 3 45.68 -8.03 -3.19
C VAL J 3 44.68 -9.02 -3.76
N LEU J 4 44.53 -9.02 -5.08
CA LEU J 4 43.68 -9.97 -5.77
C LEU J 4 44.54 -11.08 -6.36
N THR J 5 44.19 -12.32 -6.05
CA THR J 5 44.95 -13.50 -6.47
C THR J 5 44.04 -14.41 -7.28
N GLN J 6 44.25 -14.46 -8.58
CA GLN J 6 43.45 -15.32 -9.44
C GLN J 6 44.02 -16.73 -9.48
N SER J 7 43.19 -17.67 -9.95
CA SER J 7 43.60 -19.05 -10.06
C SER J 7 42.63 -19.78 -10.97
N PRO J 8 43.10 -20.73 -11.80
CA PRO J 8 44.50 -21.09 -11.92
C PRO J 8 45.29 -20.10 -12.78
N GLY J 9 46.61 -20.20 -12.78
CA GLY J 9 47.41 -19.32 -13.60
C GLY J 9 47.05 -19.46 -15.06
N THR J 10 47.20 -20.67 -15.59
CA THR J 10 46.79 -21.00 -16.94
C THR J 10 45.68 -22.04 -16.86
N LEU J 11 44.75 -21.98 -17.81
CA LEU J 11 43.57 -22.84 -17.80
C LEU J 11 43.42 -23.51 -19.17
N SER J 12 43.85 -24.76 -19.26
CA SER J 12 43.76 -25.51 -20.51
C SER J 12 42.37 -26.09 -20.66
N LEU J 13 41.76 -25.86 -21.83
CA LEU J 13 40.34 -26.17 -22.02
C LEU J 13 40.01 -26.15 -23.50
N SER J 14 39.21 -27.12 -23.94
CA SER J 14 38.86 -27.24 -25.35
C SER J 14 37.69 -26.31 -25.69
N PRO J 15 37.52 -25.98 -26.98
CA PRO J 15 36.39 -25.13 -27.37
C PRO J 15 35.05 -25.83 -27.14
N GLY J 16 34.10 -25.07 -26.60
CA GLY J 16 32.82 -25.61 -26.20
C GLY J 16 32.72 -25.97 -24.74
N ASP J 17 33.84 -26.19 -24.07
CA ASP J 17 33.82 -26.54 -22.66
C ASP J 17 33.39 -25.35 -21.81
N SER J 18 33.11 -25.63 -20.54
CA SER J 18 32.67 -24.62 -19.58
C SER J 18 33.81 -24.30 -18.63
N ALA J 19 34.09 -23.01 -18.45
CA ALA J 19 35.23 -22.55 -17.68
C ALA J 19 34.78 -21.70 -16.50
N THR J 20 35.44 -21.87 -15.36
CA THR J 20 35.21 -21.06 -14.17
C THR J 20 36.56 -20.51 -13.72
N LEU J 21 36.66 -19.17 -13.67
CA LEU J 21 37.87 -18.48 -13.25
C LEU J 21 37.60 -17.80 -11.92
N SER J 22 38.47 -18.02 -10.94
CA SER J 22 38.28 -17.49 -9.60
C SER J 22 39.25 -16.36 -9.30
N CYS J 23 38.89 -15.57 -8.28
CA CYS J 23 39.62 -14.34 -7.93
C CYS J 23 39.42 -14.10 -6.44
N ARG J 24 40.43 -14.46 -5.64
CA ARG J 24 40.35 -14.38 -4.19
C ARG J 24 41.14 -13.19 -3.68
N ALA J 25 40.55 -12.43 -2.76
CA ALA J 25 41.15 -11.20 -2.27
C ALA J 25 41.72 -11.39 -0.87
N SER J 26 42.67 -10.53 -0.52
CA SER J 26 43.27 -10.58 0.81
C SER J 26 42.34 -10.02 1.88
N GLN J 27 41.40 -9.16 1.51
CA GLN J 27 40.44 -8.59 2.43
C GLN J 27 39.06 -8.60 1.77
N SER J 28 38.06 -8.12 2.51
CA SER J 28 36.72 -8.03 1.95
C SER J 28 36.67 -6.96 0.87
N VAL J 29 35.92 -7.23 -0.19
CA VAL J 29 35.82 -6.34 -1.35
C VAL J 29 34.37 -5.91 -1.53
N ALA J 30 34.18 -4.63 -1.80
CA ALA J 30 32.83 -4.11 -2.03
C ALA J 30 32.26 -4.72 -3.30
N SER J 31 31.09 -5.37 -3.17
CA SER J 31 30.53 -6.12 -4.28
C SER J 31 30.39 -5.27 -5.53
N SER J 32 29.94 -4.02 -5.38
CA SER J 32 29.70 -3.17 -6.54
C SER J 32 31.01 -2.78 -7.23
N TYR J 33 32.07 -2.57 -6.47
CA TYR J 33 33.31 -2.01 -6.99
C TYR J 33 34.25 -3.07 -7.57
N LEU J 34 33.77 -4.29 -7.78
CA LEU J 34 34.58 -5.34 -8.40
C LEU J 34 34.17 -5.53 -9.86
N ALA J 35 35.16 -5.79 -10.71
CA ALA J 35 34.94 -5.86 -12.15
C ALA J 35 35.86 -6.90 -12.77
N TRP J 36 35.58 -7.24 -14.02
CA TRP J 36 36.34 -8.20 -14.80
C TRP J 36 36.70 -7.59 -16.15
N TYR J 37 37.85 -8.01 -16.69
CA TYR J 37 38.33 -7.49 -17.95
C TYR J 37 38.89 -8.63 -18.81
N GLN J 38 38.69 -8.52 -20.11
CA GLN J 38 39.21 -9.48 -21.08
C GLN J 38 40.23 -8.79 -21.96
N GLN J 39 41.38 -9.43 -22.17
CA GLN J 39 42.45 -8.89 -23.00
C GLN J 39 42.79 -9.92 -24.07
N LYS J 40 42.19 -9.77 -25.25
CA LYS J 40 42.48 -10.66 -26.36
C LYS J 40 43.92 -10.45 -26.82
N PRO J 41 44.52 -11.47 -27.44
CA PRO J 41 45.95 -11.39 -27.78
C PRO J 41 46.27 -10.19 -28.65
N GLY J 42 47.23 -9.37 -28.18
CA GLY J 42 47.67 -8.21 -28.90
C GLY J 42 46.81 -6.98 -28.77
N GLN J 43 45.57 -7.12 -28.30
CA GLN J 43 44.65 -6.01 -28.15
C GLN J 43 44.68 -5.51 -26.71
N SER J 44 44.13 -4.32 -26.50
CA SER J 44 44.05 -3.73 -25.18
C SER J 44 42.93 -4.36 -24.36
N PRO J 45 42.95 -4.19 -23.04
CA PRO J 45 41.85 -4.72 -22.22
C PRO J 45 40.50 -4.13 -22.62
N ARG J 46 39.45 -4.80 -22.14
CA ARG J 46 38.08 -4.50 -22.54
C ARG J 46 37.16 -4.94 -21.41
N LEU J 47 36.25 -4.06 -21.01
CA LEU J 47 35.40 -4.36 -19.86
C LEU J 47 34.46 -5.51 -20.17
N LEU J 48 34.47 -6.53 -19.31
CA LEU J 48 33.64 -7.72 -19.47
C LEU J 48 32.46 -7.74 -18.52
N ILE J 49 32.71 -7.59 -17.22
CA ILE J 49 31.67 -7.58 -16.20
C ILE J 49 32.00 -6.53 -15.16
N TYR J 50 30.99 -5.77 -14.76
CA TYR J 50 31.12 -4.81 -13.66
C TYR J 50 30.07 -5.12 -12.60
N ALA J 51 30.30 -4.59 -11.40
CA ALA J 51 29.41 -4.80 -10.26
C ALA J 51 29.21 -6.28 -9.93
N THR J 52 30.14 -7.13 -10.39
CA THR J 52 30.28 -8.53 -10.03
C THR J 52 29.21 -9.43 -10.66
N ILE J 53 28.16 -8.85 -11.24
CA ILE J 53 27.10 -9.68 -11.82
C ILE J 53 26.66 -9.14 -13.17
N ASN J 54 27.03 -7.90 -13.48
CA ASN J 54 26.47 -7.18 -14.62
C ASN J 54 27.44 -7.25 -15.80
N ARG J 55 26.98 -7.84 -16.90
CA ARG J 55 27.74 -7.82 -18.13
C ARG J 55 27.86 -6.39 -18.65
N ALA J 56 28.97 -6.11 -19.33
CA ALA J 56 29.19 -4.80 -19.92
C ALA J 56 28.44 -4.73 -21.24
N ALA J 57 28.68 -3.67 -22.01
CA ALA J 57 28.01 -3.51 -23.29
C ALA J 57 28.55 -4.51 -24.31
N ASP J 58 27.63 -5.09 -25.09
CA ASP J 58 27.98 -6.00 -26.19
C ASP J 58 28.71 -7.24 -25.69
N ILE J 59 28.30 -7.75 -24.54
CA ILE J 59 28.93 -8.92 -23.93
C ILE J 59 27.96 -10.09 -24.03
N PRO J 60 28.35 -11.20 -24.65
CA PRO J 60 27.43 -12.32 -24.86
C PRO J 60 26.97 -12.92 -23.54
N ASP J 61 25.84 -13.64 -23.61
CA ASP J 61 25.25 -14.27 -22.44
C ASP J 61 26.12 -15.36 -21.85
N ARG J 62 27.16 -15.82 -22.56
CA ARG J 62 28.03 -16.86 -22.04
C ARG J 62 28.70 -16.44 -20.74
N PHE J 63 29.00 -15.15 -20.60
CA PHE J 63 29.75 -14.64 -19.46
C PHE J 63 28.80 -14.27 -18.32
N SER J 64 29.14 -14.72 -17.11
CA SER J 64 28.36 -14.42 -15.92
C SER J 64 29.31 -14.36 -14.73
N GLY J 65 29.15 -13.32 -13.91
CA GLY J 65 29.99 -13.12 -12.75
C GLY J 65 29.28 -13.51 -11.47
N SER J 66 30.06 -13.79 -10.43
CA SER J 66 29.51 -14.25 -9.17
C SER J 66 30.47 -13.89 -8.06
N GLY J 67 30.05 -14.16 -6.83
CA GLY J 67 30.90 -14.01 -5.66
C GLY J 67 30.46 -12.86 -4.77
N SER J 68 31.17 -12.76 -3.65
CA SER J 68 30.93 -11.73 -2.63
C SER J 68 32.02 -11.84 -1.59
N GLY J 69 32.28 -10.73 -0.90
CA GLY J 69 33.25 -10.73 0.18
C GLY J 69 34.67 -10.96 -0.29
N THR J 70 35.20 -12.15 -0.03
CA THR J 70 36.59 -12.49 -0.31
C THR J 70 36.80 -13.21 -1.64
N ASP J 71 35.89 -14.10 -2.01
CA ASP J 71 36.06 -14.93 -3.20
C ASP J 71 35.04 -14.55 -4.26
N PHE J 72 35.52 -14.39 -5.49
CA PHE J 72 34.70 -14.04 -6.63
C PHE J 72 34.99 -15.02 -7.76
N ALA J 73 34.20 -14.95 -8.83
CA ALA J 73 34.35 -15.89 -9.92
C ALA J 73 33.80 -15.30 -11.22
N LEU J 74 34.23 -15.89 -12.32
CA LEU J 74 33.78 -15.54 -13.66
C LEU J 74 33.60 -16.83 -14.44
N THR J 75 32.36 -17.11 -14.86
CA THR J 75 32.03 -18.38 -15.50
C THR J 75 31.66 -18.14 -16.96
N ILE J 76 32.31 -18.90 -17.85
CA ILE J 76 31.94 -18.93 -19.27
C ILE J 76 31.30 -20.29 -19.54
N SER J 77 30.11 -20.27 -20.13
CA SER J 77 29.33 -21.49 -20.25
C SER J 77 29.75 -22.31 -21.47
N ARG J 78 29.96 -21.65 -22.61
CA ARG J 78 30.35 -22.34 -23.84
C ARG J 78 31.48 -21.53 -24.48
N LEU J 79 32.68 -22.11 -24.54
CA LEU J 79 33.84 -21.39 -25.03
C LEU J 79 33.82 -21.31 -26.55
N GLU J 80 33.77 -20.10 -27.08
CA GLU J 80 34.00 -19.85 -28.49
C GLU J 80 35.48 -19.67 -28.76
N PRO J 81 35.93 -19.93 -30.00
CA PRO J 81 37.36 -19.73 -30.28
C PRO J 81 37.86 -18.33 -29.99
N GLU J 82 37.00 -17.32 -30.09
CA GLU J 82 37.40 -15.95 -29.79
C GLU J 82 37.53 -15.68 -28.29
N ASP J 83 37.24 -16.67 -27.45
CA ASP J 83 37.39 -16.52 -26.01
C ASP J 83 38.78 -16.89 -25.52
N PHE J 84 39.67 -17.33 -26.41
CA PHE J 84 41.08 -17.49 -26.05
C PHE J 84 41.64 -16.10 -25.77
N ALA J 85 41.83 -15.80 -24.49
CA ALA J 85 42.27 -14.47 -24.07
C ALA J 85 42.66 -14.56 -22.60
N VAL J 86 43.11 -13.43 -22.05
CA VAL J 86 43.50 -13.31 -20.66
C VAL J 86 42.43 -12.51 -19.94
N TYR J 87 42.08 -12.94 -18.73
CA TYR J 87 41.01 -12.32 -17.95
C TYR J 87 41.57 -11.81 -16.64
N TYR J 88 41.25 -10.56 -16.31
CA TYR J 88 41.71 -9.89 -15.10
C TYR J 88 40.52 -9.45 -14.26
N CYS J 89 40.61 -9.65 -12.95
CA CYS J 89 39.66 -9.04 -12.03
C CYS J 89 40.27 -7.76 -11.45
N GLN J 90 39.41 -6.85 -11.03
CA GLN J 90 39.85 -5.54 -10.54
C GLN J 90 38.91 -5.09 -9.43
N GLN J 91 39.48 -4.52 -8.38
CA GLN J 91 38.70 -4.09 -7.23
C GLN J 91 39.08 -2.67 -6.85
N PHE J 92 38.25 -2.04 -6.02
CA PHE J 92 38.48 -0.69 -5.54
C PHE J 92 38.29 -0.63 -4.04
N ASP J 93 39.23 0.02 -3.35
CA ASP J 93 39.09 0.43 -1.96
C ASP J 93 39.56 1.87 -1.85
N SER J 94 39.34 2.47 -0.67
CA SER J 94 39.72 3.86 -0.47
C SER J 94 41.13 4.04 0.03
N SER J 95 41.92 2.96 0.07
CA SER J 95 43.31 3.00 0.57
C SER J 95 44.33 2.63 -0.49
N SER J 96 44.02 1.64 -1.33
CA SER J 96 44.88 1.11 -2.38
C SER J 96 44.15 1.16 -3.71
N MET J 97 43.69 2.36 -4.06
CA MET J 97 42.45 2.56 -4.82
C MET J 97 42.15 1.50 -5.88
N TYR J 98 43.03 1.31 -6.86
CA TYR J 98 42.75 0.40 -7.96
C TYR J 98 43.80 -0.69 -8.01
N THR J 99 43.37 -1.93 -7.78
CA THR J 99 44.26 -3.08 -7.81
C THR J 99 43.67 -4.16 -8.72
N PHE J 100 44.53 -4.81 -9.48
CA PHE J 100 44.14 -5.87 -10.41
C PHE J 100 44.63 -7.22 -9.89
N GLY J 101 44.43 -8.25 -10.72
CA GLY J 101 45.03 -9.55 -10.50
C GLY J 101 46.14 -9.79 -11.51
N GLN J 102 46.80 -10.94 -11.34
CA GLN J 102 47.83 -11.32 -12.29
C GLN J 102 47.24 -11.91 -13.57
N GLY J 103 45.93 -12.16 -13.59
CA GLY J 103 45.26 -12.60 -14.81
C GLY J 103 45.38 -14.07 -15.10
N THR J 104 44.27 -14.68 -15.50
CA THR J 104 44.22 -16.07 -15.93
C THR J 104 44.28 -16.14 -17.45
N LYS J 105 45.11 -17.03 -17.97
CA LYS J 105 45.20 -17.27 -19.41
C LYS J 105 44.34 -18.46 -19.77
N LEU J 106 43.47 -18.30 -20.77
CA LEU J 106 42.56 -19.35 -21.19
C LEU J 106 43.16 -20.03 -22.41
N GLU J 107 44.08 -20.94 -22.16
CA GLU J 107 44.83 -21.62 -23.21
C GLU J 107 43.95 -22.71 -23.82
N ILE J 108 43.37 -22.42 -24.97
CA ILE J 108 42.39 -23.30 -25.60
C ILE J 108 43.14 -24.39 -26.38
N THR J 109 43.41 -25.52 -25.73
CA THR J 109 44.32 -26.53 -26.27
C THR J 109 44.04 -27.90 -25.65
N ARG J 110 44.67 -28.91 -26.24
CA ARG J 110 44.78 -30.28 -25.70
C ARG J 110 45.81 -31.03 -26.54
N THR J 111 45.83 -32.36 -26.40
CA THR J 111 46.61 -33.28 -27.25
C THR J 111 48.12 -33.03 -27.11
N VAL J 112 48.61 -33.39 -25.91
CA VAL J 112 50.02 -33.34 -25.54
C VAL J 112 50.93 -33.87 -26.63
N ALA J 113 52.04 -33.17 -26.89
CA ALA J 113 52.99 -33.56 -27.93
C ALA J 113 54.39 -33.17 -27.49
N ALA J 114 55.32 -34.10 -27.63
CA ALA J 114 56.69 -33.90 -27.18
C ALA J 114 57.50 -33.10 -28.20
N PRO J 115 58.58 -32.45 -27.76
CA PRO J 115 59.38 -31.64 -28.68
C PRO J 115 60.50 -32.41 -29.35
N SER J 116 60.79 -32.02 -30.58
CA SER J 116 62.05 -32.38 -31.21
C SER J 116 63.10 -31.34 -30.82
N VAL J 117 64.30 -31.81 -30.48
CA VAL J 117 65.33 -30.98 -29.88
C VAL J 117 66.49 -30.85 -30.86
N PHE J 118 66.97 -29.62 -31.04
CA PHE J 118 68.12 -29.34 -31.88
C PHE J 118 69.07 -28.41 -31.12
N ILE J 119 70.37 -28.59 -31.35
CA ILE J 119 71.40 -27.75 -30.74
C ILE J 119 72.27 -27.16 -31.85
N PHE J 120 72.71 -25.92 -31.64
CA PHE J 120 73.51 -25.20 -32.63
C PHE J 120 74.74 -24.62 -31.95
N PRO J 121 75.95 -25.08 -32.30
CA PRO J 121 77.16 -24.51 -31.71
C PRO J 121 77.35 -23.06 -32.16
N PRO J 122 78.24 -22.32 -31.53
CA PRO J 122 78.52 -20.96 -32.00
C PRO J 122 79.25 -20.99 -33.34
N SER J 123 78.93 -20.02 -34.19
CA SER J 123 79.55 -19.94 -35.50
C SER J 123 80.99 -19.44 -35.39
N ASP J 124 81.80 -19.80 -36.39
CA ASP J 124 83.16 -19.30 -36.44
C ASP J 124 83.19 -17.78 -36.64
N GLU J 125 82.16 -17.23 -37.29
CA GLU J 125 82.08 -15.78 -37.45
C GLU J 125 81.92 -15.09 -36.10
N GLN J 126 81.07 -15.65 -35.24
CA GLN J 126 80.83 -15.05 -33.93
C GLN J 126 82.03 -15.17 -33.02
N LEU J 127 82.73 -16.31 -33.08
CA LEU J 127 83.91 -16.51 -32.24
C LEU J 127 84.98 -15.47 -32.52
N LYS J 128 85.11 -15.03 -33.79
CA LYS J 128 86.11 -14.03 -34.14
C LYS J 128 85.87 -12.72 -33.39
N SER J 129 84.61 -12.42 -33.06
CA SER J 129 84.26 -11.18 -32.39
C SER J 129 84.27 -11.30 -30.86
N GLY J 130 84.63 -12.46 -30.32
CA GLY J 130 84.88 -12.59 -28.90
C GLY J 130 83.75 -13.19 -28.07
N THR J 131 82.57 -13.37 -28.65
CA THR J 131 81.44 -13.93 -27.93
C THR J 131 81.07 -15.29 -28.51
N ALA J 132 80.39 -16.11 -27.71
CA ALA J 132 80.01 -17.45 -28.12
C ALA J 132 78.60 -17.74 -27.62
N SER J 133 77.66 -17.95 -28.54
CA SER J 133 76.28 -18.25 -28.22
C SER J 133 75.94 -19.66 -28.70
N VAL J 134 75.47 -20.49 -27.78
CA VAL J 134 74.99 -21.83 -28.07
C VAL J 134 73.47 -21.81 -27.92
N VAL J 135 72.76 -22.21 -28.98
CA VAL J 135 71.31 -22.14 -29.02
C VAL J 135 70.74 -23.56 -29.01
N CYS J 136 69.87 -23.83 -28.04
CA CYS J 136 69.12 -25.08 -27.98
C CYS J 136 67.68 -24.81 -28.36
N LEU J 137 67.11 -25.69 -29.18
CA LEU J 137 65.82 -25.45 -29.81
C LEU J 137 64.85 -26.56 -29.43
N LEU J 138 63.65 -26.17 -29.01
CA LEU J 138 62.54 -27.09 -28.76
C LEU J 138 61.41 -26.73 -29.72
N ASN J 139 61.05 -27.66 -30.60
CA ASN J 139 60.20 -27.37 -31.73
C ASN J 139 58.86 -28.08 -31.59
N ASN J 140 57.77 -27.30 -31.57
CA ASN J 140 56.40 -27.80 -31.70
C ASN J 140 56.06 -28.83 -30.63
N PHE J 141 56.04 -28.34 -29.39
CA PHE J 141 55.65 -29.16 -28.25
C PHE J 141 54.42 -28.58 -27.56
N TYR J 142 53.83 -29.38 -26.67
CA TYR J 142 52.72 -28.96 -25.84
C TYR J 142 52.65 -29.90 -24.64
N PRO J 143 52.40 -29.39 -23.43
CA PRO J 143 52.19 -27.98 -23.06
C PRO J 143 53.50 -27.20 -22.91
N ARG J 144 53.41 -25.94 -22.48
CA ARG J 144 54.61 -25.10 -22.41
C ARG J 144 55.55 -25.57 -21.31
N GLU J 145 55.03 -26.22 -20.27
CA GLU J 145 55.86 -26.54 -19.11
C GLU J 145 56.99 -27.48 -19.52
N ALA J 146 58.20 -26.92 -19.62
CA ALA J 146 59.37 -27.65 -20.07
C ALA J 146 60.60 -27.11 -19.36
N LYS J 147 61.53 -28.00 -19.04
CA LYS J 147 62.77 -27.66 -18.35
C LYS J 147 63.92 -27.77 -19.35
N VAL J 148 64.75 -26.73 -19.42
CA VAL J 148 65.91 -26.69 -20.30
C VAL J 148 67.12 -26.29 -19.47
N GLN J 149 68.00 -27.25 -19.19
CA GLN J 149 69.23 -27.00 -18.45
C GLN J 149 70.44 -27.19 -19.34
N TRP J 150 71.54 -26.56 -18.95
CA TRP J 150 72.79 -26.62 -19.70
C TRP J 150 73.85 -27.32 -18.88
N LYS J 151 74.57 -28.26 -19.50
CA LYS J 151 75.66 -28.96 -18.85
C LYS J 151 76.92 -28.79 -19.68
N VAL J 152 77.93 -28.17 -19.09
CA VAL J 152 79.22 -27.94 -19.73
C VAL J 152 80.26 -28.76 -18.98
N ASP J 153 80.81 -29.77 -19.65
CA ASP J 153 81.64 -30.79 -19.00
C ASP J 153 80.87 -31.44 -17.86
N ASN J 154 79.59 -31.68 -18.08
CA ASN J 154 78.69 -32.27 -17.08
C ASN J 154 78.65 -31.45 -15.79
N ALA J 155 78.84 -30.14 -15.91
CA ALA J 155 78.67 -29.20 -14.80
C ALA J 155 77.50 -28.29 -15.14
N LEU J 156 76.49 -28.26 -14.28
CA LEU J 156 75.23 -27.58 -14.61
C LEU J 156 75.42 -26.06 -14.60
N GLN J 157 75.17 -25.43 -15.75
CA GLN J 157 75.23 -23.98 -15.85
C GLN J 157 74.01 -23.35 -15.22
N SER J 158 74.15 -22.09 -14.83
CA SER J 158 73.05 -21.36 -14.22
C SER J 158 73.35 -19.86 -14.30
N GLY J 159 72.33 -19.08 -14.67
CA GLY J 159 72.46 -17.64 -14.72
C GLY J 159 73.14 -17.08 -15.94
N ASN J 160 73.30 -17.86 -17.00
CA ASN J 160 73.92 -17.36 -18.22
C ASN J 160 73.21 -17.89 -19.47
N SER J 161 71.89 -18.09 -19.39
CA SER J 161 71.12 -18.57 -20.51
C SER J 161 69.76 -17.89 -20.51
N GLN J 162 69.27 -17.53 -21.69
CA GLN J 162 67.97 -16.89 -21.86
C GLN J 162 67.08 -17.76 -22.72
N GLU J 163 65.86 -17.99 -22.26
CA GLU J 163 64.86 -18.74 -23.01
C GLU J 163 63.89 -17.79 -23.69
N SER J 164 63.28 -18.27 -24.77
CA SER J 164 62.23 -17.54 -25.46
C SER J 164 61.19 -18.54 -25.95
N VAL J 165 59.92 -18.17 -25.82
CA VAL J 165 58.79 -19.03 -26.16
C VAL J 165 57.91 -18.31 -27.15
N THR J 166 57.62 -18.95 -28.29
CA THR J 166 56.71 -18.38 -29.26
C THR J 166 55.27 -18.45 -28.76
N GLU J 167 54.43 -17.58 -29.31
CA GLU J 167 53.02 -17.63 -28.97
C GLU J 167 52.40 -18.92 -29.47
N GLN J 168 51.19 -19.19 -29.00
CA GLN J 168 50.49 -20.41 -29.41
C GLN J 168 50.26 -20.41 -30.91
N ASP J 169 50.52 -21.56 -31.54
CA ASP J 169 50.34 -21.68 -32.98
C ASP J 169 48.86 -21.71 -33.33
N SER J 170 48.54 -21.22 -34.53
CA SER J 170 47.17 -21.11 -34.98
C SER J 170 46.66 -22.40 -35.63
N LYS J 171 47.54 -23.33 -35.99
CA LYS J 171 47.14 -24.57 -36.65
C LYS J 171 47.11 -25.74 -35.67
N ASP J 172 48.25 -26.05 -35.05
CA ASP J 172 48.35 -27.20 -34.14
C ASP J 172 48.44 -26.79 -32.67
N SER J 173 48.39 -25.49 -32.38
CA SER J 173 48.29 -24.99 -31.01
C SER J 173 49.48 -25.41 -30.15
N THR J 174 50.65 -25.51 -30.75
CA THR J 174 51.86 -25.91 -30.03
C THR J 174 52.70 -24.68 -29.70
N TYR J 175 53.83 -24.92 -29.04
CA TYR J 175 54.78 -23.89 -28.68
C TYR J 175 56.16 -24.24 -29.22
N SER J 176 57.03 -23.23 -29.25
CA SER J 176 58.43 -23.42 -29.61
C SER J 176 59.30 -22.65 -28.63
N LEU J 177 60.44 -23.23 -28.27
CA LEU J 177 61.28 -22.66 -27.23
C LEU J 177 62.73 -22.67 -27.68
N SER J 178 63.44 -21.57 -27.36
CA SER J 178 64.86 -21.45 -27.67
C SER J 178 65.58 -20.92 -26.44
N SER J 179 66.62 -21.64 -26.01
CA SER J 179 67.46 -21.23 -24.89
C SER J 179 68.87 -20.94 -25.42
N THR J 180 69.40 -19.77 -25.08
CA THR J 180 70.66 -19.29 -25.65
C THR J 180 71.70 -19.14 -24.55
N LEU J 181 72.68 -20.04 -24.54
CA LEU J 181 73.76 -20.02 -23.56
C LEU J 181 74.86 -19.09 -24.06
N THR J 182 74.94 -17.91 -23.47
CA THR J 182 75.87 -16.87 -23.91
C THR J 182 77.02 -16.75 -22.93
N LEU J 183 78.24 -16.99 -23.40
CA LEU J 183 79.43 -16.81 -22.60
C LEU J 183 80.56 -16.31 -23.49
N SER J 184 81.66 -15.88 -22.86
CA SER J 184 82.78 -15.32 -23.60
C SER J 184 83.54 -16.42 -24.35
N LYS J 185 84.37 -15.98 -25.30
CA LYS J 185 85.19 -16.92 -26.05
C LYS J 185 86.20 -17.61 -25.14
N ALA J 186 86.74 -16.89 -24.17
CA ALA J 186 87.71 -17.49 -23.25
C ALA J 186 87.08 -18.62 -22.45
N ASP J 187 85.87 -18.41 -21.94
CA ASP J 187 85.19 -19.48 -21.21
C ASP J 187 84.70 -20.58 -22.15
N TYR J 188 84.42 -20.24 -23.41
CA TYR J 188 83.92 -21.25 -24.34
C TYR J 188 85.01 -22.26 -24.67
N GLU J 189 86.21 -21.80 -24.96
CA GLU J 189 87.32 -22.69 -25.25
C GLU J 189 87.91 -23.34 -24.01
N LYS J 190 87.54 -22.87 -22.82
CA LYS J 190 88.04 -23.46 -21.59
C LYS J 190 87.45 -24.82 -21.31
N HIS J 191 86.39 -25.20 -22.01
CA HIS J 191 85.73 -26.49 -21.82
C HIS J 191 85.56 -27.18 -23.16
N LYS J 192 85.07 -28.42 -23.12
CA LYS J 192 84.99 -29.28 -24.29
C LYS J 192 83.57 -29.71 -24.62
N LEU J 193 82.83 -30.23 -23.63
CA LEU J 193 81.54 -30.87 -23.87
C LEU J 193 80.42 -29.90 -23.51
N TYR J 194 79.60 -29.56 -24.50
CA TYR J 194 78.46 -28.66 -24.32
C TYR J 194 77.18 -29.42 -24.60
N ALA J 195 76.33 -29.56 -23.59
CA ALA J 195 75.12 -30.35 -23.68
C ALA J 195 73.91 -29.53 -23.27
N CYS J 196 72.77 -29.85 -23.86
CA CYS J 196 71.48 -29.25 -23.54
C CYS J 196 70.51 -30.36 -23.15
N GLU J 197 69.95 -30.27 -21.96
CA GLU J 197 69.03 -31.27 -21.45
C GLU J 197 67.61 -30.72 -21.43
N VAL J 198 66.65 -31.52 -21.87
CA VAL J 198 65.24 -31.14 -21.92
C VAL J 198 64.44 -32.12 -21.10
N THR J 199 63.66 -31.60 -20.16
CA THR J 199 62.76 -32.40 -19.34
C THR J 199 61.34 -31.94 -19.64
N HIS J 200 60.56 -32.79 -20.32
CA HIS J 200 59.20 -32.44 -20.70
C HIS J 200 58.25 -33.57 -20.33
N GLN J 201 56.97 -33.23 -20.22
CA GLN J 201 55.95 -34.21 -19.86
C GLN J 201 55.81 -35.27 -20.94
N GLY J 202 55.98 -34.90 -22.21
CA GLY J 202 55.85 -35.85 -23.31
C GLY J 202 57.03 -36.80 -23.45
N LEU J 203 58.12 -36.56 -22.71
CA LEU J 203 59.30 -37.40 -22.78
C LEU J 203 59.34 -38.33 -21.58
N SER J 204 59.55 -39.62 -21.83
CA SER J 204 59.59 -40.60 -20.76
C SER J 204 60.76 -40.34 -19.81
N SER J 205 61.90 -39.95 -20.37
CA SER J 205 63.08 -39.57 -19.60
C SER J 205 63.71 -38.37 -20.29
N PRO J 206 64.51 -37.59 -19.57
CA PRO J 206 65.10 -36.38 -20.19
C PRO J 206 65.92 -36.70 -21.42
N VAL J 207 65.98 -35.72 -22.33
CA VAL J 207 66.64 -35.85 -23.62
C VAL J 207 67.81 -34.88 -23.69
N THR J 208 68.95 -35.37 -24.17
CA THR J 208 70.18 -34.58 -24.20
C THR J 208 70.74 -34.52 -25.61
N LYS J 209 70.97 -33.32 -26.10
CA LYS J 209 71.71 -33.08 -27.33
C LYS J 209 73.02 -32.39 -26.98
N SER J 210 74.12 -32.83 -27.59
CA SER J 210 75.43 -32.35 -27.19
C SER J 210 76.39 -32.34 -28.38
N PHE J 211 77.55 -31.71 -28.16
CA PHE J 211 78.62 -31.67 -29.14
C PHE J 211 79.92 -31.32 -28.40
N ASN J 212 81.04 -31.54 -29.08
CA ASN J 212 82.35 -31.17 -28.57
C ASN J 212 82.92 -30.00 -29.37
N ARG J 213 83.58 -29.09 -28.67
CA ARG J 213 84.13 -27.91 -29.33
C ARG J 213 85.18 -28.31 -30.36
N GLY J 214 85.14 -27.67 -31.52
CA GLY J 214 86.04 -28.01 -32.61
C GLY J 214 85.72 -29.36 -33.20
N GLU J 215 84.55 -29.48 -33.81
CA GLU J 215 84.10 -30.76 -34.33
C GLU J 215 82.99 -30.58 -35.35
N GLN K 1 -23.46 34.39 13.76
CA GLN K 1 -22.49 33.58 14.49
C GLN K 1 -22.08 34.24 15.79
N VAL K 2 -20.89 34.81 15.80
CA VAL K 2 -20.32 35.45 16.98
C VAL K 2 -20.46 36.96 16.82
N GLN K 3 -20.75 37.64 17.93
CA GLN K 3 -20.96 39.09 17.95
C GLN K 3 -20.14 39.71 19.07
N LEU K 4 -19.60 40.90 18.82
CA LEU K 4 -18.84 41.65 19.79
C LEU K 4 -19.51 42.98 20.08
N GLN K 5 -19.60 43.33 21.35
CA GLN K 5 -20.29 44.53 21.81
C GLN K 5 -19.28 45.43 22.52
N GLN K 6 -18.96 46.58 21.91
CA GLN K 6 -18.04 47.52 22.49
C GLN K 6 -18.79 48.64 23.22
N SER K 7 -18.12 49.24 24.20
CA SER K 7 -18.67 50.34 24.98
C SER K 7 -17.53 50.99 25.76
N GLY K 8 -17.71 52.27 26.07
CA GLY K 8 -16.72 53.00 26.83
C GLY K 8 -16.80 54.50 26.63
N PRO K 9 -16.09 55.25 27.47
CA PRO K 9 -16.10 56.71 27.35
C PRO K 9 -15.42 57.16 26.07
N GLY K 10 -16.03 58.15 25.41
CA GLY K 10 -15.48 58.74 24.22
C GLY K 10 -14.51 59.88 24.44
N LEU K 11 -14.33 60.32 25.68
CA LEU K 11 -13.43 61.41 26.02
C LEU K 11 -12.73 61.11 27.34
N VAL K 12 -11.42 61.36 27.40
CA VAL K 12 -10.59 61.06 28.56
C VAL K 12 -9.64 62.22 28.79
N LYS K 13 -9.49 62.64 30.04
CA LYS K 13 -8.53 63.69 30.37
C LYS K 13 -7.12 63.19 30.09
N PRO K 14 -6.23 64.01 29.47
CA PRO K 14 -4.94 63.46 29.03
C PRO K 14 -3.94 63.29 30.17
N SER K 15 -4.39 62.71 31.28
CA SER K 15 -3.52 62.28 32.38
C SER K 15 -3.97 60.99 33.03
N GLN K 16 -5.19 60.52 32.78
CA GLN K 16 -5.83 59.44 33.52
C GLN K 16 -5.75 58.13 32.75
N THR K 17 -6.43 57.11 33.27
CA THR K 17 -6.41 55.77 32.72
C THR K 17 -7.55 55.58 31.73
N LEU K 18 -7.21 55.15 30.51
CA LEU K 18 -8.22 54.83 29.52
C LEU K 18 -8.84 53.47 29.85
N SER K 19 -10.17 53.40 29.78
CA SER K 19 -10.89 52.19 30.18
C SER K 19 -11.94 51.85 29.14
N LEU K 20 -11.91 50.62 28.63
CA LEU K 20 -12.88 50.14 27.65
C LEU K 20 -13.22 48.69 27.96
N THR K 21 -14.41 48.28 27.55
CA THR K 21 -14.88 46.90 27.73
C THR K 21 -15.37 46.36 26.39
N CYS K 22 -15.42 45.02 26.30
CA CYS K 22 -15.77 44.34 25.06
C CYS K 22 -16.51 43.06 25.43
N ALA K 23 -17.83 43.07 25.27
CA ALA K 23 -18.66 41.91 25.58
C ALA K 23 -18.73 40.97 24.40
N ILE K 24 -18.78 39.67 24.68
CA ILE K 24 -18.76 38.64 23.66
C ILE K 24 -20.08 37.87 23.69
N SER K 25 -20.56 37.49 22.51
CA SER K 25 -21.81 36.74 22.38
C SER K 25 -21.58 35.61 21.39
N GLY K 26 -21.62 34.37 21.88
CA GLY K 26 -21.47 33.20 21.03
C GLY K 26 -20.23 32.38 21.36
N ASP K 27 -19.13 33.06 21.62
CA ASP K 27 -17.90 32.42 22.07
C ASP K 27 -17.65 32.78 23.53
N SER K 28 -16.70 32.07 24.13
CA SER K 28 -16.37 32.26 25.54
C SER K 28 -15.07 33.04 25.68
N VAL K 29 -15.00 33.88 26.72
CA VAL K 29 -13.76 34.61 26.98
C VAL K 29 -12.72 33.69 27.59
N SER K 30 -13.15 32.68 28.35
CA SER K 30 -12.25 31.69 28.91
C SER K 30 -12.06 30.49 27.99
N SER K 31 -12.48 30.59 26.73
CA SER K 31 -12.37 29.49 25.79
C SER K 31 -10.93 29.35 25.31
N ASN K 32 -10.57 28.11 24.97
CA ASN K 32 -9.27 27.80 24.40
C ASN K 32 -9.37 27.76 22.88
N SER K 33 -8.22 27.61 22.23
CA SER K 33 -8.03 27.61 20.77
C SER K 33 -8.30 28.96 20.14
N VAL K 34 -8.72 29.96 20.92
CA VAL K 34 -8.95 31.32 20.43
C VAL K 34 -8.30 32.29 21.40
N ALA K 35 -8.00 33.48 20.89
CA ALA K 35 -7.41 34.55 21.69
C ALA K 35 -8.27 35.80 21.57
N TRP K 36 -8.00 36.78 22.43
CA TRP K 36 -8.71 38.05 22.43
C TRP K 36 -7.71 39.17 22.56
N ASN K 37 -7.62 40.02 21.54
CA ASN K 37 -6.58 41.03 21.42
C ASN K 37 -7.18 42.43 21.49
N TRP K 38 -6.29 43.42 21.52
CA TRP K 38 -6.66 44.83 21.43
C TRP K 38 -5.79 45.48 20.35
N ILE K 39 -6.44 46.06 19.34
CA ILE K 39 -5.75 46.71 18.23
C ILE K 39 -6.36 48.10 18.04
N ARG K 40 -5.51 49.11 17.88
CA ARG K 40 -5.95 50.48 17.65
C ARG K 40 -5.42 50.97 16.30
N GLN K 41 -6.17 51.89 15.69
CA GLN K 41 -5.82 52.45 14.39
C GLN K 41 -5.94 53.97 14.46
N SER K 42 -4.80 54.66 14.33
CA SER K 42 -4.79 56.11 14.25
C SER K 42 -4.29 56.55 12.88
N PRO K 43 -4.84 57.63 12.33
CA PRO K 43 -4.36 58.14 11.02
C PRO K 43 -2.87 58.40 10.98
N SER K 44 -2.23 58.61 12.13
CA SER K 44 -0.82 58.97 12.19
C SER K 44 0.11 57.80 12.48
N ARG K 45 -0.39 56.72 13.08
CA ARG K 45 0.46 55.60 13.47
C ARG K 45 0.04 54.28 12.84
N GLY K 46 -0.95 54.28 11.94
CA GLY K 46 -1.39 53.05 11.31
C GLY K 46 -2.07 52.11 12.30
N LEU K 47 -2.03 50.82 11.95
CA LEU K 47 -2.59 49.78 12.79
C LEU K 47 -1.54 49.30 13.78
N GLU K 48 -1.90 49.31 15.07
CA GLU K 48 -1.00 48.92 16.15
C GLU K 48 -1.68 47.88 17.02
N TRP K 49 -1.01 46.75 17.21
CA TRP K 49 -1.48 45.74 18.15
C TRP K 49 -1.00 46.08 19.55
N LEU K 50 -1.90 45.94 20.53
CA LEU K 50 -1.63 46.36 21.89
C LEU K 50 -1.36 45.20 22.83
N GLY K 51 -2.30 44.25 22.93
CA GLY K 51 -2.14 43.14 23.86
C GLY K 51 -3.10 42.03 23.52
N ARG K 52 -3.05 40.97 24.35
CA ARG K 52 -3.92 39.82 24.14
C ARG K 52 -4.06 39.06 25.45
N THR K 53 -5.08 38.20 25.51
CA THR K 53 -5.33 37.39 26.69
C THR K 53 -5.99 36.09 26.25
N TYR K 54 -5.66 35.00 26.94
CA TYR K 54 -6.21 33.68 26.62
C TYR K 54 -6.15 32.83 27.87
N PHE K 55 -6.93 31.75 27.87
CA PHE K 55 -7.08 30.86 29.02
C PHE K 55 -6.73 29.44 28.63
N ARG K 56 -5.65 28.89 29.19
CA ARG K 56 -5.28 27.48 29.06
C ARG K 56 -5.07 26.94 30.48
N SER K 57 -6.15 26.50 31.10
CA SER K 57 -6.23 26.12 32.52
C SER K 57 -5.69 27.20 33.45
N LYS K 58 -5.40 28.40 32.94
CA LYS K 58 -4.75 29.49 33.67
C LYS K 58 -4.76 30.73 32.79
N TRP K 59 -4.70 31.93 33.36
CA TRP K 59 -4.79 33.15 32.56
C TRP K 59 -3.38 33.63 32.19
N TYR K 60 -3.19 33.94 30.90
CA TYR K 60 -1.95 34.53 30.42
C TYR K 60 -2.25 35.88 29.77
N THR K 61 -1.23 36.74 29.75
CA THR K 61 -1.34 38.05 29.13
C THR K 61 -0.04 38.39 28.41
N ASP K 62 -0.17 38.95 27.21
CA ASP K 62 0.95 39.47 26.43
C ASP K 62 0.66 40.92 26.06
N TYR K 63 1.69 41.75 26.11
CA TYR K 63 1.55 43.16 25.82
C TYR K 63 2.64 43.60 24.84
N ALA K 64 2.39 44.72 24.17
CA ALA K 64 3.38 45.28 23.26
C ALA K 64 4.58 45.80 24.05
N GLU K 65 5.78 45.61 23.48
CA GLU K 65 7.00 46.01 24.18
C GLU K 65 7.15 47.51 24.26
N SER K 66 6.52 48.28 23.37
CA SER K 66 6.53 49.73 23.49
C SER K 66 5.56 50.23 24.54
N LEU K 67 4.51 49.47 24.85
CA LEU K 67 3.52 49.85 25.84
C LEU K 67 3.52 48.92 27.04
N LYS K 68 4.59 48.14 27.24
CA LYS K 68 4.70 47.24 28.38
C LYS K 68 4.62 48.00 29.71
N SER K 69 4.88 49.30 29.69
CA SER K 69 4.85 50.10 30.92
C SER K 69 3.43 50.36 31.38
N ARG K 70 2.50 50.61 30.45
CA ARG K 70 1.23 51.23 30.80
C ARG K 70 0.01 50.30 30.71
N MET K 71 0.07 49.26 29.90
CA MET K 71 -1.15 48.54 29.56
C MET K 71 -1.48 47.44 30.57
N THR K 72 -2.75 47.08 30.61
CA THR K 72 -3.27 45.99 31.45
C THR K 72 -4.59 45.52 30.86
N ILE K 73 -4.77 44.21 30.76
CA ILE K 73 -5.96 43.61 30.18
C ILE K 73 -6.53 42.60 31.18
N ASN K 74 -7.74 42.87 31.68
CA ASN K 74 -8.37 42.04 32.69
C ASN K 74 -9.58 41.34 32.12
N PRO K 75 -9.73 40.03 32.34
CA PRO K 75 -10.95 39.32 31.92
C PRO K 75 -12.00 39.30 33.03
N ASP K 76 -13.17 38.80 32.67
CA ASP K 76 -14.28 38.67 33.62
C ASP K 76 -15.22 37.58 33.11
N THR K 77 -15.23 36.44 33.81
CA THR K 77 -16.04 35.31 33.37
C THR K 77 -17.51 35.45 33.73
N SER K 78 -17.84 36.26 34.73
CA SER K 78 -19.24 36.39 35.14
C SER K 78 -20.09 37.09 34.09
N LYS K 79 -19.49 38.00 33.32
CA LYS K 79 -20.21 38.74 32.29
C LYS K 79 -19.72 38.42 30.88
N ASN K 80 -18.73 37.52 30.75
CA ASN K 80 -18.20 37.10 29.45
C ASN K 80 -17.67 38.31 28.66
N GLU K 81 -16.68 38.96 29.23
CA GLU K 81 -16.11 40.16 28.62
C GLU K 81 -14.69 40.36 29.15
N PHE K 82 -13.93 41.16 28.41
CA PHE K 82 -12.60 41.58 28.84
C PHE K 82 -12.46 43.08 28.62
N SER K 83 -11.55 43.69 29.36
CA SER K 83 -11.42 45.14 29.41
C SER K 83 -9.98 45.56 29.13
N LEU K 84 -9.80 46.86 28.93
CA LEU K 84 -8.50 47.47 28.69
C LEU K 84 -8.27 48.59 29.72
N HIS K 85 -7.03 48.70 30.20
CA HIS K 85 -6.65 49.73 31.17
C HIS K 85 -5.29 50.30 30.74
N LEU K 86 -5.33 51.37 29.96
CA LEU K 86 -4.12 52.05 29.49
C LEU K 86 -3.86 53.25 30.37
N LYS K 87 -2.86 53.14 31.25
CA LYS K 87 -2.52 54.24 32.14
C LYS K 87 -1.61 55.24 31.43
N SER K 88 -1.48 56.42 32.03
CA SER K 88 -0.62 57.49 31.52
C SER K 88 -0.98 57.83 30.07
N VAL K 89 -2.23 58.26 29.89
CA VAL K 89 -2.76 58.55 28.55
C VAL K 89 -2.19 59.86 28.05
N THR K 90 -1.74 59.88 26.81
CA THR K 90 -1.24 61.06 26.13
C THR K 90 -2.05 61.29 24.85
N SER K 91 -1.66 62.34 24.10
CA SER K 91 -2.30 62.61 22.83
C SER K 91 -1.94 61.57 21.77
N ASP K 92 -0.89 60.77 22.01
CA ASP K 92 -0.53 59.72 21.07
C ASP K 92 -1.55 58.58 21.06
N ASP K 93 -2.24 58.38 22.18
CA ASP K 93 -3.18 57.28 22.34
C ASP K 93 -4.56 57.57 21.78
N THR K 94 -4.69 58.60 20.94
CA THR K 94 -5.97 58.95 20.32
C THR K 94 -6.13 58.15 19.03
N ALA K 95 -7.10 57.23 19.03
CA ALA K 95 -7.33 56.36 17.88
C ALA K 95 -8.69 55.69 18.06
N VAL K 96 -9.01 54.77 17.16
CA VAL K 96 -10.18 53.90 17.28
C VAL K 96 -9.70 52.54 17.75
N TYR K 97 -10.23 52.09 18.89
CA TYR K 97 -9.77 50.86 19.53
C TYR K 97 -10.71 49.71 19.16
N TYR K 98 -10.16 48.68 18.53
CA TYR K 98 -10.89 47.48 18.16
C TYR K 98 -10.53 46.33 19.10
N CYS K 99 -11.53 45.57 19.52
CA CYS K 99 -11.31 44.28 20.17
C CYS K 99 -11.61 43.18 19.15
N VAL K 100 -10.64 42.29 18.97
CA VAL K 100 -10.66 41.33 17.87
C VAL K 100 -10.27 39.95 18.39
N ARG K 101 -10.75 38.92 17.72
CA ARG K 101 -10.45 37.53 18.08
C ARG K 101 -9.38 36.97 17.17
N GLY K 102 -8.41 36.29 17.77
CA GLY K 102 -7.39 35.61 16.99
C GLY K 102 -7.54 34.11 17.04
N ILE K 103 -7.84 33.49 15.90
CA ILE K 103 -8.06 32.05 15.80
C ILE K 103 -6.86 31.44 15.11
N ILE K 104 -6.09 30.65 15.86
CA ILE K 104 -4.89 30.02 15.35
C ILE K 104 -5.18 28.55 15.08
N PHE K 105 -4.41 27.96 14.17
CA PHE K 105 -4.32 26.53 13.90
C PHE K 105 -5.55 25.95 13.20
N ASN K 106 -6.52 26.77 12.81
CA ASN K 106 -7.65 26.25 12.06
C ASN K 106 -7.18 25.73 10.71
N TRP K 107 -7.60 24.51 10.36
CA TRP K 107 -7.25 23.93 9.07
C TRP K 107 -7.72 24.85 7.95
N PRO K 108 -6.87 25.17 6.96
CA PRO K 108 -5.56 24.62 6.54
C PRO K 108 -4.31 25.00 7.34
N LEU K 109 -4.43 25.10 8.66
CA LEU K 109 -3.28 25.25 9.56
C LEU K 109 -2.51 26.53 9.26
N GLY K 110 -3.20 27.66 9.41
CA GLY K 110 -2.57 28.96 9.28
C GLY K 110 -1.98 29.43 10.59
N GLY K 111 -1.28 30.56 10.51
CA GLY K 111 -0.76 31.23 11.69
C GLY K 111 -1.86 31.96 12.43
N TRP K 112 -1.48 32.99 13.18
CA TRP K 112 -2.46 33.78 13.90
C TRP K 112 -3.14 34.75 12.94
N SER K 113 -4.46 34.64 12.82
CA SER K 113 -5.24 35.45 11.90
C SER K 113 -6.47 35.97 12.62
N PHE K 114 -6.62 37.29 12.68
CA PHE K 114 -7.76 37.93 13.34
C PHE K 114 -8.99 37.80 12.45
N ASP K 115 -9.99 37.05 12.90
CA ASP K 115 -11.16 36.77 12.06
C ASP K 115 -12.30 37.75 12.30
N LEU K 116 -12.81 37.84 13.52
CA LEU K 116 -13.99 38.63 13.85
C LEU K 116 -13.57 39.92 14.54
N TRP K 117 -13.90 41.05 13.92
CA TRP K 117 -13.54 42.37 14.43
C TRP K 117 -14.77 43.05 15.02
N GLY K 118 -14.52 43.97 15.97
CA GLY K 118 -15.57 44.81 16.49
C GLY K 118 -15.79 46.06 15.65
N ARG K 119 -16.92 46.72 15.90
CA ARG K 119 -17.27 47.92 15.13
C ARG K 119 -16.27 49.03 15.38
N GLY K 120 -15.79 49.17 16.60
CA GLY K 120 -14.79 50.17 16.92
C GLY K 120 -15.34 51.36 17.68
N THR K 121 -14.64 51.77 18.73
CA THR K 121 -15.03 52.93 19.54
C THR K 121 -13.98 54.02 19.38
N LEU K 122 -14.42 55.19 18.94
CA LEU K 122 -13.52 56.32 18.74
C LEU K 122 -13.24 56.99 20.08
N VAL K 123 -11.99 56.94 20.51
CA VAL K 123 -11.58 57.48 21.80
C VAL K 123 -10.64 58.66 21.55
N SER K 124 -11.11 59.85 21.92
CA SER K 124 -10.31 61.07 21.81
C SER K 124 -9.91 61.53 23.20
N VAL K 125 -8.63 61.86 23.37
CA VAL K 125 -8.15 62.47 24.60
C VAL K 125 -7.92 63.95 24.31
N SER K 126 -8.37 64.81 25.21
CA SER K 126 -8.33 66.24 24.97
C SER K 126 -8.61 66.98 26.25
N SER K 127 -8.03 68.18 26.37
CA SER K 127 -8.32 69.03 27.52
C SER K 127 -9.70 69.67 27.44
N PRO K 128 -10.14 70.26 26.32
CA PRO K 128 -11.42 70.97 26.32
C PRO K 128 -12.61 70.05 26.55
N SER K 129 -13.71 70.67 26.99
CA SER K 129 -14.98 70.03 27.25
C SER K 129 -16.02 70.53 26.26
N THR K 130 -17.28 70.16 26.49
CA THR K 130 -18.38 70.53 25.61
C THR K 130 -18.41 72.03 25.35
N LYS K 131 -18.36 72.41 24.07
CA LYS K 131 -18.33 73.80 23.66
C LYS K 131 -19.02 73.93 22.31
N GLY K 132 -19.75 75.04 22.13
CA GLY K 132 -20.51 75.26 20.92
C GLY K 132 -19.69 75.87 19.79
N PRO K 133 -20.20 75.76 18.57
CA PRO K 133 -19.49 76.30 17.41
C PRO K 133 -19.90 77.72 17.07
N SER K 134 -19.02 78.38 16.31
CA SER K 134 -19.30 79.66 15.70
C SER K 134 -19.46 79.48 14.20
N VAL K 135 -20.35 80.27 13.61
CA VAL K 135 -20.72 80.13 12.21
C VAL K 135 -20.46 81.46 11.52
N PHE K 136 -19.57 81.45 10.52
CA PHE K 136 -19.23 82.64 9.76
C PHE K 136 -19.48 82.42 8.27
N PRO K 137 -20.02 83.41 7.58
CA PRO K 137 -20.32 83.23 6.15
C PRO K 137 -19.09 83.46 5.29
N LEU K 138 -18.93 82.58 4.30
CA LEU K 138 -17.91 82.74 3.26
C LEU K 138 -18.63 83.39 2.08
N ALA K 139 -18.68 84.71 2.08
CA ALA K 139 -19.48 85.45 1.13
C ALA K 139 -18.88 85.34 -0.28
N PRO K 140 -19.65 84.96 -1.28
CA PRO K 140 -19.17 84.97 -2.66
C PRO K 140 -19.26 86.38 -3.23
N SER K 141 -18.91 86.50 -4.51
CA SER K 141 -18.93 87.77 -5.23
C SER K 141 -18.54 87.49 -6.67
N SER K 142 -18.67 88.50 -7.52
CA SER K 142 -18.06 88.43 -8.83
C SER K 142 -16.55 88.29 -8.67
N LYS K 143 -15.90 87.72 -9.69
CA LYS K 143 -14.51 87.25 -9.72
C LYS K 143 -14.38 85.90 -9.04
N SER K 144 -15.48 85.28 -8.62
CA SER K 144 -15.50 83.88 -8.20
C SER K 144 -16.00 82.96 -9.32
N THR K 145 -15.96 83.42 -10.55
CA THR K 145 -16.51 82.67 -11.68
C THR K 145 -15.52 81.62 -12.16
N SER K 146 -15.98 80.37 -12.21
CA SER K 146 -15.24 79.26 -12.84
C SER K 146 -16.22 78.61 -13.81
N GLY K 147 -16.28 79.14 -15.02
CA GLY K 147 -17.30 78.74 -15.97
C GLY K 147 -18.47 79.69 -15.97
N GLY K 148 -19.56 79.32 -15.31
CA GLY K 148 -20.71 80.20 -15.19
C GLY K 148 -21.37 80.12 -13.82
N THR K 149 -20.73 79.43 -12.89
CA THR K 149 -21.26 79.23 -11.54
C THR K 149 -20.29 79.81 -10.51
N ALA K 150 -20.83 80.17 -9.36
CA ALA K 150 -20.06 80.70 -8.24
C ALA K 150 -20.09 79.73 -7.08
N ALA K 151 -19.31 80.04 -6.05
CA ALA K 151 -19.18 79.19 -4.88
C ALA K 151 -19.32 80.03 -3.62
N LEU K 152 -20.12 79.53 -2.68
CA LEU K 152 -20.28 80.15 -1.37
C LEU K 152 -20.18 79.08 -0.29
N GLY K 153 -19.74 79.48 0.90
CA GLY K 153 -19.46 78.54 1.96
C GLY K 153 -20.01 79.00 3.29
N CYS K 154 -19.76 78.18 4.31
CA CYS K 154 -20.24 78.43 5.68
C CYS K 154 -19.20 77.88 6.64
N LEU K 155 -18.40 78.78 7.22
CA LEU K 155 -17.30 78.37 8.09
C LEU K 155 -17.84 78.05 9.48
N VAL K 156 -17.64 76.81 9.92
CA VAL K 156 -18.03 76.35 11.25
C VAL K 156 -16.75 76.06 12.02
N LYS K 157 -16.42 76.93 12.97
CA LYS K 157 -15.11 76.93 13.61
C LYS K 157 -15.23 76.78 15.11
N ASP K 158 -14.25 76.10 15.71
CA ASP K 158 -14.06 76.02 17.17
C ASP K 158 -15.28 75.40 17.86
N TYR K 159 -15.49 74.12 17.58
CA TYR K 159 -16.48 73.33 18.29
C TYR K 159 -15.83 72.07 18.86
N PHE K 160 -16.54 71.44 19.80
CA PHE K 160 -16.10 70.21 20.44
C PHE K 160 -17.25 69.59 21.21
N PRO K 161 -17.44 68.25 21.16
CA PRO K 161 -16.67 67.32 20.33
C PRO K 161 -17.36 66.98 19.00
N GLU K 162 -16.83 65.98 18.30
CA GLU K 162 -17.46 65.51 17.08
C GLU K 162 -18.86 64.96 17.38
N PRO K 163 -19.76 64.98 16.39
CA PRO K 163 -19.65 65.63 15.08
C PRO K 163 -20.58 66.83 14.92
N VAL K 164 -20.51 67.48 13.76
CA VAL K 164 -21.47 68.50 13.37
C VAL K 164 -22.11 68.06 12.05
N THR K 165 -23.29 68.61 11.78
CA THR K 165 -24.02 68.35 10.54
C THR K 165 -24.48 69.68 9.96
N VAL K 166 -24.00 70.01 8.77
CA VAL K 166 -24.30 71.27 8.11
C VAL K 166 -25.19 71.00 6.91
N SER K 167 -26.32 71.69 6.85
CA SER K 167 -27.26 71.59 5.74
C SER K 167 -27.49 72.97 5.13
N TRP K 168 -27.99 72.97 3.90
CA TRP K 168 -28.24 74.20 3.15
C TRP K 168 -29.70 74.27 2.77
N ASN K 169 -30.37 75.38 3.11
CA ASN K 169 -31.79 75.58 2.86
C ASN K 169 -32.62 74.45 3.45
N SER K 170 -32.19 73.96 4.62
CA SER K 170 -32.86 72.89 5.35
C SER K 170 -32.99 71.62 4.52
N GLY K 171 -32.06 71.41 3.58
CA GLY K 171 -32.05 70.22 2.75
C GLY K 171 -32.57 70.42 1.33
N ALA K 172 -33.02 71.62 0.98
CA ALA K 172 -33.57 71.84 -0.35
C ALA K 172 -32.48 71.95 -1.41
N LEU K 173 -31.23 72.17 -1.01
CA LEU K 173 -30.10 72.29 -1.94
C LEU K 173 -29.03 71.28 -1.53
N THR K 174 -28.98 70.14 -2.24
CA THR K 174 -28.00 69.10 -1.97
C THR K 174 -27.01 68.87 -3.10
N SER K 175 -27.30 69.36 -4.31
N SER K 175 -27.29 69.37 -4.31
CA SER K 175 -26.39 69.17 -5.45
CA SER K 175 -26.39 69.17 -5.45
C SER K 175 -25.25 70.17 -5.39
C SER K 175 -25.25 70.17 -5.39
N GLY K 176 -24.02 69.66 -5.45
CA GLY K 176 -22.85 70.51 -5.43
C GLY K 176 -22.31 70.86 -4.06
N VAL K 177 -22.66 70.09 -3.02
CA VAL K 177 -22.25 70.38 -1.65
C VAL K 177 -21.05 69.52 -1.30
N HIS K 178 -20.08 70.11 -0.60
CA HIS K 178 -18.90 69.40 -0.12
C HIS K 178 -18.66 69.81 1.33
N THR K 179 -18.97 68.92 2.26
CA THR K 179 -18.73 69.14 3.69
C THR K 179 -17.43 68.45 4.06
N PHE K 180 -16.39 69.24 4.25
CA PHE K 180 -15.06 68.70 4.51
C PHE K 180 -15.02 67.97 5.85
N PRO K 181 -14.21 66.92 5.98
CA PRO K 181 -14.01 66.28 7.28
C PRO K 181 -13.43 67.27 8.28
N ALA K 182 -13.80 67.08 9.55
CA ALA K 182 -13.34 67.98 10.60
C ALA K 182 -11.84 67.86 10.81
N VAL K 183 -11.20 69.01 11.04
CA VAL K 183 -9.78 69.07 11.35
C VAL K 183 -9.63 69.49 12.80
N LEU K 184 -8.60 68.95 13.45
CA LEU K 184 -8.34 69.23 14.87
C LEU K 184 -7.29 70.33 14.97
N GLN K 185 -7.68 71.45 15.55
CA GLN K 185 -6.77 72.58 15.74
C GLN K 185 -5.96 72.40 17.01
N SER K 186 -4.89 73.19 17.12
CA SER K 186 -3.97 73.06 18.25
C SER K 186 -4.62 73.45 19.57
N SER K 187 -5.69 74.24 19.55
CA SER K 187 -6.40 74.60 20.77
C SER K 187 -7.23 73.46 21.33
N GLY K 188 -7.37 72.36 20.60
CA GLY K 188 -8.19 71.24 21.02
C GLY K 188 -9.59 71.23 20.43
N LEU K 189 -9.96 72.26 19.67
CA LEU K 189 -11.29 72.38 19.10
C LEU K 189 -11.25 72.03 17.60
N TYR K 190 -12.39 71.60 17.08
CA TYR K 190 -12.50 71.19 15.69
C TYR K 190 -13.02 72.33 14.82
N SER K 191 -12.60 72.32 13.56
CA SER K 191 -13.04 73.30 12.57
C SER K 191 -13.49 72.58 11.31
N LEU K 192 -14.60 73.04 10.74
CA LEU K 192 -15.22 72.37 9.60
C LEU K 192 -15.81 73.39 8.66
N SER K 193 -15.62 73.17 7.35
CA SER K 193 -16.18 74.02 6.32
C SER K 193 -17.23 73.25 5.53
N SER K 194 -18.05 74.01 4.80
CA SER K 194 -19.10 73.42 3.97
C SER K 194 -19.41 74.39 2.84
N VAL K 195 -19.18 73.96 1.61
CA VAL K 195 -19.32 74.83 0.44
C VAL K 195 -20.41 74.26 -0.47
N VAL K 196 -20.84 75.08 -1.43
CA VAL K 196 -21.85 74.69 -2.40
C VAL K 196 -21.69 75.58 -3.62
N THR K 197 -21.89 75.00 -4.80
CA THR K 197 -21.75 75.71 -6.07
C THR K 197 -23.13 75.91 -6.69
N VAL K 198 -23.45 77.16 -7.02
CA VAL K 198 -24.71 77.51 -7.66
C VAL K 198 -24.42 78.44 -8.82
N PRO K 199 -25.31 78.52 -9.81
CA PRO K 199 -25.12 79.46 -10.92
C PRO K 199 -25.01 80.89 -10.42
N SER K 200 -24.21 81.69 -11.14
CA SER K 200 -23.98 83.07 -10.74
C SER K 200 -25.25 83.91 -10.83
N SER K 201 -26.19 83.52 -11.69
CA SER K 201 -27.43 84.28 -11.83
C SER K 201 -28.34 84.14 -10.61
N SER K 202 -28.10 83.15 -9.77
CA SER K 202 -28.92 82.91 -8.59
C SER K 202 -28.39 83.59 -7.33
N LEU K 203 -27.25 84.29 -7.41
CA LEU K 203 -26.67 84.90 -6.23
C LEU K 203 -27.52 86.09 -5.74
N GLY K 204 -27.97 86.93 -6.67
CA GLY K 204 -28.66 88.15 -6.31
C GLY K 204 -30.17 88.07 -6.24
N THR K 205 -30.77 86.97 -6.69
CA THR K 205 -32.22 86.85 -6.72
C THR K 205 -32.78 85.72 -5.89
N GLN K 206 -31.95 84.79 -5.42
CA GLN K 206 -32.40 83.65 -4.64
C GLN K 206 -32.17 83.89 -3.15
N THR K 207 -32.40 82.87 -2.34
CA THR K 207 -32.17 82.91 -0.91
C THR K 207 -31.44 81.64 -0.49
N TYR K 208 -30.25 81.82 0.09
CA TYR K 208 -29.42 80.70 0.54
C TYR K 208 -29.16 80.85 2.03
N ILE K 209 -29.49 79.80 2.79
CA ILE K 209 -29.33 79.78 4.24
C ILE K 209 -28.56 78.53 4.63
N CYS K 210 -27.59 78.70 5.53
CA CYS K 210 -26.74 77.61 6.01
C CYS K 210 -27.17 77.24 7.42
N ASN K 211 -27.38 75.94 7.65
CA ASN K 211 -27.88 75.43 8.93
C ASN K 211 -26.84 74.49 9.53
N VAL K 212 -26.42 74.77 10.75
CA VAL K 212 -25.44 73.95 11.47
C VAL K 212 -26.11 73.39 12.71
N ASN K 213 -25.76 72.15 13.06
CA ASN K 213 -26.31 71.49 14.24
C ASN K 213 -25.19 70.78 14.98
N HIS K 214 -25.02 71.13 16.26
CA HIS K 214 -24.05 70.47 17.15
C HIS K 214 -24.80 70.12 18.42
N LYS K 215 -25.36 68.92 18.48
CA LYS K 215 -26.21 68.45 19.56
C LYS K 215 -25.47 68.13 20.87
N PRO K 216 -24.20 67.64 20.84
CA PRO K 216 -23.48 67.43 22.12
C PRO K 216 -23.44 68.65 23.03
N SER K 217 -23.74 69.83 22.50
CA SER K 217 -23.88 71.04 23.30
C SER K 217 -25.24 71.71 23.10
N ASN K 218 -26.15 71.08 22.37
CA ASN K 218 -27.51 71.59 22.14
C ASN K 218 -27.48 72.99 21.51
N THR K 219 -26.94 73.05 20.29
CA THR K 219 -26.76 74.30 19.58
C THR K 219 -27.24 74.17 18.14
N LYS K 220 -27.94 75.20 17.66
CA LYS K 220 -28.35 75.31 16.26
C LYS K 220 -28.16 76.75 15.82
N VAL K 221 -27.49 76.93 14.68
CA VAL K 221 -27.23 78.25 14.13
C VAL K 221 -27.63 78.25 12.66
N ASP K 222 -28.29 79.32 12.23
CA ASP K 222 -28.71 79.49 10.84
C ASP K 222 -28.20 80.83 10.34
N LYS K 223 -27.31 80.80 9.36
CA LYS K 223 -26.64 82.00 8.85
C LYS K 223 -26.96 82.19 7.38
N ARG K 224 -27.34 83.41 7.02
CA ARG K 224 -27.65 83.76 5.65
C ARG K 224 -26.39 84.23 4.93
N VAL K 225 -26.21 83.80 3.69
CA VAL K 225 -25.03 84.11 2.89
C VAL K 225 -25.44 85.05 1.77
N GLU K 226 -24.82 86.22 1.72
CA GLU K 226 -25.08 87.23 0.71
C GLU K 226 -23.76 87.83 0.24
N PRO K 227 -23.69 88.26 -1.04
CA PRO K 227 -22.41 88.75 -1.58
C PRO K 227 -21.96 90.07 -0.98
N LYS K 228 -20.83 90.58 -1.46
CA LYS K 228 -20.25 91.82 -0.96
C LYS K 228 -20.83 93.03 -1.68
N GLU L 1 10.98 44.65 15.35
CA GLU L 1 11.91 43.71 14.72
C GLU L 1 11.66 43.61 13.21
N ILE L 2 10.47 43.11 12.84
CA ILE L 2 10.10 42.88 11.45
C ILE L 2 9.12 43.97 11.05
N VAL L 3 9.46 44.73 10.02
CA VAL L 3 8.64 45.83 9.52
C VAL L 3 8.11 45.46 8.15
N LEU L 4 6.81 45.66 7.94
CA LEU L 4 6.16 45.38 6.67
C LEU L 4 6.00 46.67 5.88
N THR L 5 6.49 46.67 4.65
CA THR L 5 6.46 47.83 3.76
C THR L 5 5.68 47.48 2.51
N GLN L 6 4.47 48.01 2.39
CA GLN L 6 3.66 47.78 1.20
C GLN L 6 4.00 48.77 0.10
N SER L 7 3.55 48.46 -1.11
CA SER L 7 3.76 49.32 -2.28
C SER L 7 2.85 48.86 -3.41
N PRO L 8 2.24 49.78 -4.17
CA PRO L 8 2.38 51.23 -4.00
C PRO L 8 1.53 51.77 -2.85
N GLY L 9 1.73 53.04 -2.51
CA GLY L 9 0.90 53.65 -1.47
C GLY L 9 -0.55 53.78 -1.89
N THR L 10 -0.79 54.40 -3.04
CA THR L 10 -2.10 54.49 -3.63
C THR L 10 -2.07 53.84 -5.01
N LEU L 11 -3.16 53.15 -5.37
CA LEU L 11 -3.24 52.39 -6.62
C LEU L 11 -4.49 52.82 -7.37
N SER L 12 -4.30 53.44 -8.54
CA SER L 12 -5.40 53.91 -9.37
C SER L 12 -5.71 52.89 -10.44
N LEU L 13 -6.94 52.40 -10.47
CA LEU L 13 -7.34 51.43 -11.48
C LEU L 13 -8.86 51.43 -11.61
N SER L 14 -9.33 51.27 -12.84
CA SER L 14 -10.75 51.31 -13.16
C SER L 14 -11.42 49.98 -12.85
N PRO L 15 -12.76 49.96 -12.74
CA PRO L 15 -13.45 48.68 -12.50
C PRO L 15 -13.30 47.74 -13.70
N GLY L 16 -13.10 46.46 -13.41
CA GLY L 16 -12.94 45.44 -14.41
C GLY L 16 -11.51 45.03 -14.66
N ASP L 17 -10.55 45.93 -14.43
CA ASP L 17 -9.14 45.63 -14.65
C ASP L 17 -8.59 44.82 -13.47
N SER L 18 -7.32 44.46 -13.56
CA SER L 18 -6.66 43.60 -12.58
C SER L 18 -5.58 44.38 -11.85
N ALA L 19 -5.66 44.38 -10.52
CA ALA L 19 -4.74 45.10 -9.66
C ALA L 19 -3.99 44.13 -8.75
N THR L 20 -2.71 44.42 -8.53
CA THR L 20 -1.86 43.58 -7.67
C THR L 20 -1.21 44.46 -6.61
N LEU L 21 -1.27 44.01 -5.36
CA LEU L 21 -0.69 44.70 -4.22
C LEU L 21 0.49 43.89 -3.68
N SER L 22 1.50 44.58 -3.19
CA SER L 22 2.69 43.92 -2.67
C SER L 22 2.88 44.26 -1.19
N CYS L 23 3.71 43.45 -0.54
CA CYS L 23 3.99 43.60 0.90
C CYS L 23 5.36 43.00 1.13
N ARG L 24 6.37 43.84 1.34
CA ARG L 24 7.75 43.40 1.53
C ARG L 24 8.14 43.55 3.00
N ALA L 25 8.86 42.55 3.51
CA ALA L 25 9.24 42.49 4.91
C ALA L 25 10.73 42.75 5.07
N SER L 26 11.11 43.22 6.26
CA SER L 26 12.51 43.51 6.55
C SER L 26 13.29 42.25 6.90
N GLN L 27 12.61 41.23 7.44
CA GLN L 27 13.21 39.93 7.71
C GLN L 27 12.37 38.84 7.05
N SER L 28 12.77 37.60 7.25
CA SER L 28 12.01 36.48 6.73
C SER L 28 10.77 36.24 7.58
N VAL L 29 9.66 35.93 6.92
CA VAL L 29 8.36 35.77 7.56
C VAL L 29 7.82 34.38 7.26
N ALA L 30 7.23 33.74 8.26
CA ALA L 30 6.58 32.45 8.06
C ALA L 30 5.35 32.61 7.19
N SER L 31 5.21 31.73 6.19
CA SER L 31 4.13 31.88 5.21
C SER L 31 2.76 31.71 5.84
N SER L 32 2.63 30.90 6.88
CA SER L 32 1.33 30.70 7.50
C SER L 32 0.91 31.89 8.37
N TYR L 33 1.87 32.63 8.91
CA TYR L 33 1.59 33.68 9.88
C TYR L 33 1.40 35.05 9.23
N LEU L 34 1.35 35.12 7.90
CA LEU L 34 1.04 36.36 7.19
C LEU L 34 -0.42 36.36 6.77
N ALA L 35 -1.05 37.53 6.84
CA ALA L 35 -2.46 37.68 6.54
C ALA L 35 -2.71 39.02 5.86
N TRP L 36 -3.88 39.15 5.25
CA TRP L 36 -4.31 40.36 4.58
C TRP L 36 -5.69 40.77 5.11
N TYR L 37 -5.93 42.08 5.15
CA TYR L 37 -7.17 42.61 5.69
C TYR L 37 -7.70 43.72 4.78
N GLN L 38 -8.99 43.68 4.50
CA GLN L 38 -9.67 44.72 3.71
C GLN L 38 -10.50 45.59 4.64
N GLN L 39 -10.40 46.91 4.46
CA GLN L 39 -11.10 47.88 5.30
C GLN L 39 -11.82 48.88 4.40
N LYS L 40 -13.13 48.70 4.24
CA LYS L 40 -13.92 49.64 3.46
C LYS L 40 -13.98 51.00 4.18
N PRO L 41 -14.23 52.07 3.43
CA PRO L 41 -14.22 53.41 4.04
C PRO L 41 -15.23 53.53 5.18
N GLY L 42 -14.76 54.03 6.31
CA GLY L 42 -15.60 54.25 7.47
C GLY L 42 -15.93 53.01 8.27
N GLN L 43 -15.67 51.82 7.75
CA GLN L 43 -15.99 50.59 8.43
C GLN L 43 -14.78 50.07 9.19
N SER L 44 -14.96 48.92 9.84
CA SER L 44 -13.91 48.24 10.56
C SER L 44 -13.16 47.28 9.64
N PRO L 45 -11.94 46.90 9.99
CA PRO L 45 -11.19 45.93 9.17
C PRO L 45 -11.93 44.59 9.08
N ARG L 46 -11.41 43.74 8.20
CA ARG L 46 -12.08 42.49 7.86
C ARG L 46 -11.04 41.54 7.28
N LEU L 47 -10.97 40.34 7.84
CA LEU L 47 -9.97 39.36 7.40
C LEU L 47 -10.25 38.93 5.97
N LEU L 48 -9.30 39.19 5.08
CA LEU L 48 -9.42 38.83 3.67
C LEU L 48 -8.73 37.52 3.35
N ILE L 49 -7.45 37.39 3.70
CA ILE L 49 -6.66 36.20 3.44
C ILE L 49 -5.78 35.91 4.64
N TYR L 50 -5.67 34.63 4.99
CA TYR L 50 -4.75 34.17 6.03
C TYR L 50 -3.86 33.08 5.46
N ALA L 51 -2.71 32.88 6.11
CA ALA L 51 -1.71 31.88 5.71
C ALA L 51 -1.21 32.10 4.28
N THR L 52 -1.40 33.32 3.77
CA THR L 52 -0.82 33.84 2.52
C THR L 52 -1.46 33.25 1.27
N ILE L 53 -2.26 32.20 1.40
CA ILE L 53 -2.89 31.59 0.24
C ILE L 53 -4.37 31.31 0.47
N ASN L 54 -4.81 31.33 1.71
CA ASN L 54 -6.14 30.83 2.07
C ASN L 54 -7.14 31.97 2.15
N ARG L 55 -8.27 31.82 1.45
CA ARG L 55 -9.34 32.79 1.53
C ARG L 55 -10.13 32.63 2.82
N ALA L 56 -10.59 33.75 3.37
CA ALA L 56 -11.42 33.71 4.56
C ALA L 56 -12.85 33.34 4.20
N ALA L 57 -13.72 33.30 5.20
CA ALA L 57 -15.11 32.98 4.97
C ALA L 57 -15.81 34.13 4.25
N ASP L 58 -16.64 33.78 3.27
CA ASP L 58 -17.41 34.75 2.48
C ASP L 58 -16.48 35.73 1.74
N ILE L 59 -15.47 35.18 1.09
CA ILE L 59 -14.51 35.94 0.30
C ILE L 59 -14.57 35.42 -1.13
N PRO L 60 -14.76 36.28 -2.13
CA PRO L 60 -14.90 35.80 -3.50
C PRO L 60 -13.58 35.28 -4.06
N ASP L 61 -13.69 34.58 -5.19
CA ASP L 61 -12.53 34.03 -5.89
C ASP L 61 -11.64 35.10 -6.48
N ARG L 62 -12.10 36.35 -6.57
CA ARG L 62 -11.32 37.40 -7.22
C ARG L 62 -10.02 37.67 -6.48
N PHE L 63 -9.99 37.42 -5.17
CA PHE L 63 -8.80 37.64 -4.36
C PHE L 63 -8.00 36.35 -4.22
N SER L 64 -6.68 36.48 -4.35
CA SER L 64 -5.78 35.35 -4.18
C SER L 64 -4.45 35.85 -3.64
N GLY L 65 -3.81 35.03 -2.81
CA GLY L 65 -2.54 35.41 -2.23
C GLY L 65 -1.37 34.59 -2.73
N SER L 66 -0.16 35.12 -2.56
CA SER L 66 1.05 34.45 -3.01
C SER L 66 2.23 35.05 -2.26
N GLY L 67 3.41 34.49 -2.49
CA GLY L 67 4.63 34.99 -1.92
C GLY L 67 5.22 34.03 -0.89
N SER L 68 6.47 34.30 -0.55
CA SER L 68 7.21 33.50 0.42
C SER L 68 8.47 34.26 0.81
N GLY L 69 8.92 34.03 2.04
CA GLY L 69 10.15 34.66 2.51
C GLY L 69 10.02 36.15 2.76
N THR L 70 10.64 36.94 1.89
CA THR L 70 10.68 38.39 2.08
C THR L 70 9.51 39.11 1.44
N ASP L 71 9.14 38.75 0.21
CA ASP L 71 8.13 39.48 -0.54
C ASP L 71 6.84 38.67 -0.62
N PHE L 72 5.71 39.33 -0.37
CA PHE L 72 4.40 38.74 -0.48
C PHE L 72 3.52 39.63 -1.36
N ALA L 73 2.41 39.06 -1.85
CA ALA L 73 1.60 39.75 -2.84
C ALA L 73 0.14 39.38 -2.68
N LEU L 74 -0.73 40.30 -3.13
CA LEU L 74 -2.17 40.11 -3.17
C LEU L 74 -2.67 40.55 -4.54
N THR L 75 -3.44 39.70 -5.21
CA THR L 75 -3.91 39.94 -6.57
C THR L 75 -5.42 39.97 -6.60
N ILE L 76 -5.98 40.97 -7.28
CA ILE L 76 -7.42 41.08 -7.52
C ILE L 76 -7.64 41.04 -9.03
N SER L 77 -8.49 40.12 -9.48
CA SER L 77 -8.65 39.87 -10.91
C SER L 77 -9.58 40.89 -11.56
N ARG L 78 -10.83 40.96 -11.11
CA ARG L 78 -11.83 41.87 -11.66
C ARG L 78 -12.24 42.83 -10.56
N LEU L 79 -11.77 44.08 -10.64
CA LEU L 79 -12.08 45.07 -9.63
C LEU L 79 -13.56 45.46 -9.70
N GLU L 80 -14.27 45.25 -8.59
CA GLU L 80 -15.65 45.70 -8.45
C GLU L 80 -15.70 47.09 -7.85
N PRO L 81 -16.80 47.82 -8.03
CA PRO L 81 -16.90 49.15 -7.39
C PRO L 81 -16.78 49.11 -5.88
N GLU L 82 -17.15 48.01 -5.25
CA GLU L 82 -17.04 47.88 -3.80
C GLU L 82 -15.61 47.60 -3.34
N ASP L 83 -14.71 47.23 -4.25
CA ASP L 83 -13.33 46.96 -3.89
C ASP L 83 -12.54 48.23 -3.56
N PHE L 84 -13.14 49.40 -3.70
CA PHE L 84 -12.52 50.65 -3.28
C PHE L 84 -12.38 50.63 -1.77
N ALA L 85 -11.16 50.38 -1.28
CA ALA L 85 -10.89 50.23 0.15
C ALA L 85 -9.39 50.26 0.34
N VAL L 86 -8.96 50.08 1.58
CA VAL L 86 -7.55 50.03 1.95
C VAL L 86 -7.23 48.63 2.42
N TYR L 87 -6.13 48.07 1.93
CA TYR L 87 -5.71 46.70 2.23
C TYR L 87 -4.43 46.72 3.05
N TYR L 88 -4.40 45.90 4.10
CA TYR L 88 -3.25 45.82 5.00
C TYR L 88 -2.74 44.39 5.07
N CYS L 89 -1.43 44.25 5.23
CA CYS L 89 -0.80 42.96 5.48
C CYS L 89 -0.24 42.93 6.90
N GLN L 90 -0.32 41.76 7.54
CA GLN L 90 0.09 41.58 8.92
C GLN L 90 0.83 40.27 9.08
N GLN L 91 1.95 40.30 9.79
CA GLN L 91 2.78 39.12 10.03
C GLN L 91 2.90 38.86 11.52
N PHE L 92 3.59 37.77 11.86
CA PHE L 92 3.82 37.39 13.25
C PHE L 92 5.22 36.81 13.39
N ASP L 93 5.96 37.32 14.37
CA ASP L 93 7.19 36.71 14.84
C ASP L 93 7.14 36.63 16.36
N SER L 94 8.12 35.94 16.94
CA SER L 94 8.10 35.72 18.39
C SER L 94 8.63 36.92 19.19
N SER L 95 9.19 37.92 18.54
CA SER L 95 9.78 39.07 19.22
C SER L 95 8.94 40.33 19.15
N SER L 96 8.26 40.56 18.03
CA SER L 96 7.49 41.76 17.75
C SER L 96 6.06 41.36 17.34
N MET L 97 5.41 40.58 18.21
CA MET L 97 4.43 39.58 17.85
C MET L 97 3.52 39.94 16.67
N TYR L 98 2.77 41.04 16.75
CA TYR L 98 1.90 41.44 15.65
C TYR L 98 2.34 42.78 15.10
N THR L 99 2.76 42.78 13.83
CA THR L 99 3.08 44.00 13.13
C THR L 99 2.22 44.09 11.87
N PHE L 100 1.89 45.32 11.48
CA PHE L 100 1.09 45.59 10.30
C PHE L 100 1.89 46.43 9.32
N GLY L 101 1.27 46.74 8.18
CA GLY L 101 1.80 47.69 7.23
C GLY L 101 1.08 49.04 7.33
N GLN L 102 1.51 49.96 6.47
CA GLN L 102 0.86 51.26 6.41
C GLN L 102 -0.41 51.24 5.55
N GLY L 103 -0.63 50.18 4.78
CA GLY L 103 -1.84 50.06 4.00
C GLY L 103 -1.70 50.60 2.60
N THR L 104 -2.48 50.03 1.69
CA THR L 104 -2.54 50.45 0.30
C THR L 104 -3.98 50.80 -0.04
N LYS L 105 -4.19 52.04 -0.49
CA LYS L 105 -5.52 52.49 -0.89
C LYS L 105 -5.77 52.12 -2.35
N LEU L 106 -6.97 51.61 -2.63
CA LEU L 106 -7.35 51.16 -3.98
C LEU L 106 -8.27 52.22 -4.58
N GLU L 107 -7.67 53.24 -5.20
CA GLU L 107 -8.42 54.36 -5.76
C GLU L 107 -8.99 53.97 -7.12
N ILE L 108 -10.31 54.00 -7.25
CA ILE L 108 -11.00 53.59 -8.46
C ILE L 108 -11.39 54.86 -9.21
N THR L 109 -10.51 55.35 -10.09
CA THR L 109 -10.68 56.64 -10.73
C THR L 109 -10.07 56.64 -12.12
N ARG L 110 -10.27 57.74 -12.83
CA ARG L 110 -9.75 58.03 -14.16
C ARG L 110 -10.04 59.50 -14.47
N THR L 111 -9.75 59.92 -15.70
CA THR L 111 -10.23 61.18 -16.28
C THR L 111 -9.79 62.40 -15.45
N VAL L 112 -8.49 62.68 -15.53
CA VAL L 112 -7.87 63.83 -14.88
C VAL L 112 -8.69 65.10 -15.09
N ALA L 113 -8.89 65.88 -14.02
CA ALA L 113 -9.64 67.12 -14.08
C ALA L 113 -8.96 68.18 -13.23
N ALA L 114 -9.09 69.47 -13.66
CA ALA L 114 -8.47 70.64 -13.08
C ALA L 114 -9.34 71.23 -11.96
N PRO L 115 -8.73 71.90 -10.98
CA PRO L 115 -9.51 72.48 -9.89
C PRO L 115 -10.07 73.85 -10.23
N SER L 116 -11.31 74.09 -9.79
CA SER L 116 -11.91 75.42 -9.82
C SER L 116 -11.56 76.12 -8.51
N VAL L 117 -10.64 77.07 -8.57
CA VAL L 117 -10.06 77.67 -7.37
C VAL L 117 -10.85 78.91 -6.98
N PHE L 118 -11.25 78.96 -5.71
CA PHE L 118 -11.93 80.11 -5.14
C PHE L 118 -11.17 80.59 -3.91
N ILE L 119 -11.37 81.85 -3.56
CA ILE L 119 -10.81 82.42 -2.35
C ILE L 119 -11.90 83.20 -1.62
N PHE L 120 -11.89 83.14 -0.30
CA PHE L 120 -12.95 83.75 0.52
C PHE L 120 -12.31 84.58 1.62
N PRO L 121 -12.53 85.89 1.65
CA PRO L 121 -12.01 86.71 2.75
C PRO L 121 -12.73 86.40 4.04
N PRO L 122 -12.11 86.67 5.19
CA PRO L 122 -12.81 86.44 6.46
C PRO L 122 -13.99 87.39 6.61
N SER L 123 -15.06 86.88 7.21
CA SER L 123 -16.28 87.64 7.35
C SER L 123 -16.12 88.76 8.39
N ASP L 124 -17.12 89.63 8.44
CA ASP L 124 -17.11 90.72 9.41
C ASP L 124 -17.45 90.24 10.81
N GLU L 125 -18.26 89.18 10.93
CA GLU L 125 -18.61 88.64 12.24
C GLU L 125 -17.44 87.92 12.88
N GLN L 126 -16.59 87.29 12.06
CA GLN L 126 -15.43 86.60 12.61
C GLN L 126 -14.38 87.58 13.11
N LEU L 127 -14.19 88.70 12.40
CA LEU L 127 -13.26 89.73 12.86
C LEU L 127 -13.73 90.38 14.16
N LYS L 128 -14.99 90.23 14.52
CA LYS L 128 -15.50 90.76 15.79
C LYS L 128 -15.10 89.89 16.98
N SER L 129 -14.71 88.63 16.74
CA SER L 129 -14.34 87.71 17.81
C SER L 129 -12.84 87.55 17.96
N GLY L 130 -12.04 88.34 17.23
CA GLY L 130 -10.60 88.34 17.40
C GLY L 130 -9.82 87.44 16.46
N THR L 131 -10.50 86.59 15.69
CA THR L 131 -9.84 85.66 14.77
C THR L 131 -10.23 85.97 13.33
N ALA L 132 -9.43 85.47 12.41
CA ALA L 132 -9.66 85.67 10.98
C ALA L 132 -9.18 84.44 10.22
N SER L 133 -10.04 83.90 9.37
CA SER L 133 -9.73 82.70 8.60
C SER L 133 -9.99 82.96 7.12
N VAL L 134 -8.93 82.91 6.33
CA VAL L 134 -9.03 83.01 4.87
C VAL L 134 -9.09 81.61 4.30
N VAL L 135 -10.12 81.32 3.52
CA VAL L 135 -10.37 79.99 2.98
C VAL L 135 -10.11 80.00 1.48
N CYS L 136 -9.25 79.10 1.03
CA CYS L 136 -9.00 78.87 -0.39
C CYS L 136 -9.52 77.49 -0.75
N LEU L 137 -10.37 77.41 -1.77
CA LEU L 137 -11.08 76.20 -2.12
C LEU L 137 -10.63 75.66 -3.47
N LEU L 138 -10.34 74.37 -3.53
CA LEU L 138 -10.07 73.65 -4.77
C LEU L 138 -11.20 72.63 -4.94
N ASN L 139 -12.09 72.88 -5.89
CA ASN L 139 -13.34 72.14 -6.02
C ASN L 139 -13.28 71.21 -7.22
N ASN L 140 -13.51 69.92 -6.98
CA ASN L 140 -13.68 68.89 -8.01
C ASN L 140 -12.44 68.82 -8.92
N PHE L 141 -11.33 68.40 -8.31
CA PHE L 141 -10.09 68.17 -9.03
C PHE L 141 -9.64 66.73 -8.85
N TYR L 142 -8.77 66.29 -9.77
CA TYR L 142 -8.19 64.95 -9.75
C TYR L 142 -6.84 64.98 -10.43
N PRO L 143 -5.80 64.36 -9.86
CA PRO L 143 -5.80 63.64 -8.58
C PRO L 143 -5.69 64.55 -7.35
N ARG L 144 -5.52 63.96 -6.16
CA ARG L 144 -5.52 64.77 -4.95
C ARG L 144 -4.29 65.66 -4.84
N GLU L 145 -3.17 65.25 -5.45
CA GLU L 145 -1.92 65.98 -5.30
C GLU L 145 -2.06 67.41 -5.84
N ALA L 146 -2.02 68.38 -4.94
CA ALA L 146 -2.17 69.79 -5.30
C ALA L 146 -1.39 70.64 -4.32
N LYS L 147 -0.57 71.54 -4.85
CA LYS L 147 0.25 72.43 -4.02
C LYS L 147 -0.52 73.73 -3.80
N VAL L 148 -0.90 74.00 -2.55
CA VAL L 148 -1.56 75.24 -2.17
C VAL L 148 -0.55 76.10 -1.43
N GLN L 149 -0.29 77.29 -1.96
CA GLN L 149 0.73 78.19 -1.43
C GLN L 149 0.11 79.53 -1.09
N TRP L 150 0.48 80.06 0.08
CA TRP L 150 -0.06 81.33 0.57
C TRP L 150 1.01 82.41 0.54
N LYS L 151 0.60 83.61 0.12
CA LYS L 151 1.49 84.76 0.07
C LYS L 151 0.72 85.98 0.56
N VAL L 152 1.24 86.63 1.60
CA VAL L 152 0.62 87.81 2.19
C VAL L 152 1.59 88.97 2.01
N ASP L 153 1.21 89.94 1.19
CA ASP L 153 2.10 91.02 0.75
C ASP L 153 3.37 90.45 0.12
N ASN L 154 3.19 89.39 -0.68
CA ASN L 154 4.29 88.68 -1.35
C ASN L 154 5.31 88.15 -0.34
N ALA L 155 4.87 87.90 0.90
CA ALA L 155 5.68 87.24 1.91
C ALA L 155 5.12 85.84 2.12
N LEU L 156 5.93 84.84 1.80
CA LEU L 156 5.45 83.45 1.79
C LEU L 156 5.04 83.02 3.20
N GLN L 157 3.82 82.51 3.31
CA GLN L 157 3.26 82.08 4.59
C GLN L 157 3.53 80.60 4.79
N SER L 158 4.03 80.24 5.97
CA SER L 158 4.33 78.85 6.29
C SER L 158 4.05 78.61 7.77
N GLY L 159 3.41 77.48 8.05
CA GLY L 159 3.14 77.08 9.42
C GLY L 159 1.85 77.59 10.01
N ASN L 160 0.97 78.21 9.22
CA ASN L 160 -0.30 78.71 9.72
C ASN L 160 -1.43 78.45 8.72
N SER L 161 -1.35 77.36 7.96
CA SER L 161 -2.37 77.00 6.99
C SER L 161 -2.73 75.53 7.16
N GLN L 162 -4.00 75.20 6.98
CA GLN L 162 -4.52 73.85 7.13
C GLN L 162 -5.19 73.43 5.83
N GLU L 163 -4.87 72.22 5.36
CA GLU L 163 -5.52 71.63 4.19
C GLU L 163 -6.43 70.50 4.63
N SER L 164 -7.64 70.48 4.10
CA SER L 164 -8.62 69.44 4.40
C SER L 164 -9.19 68.93 3.09
N VAL L 165 -9.22 67.60 2.92
CA VAL L 165 -9.64 66.96 1.69
C VAL L 165 -10.89 66.14 1.96
N THR L 166 -11.91 66.32 1.13
CA THR L 166 -13.10 65.49 1.23
C THR L 166 -12.79 64.06 0.79
N GLU L 167 -13.67 63.14 1.18
CA GLU L 167 -13.58 61.78 0.65
C GLU L 167 -13.87 61.79 -0.85
N GLN L 168 -13.47 60.71 -1.51
CA GLN L 168 -13.63 60.61 -2.95
C GLN L 168 -15.12 60.68 -3.32
N ASP L 169 -15.46 61.64 -4.18
CA ASP L 169 -16.85 61.82 -4.57
C ASP L 169 -17.36 60.59 -5.32
N SER L 170 -18.57 60.16 -4.97
CA SER L 170 -19.14 58.94 -5.55
C SER L 170 -19.66 59.16 -6.96
N LYS L 171 -19.86 60.41 -7.38
CA LYS L 171 -20.43 60.68 -8.70
C LYS L 171 -19.35 60.86 -9.76
N ASP L 172 -18.47 61.85 -9.59
CA ASP L 172 -17.47 62.17 -10.60
C ASP L 172 -16.06 61.76 -10.20
N SER L 173 -15.89 61.15 -9.02
CA SER L 173 -14.61 60.65 -8.55
C SER L 173 -13.56 61.77 -8.50
N THR L 174 -13.95 62.88 -7.88
CA THR L 174 -13.09 64.05 -7.76
C THR L 174 -12.95 64.44 -6.29
N TYR L 175 -11.82 65.08 -5.97
CA TYR L 175 -11.54 65.53 -4.63
C TYR L 175 -11.88 67.02 -4.48
N SER L 176 -12.16 67.41 -3.24
CA SER L 176 -12.34 68.82 -2.89
C SER L 176 -11.39 69.14 -1.74
N LEU L 177 -10.63 70.22 -1.89
CA LEU L 177 -9.62 70.61 -0.92
C LEU L 177 -9.85 72.07 -0.50
N SER L 178 -9.77 72.31 0.81
CA SER L 178 -9.95 73.65 1.36
C SER L 178 -8.74 73.98 2.22
N SER L 179 -8.02 75.04 1.84
CA SER L 179 -6.89 75.53 2.61
C SER L 179 -7.34 76.74 3.42
N THR L 180 -7.21 76.65 4.73
CA THR L 180 -7.67 77.68 5.65
C THR L 180 -6.47 78.34 6.31
N LEU L 181 -6.25 79.62 5.98
CA LEU L 181 -5.18 80.40 6.58
C LEU L 181 -5.73 81.12 7.81
N THR L 182 -5.10 80.90 8.96
CA THR L 182 -5.58 81.41 10.23
C THR L 182 -4.54 82.33 10.86
N LEU L 183 -4.96 83.55 11.19
CA LEU L 183 -4.11 84.52 11.88
C LEU L 183 -4.99 85.48 12.67
N SER L 184 -4.39 86.12 13.67
CA SER L 184 -5.14 86.99 14.56
C SER L 184 -5.60 88.24 13.82
N LYS L 185 -6.52 88.98 14.46
CA LYS L 185 -7.02 90.22 13.86
C LYS L 185 -5.95 91.30 13.86
N ALA L 186 -5.03 91.27 14.83
CA ALA L 186 -3.94 92.25 14.84
C ALA L 186 -2.97 92.01 13.71
N ASP L 187 -2.84 90.76 13.25
CA ASP L 187 -1.96 90.44 12.13
C ASP L 187 -2.69 90.43 10.79
N TYR L 188 -4.02 90.27 10.80
CA TYR L 188 -4.75 90.32 9.53
C TYR L 188 -4.83 91.75 9.00
N GLU L 189 -5.01 92.73 9.88
CA GLU L 189 -5.07 94.13 9.48
C GLU L 189 -3.69 94.76 9.33
N LYS L 190 -2.63 94.05 9.70
CA LYS L 190 -1.28 94.57 9.55
C LYS L 190 -0.75 94.44 8.13
N HIS L 191 -1.44 93.71 7.25
CA HIS L 191 -1.04 93.53 5.87
C HIS L 191 -2.20 93.89 4.95
N LYS L 192 -1.94 93.86 3.65
CA LYS L 192 -2.89 94.33 2.64
C LYS L 192 -3.40 93.25 1.71
N LEU L 193 -2.50 92.52 1.06
CA LEU L 193 -2.88 91.56 0.03
C LEU L 193 -2.78 90.13 0.57
N TYR L 194 -3.71 89.29 0.14
CA TYR L 194 -3.73 87.87 0.51
C TYR L 194 -3.97 87.06 -0.76
N ALA L 195 -2.98 86.25 -1.13
CA ALA L 195 -3.03 85.48 -2.36
C ALA L 195 -2.98 83.98 -2.06
N CYS L 196 -3.57 83.20 -2.95
CA CYS L 196 -3.59 81.74 -2.86
C CYS L 196 -3.05 81.17 -4.16
N GLU L 197 -1.85 80.59 -4.10
CA GLU L 197 -1.19 80.02 -5.28
C GLU L 197 -1.47 78.53 -5.33
N VAL L 198 -2.16 78.10 -6.39
CA VAL L 198 -2.56 76.72 -6.57
C VAL L 198 -1.78 76.14 -7.74
N THR L 199 -0.92 75.16 -7.46
CA THR L 199 -0.16 74.44 -8.47
C THR L 199 -0.72 73.03 -8.55
N HIS L 200 -1.41 72.72 -9.65
CA HIS L 200 -2.06 71.43 -9.83
C HIS L 200 -1.59 70.82 -11.14
N GLN L 201 -1.66 69.48 -11.21
CA GLN L 201 -1.25 68.79 -12.43
C GLN L 201 -2.17 69.12 -13.60
N GLY L 202 -3.47 69.18 -13.36
CA GLY L 202 -4.42 69.51 -14.41
C GLY L 202 -4.35 70.94 -14.90
N LEU L 203 -3.57 71.79 -14.23
CA LEU L 203 -3.39 73.17 -14.65
C LEU L 203 -2.06 73.30 -15.40
N SER L 204 -2.09 74.04 -16.51
CA SER L 204 -0.87 74.24 -17.30
C SER L 204 0.09 75.22 -16.64
N SER L 205 -0.40 76.09 -15.76
CA SER L 205 0.41 77.02 -15.01
C SER L 205 -0.25 77.27 -13.66
N PRO L 206 0.51 77.60 -12.63
CA PRO L 206 -0.10 77.82 -11.31
C PRO L 206 -1.14 78.93 -11.34
N VAL L 207 -2.32 78.62 -10.82
CA VAL L 207 -3.43 79.57 -10.77
C VAL L 207 -3.39 80.29 -9.44
N THR L 208 -3.54 81.62 -9.48
CA THR L 208 -3.45 82.47 -8.30
C THR L 208 -4.76 83.24 -8.12
N LYS L 209 -5.31 83.16 -6.91
CA LYS L 209 -6.48 83.94 -6.52
C LYS L 209 -6.08 84.85 -5.36
N SER L 210 -6.40 86.13 -5.48
CA SER L 210 -5.99 87.09 -4.47
C SER L 210 -7.07 88.15 -4.28
N PHE L 211 -6.98 88.87 -3.16
CA PHE L 211 -7.87 89.96 -2.87
C PHE L 211 -7.12 90.99 -2.03
N ASN L 212 -7.75 92.14 -1.82
CA ASN L 212 -7.25 93.16 -0.91
C ASN L 212 -8.17 93.26 0.29
N ARG L 213 -7.57 93.40 1.47
CA ARG L 213 -8.33 93.41 2.72
C ARG L 213 -9.35 94.55 2.73
N GLY L 214 -10.61 94.21 2.92
CA GLY L 214 -11.68 95.19 2.92
C GLY L 214 -12.12 95.58 1.51
N GLU L 215 -12.58 94.59 0.75
CA GLU L 215 -12.99 94.83 -0.63
C GLU L 215 -14.47 94.55 -0.81
#